data_7VY2
#
_entry.id   7VY2
#
_cell.length_a   1.00
_cell.length_b   1.00
_cell.length_c   1.00
_cell.angle_alpha   90.00
_cell.angle_beta   90.00
_cell.angle_gamma   90.00
#
_symmetry.space_group_name_H-M   'P 1'
#
loop_
_entity.id
_entity.type
_entity.pdbx_description
1 polymer 'Photosynthetic reaction center L subunit'
2 polymer 'Reaction center protein M chain'
3 polymer 'Photosynthetic reaction center subunit H'
4 polymer 'Antenna pigment protein alpha chain'
5 polymer 'Antenna pigment protein beta chain'
6 polymer PufX
7 polymer protein-U
8 non-polymer 'BACTERIOCHLOROPHYLL A'
9 non-polymer 'BACTERIOPHEOPHYTIN A'
10 non-polymer UBIQUINONE-10
11 non-polymer DODECYL-BETA-D-MALTOSIDE
12 non-polymer '(1R)-2-{[{[(2S)-2,3-DIHYDROXYPROPYL]OXY}(HYDROXY)PHOSPHORYL]OXY}-1-[(PALMITOYLOXY)METHYL]ETHYL (11E)-OCTADEC-11-ENOATE'
13 non-polymer 'FE (III) ION'
14 non-polymer SPHEROIDENE
15 non-polymer CARDIOLIPIN
16 non-polymer PHOSPHATIDYLETHANOLAMINE
17 non-polymer 'LAURYL DIMETHYLAMINE-N-OXIDE'
#
loop_
_entity_poly.entity_id
_entity_poly.type
_entity_poly.pdbx_seq_one_letter_code
_entity_poly.pdbx_strand_id
1 'polypeptide(L)'
;ALLSFERKYRVPGGTLVGGNLFDFWVGPFYVGFFGVATFFFAALGIILIAWSAVLQGTWNPQLISVYPPALEYGLGGAPL
AKGGLWQIITICATGAFVSWALREVEICRKLGIGYHIPFAFAFAILAYLTLVLFRPVMMGAWGYAFPYGIWTHLDWVSNT
GYTYGNFHYNPAHMIAITFFFTNALALALHGALVLSAANPEKGKEMRTPDHEDTFFRDLVGYSIGTLGIHRLGLLLSLSA
VFFSALCMIITGTIWFDQWVDWWQWWVKLPWWANIPGGING
;
L,l
2 'polypeptide(L)'
;AEYQNIFTQVQVRGPADLGMTEDVNLANRSGVGPFSTLLGWFGNAQLGPIYLGSLGVLSLFSGLMWFFTIGIWFWYQAGW
NPAVFLRDLFFFSLEPPAPEYGLSFAAPLKEGGLWLIASFFMFVAVWSWWGRTYLRAQALGMGKHTAWAFLSAIWLWMVL
GFIRPILMGSWSEAVPYGIFSHLDWTNNFSLVHGNLFYNPFHGLSIAFLYGSALLFAMHGATILAVSRFGGERELEQIAD
RGTAAERAALFWRWTMGFNATMEGIHRWAIWMAVLVTLTGGIGILLSGTVVDNWYVWGQNHGMAPLN
;
M,m
3 'polypeptide(L)'
;MVGVTAFGNFDLASLAIYSFWIFLAGLIYYLQTENMREGYPLENEDGTPAANQGPFPLPKPKTFILPHGRGTLTVPGPES
EDRPIALARTAVSEGFPHAPTGDPMKDGVGPASWVARRDLPELDGHGHNKIKPMKAAAGFYVSAGKNPIGLPVRGCDLEI
AGKVVDIWVDIPEQMARFLEVELKDGSTRLLPMQMVKVQSNRVHVNALSSDLFAGIPTIKSPTEVTLLEEDKICGYVAGG
LMYAAPKRKSVVAAMLAEYA
;
H,h
4 'polypeptide(L)' (FME)SKFYKIWMIFDPRRVFVAQGVFLFLLAVMIHLILLSTPSYNWLEISAAKYNRV A,D,F,I,K,O,Q,S,V,Y,1,3,5,7,a,d,f,i,k,o,q,s,v,y,01,03,05,07
5 'polypeptide(L)' ADKSDLGYTGLTDEQAQELHSVYMSGLWLFSAVAIVAHLAVYIWRPWF B,E,G,J,N,P,R,T,W,Z,2,4,6,8,b,e,g,j,n,p,r,t,w,z,02,04,06,08
6 'polypeptide(L)'
;ADKTIFNDHLNTNPKTNLRLWVAFQMMKGAGWAGGVFFGTLLLIGFFRVVGRMLPIDENPAPAPNITGALETGIELIKHL
V
;
X,x
7 'polypeptide(L)' MPEVSEFAFRLMMAAVIFVGVGIMFAFAGGHWFVGLVVGGLVAAFFAATPNSN U,u
#
# COMPACT_ATOMS: atom_id res chain seq x y z
N ALA A 1 -15.54 36.92 -24.55
CA ALA A 1 -16.58 37.94 -24.55
C ALA A 1 -17.30 37.95 -23.21
N LEU A 2 -17.84 39.11 -22.84
CA LEU A 2 -18.52 39.28 -21.58
C LEU A 2 -19.85 39.98 -21.81
N LEU A 3 -20.77 39.81 -20.87
CA LEU A 3 -21.97 40.61 -20.89
C LEU A 3 -21.61 42.08 -20.68
N SER A 4 -22.57 42.96 -20.93
CA SER A 4 -22.28 44.39 -20.80
C SER A 4 -22.00 44.80 -19.37
N PHE A 5 -22.31 43.96 -18.39
CA PHE A 5 -22.13 44.30 -16.99
C PHE A 5 -21.22 43.32 -16.26
N GLU A 6 -20.54 42.44 -16.98
CA GLU A 6 -19.85 41.34 -16.32
C GLU A 6 -18.54 41.76 -15.68
N ARG A 7 -17.83 42.73 -16.26
CA ARG A 7 -16.43 42.93 -15.92
C ARG A 7 -16.23 43.26 -14.44
N LYS A 8 -17.16 44.00 -13.85
CA LYS A 8 -16.96 44.39 -12.47
C LYS A 8 -17.08 43.23 -11.50
N TYR A 9 -17.50 42.06 -11.96
CA TYR A 9 -17.61 40.89 -11.11
C TYR A 9 -16.47 39.89 -11.29
N ARG A 10 -15.71 40.01 -12.38
CA ARG A 10 -14.65 39.04 -12.68
C ARG A 10 -13.40 39.39 -11.89
N VAL A 11 -13.45 39.10 -10.60
CA VAL A 11 -12.38 39.43 -9.68
C VAL A 11 -11.87 38.12 -9.07
N PRO A 12 -10.64 38.11 -8.57
CA PRO A 12 -10.12 36.90 -7.93
C PRO A 12 -10.80 36.63 -6.59
N GLY A 13 -10.72 35.38 -6.16
CA GLY A 13 -11.15 35.00 -4.83
C GLY A 13 -12.31 34.04 -4.86
N GLY A 14 -12.58 33.48 -3.68
CA GLY A 14 -13.69 32.57 -3.48
C GLY A 14 -13.40 31.11 -3.78
N THR A 15 -12.22 30.80 -4.30
CA THR A 15 -11.89 29.42 -4.68
C THR A 15 -11.52 28.61 -3.45
N LEU A 16 -12.08 27.41 -3.32
CA LEU A 16 -11.77 26.53 -2.22
C LEU A 16 -10.40 25.89 -2.36
N VAL A 17 -10.05 25.47 -3.57
CA VAL A 17 -8.80 24.77 -3.83
C VAL A 17 -8.05 25.53 -4.92
N GLY A 18 -6.74 25.68 -4.76
CA GLY A 18 -5.99 26.54 -5.64
C GLY A 18 -6.11 27.97 -5.19
N GLY A 19 -6.46 28.86 -6.12
CA GLY A 19 -6.63 30.25 -5.80
C GLY A 19 -6.11 31.17 -6.87
N ASN A 20 -5.09 30.72 -7.58
CA ASN A 20 -4.71 31.34 -8.84
C ASN A 20 -4.28 30.32 -9.87
N LEU A 21 -4.04 29.08 -9.47
CA LEU A 21 -3.66 28.04 -10.41
C LEU A 21 -4.76 27.80 -11.43
N PHE A 22 -6.00 27.75 -10.97
CA PHE A 22 -7.17 27.47 -11.79
C PHE A 22 -8.22 28.55 -11.59
N ASP A 23 -7.81 29.80 -11.63
CA ASP A 23 -8.75 30.91 -11.47
C ASP A 23 -8.76 31.67 -12.79
N PHE A 24 -9.59 31.20 -13.71
CA PHE A 24 -9.75 31.86 -15.00
C PHE A 24 -11.06 31.38 -15.62
N TRP A 25 -11.38 31.96 -16.77
CA TRP A 25 -12.60 31.67 -17.51
C TRP A 25 -12.21 31.22 -18.91
N VAL A 26 -12.75 30.08 -19.32
CA VAL A 26 -12.67 29.64 -20.71
C VAL A 26 -14.02 29.97 -21.32
N GLY A 27 -14.03 30.93 -22.24
CA GLY A 27 -15.27 31.47 -22.74
C GLY A 27 -16.09 32.02 -21.60
N PRO A 28 -17.33 31.59 -21.49
CA PRO A 28 -18.16 32.03 -20.36
C PRO A 28 -17.91 31.19 -19.13
N PHE A 29 -17.38 29.99 -19.33
CA PHE A 29 -17.25 29.04 -18.24
C PHE A 29 -16.17 29.48 -17.27
N TYR A 30 -16.46 29.35 -15.98
CA TYR A 30 -15.44 29.54 -14.96
C TYR A 30 -14.76 28.20 -14.73
N VAL A 31 -13.46 28.15 -14.99
CA VAL A 31 -12.68 26.93 -14.76
C VAL A 31 -12.04 27.08 -13.40
N GLY A 32 -12.31 26.14 -12.51
CA GLY A 32 -11.60 26.10 -11.26
C GLY A 32 -10.85 24.80 -11.12
N PHE A 33 -10.43 24.48 -9.91
CA PHE A 33 -9.95 23.13 -9.63
C PHE A 33 -11.05 22.12 -9.91
N PHE A 34 -12.26 22.39 -9.41
CA PHE A 34 -13.37 21.49 -9.63
C PHE A 34 -13.89 21.56 -11.06
N GLY A 35 -13.66 22.68 -11.75
CA GLY A 35 -13.96 22.71 -13.17
C GLY A 35 -13.10 21.73 -13.95
N VAL A 36 -11.81 21.67 -13.62
CA VAL A 36 -10.90 20.71 -14.24
C VAL A 36 -11.34 19.29 -13.90
N ALA A 37 -11.65 19.04 -12.61
CA ALA A 37 -12.08 17.71 -12.21
C ALA A 37 -13.36 17.28 -12.94
N THR A 38 -14.35 18.17 -13.01
CA THR A 38 -15.61 17.81 -13.62
C THR A 38 -15.47 17.65 -15.12
N PHE A 39 -14.62 18.44 -15.78
CA PHE A 39 -14.39 18.24 -17.20
C PHE A 39 -13.75 16.89 -17.44
N PHE A 40 -12.75 16.52 -16.63
CA PHE A 40 -12.09 15.24 -16.81
C PHE A 40 -13.08 14.09 -16.63
N PHE A 41 -13.85 14.12 -15.53
CA PHE A 41 -14.77 13.03 -15.27
C PHE A 41 -15.84 12.94 -16.36
N ALA A 42 -16.39 14.07 -16.79
CA ALA A 42 -17.43 14.05 -17.80
C ALA A 42 -16.89 13.56 -19.14
N ALA A 43 -15.71 14.03 -19.55
CA ALA A 43 -15.13 13.56 -20.80
C ALA A 43 -14.85 12.07 -20.76
N LEU A 44 -14.33 11.58 -19.63
CA LEU A 44 -14.09 10.15 -19.48
C LEU A 44 -15.38 9.36 -19.55
N GLY A 45 -16.42 9.85 -18.88
CA GLY A 45 -17.70 9.14 -18.91
C GLY A 45 -18.29 9.07 -20.30
N ILE A 46 -18.24 10.17 -21.04
CA ILE A 46 -18.80 10.18 -22.38
C ILE A 46 -18.00 9.24 -23.29
N ILE A 47 -16.67 9.31 -23.23
CA ILE A 47 -15.85 8.45 -24.07
C ILE A 47 -16.07 6.99 -23.71
N LEU A 48 -16.21 6.68 -22.43
CA LEU A 48 -16.45 5.30 -22.02
C LEU A 48 -17.83 4.82 -22.41
N ILE A 49 -18.83 5.71 -22.43
CA ILE A 49 -20.14 5.33 -22.94
C ILE A 49 -20.05 4.99 -24.42
N ALA A 50 -19.32 5.79 -25.19
CA ALA A 50 -19.14 5.47 -26.60
C ALA A 50 -18.38 4.16 -26.79
N TRP A 51 -17.36 3.93 -25.97
CA TRP A 51 -16.60 2.69 -26.03
C TRP A 51 -17.48 1.49 -25.69
N SER A 52 -18.33 1.63 -24.67
CA SER A 52 -19.26 0.56 -24.35
C SER A 52 -20.26 0.36 -25.47
N ALA A 53 -20.56 1.42 -26.23
CA ALA A 53 -21.41 1.25 -27.40
C ALA A 53 -20.73 0.35 -28.43
N VAL A 54 -19.46 0.59 -28.71
CA VAL A 54 -18.80 -0.25 -29.70
C VAL A 54 -18.61 -1.67 -29.18
N LEU A 55 -18.47 -1.85 -27.86
CA LEU A 55 -18.43 -3.19 -27.31
C LEU A 55 -19.80 -3.86 -27.41
N GLN A 56 -20.86 -3.08 -27.28
CA GLN A 56 -22.22 -3.61 -27.40
C GLN A 56 -22.55 -3.93 -28.85
N GLY A 57 -21.90 -3.27 -29.80
CA GLY A 57 -22.17 -3.50 -31.20
C GLY A 57 -23.28 -2.67 -31.80
N THR A 58 -23.65 -1.56 -31.17
CA THR A 58 -24.66 -0.67 -31.71
C THR A 58 -24.15 0.76 -31.75
N TRP A 59 -24.64 1.51 -32.73
CA TRP A 59 -24.41 2.94 -32.79
C TRP A 59 -25.70 3.73 -32.72
N ASN A 60 -26.83 3.08 -32.55
CA ASN A 60 -28.08 3.79 -32.31
C ASN A 60 -27.99 4.45 -30.94
N PRO A 61 -28.13 5.77 -30.85
CA PRO A 61 -28.04 6.42 -29.53
C PRO A 61 -29.07 5.90 -28.55
N GLN A 62 -30.26 5.54 -29.04
CA GLN A 62 -31.32 5.04 -28.18
C GLN A 62 -31.17 3.56 -27.84
N LEU A 63 -30.21 2.86 -28.45
CA LEU A 63 -29.97 1.47 -28.12
C LEU A 63 -28.72 1.25 -27.28
N ILE A 64 -27.83 2.22 -27.20
CA ILE A 64 -26.64 2.10 -26.39
C ILE A 64 -27.04 1.92 -24.93
N SER A 65 -26.47 0.91 -24.28
CA SER A 65 -26.72 0.68 -22.87
C SER A 65 -25.43 0.21 -22.21
N VAL A 66 -25.28 0.55 -20.94
CA VAL A 66 -24.13 0.15 -20.14
C VAL A 66 -24.69 -0.47 -18.87
N TYR A 67 -24.74 -1.78 -18.81
CA TYR A 67 -25.39 -2.46 -17.71
C TYR A 67 -24.46 -2.62 -16.52
N PRO A 68 -25.00 -2.59 -15.31
CA PRO A 68 -24.19 -2.90 -14.13
C PRO A 68 -23.88 -4.37 -14.06
N PRO A 69 -23.00 -4.79 -13.15
CA PRO A 69 -22.71 -6.22 -13.03
C PRO A 69 -23.94 -7.00 -12.57
N ALA A 70 -23.91 -8.30 -12.83
CA ALA A 70 -25.03 -9.16 -12.48
C ALA A 70 -25.17 -9.28 -10.97
N LEU A 71 -26.27 -9.90 -10.53
CA LEU A 71 -26.50 -10.07 -9.10
C LEU A 71 -25.45 -10.99 -8.48
N GLU A 72 -24.77 -11.79 -9.30
CA GLU A 72 -23.80 -12.72 -8.76
C GLU A 72 -22.56 -12.04 -8.22
N TYR A 73 -22.18 -10.88 -8.78
CA TYR A 73 -21.00 -10.19 -8.29
C TYR A 73 -21.23 -9.51 -6.94
N GLY A 74 -22.46 -9.48 -6.45
CA GLY A 74 -22.74 -8.85 -5.18
C GLY A 74 -22.40 -7.37 -5.23
N LEU A 75 -21.62 -6.93 -4.25
CA LEU A 75 -21.09 -5.57 -4.19
C LEU A 75 -19.60 -5.52 -4.48
N GLY A 76 -19.13 -6.37 -5.40
CA GLY A 76 -17.74 -6.43 -5.75
C GLY A 76 -17.45 -5.86 -7.13
N GLY A 77 -16.21 -6.09 -7.58
CA GLY A 77 -15.79 -5.65 -8.89
C GLY A 77 -16.41 -6.48 -9.99
N ALA A 78 -16.02 -6.17 -11.22
CA ALA A 78 -16.55 -6.88 -12.38
C ALA A 78 -15.66 -6.60 -13.57
N PRO A 79 -15.55 -7.53 -14.51
CA PRO A 79 -14.82 -7.23 -15.74
C PRO A 79 -15.46 -6.07 -16.48
N LEU A 80 -14.65 -5.34 -17.22
CA LEU A 80 -15.17 -4.16 -17.92
C LEU A 80 -16.33 -4.51 -18.83
N ALA A 81 -16.25 -5.64 -19.52
CA ALA A 81 -17.33 -6.02 -20.43
C ALA A 81 -18.58 -6.43 -19.68
N LYS A 82 -18.43 -7.02 -18.49
CA LYS A 82 -19.60 -7.54 -17.77
C LYS A 82 -20.33 -6.42 -17.04
N GLY A 83 -19.67 -5.80 -16.06
CA GLY A 83 -20.27 -4.71 -15.33
C GLY A 83 -19.24 -3.68 -14.90
N GLY A 84 -18.00 -3.83 -15.36
CA GLY A 84 -16.94 -2.96 -14.91
C GLY A 84 -17.01 -1.56 -15.52
N LEU A 85 -17.37 -1.48 -16.80
CA LEU A 85 -17.52 -0.18 -17.43
C LEU A 85 -18.60 0.63 -16.74
N TRP A 86 -19.69 -0.03 -16.34
CA TRP A 86 -20.72 0.67 -15.60
C TRP A 86 -20.20 1.20 -14.27
N GLN A 87 -19.37 0.41 -13.58
CA GLN A 87 -18.81 0.86 -12.31
C GLN A 87 -17.86 2.03 -12.49
N ILE A 88 -17.02 1.99 -13.52
CA ILE A 88 -16.13 3.12 -13.79
C ILE A 88 -16.94 4.35 -14.14
N ILE A 89 -17.97 4.21 -14.97
CA ILE A 89 -18.77 5.35 -15.36
C ILE A 89 -19.55 5.88 -14.18
N THR A 90 -19.94 5.02 -13.24
CA THR A 90 -20.56 5.50 -12.01
C THR A 90 -19.57 6.30 -11.18
N ILE A 91 -18.31 5.86 -11.14
CA ILE A 91 -17.28 6.65 -10.47
C ILE A 91 -17.13 8.00 -11.14
N CYS A 92 -17.04 8.02 -12.46
CA CYS A 92 -16.88 9.26 -13.20
C CYS A 92 -18.07 10.17 -13.02
N ALA A 93 -19.28 9.61 -13.05
CA ALA A 93 -20.48 10.42 -12.90
C ALA A 93 -20.57 11.02 -11.51
N THR A 94 -20.29 10.23 -10.48
CA THR A 94 -20.31 10.76 -9.13
C THR A 94 -19.27 11.86 -8.96
N GLY A 95 -18.06 11.63 -9.47
CA GLY A 95 -17.04 12.66 -9.40
C GLY A 95 -17.44 13.91 -10.14
N ALA A 96 -18.01 13.76 -11.34
CA ALA A 96 -18.42 14.91 -12.12
C ALA A 96 -19.51 15.71 -11.41
N PHE A 97 -20.50 15.02 -10.85
CA PHE A 97 -21.58 15.73 -10.17
C PHE A 97 -21.06 16.46 -8.94
N VAL A 98 -20.22 15.80 -8.14
CA VAL A 98 -19.70 16.43 -6.94
C VAL A 98 -18.81 17.62 -7.30
N SER A 99 -17.95 17.45 -8.31
CA SER A 99 -17.10 18.54 -8.75
C SER A 99 -17.93 19.70 -9.28
N TRP A 100 -19.03 19.40 -9.99
CA TRP A 100 -19.93 20.45 -10.45
C TRP A 100 -20.51 21.23 -9.28
N ALA A 101 -20.96 20.51 -8.24
CA ALA A 101 -21.52 21.19 -7.08
C ALA A 101 -20.49 22.07 -6.39
N LEU A 102 -19.26 21.57 -6.25
CA LEU A 102 -18.23 22.36 -5.58
C LEU A 102 -17.77 23.54 -6.44
N ARG A 103 -17.78 23.38 -7.76
CA ARG A 103 -17.51 24.50 -8.65
C ARG A 103 -18.59 25.56 -8.53
N GLU A 104 -19.84 25.14 -8.36
CA GLU A 104 -20.91 26.09 -8.08
C GLU A 104 -20.70 26.79 -6.74
N VAL A 105 -20.18 26.06 -5.75
CA VAL A 105 -19.87 26.70 -4.47
C VAL A 105 -18.82 27.79 -4.65
N GLU A 106 -17.78 27.50 -5.44
CA GLU A 106 -16.78 28.51 -5.73
C GLU A 106 -17.38 29.72 -6.45
N ILE A 107 -18.26 29.48 -7.42
CA ILE A 107 -18.88 30.59 -8.14
C ILE A 107 -19.76 31.42 -7.22
N CYS A 108 -20.48 30.76 -6.32
CA CYS A 108 -21.27 31.47 -5.32
C CYS A 108 -20.40 32.35 -4.44
N ARG A 109 -19.26 31.83 -4.00
CA ARG A 109 -18.36 32.62 -3.17
C ARG A 109 -17.81 33.81 -3.94
N LYS A 110 -17.45 33.61 -5.20
CA LYS A 110 -16.89 34.71 -5.98
C LYS A 110 -17.94 35.79 -6.26
N LEU A 111 -19.20 35.41 -6.35
CA LEU A 111 -20.26 36.39 -6.58
C LEU A 111 -20.90 36.90 -5.30
N GLY A 112 -20.50 36.39 -4.15
CA GLY A 112 -21.07 36.86 -2.90
C GLY A 112 -22.55 36.58 -2.74
N ILE A 113 -23.01 35.41 -3.18
CA ILE A 113 -24.41 35.04 -3.09
C ILE A 113 -24.52 33.84 -2.16
N GLY A 114 -25.76 33.48 -1.83
CA GLY A 114 -26.00 32.33 -0.99
C GLY A 114 -25.68 31.03 -1.70
N TYR A 115 -25.64 29.95 -0.92
CA TYR A 115 -25.28 28.64 -1.43
C TYR A 115 -26.50 27.75 -1.62
N HIS A 116 -27.64 28.34 -1.95
CA HIS A 116 -28.84 27.54 -2.13
C HIS A 116 -28.71 26.62 -3.33
N ILE A 117 -28.08 27.07 -4.41
CA ILE A 117 -28.01 26.28 -5.63
C ILE A 117 -27.20 25.00 -5.46
N PRO A 118 -25.96 25.04 -4.95
CA PRO A 118 -25.24 23.78 -4.77
C PRO A 118 -25.90 22.84 -3.78
N PHE A 119 -26.61 23.37 -2.79
CA PHE A 119 -27.34 22.53 -1.84
C PHE A 119 -28.49 21.81 -2.53
N ALA A 120 -29.27 22.55 -3.31
CA ALA A 120 -30.35 21.95 -4.06
C ALA A 120 -29.83 20.93 -5.06
N PHE A 121 -28.63 21.13 -5.59
CA PHE A 121 -28.05 20.14 -6.47
C PHE A 121 -27.55 18.92 -5.71
N ALA A 122 -27.05 19.11 -4.50
CA ALA A 122 -26.67 17.97 -3.67
C ALA A 122 -27.87 17.08 -3.40
N PHE A 123 -29.06 17.66 -3.32
CA PHE A 123 -30.26 16.81 -3.18
C PHE A 123 -30.42 15.85 -4.36
N ALA A 124 -30.26 16.34 -5.59
CA ALA A 124 -30.35 15.47 -6.76
C ALA A 124 -29.23 14.44 -6.76
N ILE A 125 -28.02 14.86 -6.36
CA ILE A 125 -26.90 13.93 -6.31
C ILE A 125 -27.21 12.81 -5.32
N LEU A 126 -27.83 13.13 -4.18
CA LEU A 126 -28.10 12.08 -3.22
C LEU A 126 -29.24 11.18 -3.67
N ALA A 127 -30.19 11.70 -4.46
CA ALA A 127 -31.17 10.81 -5.08
C ALA A 127 -30.50 9.83 -6.04
N TYR A 128 -29.56 10.33 -6.85
CA TYR A 128 -28.82 9.46 -7.75
C TYR A 128 -28.04 8.40 -6.99
N LEU A 129 -27.39 8.80 -5.90
CA LEU A 129 -26.64 7.83 -5.10
C LEU A 129 -27.57 6.85 -4.39
N THR A 130 -28.76 7.29 -4.01
CA THR A 130 -29.76 6.38 -3.48
C THR A 130 -30.07 5.30 -4.49
N LEU A 131 -30.17 5.67 -5.76
CA LEU A 131 -30.47 4.67 -6.78
C LEU A 131 -29.27 3.78 -7.13
N VAL A 132 -28.05 4.32 -7.07
CA VAL A 132 -26.89 3.55 -7.52
C VAL A 132 -25.97 3.11 -6.39
N LEU A 133 -26.07 3.70 -5.20
CA LEU A 133 -25.20 3.31 -4.10
C LEU A 133 -25.96 2.82 -2.88
N PHE A 134 -26.90 3.60 -2.37
CA PHE A 134 -27.49 3.29 -1.07
C PHE A 134 -28.40 2.07 -1.17
N ARG A 135 -29.33 2.09 -2.13
CA ARG A 135 -30.23 0.94 -2.30
C ARG A 135 -29.48 -0.32 -2.71
N PRO A 136 -28.57 -0.29 -3.70
CA PRO A 136 -27.83 -1.52 -4.00
C PRO A 136 -27.05 -2.08 -2.84
N VAL A 137 -26.38 -1.23 -2.06
CA VAL A 137 -25.56 -1.72 -0.95
C VAL A 137 -26.43 -2.26 0.16
N MET A 138 -27.49 -1.54 0.50
CA MET A 138 -28.46 -2.06 1.46
C MET A 138 -29.11 -3.35 0.97
N MET A 139 -29.15 -3.57 -0.35
CA MET A 139 -29.63 -4.82 -0.93
C MET A 139 -28.52 -5.83 -1.18
N GLY A 140 -27.29 -5.37 -1.38
CA GLY A 140 -26.16 -6.25 -1.48
C GLY A 140 -25.66 -6.55 -2.87
N ALA A 141 -26.20 -5.92 -3.90
CA ALA A 141 -25.78 -6.23 -5.26
C ALA A 141 -25.79 -4.98 -6.13
N TRP A 142 -24.72 -4.78 -6.90
CA TRP A 142 -24.68 -3.68 -7.85
C TRP A 142 -25.63 -3.90 -9.02
N GLY A 143 -26.09 -5.13 -9.24
CA GLY A 143 -27.08 -5.38 -10.27
C GLY A 143 -28.44 -4.86 -9.96
N TYR A 144 -28.66 -4.32 -8.77
CA TYR A 144 -29.92 -3.68 -8.45
C TYR A 144 -29.95 -2.22 -8.87
N ALA A 145 -28.88 -1.72 -9.48
CA ALA A 145 -28.81 -0.37 -9.99
C ALA A 145 -29.30 -0.32 -11.43
N PHE A 146 -29.36 0.91 -11.99
CA PHE A 146 -29.93 0.96 -13.33
C PHE A 146 -28.84 1.07 -14.38
N PRO A 147 -29.11 0.58 -15.59
CA PRO A 147 -28.15 0.72 -16.68
C PRO A 147 -28.13 2.13 -17.23
N TYR A 148 -27.06 2.46 -17.92
CA TYR A 148 -26.90 3.78 -18.51
C TYR A 148 -27.30 3.73 -19.99
N GLY A 149 -28.60 3.59 -20.20
CA GLY A 149 -29.15 3.66 -21.54
C GLY A 149 -30.46 4.43 -21.51
N ILE A 150 -30.77 5.04 -22.66
CA ILE A 150 -31.92 5.93 -22.73
C ILE A 150 -33.21 5.18 -22.43
N TRP A 151 -33.39 4.00 -23.04
CA TRP A 151 -34.60 3.24 -22.83
C TRP A 151 -34.42 2.03 -21.93
N THR A 152 -33.20 1.55 -21.74
CA THR A 152 -33.00 0.43 -20.84
C THR A 152 -33.13 0.83 -19.39
N HIS A 153 -32.83 2.08 -19.05
CA HIS A 153 -33.02 2.49 -17.66
C HIS A 153 -34.49 2.64 -17.33
N LEU A 154 -35.33 2.87 -18.34
CA LEU A 154 -36.77 2.75 -18.12
C LEU A 154 -37.18 1.30 -17.93
N ASP A 155 -36.48 0.36 -18.57
CA ASP A 155 -36.72 -1.05 -18.30
C ASP A 155 -36.37 -1.39 -16.85
N TRP A 156 -35.26 -0.84 -16.35
CA TRP A 156 -34.95 -0.98 -14.93
C TRP A 156 -36.08 -0.44 -14.07
N VAL A 157 -36.58 0.75 -14.40
CA VAL A 157 -37.64 1.36 -13.61
C VAL A 157 -38.87 0.46 -13.59
N SER A 158 -39.27 -0.02 -14.77
CA SER A 158 -40.49 -0.82 -14.86
C SER A 158 -40.35 -2.14 -14.11
N ASN A 159 -39.23 -2.83 -14.29
CA ASN A 159 -39.03 -4.11 -13.62
C ASN A 159 -39.01 -3.94 -12.11
N THR A 160 -38.32 -2.90 -11.62
CA THR A 160 -38.30 -2.66 -10.19
C THR A 160 -39.69 -2.31 -9.68
N GLY A 161 -40.43 -1.47 -10.40
CA GLY A 161 -41.73 -1.06 -9.95
C GLY A 161 -42.73 -2.21 -9.91
N TYR A 162 -42.53 -3.21 -10.78
CA TYR A 162 -43.41 -4.37 -10.77
C TYR A 162 -42.90 -5.52 -9.92
N THR A 163 -41.65 -5.44 -9.44
CA THR A 163 -41.19 -6.41 -8.45
C THR A 163 -41.98 -6.29 -7.15
N TYR A 164 -42.70 -5.20 -6.95
CA TYR A 164 -43.45 -4.95 -5.74
C TYR A 164 -44.90 -4.62 -6.04
N GLY A 165 -45.42 -5.16 -7.14
CA GLY A 165 -46.80 -4.95 -7.52
C GLY A 165 -47.02 -3.66 -8.27
N ASN A 166 -48.08 -2.94 -7.95
CA ASN A 166 -48.28 -1.59 -8.46
C ASN A 166 -47.59 -0.63 -7.51
N PHE A 167 -46.54 0.04 -7.99
CA PHE A 167 -45.76 0.96 -7.16
C PHE A 167 -46.56 2.17 -6.73
N HIS A 168 -47.73 2.40 -7.33
CA HIS A 168 -48.54 3.54 -6.95
C HIS A 168 -49.00 3.47 -5.51
N TYR A 169 -48.93 2.29 -4.87
CA TYR A 169 -49.41 2.15 -3.49
C TYR A 169 -48.32 2.40 -2.46
N ASN A 170 -47.08 2.61 -2.88
CA ASN A 170 -46.07 3.09 -1.96
C ASN A 170 -46.49 4.48 -1.47
N PRO A 171 -46.58 4.73 -0.16
CA PRO A 171 -47.08 6.03 0.30
C PRO A 171 -46.04 7.14 0.19
N ALA A 172 -44.76 6.82 0.43
CA ALA A 172 -43.71 7.80 0.16
C ALA A 172 -43.71 8.17 -1.32
N HIS A 173 -43.95 7.19 -2.19
CA HIS A 173 -44.15 7.46 -3.60
C HIS A 173 -45.31 8.41 -3.81
N MET A 174 -46.39 8.23 -3.05
CA MET A 174 -47.56 9.11 -3.22
C MET A 174 -47.24 10.54 -2.84
N ILE A 175 -46.57 10.75 -1.71
CA ILE A 175 -46.27 12.12 -1.31
C ILE A 175 -45.25 12.73 -2.26
N ALA A 176 -44.29 11.95 -2.74
CA ALA A 176 -43.34 12.47 -3.72
C ALA A 176 -44.03 12.87 -5.01
N ILE A 177 -45.00 12.08 -5.46
CA ILE A 177 -45.73 12.43 -6.68
C ILE A 177 -46.59 13.68 -6.46
N THR A 178 -47.22 13.78 -5.29
CA THR A 178 -47.98 14.99 -5.01
C THR A 178 -47.07 16.21 -5.00
N PHE A 179 -45.88 16.07 -4.43
CA PHE A 179 -44.92 17.17 -4.45
C PHE A 179 -44.48 17.54 -5.86
N PHE A 180 -44.19 16.53 -6.69
CA PHE A 180 -43.81 16.80 -8.07
C PHE A 180 -44.92 17.51 -8.83
N PHE A 181 -46.15 17.01 -8.69
CA PHE A 181 -47.26 17.58 -9.45
C PHE A 181 -47.58 18.99 -8.98
N THR A 182 -47.59 19.21 -7.66
CA THR A 182 -47.84 20.57 -7.18
C THR A 182 -46.66 21.49 -7.46
N ASN A 183 -45.45 20.97 -7.59
CA ASN A 183 -44.32 21.78 -7.99
C ASN A 183 -44.45 22.23 -9.43
N ALA A 184 -44.88 21.33 -10.31
CA ALA A 184 -45.14 21.73 -11.70
C ALA A 184 -46.26 22.75 -11.77
N LEU A 185 -47.32 22.55 -10.99
CA LEU A 185 -48.41 23.51 -10.94
C LEU A 185 -47.93 24.87 -10.43
N ALA A 186 -47.12 24.86 -9.37
CA ALA A 186 -46.58 26.09 -8.82
C ALA A 186 -45.69 26.81 -9.82
N LEU A 187 -44.87 26.06 -10.55
CA LEU A 187 -44.02 26.67 -11.57
C LEU A 187 -44.85 27.30 -12.67
N ALA A 188 -45.91 26.61 -13.11
CA ALA A 188 -46.77 27.18 -14.13
C ALA A 188 -47.40 28.47 -13.63
N LEU A 189 -47.93 28.45 -12.40
CA LEU A 189 -48.57 29.63 -11.85
C LEU A 189 -47.61 30.78 -11.70
N HIS A 190 -46.39 30.50 -11.22
CA HIS A 190 -45.41 31.56 -11.00
C HIS A 190 -44.97 32.18 -12.31
N GLY A 191 -44.60 31.35 -13.29
CA GLY A 191 -44.22 31.88 -14.58
C GLY A 191 -45.33 32.71 -15.20
N ALA A 192 -46.55 32.18 -15.16
CA ALA A 192 -47.68 32.90 -15.76
C ALA A 192 -47.95 34.21 -15.05
N LEU A 193 -47.90 34.23 -13.71
CA LEU A 193 -48.22 35.45 -12.99
C LEU A 193 -47.18 36.53 -13.24
N VAL A 194 -45.90 36.16 -13.18
CA VAL A 194 -44.85 37.16 -13.43
C VAL A 194 -44.93 37.66 -14.87
N LEU A 195 -45.18 36.77 -15.83
CA LEU A 195 -45.27 37.22 -17.21
C LEU A 195 -46.48 38.10 -17.44
N SER A 196 -47.59 37.83 -16.74
CA SER A 196 -48.78 38.64 -16.89
C SER A 196 -48.59 40.02 -16.30
N ALA A 197 -47.88 40.10 -15.17
CA ALA A 197 -47.60 41.41 -14.56
C ALA A 197 -46.62 42.20 -15.41
N ALA A 198 -45.55 41.56 -15.87
CA ALA A 198 -44.54 42.25 -16.66
C ALA A 198 -45.02 42.60 -18.07
N ASN A 199 -46.04 41.90 -18.57
CA ASN A 199 -46.57 42.14 -19.90
C ASN A 199 -48.06 42.43 -19.80
N PRO A 200 -48.46 43.70 -19.83
CA PRO A 200 -49.86 44.03 -19.62
C PRO A 200 -50.73 43.72 -20.81
N GLU A 201 -52.01 44.14 -20.76
CA GLU A 201 -52.97 43.80 -21.80
C GLU A 201 -52.48 44.21 -23.18
N LYS A 202 -52.39 45.51 -23.44
CA LYS A 202 -51.80 45.98 -24.69
C LYS A 202 -51.46 47.45 -24.58
N GLY A 203 -50.17 47.77 -24.69
CA GLY A 203 -49.74 49.16 -24.72
C GLY A 203 -50.12 49.96 -23.49
N LYS A 204 -50.14 49.32 -22.32
CA LYS A 204 -50.46 50.00 -21.09
C LYS A 204 -49.39 49.67 -20.05
N GLU A 205 -49.55 50.24 -18.87
CA GLU A 205 -48.44 50.30 -17.92
C GLU A 205 -48.18 48.93 -17.29
N MET A 206 -46.91 48.69 -17.00
CA MET A 206 -46.48 47.47 -16.32
C MET A 206 -47.10 47.40 -14.94
N ARG A 207 -47.35 46.18 -14.47
CA ARG A 207 -48.03 45.98 -13.20
C ARG A 207 -47.01 45.85 -12.07
N THR A 208 -47.51 45.65 -10.86
CA THR A 208 -46.75 45.74 -9.63
C THR A 208 -46.99 44.49 -8.81
N PRO A 209 -46.07 44.14 -7.90
CA PRO A 209 -46.32 42.98 -7.02
C PRO A 209 -47.65 43.06 -6.29
N ASP A 210 -48.12 44.27 -5.97
CA ASP A 210 -49.47 44.40 -5.44
C ASP A 210 -50.51 43.95 -6.46
N HIS A 211 -50.30 44.23 -7.74
CA HIS A 211 -51.26 43.82 -8.76
C HIS A 211 -51.35 42.30 -8.85
N GLU A 212 -50.22 41.60 -8.78
CA GLU A 212 -50.27 40.14 -8.86
C GLU A 212 -50.80 39.53 -7.58
N ASP A 213 -50.46 40.09 -6.41
CA ASP A 213 -51.13 39.71 -5.18
C ASP A 213 -52.64 39.84 -5.34
N THR A 214 -53.09 40.96 -5.93
CA THR A 214 -54.51 41.20 -6.14
C THR A 214 -55.12 40.16 -7.07
N PHE A 215 -54.42 39.83 -8.15
CA PHE A 215 -54.95 38.84 -9.08
C PHE A 215 -55.14 37.50 -8.38
N PHE A 216 -54.14 37.05 -7.64
CA PHE A 216 -54.29 35.73 -7.06
C PHE A 216 -55.22 35.73 -5.84
N ARG A 217 -55.46 36.89 -5.22
CA ARG A 217 -56.49 36.94 -4.21
C ARG A 217 -57.88 36.96 -4.83
N ASP A 218 -58.01 37.58 -6.01
CA ASP A 218 -59.28 37.56 -6.72
C ASP A 218 -59.52 36.23 -7.40
N LEU A 219 -58.49 35.41 -7.54
CA LEU A 219 -58.65 34.10 -8.17
C LEU A 219 -58.95 33.03 -7.13
N VAL A 220 -58.05 32.83 -6.18
CA VAL A 220 -58.18 31.77 -5.19
C VAL A 220 -58.22 32.31 -3.77
N GLY A 221 -58.42 33.61 -3.60
CA GLY A 221 -58.52 34.17 -2.26
C GLY A 221 -57.26 34.16 -1.46
N TYR A 222 -56.10 34.16 -2.10
CA TYR A 222 -54.84 34.09 -1.37
C TYR A 222 -53.69 34.42 -2.31
N SER A 223 -52.58 34.84 -1.71
CA SER A 223 -51.31 34.99 -2.41
C SER A 223 -50.19 34.77 -1.40
N ILE A 224 -49.13 34.07 -1.84
CA ILE A 224 -48.05 33.69 -0.93
C ILE A 224 -46.92 34.70 -0.90
N GLY A 225 -46.90 35.65 -1.82
CA GLY A 225 -45.86 36.65 -1.84
C GLY A 225 -44.63 36.22 -2.62
N THR A 226 -43.92 37.20 -3.16
CA THR A 226 -42.88 36.91 -4.13
C THR A 226 -41.69 36.21 -3.50
N LEU A 227 -41.44 36.45 -2.21
CA LEU A 227 -40.45 35.65 -1.51
C LEU A 227 -41.01 34.27 -1.20
N GLY A 228 -42.29 34.22 -0.85
CA GLY A 228 -42.90 32.94 -0.50
C GLY A 228 -43.01 31.99 -1.67
N ILE A 229 -43.24 32.51 -2.87
CA ILE A 229 -43.39 31.61 -4.02
C ILE A 229 -42.06 30.94 -4.34
N HIS A 230 -40.95 31.66 -4.21
CA HIS A 230 -39.66 31.06 -4.47
C HIS A 230 -39.26 30.11 -3.36
N ARG A 231 -39.58 30.45 -2.11
CA ARG A 231 -39.44 29.50 -1.02
C ARG A 231 -40.22 28.22 -1.32
N LEU A 232 -41.47 28.37 -1.75
CA LEU A 232 -42.33 27.22 -2.00
C LEU A 232 -41.80 26.37 -3.14
N GLY A 233 -41.34 27.01 -4.21
CA GLY A 233 -40.79 26.24 -5.32
C GLY A 233 -39.57 25.43 -4.90
N LEU A 234 -38.63 26.06 -4.20
CA LEU A 234 -37.46 25.32 -3.76
C LEU A 234 -37.86 24.19 -2.82
N LEU A 235 -38.79 24.46 -1.90
CA LEU A 235 -39.21 23.44 -0.95
C LEU A 235 -39.91 22.28 -1.66
N LEU A 236 -40.80 22.59 -2.60
CA LEU A 236 -41.53 21.54 -3.30
C LEU A 236 -40.59 20.65 -4.09
N SER A 237 -39.65 21.25 -4.83
CA SER A 237 -38.72 20.42 -5.59
C SER A 237 -37.83 19.58 -4.69
N LEU A 238 -37.25 20.20 -3.66
CA LEU A 238 -36.34 19.46 -2.80
C LEU A 238 -37.06 18.36 -2.03
N SER A 239 -38.27 18.62 -1.56
CA SER A 239 -39.02 17.61 -0.83
C SER A 239 -39.54 16.51 -1.76
N ALA A 240 -39.88 16.86 -3.00
CA ALA A 240 -40.21 15.82 -3.97
C ALA A 240 -39.04 14.88 -4.17
N VAL A 241 -37.84 15.41 -4.34
CA VAL A 241 -36.69 14.55 -4.51
C VAL A 241 -36.40 13.78 -3.22
N PHE A 242 -36.62 14.40 -2.06
CA PHE A 242 -36.37 13.72 -0.80
C PHE A 242 -37.30 12.52 -0.63
N PHE A 243 -38.59 12.70 -0.85
CA PHE A 243 -39.51 11.60 -0.69
C PHE A 243 -39.43 10.62 -1.85
N SER A 244 -38.88 11.03 -2.99
CA SER A 244 -38.52 10.06 -4.03
C SER A 244 -37.44 9.13 -3.53
N ALA A 245 -36.36 9.70 -2.99
CA ALA A 245 -35.29 8.87 -2.45
C ALA A 245 -35.76 8.09 -1.24
N LEU A 246 -36.80 8.57 -0.56
CA LEU A 246 -37.36 7.86 0.57
C LEU A 246 -38.18 6.66 0.12
N CYS A 247 -38.98 6.84 -0.94
CA CYS A 247 -39.81 5.75 -1.42
C CYS A 247 -38.98 4.61 -1.99
N MET A 248 -37.78 4.91 -2.45
CA MET A 248 -36.88 3.92 -3.02
C MET A 248 -35.79 3.50 -2.04
N ILE A 249 -35.83 3.96 -0.80
CA ILE A 249 -34.92 3.46 0.21
C ILE A 249 -35.64 2.49 1.14
N ILE A 250 -36.96 2.59 1.28
CA ILE A 250 -37.75 1.63 2.03
C ILE A 250 -38.28 0.51 1.16
N THR A 251 -38.14 0.60 -0.17
CA THR A 251 -38.69 -0.40 -1.07
C THR A 251 -37.63 -1.47 -1.33
N GLY A 252 -37.99 -2.72 -1.03
CA GLY A 252 -37.05 -3.82 -1.13
C GLY A 252 -36.09 -3.93 0.01
N THR A 253 -36.26 -3.15 1.06
CA THR A 253 -35.47 -3.17 2.27
C THR A 253 -36.32 -3.28 3.53
N ILE A 254 -37.47 -2.61 3.55
CA ILE A 254 -38.41 -2.69 4.66
C ILE A 254 -39.69 -3.39 4.24
N TRP A 255 -40.23 -3.04 3.08
CA TRP A 255 -41.42 -3.66 2.53
C TRP A 255 -41.02 -4.51 1.34
N PHE A 256 -41.53 -5.74 1.29
CA PHE A 256 -41.16 -6.68 0.24
C PHE A 256 -42.33 -7.20 -0.58
N ASP A 257 -43.55 -7.02 -0.12
CA ASP A 257 -44.72 -7.58 -0.79
C ASP A 257 -45.36 -6.52 -1.68
N GLN A 258 -46.54 -6.81 -2.22
CA GLN A 258 -47.28 -5.83 -2.98
C GLN A 258 -47.69 -4.67 -2.08
N TRP A 259 -47.36 -3.46 -2.50
CA TRP A 259 -47.58 -2.28 -1.66
C TRP A 259 -49.05 -2.05 -1.37
N VAL A 260 -49.94 -2.55 -2.22
CA VAL A 260 -51.37 -2.34 -2.02
C VAL A 260 -51.81 -2.88 -0.66
N ASP A 261 -51.28 -4.03 -0.26
CA ASP A 261 -51.66 -4.62 1.02
C ASP A 261 -51.34 -3.72 2.19
N TRP A 262 -50.43 -2.76 2.03
CA TRP A 262 -50.19 -1.78 3.07
C TRP A 262 -51.50 -1.14 3.50
N TRP A 263 -52.28 -0.67 2.53
CA TRP A 263 -53.54 0.02 2.83
C TRP A 263 -54.56 -0.88 3.51
N GLN A 264 -54.25 -2.15 3.72
CA GLN A 264 -55.12 -2.99 4.52
C GLN A 264 -55.12 -2.60 5.98
N TRP A 265 -54.00 -2.11 6.52
CA TRP A 265 -53.96 -1.81 7.96
C TRP A 265 -55.04 -0.83 8.36
N TRP A 266 -55.41 0.08 7.47
CA TRP A 266 -56.45 1.05 7.80
C TRP A 266 -57.84 0.43 7.75
N VAL A 267 -58.08 -0.47 6.80
CA VAL A 267 -59.43 -1.03 6.69
C VAL A 267 -59.68 -2.13 7.70
N LYS A 268 -58.64 -2.64 8.34
CA LYS A 268 -58.78 -3.63 9.41
C LYS A 268 -58.66 -3.00 10.79
N LEU A 269 -58.91 -1.71 10.92
CA LEU A 269 -58.97 -1.10 12.24
C LEU A 269 -60.11 -1.74 13.03
N PRO A 270 -59.85 -2.22 14.25
CA PRO A 270 -60.79 -3.15 14.90
C PRO A 270 -62.20 -2.61 15.03
N TRP A 271 -62.35 -1.30 15.22
CA TRP A 271 -63.69 -0.73 15.40
C TRP A 271 -64.57 -0.95 14.17
N TRP A 272 -64.01 -0.76 12.97
CA TRP A 272 -64.76 -0.94 11.74
C TRP A 272 -64.15 -2.01 10.83
N ALA A 273 -63.28 -2.86 11.38
CA ALA A 273 -62.63 -3.89 10.58
C ALA A 273 -63.66 -4.88 10.02
N ASN A 274 -64.64 -5.26 10.84
CA ASN A 274 -65.52 -6.37 10.52
C ASN A 274 -66.96 -5.93 10.30
N ILE A 275 -67.17 -4.67 9.93
CA ILE A 275 -68.51 -4.19 9.62
C ILE A 275 -68.91 -4.70 8.23
N PRO A 276 -70.09 -5.29 8.08
CA PRO A 276 -70.57 -5.63 6.73
C PRO A 276 -70.91 -4.38 5.94
N GLY A 277 -70.85 -4.52 4.62
CA GLY A 277 -71.12 -3.42 3.72
C GLY A 277 -69.85 -2.71 3.28
N GLY A 278 -69.96 -1.99 2.17
CA GLY A 278 -68.84 -1.24 1.65
C GLY A 278 -68.03 -2.04 0.66
N ILE A 279 -66.90 -1.44 0.27
CA ILE A 279 -66.02 -2.07 -0.71
C ILE A 279 -65.37 -3.31 -0.14
N ASN A 280 -64.81 -3.22 1.06
CA ASN A 280 -64.05 -4.30 1.66
C ASN A 280 -64.84 -5.09 2.70
N GLY A 281 -66.01 -4.60 3.11
CA GLY A 281 -66.87 -5.36 3.98
C GLY A 281 -67.57 -6.45 3.18
N ALA B 1 -24.93 30.55 13.25
CA ALA B 1 -25.16 30.03 11.91
C ALA B 1 -25.26 31.16 10.91
N GLU B 2 -25.51 30.82 9.65
CA GLU B 2 -25.71 31.79 8.58
C GLU B 2 -27.14 31.67 8.07
N TYR B 3 -27.84 32.80 8.05
CA TYR B 3 -29.25 32.79 7.70
C TYR B 3 -29.44 32.44 6.23
N GLN B 4 -30.46 31.63 5.94
CA GLN B 4 -30.69 31.13 4.60
C GLN B 4 -31.96 31.67 3.96
N ASN B 5 -32.76 32.42 4.69
CA ASN B 5 -33.95 33.09 4.15
C ASN B 5 -34.96 32.08 3.63
N ILE B 6 -35.24 31.06 4.44
CA ILE B 6 -36.23 30.06 4.06
C ILE B 6 -37.48 30.28 4.89
N PHE B 7 -37.32 30.88 6.07
CA PHE B 7 -38.43 31.29 6.92
C PHE B 7 -38.20 32.72 7.38
N THR B 8 -39.28 33.51 7.45
CA THR B 8 -39.18 34.87 7.97
C THR B 8 -38.98 34.81 9.47
N GLN B 9 -37.91 35.43 9.95
CA GLN B 9 -37.62 35.46 11.37
C GLN B 9 -38.39 36.54 12.12
N VAL B 10 -38.94 37.52 11.42
CA VAL B 10 -39.75 38.58 12.02
C VAL B 10 -40.96 38.82 11.15
N GLN B 11 -42.15 38.81 11.76
CA GLN B 11 -43.39 39.10 11.05
C GLN B 11 -43.88 40.51 11.39
N VAL B 12 -44.53 41.13 10.42
CA VAL B 12 -45.10 42.47 10.58
C VAL B 12 -46.49 42.47 9.98
N ARG B 13 -47.44 43.13 10.65
CA ARG B 13 -48.81 43.18 10.19
C ARG B 13 -49.30 44.62 10.17
N GLY B 14 -50.09 44.96 9.16
CA GLY B 14 -50.61 46.29 9.02
C GLY B 14 -52.05 46.33 8.55
N PRO B 15 -52.42 47.38 7.83
CA PRO B 15 -53.80 47.49 7.36
C PRO B 15 -54.14 46.38 6.38
N ALA B 16 -55.42 46.01 6.35
CA ALA B 16 -55.88 45.02 5.40
C ALA B 16 -55.79 45.58 3.99
N ASP B 17 -55.06 44.88 3.12
CA ASP B 17 -54.92 45.30 1.74
C ASP B 17 -56.11 44.75 0.96
N LEU B 18 -56.92 45.64 0.41
CA LEU B 18 -58.07 45.25 -0.39
C LEU B 18 -57.72 45.14 -1.86
N GLY B 19 -56.47 45.36 -2.23
CA GLY B 19 -56.04 45.23 -3.60
C GLY B 19 -56.36 46.44 -4.44
N MET B 20 -55.94 46.38 -5.69
CA MET B 20 -56.12 47.47 -6.65
C MET B 20 -57.41 47.26 -7.43
N THR B 21 -57.65 48.14 -8.39
CA THR B 21 -58.86 48.09 -9.21
C THR B 21 -58.58 48.82 -10.52
N GLU B 22 -58.26 48.08 -11.56
CA GLU B 22 -58.12 48.70 -12.87
C GLU B 22 -59.48 48.82 -13.56
N ASP B 23 -60.09 47.69 -13.86
CA ASP B 23 -61.48 47.63 -14.31
C ASP B 23 -62.29 46.70 -13.41
N VAL B 24 -61.83 46.47 -12.18
CA VAL B 24 -62.47 45.50 -11.31
C VAL B 24 -63.84 46.01 -10.88
N ASN B 25 -64.82 45.13 -10.94
CA ASN B 25 -66.14 45.40 -10.38
C ASN B 25 -66.05 45.19 -8.87
N LEU B 26 -66.02 46.29 -8.11
CA LEU B 26 -65.85 46.19 -6.66
C LEU B 26 -66.99 45.42 -5.99
N ALA B 27 -68.15 45.33 -6.63
CA ALA B 27 -69.32 44.74 -5.97
C ALA B 27 -69.09 43.28 -5.63
N ASN B 28 -68.53 42.51 -6.57
CA ASN B 28 -68.34 41.09 -6.34
C ASN B 28 -67.26 40.79 -5.32
N ARG B 29 -66.39 41.75 -5.04
CA ARG B 29 -65.25 41.52 -4.16
C ARG B 29 -65.71 41.18 -2.74
N SER B 30 -64.97 40.31 -2.08
CA SER B 30 -65.25 39.95 -0.70
C SER B 30 -64.54 40.91 0.24
N GLY B 31 -64.54 40.59 1.53
CA GLY B 31 -63.80 41.37 2.50
C GLY B 31 -62.64 40.56 3.04
N VAL B 32 -61.61 41.24 3.55
CA VAL B 32 -60.41 40.54 4.01
C VAL B 32 -60.77 39.56 5.11
N GLY B 33 -60.20 38.37 5.04
CA GLY B 33 -60.42 37.36 6.03
C GLY B 33 -59.45 37.51 7.17
N PRO B 34 -59.22 36.43 7.91
CA PRO B 34 -58.30 36.48 9.05
C PRO B 34 -56.86 36.52 8.59
N PHE B 35 -55.96 36.44 9.55
CA PHE B 35 -54.52 36.43 9.30
C PHE B 35 -53.93 35.18 9.93
N SER B 36 -53.09 34.48 9.19
CA SER B 36 -52.54 33.20 9.61
C SER B 36 -51.06 33.37 9.96
N THR B 37 -50.75 33.38 11.24
CA THR B 37 -49.36 33.50 11.67
C THR B 37 -48.53 32.33 11.20
N LEU B 38 -49.05 31.11 11.35
CA LEU B 38 -48.32 29.92 10.92
C LEU B 38 -47.99 29.99 9.44
N LEU B 39 -49.01 30.26 8.62
CA LEU B 39 -48.80 30.42 7.19
C LEU B 39 -48.07 31.72 6.87
N GLY B 40 -48.10 32.70 7.77
CA GLY B 40 -47.31 33.91 7.59
C GLY B 40 -45.83 33.73 7.83
N TRP B 41 -45.44 32.67 8.53
CA TRP B 41 -44.02 32.35 8.65
C TRP B 41 -43.40 31.97 7.32
N PHE B 42 -44.21 31.67 6.31
CA PHE B 42 -43.74 31.31 4.99
C PHE B 42 -44.08 32.34 3.93
N GLY B 43 -45.11 33.13 4.11
CA GLY B 43 -45.47 34.12 3.13
C GLY B 43 -46.47 35.12 3.68
N ASN B 44 -47.26 35.67 2.77
CA ASN B 44 -48.29 36.63 3.16
C ASN B 44 -49.31 35.96 4.08
N ALA B 45 -49.44 36.48 5.30
CA ALA B 45 -50.37 35.93 6.27
C ALA B 45 -51.80 36.37 6.06
N GLN B 46 -52.03 37.33 5.16
CA GLN B 46 -53.39 37.82 4.91
C GLN B 46 -54.17 36.83 4.05
N LEU B 47 -55.48 36.75 4.30
CA LEU B 47 -56.40 35.94 3.53
C LEU B 47 -57.53 36.82 3.02
N GLY B 48 -57.95 36.61 1.78
CA GLY B 48 -59.02 37.38 1.20
C GLY B 48 -58.57 38.78 0.85
N PRO B 49 -59.41 39.55 0.14
CA PRO B 49 -60.74 39.24 -0.39
C PRO B 49 -60.75 38.25 -1.55
N ILE B 50 -61.94 37.74 -1.88
CA ILE B 50 -62.12 36.79 -2.97
C ILE B 50 -63.15 37.38 -3.92
N TYR B 51 -62.82 37.41 -5.21
CA TYR B 51 -63.75 37.92 -6.21
C TYR B 51 -64.68 36.80 -6.65
N LEU B 52 -65.99 37.11 -6.68
CA LEU B 52 -67.03 36.15 -7.03
C LEU B 52 -67.90 36.76 -8.12
N GLY B 53 -67.51 36.58 -9.38
CA GLY B 53 -68.27 37.15 -10.48
C GLY B 53 -69.42 36.28 -10.91
N SER B 54 -69.59 36.12 -12.22
CA SER B 54 -70.65 35.29 -12.78
C SER B 54 -70.12 33.93 -13.26
N LEU B 55 -68.95 33.91 -13.88
CA LEU B 55 -68.30 32.65 -14.17
C LEU B 55 -67.76 32.02 -12.89
N GLY B 56 -67.37 32.86 -11.92
CA GLY B 56 -66.90 32.32 -10.66
C GLY B 56 -67.98 31.57 -9.90
N VAL B 57 -69.17 32.17 -9.80
CA VAL B 57 -70.25 31.49 -9.09
C VAL B 57 -70.73 30.28 -9.86
N LEU B 58 -70.75 30.36 -11.19
CA LEU B 58 -71.08 29.19 -12.00
C LEU B 58 -70.11 28.05 -11.71
N SER B 59 -68.81 28.36 -11.66
CA SER B 59 -67.81 27.34 -11.37
C SER B 59 -67.99 26.77 -9.97
N LEU B 60 -68.24 27.65 -8.99
CA LEU B 60 -68.46 27.17 -7.63
C LEU B 60 -69.66 26.24 -7.55
N PHE B 61 -70.76 26.62 -8.18
CA PHE B 61 -71.96 25.79 -8.13
C PHE B 61 -71.75 24.45 -8.82
N SER B 62 -71.14 24.47 -10.01
CA SER B 62 -70.95 23.21 -10.73
C SER B 62 -69.97 22.31 -10.00
N GLY B 63 -68.91 22.87 -9.45
CA GLY B 63 -67.97 22.05 -8.69
C GLY B 63 -68.58 21.50 -7.43
N LEU B 64 -69.42 22.29 -6.77
CA LEU B 64 -70.15 21.79 -5.62
C LEU B 64 -71.03 20.61 -6.01
N MET B 65 -71.72 20.72 -7.14
CA MET B 65 -72.56 19.62 -7.59
C MET B 65 -71.74 18.37 -7.91
N TRP B 66 -70.59 18.55 -8.59
CA TRP B 66 -69.75 17.41 -8.93
C TRP B 66 -69.22 16.70 -7.69
N PHE B 67 -68.61 17.46 -6.78
CA PHE B 67 -68.05 16.87 -5.57
C PHE B 67 -69.15 16.24 -4.72
N PHE B 68 -70.29 16.90 -4.62
CA PHE B 68 -71.39 16.38 -3.81
C PHE B 68 -71.99 15.13 -4.42
N THR B 69 -72.07 15.07 -5.76
CA THR B 69 -72.58 13.87 -6.42
C THR B 69 -71.67 12.69 -6.16
N ILE B 70 -70.35 12.91 -6.26
CA ILE B 70 -69.41 11.85 -5.92
C ILE B 70 -69.59 11.44 -4.47
N GLY B 71 -69.81 12.41 -3.58
CA GLY B 71 -69.97 12.09 -2.17
C GLY B 71 -71.20 11.27 -1.89
N ILE B 72 -72.32 11.61 -2.53
CA ILE B 72 -73.56 10.86 -2.33
C ILE B 72 -73.40 9.44 -2.85
N TRP B 73 -72.76 9.26 -4.01
CA TRP B 73 -72.53 7.92 -4.50
C TRP B 73 -71.62 7.14 -3.57
N PHE B 74 -70.63 7.81 -2.98
CA PHE B 74 -69.75 7.16 -2.02
C PHE B 74 -70.52 6.71 -0.79
N TRP B 75 -71.45 7.55 -0.32
CA TRP B 75 -72.31 7.17 0.80
C TRP B 75 -73.17 5.97 0.43
N TYR B 76 -73.69 5.95 -0.80
CA TYR B 76 -74.48 4.81 -1.25
C TYR B 76 -73.65 3.53 -1.23
N GLN B 77 -72.41 3.61 -1.70
CA GLN B 77 -71.53 2.44 -1.64
C GLN B 77 -71.20 2.03 -0.21
N ALA B 78 -71.33 2.94 0.73
CA ALA B 78 -71.01 2.64 2.12
C ALA B 78 -72.14 1.93 2.84
N GLY B 79 -73.29 1.78 2.20
CA GLY B 79 -74.49 1.36 2.90
C GLY B 79 -75.01 2.42 3.85
N TRP B 80 -74.69 3.69 3.57
CA TRP B 80 -75.00 4.82 4.44
C TRP B 80 -74.34 4.68 5.81
N ASN B 81 -73.33 3.84 5.94
CA ASN B 81 -72.64 3.68 7.23
C ASN B 81 -71.50 4.69 7.32
N PRO B 82 -71.54 5.62 8.26
CA PRO B 82 -70.40 6.55 8.42
C PRO B 82 -69.09 5.85 8.70
N ALA B 83 -69.10 4.76 9.47
CA ALA B 83 -67.87 4.04 9.78
C ALA B 83 -67.28 3.42 8.52
N VAL B 84 -68.12 2.81 7.68
CA VAL B 84 -67.63 2.31 6.40
C VAL B 84 -67.16 3.46 5.53
N PHE B 85 -67.93 4.54 5.48
CA PHE B 85 -67.56 5.69 4.66
C PHE B 85 -66.18 6.21 5.02
N LEU B 86 -65.84 6.18 6.31
CA LEU B 86 -64.49 6.56 6.70
C LEU B 86 -63.51 5.40 6.63
N ARG B 87 -63.97 4.19 6.38
CA ARG B 87 -63.07 3.06 6.22
C ARG B 87 -62.73 2.82 4.74
N ASP B 88 -63.74 2.82 3.88
CA ASP B 88 -63.56 2.55 2.46
C ASP B 88 -63.55 3.82 1.60
N LEU B 89 -63.16 4.96 2.19
CA LEU B 89 -63.22 6.23 1.47
C LEU B 89 -62.31 6.23 0.25
N PHE B 90 -61.07 5.73 0.41
CA PHE B 90 -60.15 5.67 -0.73
C PHE B 90 -60.62 4.64 -1.76
N PHE B 91 -61.19 3.53 -1.30
CA PHE B 91 -61.56 2.44 -2.19
C PHE B 91 -62.87 2.68 -2.92
N PHE B 92 -63.62 3.71 -2.55
CA PHE B 92 -64.83 4.04 -3.28
C PHE B 92 -64.50 4.40 -4.73
N SER B 93 -65.54 4.47 -5.55
CA SER B 93 -65.36 4.85 -6.95
C SER B 93 -66.71 5.13 -7.58
N LEU B 94 -66.81 6.27 -8.27
CA LEU B 94 -67.93 6.51 -9.16
C LEU B 94 -67.45 6.14 -10.56
N GLU B 95 -67.55 4.86 -10.89
CA GLU B 95 -66.98 4.34 -12.11
C GLU B 95 -67.79 4.78 -13.33
N PRO B 96 -67.17 4.82 -14.51
CA PRO B 96 -67.93 5.08 -15.73
C PRO B 96 -68.73 3.85 -16.13
N PRO B 97 -69.67 4.01 -17.05
CA PRO B 97 -70.43 2.84 -17.53
C PRO B 97 -69.55 1.83 -18.23
N ALA B 98 -69.95 0.55 -18.14
CA ALA B 98 -69.18 -0.53 -18.73
C ALA B 98 -69.20 -0.44 -20.25
N PRO B 99 -68.23 -1.05 -20.93
CA PRO B 99 -68.05 -0.78 -22.37
C PRO B 99 -69.24 -1.11 -23.25
N GLU B 100 -70.09 -2.06 -22.85
CA GLU B 100 -71.20 -2.44 -23.73
C GLU B 100 -72.19 -1.30 -23.95
N TYR B 101 -72.18 -0.29 -23.09
CA TYR B 101 -73.02 0.89 -23.34
C TYR B 101 -72.39 1.84 -24.34
N GLY B 102 -71.11 1.68 -24.64
CA GLY B 102 -70.45 2.58 -25.57
C GLY B 102 -70.48 4.01 -25.07
N LEU B 103 -70.81 4.93 -25.97
CA LEU B 103 -70.94 6.34 -25.65
C LEU B 103 -72.37 6.70 -25.27
N SER B 104 -73.26 5.72 -25.17
CA SER B 104 -74.67 6.00 -24.99
C SER B 104 -74.96 6.58 -23.62
N PHE B 105 -75.91 7.50 -23.57
CA PHE B 105 -76.42 8.00 -22.31
C PHE B 105 -77.44 7.07 -21.68
N ALA B 106 -77.83 6.00 -22.38
CA ALA B 106 -78.83 5.08 -21.89
C ALA B 106 -78.23 4.09 -20.90
N ALA B 107 -77.49 4.58 -19.93
CA ALA B 107 -76.94 3.71 -18.92
C ALA B 107 -77.68 3.89 -17.61
N PRO B 108 -77.88 2.83 -16.84
CA PRO B 108 -78.57 2.97 -15.56
C PRO B 108 -77.81 3.89 -14.62
N LEU B 109 -78.54 4.61 -13.78
CA LEU B 109 -77.92 5.54 -12.85
C LEU B 109 -76.89 4.84 -11.96
N LYS B 110 -77.24 3.66 -11.44
CA LYS B 110 -76.28 2.89 -10.67
C LYS B 110 -75.19 2.28 -11.54
N GLU B 111 -75.38 2.31 -12.87
CA GLU B 111 -74.43 1.66 -13.76
C GLU B 111 -73.73 2.66 -14.69
N GLY B 112 -73.34 3.81 -14.15
CA GLY B 112 -72.52 4.75 -14.87
C GLY B 112 -73.22 6.03 -15.30
N GLY B 113 -74.55 6.09 -15.24
CA GLY B 113 -75.23 7.33 -15.55
C GLY B 113 -74.88 8.44 -14.57
N LEU B 114 -74.77 8.08 -13.28
CA LEU B 114 -74.35 9.06 -12.28
C LEU B 114 -72.97 9.60 -12.60
N TRP B 115 -72.10 8.75 -13.15
CA TRP B 115 -70.80 9.20 -13.59
C TRP B 115 -70.94 10.23 -14.71
N LEU B 116 -71.87 10.01 -15.63
CA LEU B 116 -72.11 11.00 -16.68
C LEU B 116 -72.56 12.33 -16.08
N ILE B 117 -73.44 12.29 -15.08
CA ILE B 117 -73.94 13.53 -14.48
C ILE B 117 -72.80 14.28 -13.78
N ALA B 118 -72.03 13.56 -12.96
CA ALA B 118 -70.91 14.20 -12.26
C ALA B 118 -69.88 14.73 -13.24
N SER B 119 -69.64 14.01 -14.34
CA SER B 119 -68.71 14.46 -15.35
C SER B 119 -69.19 15.73 -16.02
N PHE B 120 -70.49 15.83 -16.28
CA PHE B 120 -71.03 17.08 -16.80
C PHE B 120 -70.78 18.22 -15.82
N PHE B 121 -71.03 17.97 -14.54
CA PHE B 121 -70.80 19.00 -13.52
C PHE B 121 -69.36 19.48 -13.54
N MET B 122 -68.42 18.53 -13.52
CA MET B 122 -67.01 18.92 -13.46
C MET B 122 -66.56 19.61 -14.74
N PHE B 123 -67.06 19.15 -15.88
CA PHE B 123 -66.77 19.81 -17.14
C PHE B 123 -67.17 21.28 -17.09
N VAL B 124 -68.43 21.52 -16.69
CA VAL B 124 -68.92 22.89 -16.62
C VAL B 124 -68.12 23.71 -15.63
N ALA B 125 -67.82 23.13 -14.46
CA ALA B 125 -67.08 23.84 -13.43
C ALA B 125 -65.70 24.26 -13.91
N VAL B 126 -64.98 23.33 -14.53
CA VAL B 126 -63.61 23.62 -14.93
C VAL B 126 -63.58 24.63 -16.06
N TRP B 127 -64.50 24.51 -17.03
CA TRP B 127 -64.49 25.48 -18.12
C TRP B 127 -64.88 26.88 -17.64
N SER B 128 -65.86 26.96 -16.75
CA SER B 128 -66.21 28.26 -16.18
C SER B 128 -65.06 28.81 -15.35
N TRP B 129 -64.28 27.95 -14.69
CA TRP B 129 -63.13 28.45 -13.94
C TRP B 129 -62.05 28.97 -14.86
N TRP B 130 -61.85 28.33 -16.01
CA TRP B 130 -60.91 28.87 -16.98
C TRP B 130 -61.35 30.25 -17.46
N GLY B 131 -62.64 30.38 -17.77
CA GLY B 131 -63.17 31.69 -18.10
C GLY B 131 -62.97 32.68 -16.97
N ARG B 132 -63.09 32.20 -15.73
CA ARG B 132 -62.87 33.04 -14.56
C ARG B 132 -61.44 33.56 -14.51
N THR B 133 -60.45 32.70 -14.70
CA THR B 133 -59.07 33.15 -14.67
C THR B 133 -58.80 34.16 -15.78
N TYR B 134 -59.32 33.88 -16.98
CA TYR B 134 -59.14 34.83 -18.08
C TYR B 134 -59.76 36.18 -17.76
N LEU B 135 -60.97 36.17 -17.21
CA LEU B 135 -61.64 37.43 -16.92
C LEU B 135 -60.94 38.19 -15.80
N ARG B 136 -60.43 37.49 -14.80
CA ARG B 136 -59.72 38.17 -13.72
C ARG B 136 -58.41 38.76 -14.22
N ALA B 137 -57.75 38.10 -15.17
CA ALA B 137 -56.62 38.75 -15.83
C ALA B 137 -57.07 39.96 -16.64
N GLN B 138 -58.23 39.86 -17.28
CA GLN B 138 -58.74 40.96 -18.11
C GLN B 138 -59.03 42.20 -17.27
N ALA B 139 -59.62 42.02 -16.09
CA ALA B 139 -60.06 43.16 -15.28
C ALA B 139 -58.87 44.00 -14.84
N LEU B 140 -57.78 43.36 -14.43
CA LEU B 140 -56.59 44.07 -13.99
C LEU B 140 -55.68 44.46 -15.14
N GLY B 141 -56.09 44.22 -16.39
CA GLY B 141 -55.28 44.61 -17.53
C GLY B 141 -54.05 43.77 -17.74
N MET B 142 -53.94 42.64 -17.06
CA MET B 142 -52.77 41.79 -17.13
C MET B 142 -52.85 40.87 -18.35
N GLY B 143 -51.72 40.28 -18.68
CA GLY B 143 -51.70 39.30 -19.74
C GLY B 143 -52.45 38.04 -19.36
N LYS B 144 -52.87 37.29 -20.37
CA LYS B 144 -53.68 36.10 -20.16
C LYS B 144 -52.83 34.85 -19.98
N HIS B 145 -51.61 35.00 -19.47
CA HIS B 145 -50.69 33.87 -19.39
C HIS B 145 -51.23 32.78 -18.49
N THR B 146 -51.84 33.13 -17.37
CA THR B 146 -52.37 32.12 -16.46
C THR B 146 -53.51 31.35 -17.11
N ALA B 147 -54.31 32.02 -17.95
CA ALA B 147 -55.39 31.34 -18.64
C ALA B 147 -54.87 30.26 -19.57
N TRP B 148 -53.83 30.57 -20.34
CA TRP B 148 -53.31 29.56 -21.27
C TRP B 148 -52.54 28.46 -20.55
N ALA B 149 -51.79 28.83 -19.51
CA ALA B 149 -51.15 27.80 -18.70
C ALA B 149 -52.17 26.86 -18.09
N PHE B 150 -53.34 27.38 -17.70
CA PHE B 150 -54.42 26.53 -17.23
C PHE B 150 -54.99 25.70 -18.36
N LEU B 151 -55.09 26.27 -19.56
CA LEU B 151 -55.64 25.56 -20.69
C LEU B 151 -54.82 24.32 -21.03
N SER B 152 -53.52 24.36 -20.79
CA SER B 152 -52.70 23.16 -21.01
C SER B 152 -53.16 21.99 -20.14
N ALA B 153 -53.27 22.23 -18.83
CA ALA B 153 -53.75 21.18 -17.93
C ALA B 153 -55.20 20.81 -18.23
N ILE B 154 -56.00 21.79 -18.65
CA ILE B 154 -57.38 21.50 -19.03
C ILE B 154 -57.41 20.58 -20.23
N TRP B 155 -56.48 20.74 -21.17
CA TRP B 155 -56.47 19.84 -22.31
C TRP B 155 -56.07 18.42 -21.91
N LEU B 156 -55.09 18.28 -21.01
CA LEU B 156 -54.78 16.93 -20.56
C LEU B 156 -56.00 16.30 -19.88
N TRP B 157 -56.67 17.08 -19.05
CA TRP B 157 -57.88 16.62 -18.36
C TRP B 157 -58.97 16.22 -19.36
N MET B 158 -59.17 17.03 -20.40
CA MET B 158 -60.19 16.73 -21.41
C MET B 158 -59.84 15.48 -22.20
N VAL B 159 -58.56 15.29 -22.50
CA VAL B 159 -58.16 14.07 -23.18
C VAL B 159 -58.45 12.85 -22.28
N LEU B 160 -58.10 12.94 -21.01
CA LEU B 160 -58.30 11.80 -20.12
C LEU B 160 -59.78 11.47 -19.97
N GLY B 161 -60.62 12.48 -19.82
CA GLY B 161 -62.01 12.21 -19.49
C GLY B 161 -63.01 12.34 -20.62
N PHE B 162 -62.74 13.17 -21.61
CA PHE B 162 -63.73 13.45 -22.64
C PHE B 162 -63.28 13.03 -24.03
N ILE B 163 -62.15 13.54 -24.53
CA ILE B 163 -61.83 13.39 -25.95
C ILE B 163 -61.47 11.94 -26.27
N ARG B 164 -60.62 11.33 -25.44
CA ARG B 164 -60.23 9.95 -25.69
C ARG B 164 -61.39 8.97 -25.58
N PRO B 165 -62.27 9.05 -24.58
CA PRO B 165 -63.46 8.19 -24.61
C PRO B 165 -64.31 8.36 -25.85
N ILE B 166 -64.48 9.58 -26.34
CA ILE B 166 -65.24 9.78 -27.57
C ILE B 166 -64.54 9.09 -28.73
N LEU B 167 -63.23 9.26 -28.84
CA LEU B 167 -62.49 8.66 -29.95
C LEU B 167 -62.52 7.13 -29.86
N MET B 168 -62.41 6.57 -28.66
CA MET B 168 -62.44 5.13 -28.49
C MET B 168 -63.85 4.57 -28.58
N GLY B 169 -64.87 5.43 -28.50
CA GLY B 169 -66.23 4.99 -28.66
C GLY B 169 -66.85 4.36 -27.44
N SER B 170 -66.35 4.65 -26.25
CA SER B 170 -66.96 4.13 -25.03
C SER B 170 -66.54 4.98 -23.84
N TRP B 171 -67.50 5.29 -22.97
CA TRP B 171 -67.16 5.96 -21.71
C TRP B 171 -66.39 5.05 -20.76
N SER B 172 -66.31 3.76 -21.05
CA SER B 172 -65.56 2.87 -20.17
C SER B 172 -64.08 3.20 -20.12
N GLU B 173 -63.56 3.90 -21.13
CA GLU B 173 -62.14 4.24 -21.17
C GLU B 173 -61.77 5.32 -20.17
N ALA B 174 -62.72 6.15 -19.76
CA ALA B 174 -62.40 7.33 -18.96
C ALA B 174 -62.00 6.94 -17.54
N VAL B 175 -61.46 7.92 -16.84
CA VAL B 175 -60.92 7.70 -15.49
C VAL B 175 -62.08 7.72 -14.49
N PRO B 176 -62.10 6.80 -13.52
CA PRO B 176 -63.14 6.84 -12.49
C PRO B 176 -62.87 7.95 -11.49
N TYR B 177 -63.89 8.26 -10.69
CA TYR B 177 -63.77 9.26 -9.62
C TYR B 177 -63.54 8.55 -8.30
N GLY B 178 -62.36 7.97 -8.16
CA GLY B 178 -61.98 7.33 -6.91
C GLY B 178 -60.52 7.60 -6.64
N ILE B 179 -60.09 7.35 -5.40
CA ILE B 179 -58.71 7.60 -5.05
C ILE B 179 -57.81 6.55 -5.64
N PHE B 180 -57.96 5.29 -5.21
CA PHE B 180 -57.17 4.21 -5.79
C PHE B 180 -57.77 3.69 -7.07
N SER B 181 -59.02 4.03 -7.36
CA SER B 181 -59.62 3.64 -8.62
C SER B 181 -58.92 4.31 -9.79
N HIS B 182 -58.54 5.58 -9.64
CA HIS B 182 -57.84 6.25 -10.72
C HIS B 182 -56.36 5.92 -10.74
N LEU B 183 -55.77 5.57 -9.60
CA LEU B 183 -54.44 4.97 -9.60
C LEU B 183 -54.43 3.66 -10.38
N ASP B 184 -55.42 2.80 -10.11
CA ASP B 184 -55.53 1.54 -10.82
C ASP B 184 -55.82 1.77 -12.29
N TRP B 185 -56.63 2.79 -12.60
CA TRP B 185 -56.87 3.14 -13.98
C TRP B 185 -55.57 3.48 -14.68
N THR B 186 -54.70 4.23 -14.01
CA THR B 186 -53.41 4.60 -14.58
C THR B 186 -52.54 3.37 -14.85
N ASN B 187 -52.39 2.50 -13.84
CA ASN B 187 -51.54 1.32 -14.02
C ASN B 187 -52.11 0.39 -15.08
N ASN B 188 -53.42 0.21 -15.10
CA ASN B 188 -54.06 -0.64 -16.10
C ASN B 188 -53.96 -0.04 -17.49
N PHE B 189 -54.03 1.28 -17.60
CA PHE B 189 -53.82 1.93 -18.89
C PHE B 189 -52.44 1.62 -19.41
N SER B 190 -51.43 1.70 -18.55
CA SER B 190 -50.08 1.36 -18.99
C SER B 190 -49.99 -0.10 -19.43
N LEU B 191 -50.59 -1.00 -18.66
CA LEU B 191 -50.46 -2.43 -18.98
C LEU B 191 -51.20 -2.80 -20.25
N VAL B 192 -52.39 -2.22 -20.47
CA VAL B 192 -53.17 -2.55 -21.65
C VAL B 192 -52.47 -2.11 -22.92
N HIS B 193 -51.89 -0.91 -22.92
CA HIS B 193 -51.24 -0.36 -24.09
C HIS B 193 -49.78 -0.73 -24.18
N GLY B 194 -49.33 -1.68 -23.38
CA GLY B 194 -48.01 -2.24 -23.56
C GLY B 194 -46.86 -1.32 -23.20
N ASN B 195 -46.69 -1.05 -21.91
CA ASN B 195 -45.54 -0.30 -21.41
C ASN B 195 -45.51 1.13 -21.97
N LEU B 196 -46.42 1.94 -21.43
CA LEU B 196 -46.50 3.37 -21.74
C LEU B 196 -45.15 4.09 -21.60
N PHE B 197 -44.16 3.46 -20.96
CA PHE B 197 -42.82 4.02 -20.94
C PHE B 197 -42.30 4.25 -22.34
N TYR B 198 -42.70 3.42 -23.30
CA TYR B 198 -42.23 3.56 -24.67
C TYR B 198 -43.11 4.47 -25.51
N ASN B 199 -44.09 5.11 -24.91
CA ASN B 199 -44.75 6.23 -25.55
C ASN B 199 -43.77 7.40 -25.61
N PRO B 200 -43.42 7.89 -26.79
CA PRO B 200 -42.48 9.02 -26.85
C PRO B 200 -43.00 10.26 -26.15
N PHE B 201 -44.31 10.50 -26.18
CA PHE B 201 -44.85 11.67 -25.52
C PHE B 201 -44.98 11.48 -24.02
N HIS B 202 -45.12 10.24 -23.55
CA HIS B 202 -44.98 10.01 -22.12
C HIS B 202 -43.56 10.32 -21.67
N GLY B 203 -42.57 9.93 -22.48
CA GLY B 203 -41.20 10.27 -22.18
C GLY B 203 -40.95 11.76 -22.20
N LEU B 204 -41.53 12.46 -23.17
CA LEU B 204 -41.40 13.92 -23.20
C LEU B 204 -42.08 14.57 -22.00
N SER B 205 -43.27 14.09 -21.64
CA SER B 205 -43.96 14.64 -20.49
C SER B 205 -43.15 14.45 -19.22
N ILE B 206 -42.51 13.29 -19.08
CA ILE B 206 -41.65 13.07 -17.92
C ILE B 206 -40.41 13.94 -18.00
N ALA B 207 -39.87 14.16 -19.20
CA ALA B 207 -38.76 15.06 -19.35
C ALA B 207 -39.11 16.45 -18.85
N PHE B 208 -40.30 16.93 -19.19
CA PHE B 208 -40.68 18.27 -18.76
C PHE B 208 -41.16 18.32 -17.32
N LEU B 209 -41.61 17.21 -16.75
CA LEU B 209 -41.90 17.21 -15.31
C LEU B 209 -40.62 17.23 -14.50
N TYR B 210 -39.66 16.37 -14.85
CA TYR B 210 -38.33 16.43 -14.26
C TYR B 210 -37.71 17.80 -14.49
N GLY B 211 -37.93 18.39 -15.66
CA GLY B 211 -37.41 19.71 -15.94
C GLY B 211 -38.08 20.80 -15.14
N SER B 212 -39.38 20.66 -14.87
CA SER B 212 -40.05 21.60 -13.98
C SER B 212 -39.46 21.54 -12.59
N ALA B 213 -39.24 20.33 -12.08
CA ALA B 213 -38.64 20.21 -10.75
C ALA B 213 -37.23 20.78 -10.73
N LEU B 214 -36.43 20.45 -11.75
CA LEU B 214 -35.08 20.99 -11.85
C LEU B 214 -35.09 22.50 -11.97
N LEU B 215 -35.98 23.04 -12.80
CA LEU B 215 -36.00 24.46 -13.06
C LEU B 215 -36.52 25.24 -11.87
N PHE B 216 -37.48 24.71 -11.14
CA PHE B 216 -37.93 25.42 -9.96
C PHE B 216 -36.96 25.29 -8.80
N ALA B 217 -36.27 24.16 -8.65
CA ALA B 217 -35.17 24.13 -7.70
C ALA B 217 -34.13 25.18 -8.07
N MET B 218 -33.76 25.26 -9.34
CA MET B 218 -32.75 26.23 -9.78
C MET B 218 -33.21 27.66 -9.55
N HIS B 219 -34.45 27.98 -9.94
CA HIS B 219 -34.92 29.35 -9.84
C HIS B 219 -35.15 29.76 -8.39
N GLY B 220 -35.76 28.89 -7.59
CA GLY B 220 -35.94 29.20 -6.19
C GLY B 220 -34.63 29.38 -5.47
N ALA B 221 -33.67 28.47 -5.71
CA ALA B 221 -32.37 28.62 -5.10
C ALA B 221 -31.66 29.87 -5.58
N THR B 222 -31.81 30.22 -6.85
CA THR B 222 -31.18 31.43 -7.38
C THR B 222 -31.75 32.67 -6.73
N ILE B 223 -33.08 32.77 -6.66
CA ILE B 223 -33.70 33.96 -6.11
C ILE B 223 -33.43 34.08 -4.62
N LEU B 224 -33.41 32.95 -3.90
CA LEU B 224 -33.06 33.02 -2.49
C LEU B 224 -31.59 33.36 -2.29
N ALA B 225 -30.73 32.96 -3.22
CA ALA B 225 -29.31 33.26 -3.11
C ALA B 225 -29.02 34.72 -3.38
N VAL B 226 -29.88 35.39 -4.14
CA VAL B 226 -29.73 36.83 -4.39
C VAL B 226 -30.86 37.62 -3.74
N SER B 227 -31.57 37.04 -2.79
CA SER B 227 -32.59 37.79 -2.07
C SER B 227 -31.96 38.83 -1.15
N ARG B 228 -30.68 38.65 -0.81
CA ARG B 228 -29.95 39.65 -0.03
C ARG B 228 -29.75 40.94 -0.81
N PHE B 229 -29.91 40.92 -2.13
CA PHE B 229 -29.87 42.11 -2.96
C PHE B 229 -31.24 42.52 -3.44
N GLY B 230 -32.29 42.11 -2.73
CA GLY B 230 -33.64 42.34 -3.19
C GLY B 230 -33.99 41.55 -4.43
N GLY B 231 -33.53 40.31 -4.52
CA GLY B 231 -33.83 39.49 -5.67
C GLY B 231 -35.29 39.08 -5.77
N GLU B 232 -36.01 39.07 -4.64
CA GLU B 232 -37.42 38.69 -4.66
C GLU B 232 -38.22 39.64 -5.54
N ARG B 233 -37.93 40.93 -5.47
CA ARG B 233 -38.70 41.88 -6.26
C ARG B 233 -38.35 41.73 -7.73
N GLU B 234 -38.90 40.69 -8.36
CA GLU B 234 -38.53 40.35 -9.72
C GLU B 234 -39.01 41.38 -10.72
N LEU B 235 -40.20 41.94 -10.50
CA LEU B 235 -40.74 42.93 -11.44
C LEU B 235 -39.87 44.19 -11.49
N GLU B 236 -39.41 44.66 -10.34
CA GLU B 236 -38.56 45.84 -10.34
C GLU B 236 -37.18 45.54 -10.91
N GLN B 237 -36.68 44.32 -10.70
CA GLN B 237 -35.44 43.92 -11.35
C GLN B 237 -35.60 43.85 -12.86
N ILE B 238 -36.81 43.58 -13.35
CA ILE B 238 -37.07 43.69 -14.78
C ILE B 238 -37.07 45.14 -15.22
N ALA B 239 -37.83 45.99 -14.51
CA ALA B 239 -37.92 47.39 -14.87
C ALA B 239 -36.61 48.12 -14.66
N ASP B 240 -35.92 47.83 -13.56
CA ASP B 240 -34.71 48.55 -13.17
C ASP B 240 -33.70 47.53 -12.67
N ARG B 241 -32.88 47.02 -13.59
CA ARG B 241 -32.00 45.90 -13.29
C ARG B 241 -31.00 46.28 -12.21
N GLY B 242 -30.94 45.45 -11.16
CA GLY B 242 -30.04 45.67 -10.05
C GLY B 242 -28.88 44.68 -10.04
N THR B 243 -28.17 44.69 -8.93
CA THR B 243 -27.07 43.75 -8.78
C THR B 243 -27.57 42.33 -8.56
N ALA B 244 -28.79 42.15 -8.07
CA ALA B 244 -29.35 40.81 -7.91
C ALA B 244 -29.52 40.13 -9.26
N ALA B 245 -30.11 40.85 -10.22
CA ALA B 245 -30.31 40.27 -11.54
C ALA B 245 -28.99 39.96 -12.21
N GLU B 246 -28.00 40.83 -12.05
CA GLU B 246 -26.71 40.60 -12.69
C GLU B 246 -25.96 39.44 -12.05
N ARG B 247 -26.00 39.33 -10.73
CA ARG B 247 -25.34 38.20 -10.08
C ARG B 247 -26.03 36.88 -10.40
N ALA B 248 -27.37 36.89 -10.46
CA ALA B 248 -28.09 35.68 -10.84
C ALA B 248 -27.75 35.28 -12.26
N ALA B 249 -27.69 36.25 -13.17
CA ALA B 249 -27.33 35.95 -14.54
C ALA B 249 -25.91 35.40 -14.64
N LEU B 250 -24.98 36.01 -13.89
CA LEU B 250 -23.59 35.62 -14.03
C LEU B 250 -23.30 34.28 -13.38
N PHE B 251 -24.04 33.91 -12.34
CA PHE B 251 -23.85 32.58 -11.78
C PHE B 251 -24.06 31.51 -12.83
N TRP B 252 -25.19 31.57 -13.53
CA TRP B 252 -25.49 30.57 -14.53
C TRP B 252 -24.70 30.80 -15.81
N ARG B 253 -24.29 32.03 -16.08
CA ARG B 253 -23.40 32.29 -17.20
C ARG B 253 -22.07 31.59 -17.00
N TRP B 254 -21.54 31.62 -15.77
CA TRP B 254 -20.27 30.98 -15.48
C TRP B 254 -20.40 29.50 -15.22
N THR B 255 -21.57 29.04 -14.80
CA THR B 255 -21.79 27.62 -14.58
C THR B 255 -22.07 26.90 -15.90
N MET B 256 -23.14 27.30 -16.58
CA MET B 256 -23.65 26.59 -17.75
C MET B 256 -23.13 27.11 -19.08
N GLY B 257 -22.66 28.35 -19.13
CA GLY B 257 -22.29 28.98 -20.38
C GLY B 257 -23.36 29.87 -20.98
N PHE B 258 -24.57 29.84 -20.44
CA PHE B 258 -25.63 30.72 -20.88
C PHE B 258 -26.54 30.98 -19.70
N ASN B 259 -27.38 32.00 -19.82
CA ASN B 259 -28.18 32.44 -18.70
C ASN B 259 -29.49 33.02 -19.22
N ALA B 260 -30.40 33.27 -18.29
CA ALA B 260 -31.66 33.92 -18.57
C ALA B 260 -31.62 35.35 -18.07
N THR B 261 -32.75 36.04 -18.20
CA THR B 261 -32.95 37.34 -17.60
C THR B 261 -34.00 37.19 -16.50
N MET B 262 -34.24 38.28 -15.76
CA MET B 262 -35.23 38.23 -14.69
C MET B 262 -36.63 38.02 -15.23
N GLU B 263 -36.86 38.33 -16.51
CA GLU B 263 -38.17 38.14 -17.13
C GLU B 263 -38.24 36.85 -17.92
N GLY B 264 -37.18 36.52 -18.67
CA GLY B 264 -37.22 35.36 -19.54
C GLY B 264 -37.09 34.03 -18.81
N ILE B 265 -36.57 34.04 -17.59
CA ILE B 265 -36.57 32.81 -16.81
C ILE B 265 -38.00 32.38 -16.52
N HIS B 266 -38.91 33.33 -16.43
CA HIS B 266 -40.31 32.96 -16.20
C HIS B 266 -40.97 32.50 -17.49
N ARG B 267 -40.48 32.93 -18.65
CA ARG B 267 -40.90 32.30 -19.90
C ARG B 267 -40.45 30.85 -19.95
N TRP B 268 -39.19 30.59 -19.60
CA TRP B 268 -38.71 29.23 -19.47
C TRP B 268 -39.60 28.43 -18.53
N ALA B 269 -39.94 29.03 -17.38
CA ALA B 269 -40.70 28.33 -16.37
C ALA B 269 -42.09 27.96 -16.87
N ILE B 270 -42.80 28.92 -17.46
CA ILE B 270 -44.16 28.64 -17.90
C ILE B 270 -44.15 27.61 -19.02
N TRP B 271 -43.17 27.68 -19.93
CA TRP B 271 -43.18 26.71 -21.02
C TRP B 271 -42.79 25.32 -20.54
N MET B 272 -41.80 25.24 -19.65
CA MET B 272 -41.42 23.96 -19.06
C MET B 272 -42.59 23.33 -18.34
N ALA B 273 -43.42 24.13 -17.68
CA ALA B 273 -44.56 23.58 -16.95
C ALA B 273 -45.69 23.16 -17.89
N VAL B 274 -45.99 23.97 -18.91
CA VAL B 274 -47.13 23.63 -19.75
C VAL B 274 -46.82 22.53 -20.74
N LEU B 275 -45.55 22.33 -21.11
CA LEU B 275 -45.22 21.23 -22.01
C LEU B 275 -45.49 19.89 -21.36
N VAL B 276 -45.43 19.82 -20.04
CA VAL B 276 -45.78 18.59 -19.33
C VAL B 276 -47.14 18.09 -19.78
N THR B 277 -48.18 18.89 -19.56
CA THR B 277 -49.52 18.45 -19.88
C THR B 277 -49.78 18.46 -21.38
N LEU B 278 -49.11 19.33 -22.14
CA LEU B 278 -49.29 19.30 -23.59
C LEU B 278 -48.84 17.97 -24.18
N THR B 279 -47.60 17.57 -23.90
CA THR B 279 -47.09 16.30 -24.40
C THR B 279 -47.82 15.13 -23.78
N GLY B 280 -48.21 15.24 -22.51
CA GLY B 280 -48.96 14.16 -21.89
C GLY B 280 -50.31 13.94 -22.55
N GLY B 281 -51.03 15.02 -22.85
CA GLY B 281 -52.29 14.87 -23.55
C GLY B 281 -52.12 14.27 -24.93
N ILE B 282 -51.09 14.72 -25.66
CA ILE B 282 -50.84 14.12 -26.97
C ILE B 282 -50.57 12.63 -26.84
N GLY B 283 -49.75 12.25 -25.86
CA GLY B 283 -49.41 10.84 -25.70
C GLY B 283 -50.59 9.98 -25.32
N ILE B 284 -51.44 10.47 -24.42
CA ILE B 284 -52.63 9.72 -24.05
C ILE B 284 -53.58 9.62 -25.23
N LEU B 285 -53.69 10.69 -26.01
CA LEU B 285 -54.56 10.67 -27.17
C LEU B 285 -54.11 9.63 -28.20
N LEU B 286 -52.80 9.52 -28.42
CA LEU B 286 -52.31 8.54 -29.37
C LEU B 286 -52.47 7.11 -28.87
N SER B 287 -52.50 6.92 -27.55
CA SER B 287 -52.59 5.57 -27.00
C SER B 287 -53.95 4.96 -27.29
N GLY B 288 -53.95 3.75 -27.81
CA GLY B 288 -55.20 3.10 -28.18
C GLY B 288 -55.79 3.56 -29.48
N THR B 289 -55.92 4.87 -29.68
CA THR B 289 -56.49 5.39 -30.92
C THR B 289 -55.55 5.17 -32.10
N VAL B 290 -54.24 5.25 -31.87
CA VAL B 290 -53.25 5.07 -32.91
C VAL B 290 -52.31 3.91 -32.63
N VAL B 291 -51.81 3.81 -31.40
CA VAL B 291 -50.89 2.75 -31.01
C VAL B 291 -51.50 1.97 -29.86
N ASP B 292 -51.56 0.65 -30.01
CA ASP B 292 -52.08 -0.21 -28.96
C ASP B 292 -50.99 -0.95 -28.19
N ASN B 293 -49.78 -1.00 -28.71
CA ASN B 293 -48.65 -1.65 -28.05
C ASN B 293 -47.45 -0.73 -28.24
N TRP B 294 -47.09 -0.01 -27.18
CA TRP B 294 -46.01 0.97 -27.29
C TRP B 294 -44.63 0.33 -27.32
N TYR B 295 -44.46 -0.85 -26.73
CA TYR B 295 -43.15 -1.49 -26.77
C TYR B 295 -42.85 -2.03 -28.16
N VAL B 296 -43.84 -2.62 -28.82
CA VAL B 296 -43.65 -3.07 -30.20
C VAL B 296 -43.40 -1.88 -31.11
N TRP B 297 -44.15 -0.80 -30.89
CA TRP B 297 -43.91 0.43 -31.63
C TRP B 297 -42.49 0.92 -31.43
N GLY B 298 -42.02 0.89 -30.18
CA GLY B 298 -40.65 1.28 -29.90
C GLY B 298 -39.67 0.43 -30.66
N GLN B 299 -39.85 -0.89 -30.63
CA GLN B 299 -39.02 -1.80 -31.41
C GLN B 299 -38.98 -1.41 -32.88
N ASN B 300 -40.13 -1.06 -33.43
CA ASN B 300 -40.16 -0.66 -34.84
C ASN B 300 -39.55 0.70 -35.08
N HIS B 301 -39.36 1.51 -34.05
CA HIS B 301 -38.81 2.86 -34.21
C HIS B 301 -37.50 3.05 -33.45
N GLY B 302 -36.63 2.05 -33.47
CA GLY B 302 -35.43 2.14 -32.66
C GLY B 302 -35.75 1.78 -31.23
N MET B 303 -35.24 2.55 -30.27
CA MET B 303 -35.84 2.65 -28.95
C MET B 303 -35.90 1.34 -28.17
N ALA B 304 -35.57 0.22 -28.81
CA ALA B 304 -35.72 -1.09 -28.18
C ALA B 304 -35.10 -2.15 -29.06
N PRO B 305 -34.45 -3.16 -28.48
CA PRO B 305 -33.86 -4.22 -29.29
C PRO B 305 -34.93 -5.06 -29.97
N LEU B 306 -34.58 -5.57 -31.14
CA LEU B 306 -35.48 -6.45 -31.89
C LEU B 306 -35.34 -7.88 -31.39
N MET C 1 -58.63 1.81 -34.57
CA MET C 1 -57.27 2.29 -34.40
C MET C 1 -56.66 2.66 -35.73
N VAL C 2 -56.20 3.91 -35.85
CA VAL C 2 -55.56 4.37 -37.10
C VAL C 2 -54.07 4.08 -36.93
N GLY C 3 -53.70 2.85 -37.21
CA GLY C 3 -52.31 2.45 -37.10
C GLY C 3 -51.60 2.42 -38.43
N VAL C 4 -52.18 3.07 -39.43
CA VAL C 4 -51.68 3.01 -40.80
C VAL C 4 -50.51 3.96 -40.96
N THR C 5 -49.48 3.50 -41.66
CA THR C 5 -48.27 4.28 -41.89
C THR C 5 -48.27 4.82 -43.31
N ALA C 6 -47.99 6.11 -43.45
CA ALA C 6 -47.90 6.71 -44.78
C ALA C 6 -46.71 6.14 -45.57
N PHE C 7 -45.58 5.93 -44.90
CA PHE C 7 -44.39 5.44 -45.55
C PHE C 7 -43.48 4.85 -44.50
N GLY C 8 -42.74 3.81 -44.85
CA GLY C 8 -41.86 3.19 -43.87
C GLY C 8 -42.65 2.76 -42.64
N ASN C 9 -42.17 3.14 -41.47
CA ASN C 9 -42.92 2.98 -40.24
C ASN C 9 -43.52 4.29 -39.76
N PHE C 10 -43.57 5.31 -40.61
CA PHE C 10 -44.07 6.62 -40.25
C PHE C 10 -45.59 6.64 -40.11
N ASP C 11 -46.08 6.41 -38.90
CA ASP C 11 -47.50 6.49 -38.61
C ASP C 11 -47.82 7.86 -38.01
N LEU C 12 -49.04 7.99 -37.48
CA LEU C 12 -49.48 9.25 -36.90
C LEU C 12 -48.65 9.62 -35.67
N ALA C 13 -48.20 8.63 -34.91
CA ALA C 13 -47.34 8.91 -33.76
C ALA C 13 -45.99 9.47 -34.21
N SER C 14 -45.45 8.96 -35.32
CA SER C 14 -44.21 9.50 -35.85
C SER C 14 -44.39 10.93 -36.32
N LEU C 15 -45.52 11.21 -36.98
CA LEU C 15 -45.83 12.58 -37.35
C LEU C 15 -45.86 13.47 -36.12
N ALA C 16 -46.51 13.01 -35.05
CA ALA C 16 -46.58 13.80 -33.84
C ALA C 16 -45.21 14.06 -33.25
N ILE C 17 -44.36 13.04 -33.19
CA ILE C 17 -43.06 13.21 -32.53
C ILE C 17 -42.16 14.14 -33.34
N TYR C 18 -42.18 14.03 -34.67
CA TYR C 18 -41.35 14.92 -35.47
C TYR C 18 -41.89 16.34 -35.44
N SER C 19 -43.22 16.49 -35.43
CA SER C 19 -43.80 17.82 -35.27
C SER C 19 -43.35 18.43 -33.95
N PHE C 20 -43.30 17.63 -32.88
CA PHE C 20 -42.86 18.17 -31.61
C PHE C 20 -41.37 18.50 -31.63
N TRP C 21 -40.56 17.74 -32.35
CA TRP C 21 -39.15 18.12 -32.45
C TRP C 21 -39.00 19.47 -33.12
N ILE C 22 -39.74 19.70 -34.21
CA ILE C 22 -39.69 20.98 -34.89
C ILE C 22 -40.17 22.10 -33.97
N PHE C 23 -41.29 21.87 -33.29
CA PHE C 23 -41.83 22.89 -32.40
C PHE C 23 -40.90 23.19 -31.25
N LEU C 24 -40.24 22.16 -30.71
CA LEU C 24 -39.31 22.37 -29.61
C LEU C 24 -38.10 23.15 -30.06
N ALA C 25 -37.59 22.89 -31.25
CA ALA C 25 -36.48 23.68 -31.76
C ALA C 25 -36.90 25.15 -31.88
N GLY C 26 -38.08 25.39 -32.44
CA GLY C 26 -38.55 26.77 -32.53
C GLY C 26 -38.75 27.42 -31.19
N LEU C 27 -39.28 26.67 -30.23
CA LEU C 27 -39.54 27.22 -28.90
C LEU C 27 -38.24 27.52 -28.16
N ILE C 28 -37.24 26.67 -28.29
CA ILE C 28 -35.96 26.94 -27.64
C ILE C 28 -35.31 28.16 -28.27
N TYR C 29 -35.40 28.28 -29.60
CA TYR C 29 -34.91 29.51 -30.23
C TYR C 29 -35.61 30.73 -29.67
N TYR C 30 -36.94 30.68 -29.57
CA TYR C 30 -37.70 31.81 -29.06
C TYR C 30 -37.33 32.14 -27.63
N LEU C 31 -37.22 31.12 -26.78
CA LEU C 31 -36.91 31.33 -25.38
C LEU C 31 -35.52 31.91 -25.20
N GLN C 32 -34.54 31.42 -25.96
CA GLN C 32 -33.21 31.97 -25.86
C GLN C 32 -33.16 33.41 -26.33
N THR C 33 -33.84 33.73 -27.44
CA THR C 33 -33.83 35.12 -27.90
C THR C 33 -34.51 36.04 -26.91
N GLU C 34 -35.60 35.59 -26.30
CA GLU C 34 -36.26 36.42 -25.29
C GLU C 34 -35.39 36.67 -24.07
N ASN C 35 -34.32 35.91 -23.91
CA ASN C 35 -33.43 36.04 -22.77
C ASN C 35 -32.15 36.77 -23.11
N MET C 36 -32.08 37.42 -24.27
CA MET C 36 -30.93 38.19 -24.66
C MET C 36 -31.25 39.69 -24.70
N ARG C 37 -32.17 40.11 -23.84
CA ARG C 37 -32.55 41.51 -23.72
C ARG C 37 -31.78 42.26 -22.64
N GLU C 38 -30.82 41.62 -21.99
CA GLU C 38 -29.95 42.28 -21.03
C GLU C 38 -28.52 41.88 -21.30
N GLY C 39 -27.60 42.82 -21.15
CA GLY C 39 -26.20 42.51 -21.26
C GLY C 39 -25.70 42.20 -22.65
N TYR C 40 -26.40 42.66 -23.67
CA TYR C 40 -25.98 42.39 -25.05
C TYR C 40 -25.91 43.68 -25.83
N PRO C 41 -25.02 43.75 -26.84
CA PRO C 41 -24.11 42.70 -27.30
C PRO C 41 -22.94 42.43 -26.38
N LEU C 42 -22.29 41.29 -26.56
CA LEU C 42 -21.13 40.94 -25.78
C LEU C 42 -19.98 41.88 -26.11
N GLU C 43 -19.09 42.08 -25.12
CA GLU C 43 -18.00 43.03 -25.24
C GLU C 43 -16.69 42.37 -24.86
N ASN C 44 -15.61 42.92 -25.39
CA ASN C 44 -14.28 42.51 -24.95
C ASN C 44 -14.02 43.04 -23.55
N GLU C 45 -12.96 42.53 -22.93
CA GLU C 45 -12.65 42.95 -21.57
C GLU C 45 -12.21 44.41 -21.49
N ASP C 46 -11.94 45.06 -22.61
CA ASP C 46 -11.68 46.49 -22.63
C ASP C 46 -12.91 47.32 -22.92
N GLY C 47 -14.08 46.68 -23.10
CA GLY C 47 -15.33 47.38 -23.28
C GLY C 47 -15.81 47.47 -24.73
N THR C 48 -14.96 47.17 -25.69
CA THR C 48 -15.40 47.19 -27.08
C THR C 48 -16.18 45.92 -27.40
N PRO C 49 -17.12 45.99 -28.35
CA PRO C 49 -17.88 44.79 -28.75
C PRO C 49 -16.94 43.69 -29.21
N ALA C 50 -17.28 42.46 -28.85
CA ALA C 50 -16.42 41.33 -29.16
C ALA C 50 -16.65 40.84 -30.59
N ALA C 51 -15.68 40.09 -31.10
CA ALA C 51 -15.81 39.54 -32.44
C ALA C 51 -16.98 38.58 -32.55
N ASN C 52 -17.15 37.71 -31.57
CA ASN C 52 -18.21 36.72 -31.58
C ASN C 52 -19.39 37.21 -30.76
N GLN C 53 -20.59 36.99 -31.27
CA GLN C 53 -21.81 37.39 -30.59
C GLN C 53 -22.78 36.25 -30.36
N GLY C 54 -22.43 35.04 -30.76
CA GLY C 54 -23.28 33.90 -30.56
C GLY C 54 -24.15 33.58 -31.74
N PRO C 55 -24.55 32.31 -31.87
CA PRO C 55 -25.41 31.91 -32.98
C PRO C 55 -26.80 32.51 -32.94
N PHE C 56 -27.24 33.02 -31.79
CA PHE C 56 -28.59 33.55 -31.68
C PHE C 56 -28.58 35.05 -31.95
N PRO C 57 -29.33 35.54 -32.91
CA PRO C 57 -29.45 36.98 -33.10
C PRO C 57 -30.16 37.63 -31.94
N LEU C 58 -29.89 38.91 -31.73
CA LEU C 58 -30.61 39.67 -30.73
C LEU C 58 -32.07 39.82 -31.14
N PRO C 59 -32.99 39.86 -30.19
CA PRO C 59 -34.40 40.02 -30.52
C PRO C 59 -34.73 41.46 -30.87
N LYS C 60 -35.96 41.65 -31.34
CA LYS C 60 -36.47 42.99 -31.56
C LYS C 60 -36.70 43.70 -30.23
N PRO C 61 -36.59 45.02 -30.19
CA PRO C 61 -36.85 45.75 -28.95
C PRO C 61 -38.30 45.62 -28.50
N LYS C 62 -38.49 45.67 -27.19
CA LYS C 62 -39.79 45.72 -26.57
C LYS C 62 -39.79 46.82 -25.52
N THR C 63 -40.93 47.47 -25.35
CA THR C 63 -41.05 48.64 -24.50
C THR C 63 -41.97 48.34 -23.32
N PHE C 64 -41.44 48.55 -22.11
CA PHE C 64 -42.21 48.51 -20.88
C PHE C 64 -42.59 49.92 -20.49
N ILE C 65 -43.83 50.10 -20.05
CA ILE C 65 -44.32 51.39 -19.59
C ILE C 65 -44.40 51.33 -18.08
N LEU C 66 -43.49 52.01 -17.39
CA LEU C 66 -43.48 51.97 -15.94
C LEU C 66 -44.70 52.71 -15.39
N PRO C 67 -45.28 52.21 -14.31
CA PRO C 67 -46.65 52.64 -13.93
C PRO C 67 -46.81 54.12 -13.62
N HIS C 68 -45.81 54.79 -13.07
CA HIS C 68 -45.99 56.13 -12.53
C HIS C 68 -45.23 57.19 -13.33
N GLY C 69 -45.30 57.10 -14.65
CA GLY C 69 -44.60 58.05 -15.49
C GLY C 69 -43.10 57.98 -15.38
N ARG C 70 -42.57 56.88 -14.85
CA ARG C 70 -41.14 56.73 -14.70
C ARG C 70 -40.42 56.61 -16.05
N GLY C 71 -41.16 56.41 -17.13
CA GLY C 71 -40.59 56.35 -18.46
C GLY C 71 -40.80 55.00 -19.11
N THR C 72 -40.42 54.95 -20.37
CA THR C 72 -40.52 53.74 -21.18
C THR C 72 -39.13 53.11 -21.28
N LEU C 73 -39.03 51.85 -20.87
CA LEU C 73 -37.79 51.10 -20.94
C LEU C 73 -37.83 50.19 -22.17
N THR C 74 -36.89 50.39 -23.07
CA THR C 74 -36.81 49.57 -24.28
C THR C 74 -35.63 48.62 -24.15
N VAL C 75 -35.91 47.33 -24.31
CA VAL C 75 -34.88 46.30 -24.23
C VAL C 75 -35.04 45.34 -25.41
N PRO C 76 -33.97 45.00 -26.13
CA PRO C 76 -32.60 45.45 -25.91
C PRO C 76 -32.33 46.85 -26.42
N GLY C 77 -31.15 47.38 -26.12
CA GLY C 77 -30.74 48.69 -26.53
C GLY C 77 -29.31 48.97 -26.14
N PRO C 78 -28.86 50.22 -26.26
CA PRO C 78 -27.52 50.57 -25.80
C PRO C 78 -27.40 50.40 -24.29
N GLU C 79 -26.22 49.96 -23.85
CA GLU C 79 -25.96 49.71 -22.45
C GLU C 79 -24.60 50.25 -22.05
N SER C 80 -24.50 50.68 -20.80
CA SER C 80 -23.23 51.18 -20.27
C SER C 80 -23.29 51.12 -18.75
N GLU C 81 -22.20 50.67 -18.14
CA GLU C 81 -22.07 50.71 -16.68
C GLU C 81 -21.63 52.13 -16.30
N ASP C 82 -22.62 53.01 -16.18
CA ASP C 82 -22.34 54.41 -15.92
C ASP C 82 -21.90 54.64 -14.49
N ARG C 83 -20.72 54.13 -14.15
CA ARG C 83 -20.09 54.34 -12.86
C ARG C 83 -18.61 54.05 -13.00
N PRO C 84 -17.77 54.57 -12.11
CA PRO C 84 -16.32 54.33 -12.20
C PRO C 84 -15.89 52.95 -11.74
N ILE C 85 -15.93 51.95 -12.62
CA ILE C 85 -15.44 50.62 -12.29
C ILE C 85 -13.93 50.64 -12.16
N ALA C 86 -13.43 50.38 -10.95
CA ALA C 86 -12.00 50.50 -10.65
C ALA C 86 -11.37 49.11 -10.55
N LEU C 87 -10.97 48.57 -11.69
CA LEU C 87 -10.29 47.29 -11.76
C LEU C 87 -9.18 47.37 -12.81
N ALA C 88 -8.15 46.56 -12.63
CA ALA C 88 -7.07 46.44 -13.59
C ALA C 88 -6.90 44.98 -13.95
N ARG C 89 -6.84 44.69 -15.25
CA ARG C 89 -6.75 43.31 -15.69
C ARG C 89 -5.38 42.73 -15.33
N THR C 90 -5.39 41.54 -14.73
CA THR C 90 -4.15 40.92 -14.29
C THR C 90 -3.37 40.35 -15.47
N ALA C 91 -4.05 39.96 -16.54
CA ALA C 91 -3.38 39.36 -17.69
C ALA C 91 -3.73 40.12 -18.95
N VAL C 92 -2.79 40.09 -19.90
CA VAL C 92 -3.04 40.71 -21.20
C VAL C 92 -4.08 39.92 -21.98
N SER C 93 -4.06 38.60 -21.85
CA SER C 93 -5.02 37.74 -22.53
C SER C 93 -6.38 37.80 -21.82
N GLU C 94 -7.41 37.36 -22.55
CA GLU C 94 -8.76 37.36 -22.02
C GLU C 94 -8.94 36.24 -21.00
N GLY C 95 -10.02 36.33 -20.24
CA GLY C 95 -10.42 35.25 -19.37
C GLY C 95 -9.68 35.14 -18.06
N PHE C 96 -9.10 36.22 -17.55
CA PHE C 96 -8.42 36.17 -16.28
C PHE C 96 -9.02 37.19 -15.32
N PRO C 97 -8.88 37.00 -14.02
CA PRO C 97 -9.51 37.92 -13.07
C PRO C 97 -8.96 39.32 -13.20
N HIS C 98 -9.81 40.31 -12.91
CA HIS C 98 -9.40 41.70 -12.85
C HIS C 98 -9.22 42.08 -11.40
N ALA C 99 -8.00 42.46 -11.03
CA ALA C 99 -7.70 42.78 -9.65
C ALA C 99 -8.25 44.15 -9.28
N PRO C 100 -8.79 44.32 -8.08
CA PRO C 100 -9.23 45.64 -7.64
C PRO C 100 -8.05 46.57 -7.41
N THR C 101 -8.20 47.82 -7.85
CA THR C 101 -7.19 48.85 -7.64
C THR C 101 -7.69 49.77 -6.55
N GLY C 102 -7.45 49.38 -5.30
CA GLY C 102 -7.95 50.12 -4.16
C GLY C 102 -8.65 49.21 -3.16
N ASP C 103 -9.60 49.76 -2.41
CA ASP C 103 -10.39 48.93 -1.50
C ASP C 103 -11.63 48.48 -2.24
N PRO C 104 -11.77 47.19 -2.55
CA PRO C 104 -12.94 46.74 -3.32
C PRO C 104 -14.25 46.95 -2.58
N MET C 105 -14.24 46.86 -1.25
CA MET C 105 -15.47 47.08 -0.48
C MET C 105 -15.97 48.51 -0.64
N LYS C 106 -15.06 49.45 -0.88
CA LYS C 106 -15.45 50.84 -1.06
C LYS C 106 -15.66 51.22 -2.51
N ASP C 107 -14.91 50.62 -3.43
CA ASP C 107 -15.06 50.95 -4.85
C ASP C 107 -16.31 50.33 -5.45
N GLY C 108 -16.90 49.32 -4.80
CA GLY C 108 -18.07 48.66 -5.32
C GLY C 108 -17.77 47.76 -6.51
N VAL C 109 -16.85 46.82 -6.33
CA VAL C 109 -16.48 45.88 -7.36
C VAL C 109 -16.42 44.49 -6.76
N GLY C 110 -16.43 43.48 -7.62
CA GLY C 110 -16.46 42.11 -7.19
C GLY C 110 -17.73 41.79 -6.45
N PRO C 111 -17.64 41.00 -5.39
CA PRO C 111 -18.83 40.69 -4.60
C PRO C 111 -19.45 41.89 -3.93
N ALA C 112 -18.76 43.02 -3.88
CA ALA C 112 -19.30 44.26 -3.35
C ALA C 112 -19.88 45.16 -4.44
N SER C 113 -20.02 44.65 -5.66
CA SER C 113 -20.45 45.47 -6.77
C SER C 113 -21.88 45.97 -6.56
N TRP C 114 -22.17 47.13 -7.13
CA TRP C 114 -23.51 47.69 -7.12
C TRP C 114 -23.81 48.22 -8.50
N VAL C 115 -25.10 48.37 -8.79
CA VAL C 115 -25.59 48.80 -10.09
C VAL C 115 -26.17 50.20 -9.96
N ALA C 116 -25.87 51.05 -10.94
CA ALA C 116 -26.41 52.39 -10.96
C ALA C 116 -27.88 52.37 -11.31
N ARG C 117 -28.72 51.96 -10.36
CA ARG C 117 -30.15 51.97 -10.55
C ARG C 117 -30.68 53.40 -10.41
N ARG C 118 -31.96 53.57 -10.74
CA ARG C 118 -32.58 54.87 -10.62
C ARG C 118 -32.55 55.34 -9.17
N ASP C 119 -32.17 56.61 -8.98
CA ASP C 119 -32.11 57.18 -7.64
C ASP C 119 -33.46 57.78 -7.26
N LEU C 120 -34.48 56.93 -7.32
CA LEU C 120 -35.83 57.28 -6.94
C LEU C 120 -36.41 56.21 -6.05
N PRO C 121 -37.33 56.56 -5.15
CA PRO C 121 -37.89 55.55 -4.25
C PRO C 121 -38.72 54.53 -5.01
N GLU C 122 -39.01 53.43 -4.32
CA GLU C 122 -39.81 52.37 -4.91
C GLU C 122 -41.29 52.61 -4.63
N LEU C 123 -42.06 52.77 -5.70
CA LEU C 123 -43.47 53.14 -5.61
C LEU C 123 -44.34 51.90 -5.72
N ASP C 124 -45.32 51.78 -4.82
CA ASP C 124 -46.24 50.65 -4.85
C ASP C 124 -47.32 50.90 -5.90
N GLY C 125 -48.40 50.11 -5.84
CA GLY C 125 -49.53 50.34 -6.74
C GLY C 125 -50.38 51.54 -6.35
N HIS C 126 -50.28 51.99 -5.10
CA HIS C 126 -50.98 53.17 -4.64
C HIS C 126 -50.20 54.46 -4.88
N GLY C 127 -49.02 54.36 -5.51
CA GLY C 127 -48.20 55.54 -5.74
C GLY C 127 -47.43 56.02 -4.54
N HIS C 128 -47.22 55.18 -3.54
CA HIS C 128 -46.53 55.56 -2.32
C HIS C 128 -45.24 54.76 -2.19
N ASN C 129 -44.39 55.18 -1.26
CA ASN C 129 -43.15 54.46 -1.02
C ASN C 129 -43.45 53.03 -0.63
N LYS C 130 -42.91 52.08 -1.42
CA LYS C 130 -43.15 50.68 -1.13
C LYS C 130 -42.60 50.31 0.24
N ILE C 131 -41.41 50.79 0.55
CA ILE C 131 -40.75 50.49 1.81
C ILE C 131 -40.59 51.79 2.59
N LYS C 132 -40.98 51.76 3.86
CA LYS C 132 -40.81 52.90 4.73
C LYS C 132 -40.52 52.37 6.13
N PRO C 133 -39.87 53.15 6.99
CA PRO C 133 -39.55 52.64 8.33
C PRO C 133 -40.81 52.33 9.13
N MET C 134 -40.66 51.65 10.27
CA MET C 134 -41.82 51.26 11.06
C MET C 134 -42.63 52.48 11.48
N LYS C 135 -41.95 53.55 11.90
CA LYS C 135 -42.66 54.75 12.32
C LYS C 135 -43.43 55.37 11.16
N ALA C 136 -42.81 55.44 9.99
CA ALA C 136 -43.46 56.06 8.84
C ALA C 136 -44.72 55.32 8.45
N ALA C 137 -44.69 53.99 8.52
CA ALA C 137 -45.88 53.20 8.29
C ALA C 137 -46.90 53.42 9.41
N ALA C 138 -48.17 53.34 9.05
CA ALA C 138 -49.27 53.60 9.99
C ALA C 138 -49.93 52.29 10.37
N GLY C 139 -49.72 51.87 11.63
CA GLY C 139 -50.33 50.67 12.15
C GLY C 139 -49.47 49.44 12.10
N PHE C 140 -48.33 49.46 11.41
CA PHE C 140 -47.49 48.28 11.31
C PHE C 140 -46.79 48.00 12.63
N TYR C 141 -46.81 46.74 13.05
CA TYR C 141 -46.18 46.32 14.29
C TYR C 141 -45.63 44.91 14.11
N VAL C 142 -44.73 44.53 15.00
CA VAL C 142 -44.18 43.18 14.96
C VAL C 142 -45.27 42.21 15.37
N SER C 143 -45.84 41.51 14.38
CA SER C 143 -46.98 40.65 14.63
C SER C 143 -46.58 39.34 15.31
N ALA C 144 -45.39 38.84 15.01
CA ALA C 144 -44.93 37.58 15.57
C ALA C 144 -43.42 37.50 15.42
N GLY C 145 -42.83 36.55 16.13
CA GLY C 145 -41.40 36.40 16.12
C GLY C 145 -40.72 37.36 17.08
N LYS C 146 -39.39 37.23 17.14
CA LYS C 146 -38.61 38.13 17.98
C LYS C 146 -38.74 39.57 17.49
N ASN C 147 -38.78 40.51 18.43
CA ASN C 147 -38.83 41.92 18.08
C ASN C 147 -37.43 42.48 18.18
N PRO C 148 -36.75 42.75 17.07
CA PRO C 148 -35.33 43.10 17.10
C PRO C 148 -35.09 44.60 17.22
N ILE C 149 -35.67 45.23 18.23
CA ILE C 149 -35.50 46.66 18.46
C ILE C 149 -34.80 46.85 19.80
N GLY C 150 -33.73 47.64 19.79
CA GLY C 150 -32.90 47.83 20.96
C GLY C 150 -31.86 46.76 21.18
N LEU C 151 -31.82 45.74 20.34
CA LEU C 151 -30.91 44.65 20.53
C LEU C 151 -29.50 45.04 20.05
N PRO C 152 -28.46 44.54 20.71
CA PRO C 152 -27.10 44.80 20.23
C PRO C 152 -26.83 44.07 18.92
N VAL C 153 -25.93 44.64 18.13
CA VAL C 153 -25.55 44.09 16.84
C VAL C 153 -24.07 43.73 16.90
N ARG C 154 -23.76 42.47 16.67
CA ARG C 154 -22.42 41.93 16.87
C ARG C 154 -21.81 41.54 15.54
N GLY C 155 -20.70 42.18 15.19
CA GLY C 155 -20.05 41.93 13.92
C GLY C 155 -19.34 40.60 13.88
N CYS C 156 -18.74 40.31 12.74
CA CYS C 156 -18.07 39.03 12.54
C CYS C 156 -16.81 38.89 13.40
N ASP C 157 -16.30 39.99 13.95
CA ASP C 157 -15.18 39.95 14.89
C ASP C 157 -15.63 39.81 16.33
N LEU C 158 -16.93 39.67 16.56
CA LEU C 158 -17.51 39.53 17.90
C LEU C 158 -17.33 40.78 18.74
N GLU C 159 -17.53 41.96 18.16
CA GLU C 159 -17.57 43.21 18.91
C GLU C 159 -18.80 44.00 18.49
N ILE C 160 -19.49 44.56 19.49
CA ILE C 160 -20.73 45.28 19.20
C ILE C 160 -20.43 46.51 18.35
N ALA C 161 -21.25 46.73 17.32
CA ALA C 161 -21.12 47.88 16.46
C ALA C 161 -22.24 48.88 16.64
N GLY C 162 -23.35 48.50 17.24
CA GLY C 162 -24.46 49.41 17.41
C GLY C 162 -25.67 48.68 17.96
N LYS C 163 -26.80 49.39 17.92
CA LYS C 163 -28.06 48.85 18.42
C LYS C 163 -29.14 49.07 17.36
N VAL C 164 -30.08 48.14 17.28
CA VAL C 164 -31.17 48.27 16.32
C VAL C 164 -32.17 49.29 16.85
N VAL C 165 -32.64 50.15 15.98
CA VAL C 165 -33.54 51.23 16.33
C VAL C 165 -34.91 51.05 15.68
N ASP C 166 -34.94 50.76 14.39
CA ASP C 166 -36.20 50.67 13.68
C ASP C 166 -36.10 49.62 12.58
N ILE C 167 -37.27 49.19 12.10
CA ILE C 167 -37.39 48.24 11.01
C ILE C 167 -38.11 48.93 9.86
N TRP C 168 -37.57 48.80 8.66
CA TRP C 168 -38.22 49.30 7.47
C TRP C 168 -39.05 48.17 6.85
N VAL C 169 -40.32 48.44 6.62
CA VAL C 169 -41.24 47.42 6.17
C VAL C 169 -41.80 47.78 4.80
N ASP C 170 -42.38 46.79 4.14
CA ASP C 170 -42.94 46.90 2.80
C ASP C 170 -44.45 47.06 2.93
N ILE C 171 -45.01 48.03 2.21
CA ILE C 171 -46.42 48.34 2.38
C ILE C 171 -47.28 47.30 1.68
N PRO C 172 -47.12 47.05 0.37
CA PRO C 172 -47.99 46.05 -0.28
C PRO C 172 -47.60 44.62 0.04
N GLU C 173 -46.42 44.37 0.59
CA GLU C 173 -45.97 43.02 0.90
C GLU C 173 -46.09 42.67 2.37
N GLN C 174 -46.03 43.67 3.25
CA GLN C 174 -45.97 43.44 4.70
C GLN C 174 -44.79 42.55 5.07
N MET C 175 -43.63 42.85 4.51
CA MET C 175 -42.40 42.11 4.76
C MET C 175 -41.39 43.03 5.42
N ALA C 176 -40.61 42.48 6.36
CA ALA C 176 -39.61 43.27 7.04
C ALA C 176 -38.31 43.29 6.23
N ARG C 177 -38.07 44.40 5.53
CA ARG C 177 -36.95 44.50 4.60
C ARG C 177 -35.64 44.84 5.29
N PHE C 178 -35.61 45.96 6.03
CA PHE C 178 -34.36 46.50 6.54
C PHE C 178 -34.43 46.75 8.04
N LEU C 179 -33.28 46.58 8.68
CA LEU C 179 -33.07 46.99 10.08
C LEU C 179 -32.24 48.26 10.11
N GLU C 180 -32.69 49.24 10.88
CA GLU C 180 -31.91 50.45 11.11
C GLU C 180 -31.02 50.25 12.32
N VAL C 181 -29.73 50.53 12.18
CA VAL C 181 -28.74 50.31 13.22
C VAL C 181 -28.02 51.61 13.51
N GLU C 182 -27.90 51.95 14.80
CA GLU C 182 -27.14 53.12 15.23
C GLU C 182 -25.79 52.68 15.76
N LEU C 183 -24.74 53.36 15.30
CA LEU C 183 -23.38 53.09 15.74
C LEU C 183 -23.01 54.01 16.90
N LYS C 184 -21.72 54.03 17.22
CA LYS C 184 -21.24 54.87 18.32
C LYS C 184 -21.44 56.34 18.06
N ASP C 185 -21.45 56.76 16.79
CA ASP C 185 -21.52 58.17 16.44
C ASP C 185 -22.95 58.68 16.31
N GLY C 186 -23.95 57.85 16.62
CA GLY C 186 -25.33 58.29 16.59
C GLY C 186 -25.97 58.32 15.22
N SER C 187 -25.25 57.92 14.18
CA SER C 187 -25.80 57.88 12.83
C SER C 187 -26.38 56.49 12.55
N THR C 188 -27.23 56.42 11.53
CA THR C 188 -27.98 55.22 11.21
C THR C 188 -27.52 54.61 9.90
N ARG C 189 -27.35 53.29 9.91
CA ARG C 189 -27.08 52.52 8.71
C ARG C 189 -28.18 51.48 8.54
N LEU C 190 -28.51 51.19 7.28
CA LEU C 190 -29.51 50.18 6.97
C LEU C 190 -28.83 48.84 6.75
N LEU C 191 -29.47 47.77 7.22
CA LEU C 191 -29.00 46.41 7.04
C LEU C 191 -30.11 45.59 6.41
N PRO C 192 -29.88 44.93 5.27
CA PRO C 192 -30.86 43.98 4.78
C PRO C 192 -31.06 42.84 5.77
N MET C 193 -32.31 42.42 5.94
CA MET C 193 -32.60 41.41 6.93
C MET C 193 -32.15 40.02 6.51
N GLN C 194 -31.86 39.81 5.23
CA GLN C 194 -31.37 38.52 4.77
C GLN C 194 -29.95 38.25 5.22
N MET C 195 -29.27 39.24 5.80
CA MET C 195 -27.89 39.10 6.23
C MET C 195 -27.74 39.07 7.74
N VAL C 196 -28.81 39.24 8.49
CA VAL C 196 -28.76 39.33 9.94
C VAL C 196 -29.37 38.08 10.55
N LYS C 197 -28.72 37.56 11.58
CA LYS C 197 -29.18 36.40 12.34
C LYS C 197 -29.78 36.94 13.63
N VAL C 198 -31.11 37.07 13.65
CA VAL C 198 -31.80 37.65 14.79
C VAL C 198 -31.95 36.61 15.89
N GLN C 199 -31.03 36.61 16.83
CA GLN C 199 -31.07 35.67 17.95
C GLN C 199 -31.99 36.20 19.05
N SER C 200 -31.98 35.54 20.20
CA SER C 200 -32.85 35.95 21.31
C SER C 200 -32.34 37.20 22.01
N ASN C 201 -31.02 37.36 22.11
CA ASN C 201 -30.43 38.47 22.84
C ASN C 201 -29.54 39.37 21.99
N ARG C 202 -29.41 39.10 20.69
CA ARG C 202 -28.55 39.89 19.84
C ARG C 202 -28.97 39.69 18.38
N VAL C 203 -28.49 40.58 17.51
CA VAL C 203 -28.71 40.46 16.08
C VAL C 203 -27.37 40.35 15.38
N HIS C 204 -26.90 39.12 15.17
CA HIS C 204 -25.57 38.89 14.65
C HIS C 204 -25.48 39.21 13.17
N VAL C 205 -24.30 39.61 12.73
CA VAL C 205 -24.04 39.89 11.31
C VAL C 205 -22.71 39.23 10.99
N ASN C 206 -22.76 38.14 10.22
CA ASN C 206 -21.54 37.44 9.84
C ASN C 206 -20.83 38.11 8.67
N ALA C 207 -21.53 38.97 7.92
CA ALA C 207 -20.93 39.56 6.73
C ALA C 207 -19.88 40.60 7.09
N LEU C 208 -20.17 41.46 8.05
CA LEU C 208 -19.35 42.63 8.34
C LEU C 208 -18.67 42.50 9.69
N SER C 209 -17.42 42.98 9.76
CA SER C 209 -16.75 43.15 11.03
C SER C 209 -17.28 44.41 11.72
N SER C 210 -16.93 44.55 13.00
CA SER C 210 -17.45 45.65 13.79
C SER C 210 -16.99 47.00 13.25
N ASP C 211 -15.75 47.07 12.78
CA ASP C 211 -15.24 48.32 12.23
C ASP C 211 -15.49 48.42 10.72
N LEU C 212 -16.72 48.11 10.31
CA LEU C 212 -17.14 48.30 8.94
C LEU C 212 -18.56 48.83 8.82
N PHE C 213 -19.34 48.84 9.89
CA PHE C 213 -20.71 49.33 9.79
C PHE C 213 -20.75 50.81 9.45
N ALA C 214 -19.73 51.56 9.84
CA ALA C 214 -19.65 52.96 9.45
C ALA C 214 -19.34 53.10 7.96
N GLY C 215 -18.69 52.09 7.38
CA GLY C 215 -18.44 52.07 5.96
C GLY C 215 -19.64 51.74 5.11
N ILE C 216 -20.74 51.34 5.73
CA ILE C 216 -21.98 51.12 4.99
C ILE C 216 -22.43 52.44 4.38
N PRO C 217 -22.85 52.48 3.12
CA PRO C 217 -23.38 53.72 2.56
C PRO C 217 -24.60 54.21 3.32
N THR C 218 -24.76 55.53 3.34
CA THR C 218 -25.86 56.17 4.03
C THR C 218 -26.98 56.53 3.06
N ILE C 219 -27.98 57.25 3.56
CA ILE C 219 -29.17 57.57 2.78
C ILE C 219 -29.42 59.08 2.83
N LYS C 220 -29.77 59.65 1.66
CA LYS C 220 -30.02 61.08 1.58
C LYS C 220 -31.20 61.50 2.45
N SER C 221 -32.21 60.64 2.56
CA SER C 221 -33.34 60.91 3.43
C SER C 221 -33.43 59.86 4.51
N PRO C 222 -33.92 60.21 5.71
CA PRO C 222 -34.07 59.23 6.78
C PRO C 222 -35.38 58.46 6.75
N THR C 223 -36.21 58.66 5.73
CA THR C 223 -37.51 57.99 5.68
C THR C 223 -37.74 57.30 4.34
N GLU C 224 -37.15 57.83 3.27
CA GLU C 224 -37.25 57.24 1.95
C GLU C 224 -35.89 56.74 1.51
N VAL C 225 -35.86 55.56 0.91
CA VAL C 225 -34.64 54.95 0.39
C VAL C 225 -34.87 54.64 -1.09
N THR C 226 -33.91 55.05 -1.92
CA THR C 226 -34.05 54.83 -3.35
C THR C 226 -33.35 53.53 -3.76
N LEU C 227 -33.66 53.09 -4.99
CA LEU C 227 -33.12 51.83 -5.48
C LEU C 227 -31.60 51.87 -5.52
N LEU C 228 -31.03 53.03 -5.87
CA LEU C 228 -29.58 53.16 -5.89
C LEU C 228 -28.99 52.95 -4.51
N GLU C 229 -29.60 53.56 -3.50
CA GLU C 229 -29.11 53.40 -2.14
C GLU C 229 -29.27 51.96 -1.65
N GLU C 230 -30.40 51.34 -1.96
CA GLU C 230 -30.62 49.95 -1.56
C GLU C 230 -29.57 49.04 -2.19
N ASP C 231 -29.30 49.24 -3.48
CA ASP C 231 -28.30 48.44 -4.16
C ASP C 231 -26.91 48.66 -3.56
N LYS C 232 -26.56 49.91 -3.27
CA LYS C 232 -25.24 50.18 -2.68
C LYS C 232 -25.11 49.51 -1.31
N ILE C 233 -26.15 49.62 -0.49
CA ILE C 233 -26.11 49.03 0.84
C ILE C 233 -25.97 47.53 0.76
N CYS C 234 -26.78 46.90 -0.09
CA CYS C 234 -26.74 45.44 -0.21
C CYS C 234 -25.41 44.96 -0.77
N GLY C 235 -24.89 45.64 -1.79
CA GLY C 235 -23.61 45.24 -2.34
C GLY C 235 -22.49 45.36 -1.33
N TYR C 236 -22.46 46.47 -0.59
CA TYR C 236 -21.43 46.64 0.43
C TYR C 236 -21.56 45.56 1.51
N VAL C 237 -22.77 45.28 1.97
CA VAL C 237 -22.93 44.32 3.05
C VAL C 237 -22.51 42.93 2.59
N ALA C 238 -22.92 42.52 1.39
CA ALA C 238 -22.57 41.20 0.90
C ALA C 238 -21.11 41.08 0.47
N GLY C 239 -20.43 42.20 0.21
CA GLY C 239 -19.02 42.12 -0.10
C GLY C 239 -18.15 41.74 1.09
N GLY C 240 -18.65 41.91 2.31
CA GLY C 240 -17.87 41.59 3.48
C GLY C 240 -17.64 40.12 3.68
N LEU C 241 -18.41 39.26 3.02
CA LEU C 241 -18.19 37.83 3.13
C LEU C 241 -16.83 37.42 2.58
N MET C 242 -16.40 38.07 1.50
CA MET C 242 -15.09 37.77 0.93
C MET C 242 -14.00 38.70 1.46
N TYR C 243 -14.33 39.96 1.68
CA TYR C 243 -13.32 40.98 1.92
C TYR C 243 -13.10 41.25 3.41
N ALA C 244 -14.14 41.12 4.23
CA ALA C 244 -14.02 41.27 5.67
C ALA C 244 -13.70 39.93 6.32
N ALA C 245 -13.48 38.91 5.50
CA ALA C 245 -13.15 37.57 5.94
C ALA C 245 -11.89 37.52 6.79
N PRO C 246 -10.76 38.17 6.39
CA PRO C 246 -9.51 37.98 7.14
C PRO C 246 -9.60 38.40 8.60
N LYS C 247 -10.54 39.28 8.92
CA LYS C 247 -10.79 39.66 10.31
C LYS C 247 -11.91 38.82 10.92
N ARG C 248 -11.78 37.50 10.80
CA ARG C 248 -12.77 36.55 11.32
C ARG C 248 -14.21 36.92 10.96
N SER D 2 16.76 20.98 -18.34
CA SER D 2 17.24 21.58 -17.11
C SER D 2 16.57 22.93 -16.83
N LYS D 3 15.58 23.28 -17.65
CA LYS D 3 14.75 24.45 -17.42
C LYS D 3 13.35 24.09 -16.96
N PHE D 4 13.13 22.84 -16.53
CA PHE D 4 11.84 22.45 -15.99
C PHE D 4 11.51 23.19 -14.70
N TYR D 5 12.51 23.72 -14.00
CA TYR D 5 12.24 24.49 -12.80
C TYR D 5 11.36 25.69 -13.10
N LYS D 6 11.32 26.13 -14.37
CA LYS D 6 10.48 27.26 -14.74
C LYS D 6 8.99 26.94 -14.70
N ILE D 7 8.60 25.67 -14.53
CA ILE D 7 7.19 25.37 -14.32
C ILE D 7 6.70 26.07 -13.06
N TRP D 8 7.62 26.29 -12.11
CA TRP D 8 7.28 27.03 -10.91
C TRP D 8 7.28 28.53 -11.16
N MET D 9 7.77 28.98 -12.30
CA MET D 9 7.68 30.40 -12.65
C MET D 9 6.35 30.74 -13.30
N ILE D 10 5.48 29.77 -13.53
CA ILE D 10 4.14 29.98 -14.05
C ILE D 10 3.08 29.58 -13.03
N PHE D 11 3.21 28.41 -12.44
CA PHE D 11 2.24 27.91 -11.47
C PHE D 11 2.73 28.14 -10.06
N ASP D 12 1.83 28.58 -9.20
CA ASP D 12 2.19 28.80 -7.80
C ASP D 12 2.36 27.45 -7.11
N PRO D 13 3.55 27.13 -6.59
CA PRO D 13 3.76 25.81 -6.00
C PRO D 13 2.86 25.52 -4.81
N ARG D 14 2.47 26.55 -4.05
CA ARG D 14 1.65 26.36 -2.86
C ARG D 14 0.38 25.58 -3.18
N ARG D 15 -0.13 25.72 -4.40
CA ARG D 15 -1.33 25.02 -4.83
C ARG D 15 -1.04 23.76 -5.60
N VAL D 16 0.02 23.76 -6.42
CA VAL D 16 0.36 22.59 -7.21
C VAL D 16 0.71 21.42 -6.31
N PHE D 17 1.35 21.69 -5.17
CA PHE D 17 1.67 20.58 -4.27
C PHE D 17 0.42 19.93 -3.70
N VAL D 18 -0.56 20.74 -3.30
CA VAL D 18 -1.82 20.18 -2.80
C VAL D 18 -2.50 19.39 -3.91
N ALA D 19 -2.48 19.92 -5.13
CA ALA D 19 -3.08 19.23 -6.26
C ALA D 19 -2.42 17.88 -6.49
N GLN D 20 -1.09 17.84 -6.45
CA GLN D 20 -0.37 16.59 -6.63
C GLN D 20 -0.69 15.61 -5.51
N GLY D 21 -0.78 16.09 -4.28
CA GLY D 21 -1.09 15.19 -3.18
C GLY D 21 -2.43 14.50 -3.36
N VAL D 22 -3.47 15.28 -3.66
CA VAL D 22 -4.78 14.68 -3.86
C VAL D 22 -4.77 13.76 -5.08
N PHE D 23 -4.08 14.19 -6.15
CA PHE D 23 -4.02 13.36 -7.36
C PHE D 23 -3.40 12.01 -7.06
N LEU D 24 -2.25 12.01 -6.37
CA LEU D 24 -1.55 10.77 -6.12
C LEU D 24 -2.34 9.86 -5.20
N PHE D 25 -2.97 10.42 -4.17
CA PHE D 25 -3.78 9.56 -3.30
C PHE D 25 -4.94 8.95 -4.06
N LEU D 26 -5.61 9.74 -4.91
CA LEU D 26 -6.71 9.20 -5.69
C LEU D 26 -6.23 8.10 -6.64
N LEU D 27 -5.09 8.32 -7.29
CA LEU D 27 -4.56 7.33 -8.22
C LEU D 27 -4.17 6.04 -7.50
N ALA D 28 -3.57 6.16 -6.31
CA ALA D 28 -3.23 4.97 -5.54
C ALA D 28 -4.49 4.20 -5.13
N VAL D 29 -5.51 4.92 -4.65
CA VAL D 29 -6.76 4.26 -4.30
C VAL D 29 -7.36 3.59 -5.53
N MET D 30 -7.25 4.23 -6.69
CA MET D 30 -7.77 3.66 -7.93
C MET D 30 -7.10 2.34 -8.26
N ILE D 31 -5.76 2.30 -8.25
CA ILE D 31 -5.07 1.08 -8.65
C ILE D 31 -5.29 -0.03 -7.61
N HIS D 32 -5.37 0.35 -6.34
CA HIS D 32 -5.67 -0.65 -5.31
C HIS D 32 -7.06 -1.26 -5.53
N LEU D 33 -8.05 -0.44 -5.86
CA LEU D 33 -9.38 -0.98 -6.12
C LEU D 33 -9.40 -1.83 -7.38
N ILE D 34 -8.67 -1.42 -8.41
CA ILE D 34 -8.57 -2.24 -9.62
C ILE D 34 -8.01 -3.62 -9.29
N LEU D 35 -6.94 -3.66 -8.49
CA LEU D 35 -6.37 -4.95 -8.14
C LEU D 35 -7.31 -5.76 -7.26
N LEU D 36 -7.93 -5.13 -6.27
CA LEU D 36 -8.82 -5.87 -5.39
C LEU D 36 -10.00 -6.46 -6.15
N SER D 37 -10.43 -5.81 -7.22
CA SER D 37 -11.53 -6.35 -7.99
C SER D 37 -11.09 -7.54 -8.83
N THR D 38 -9.80 -7.68 -9.09
CA THR D 38 -9.30 -8.81 -9.87
C THR D 38 -9.33 -10.07 -9.02
N PRO D 39 -9.85 -11.18 -9.53
CA PRO D 39 -9.77 -12.44 -8.78
C PRO D 39 -8.34 -12.88 -8.51
N SER D 40 -7.41 -12.64 -9.44
CA SER D 40 -6.04 -13.09 -9.27
C SER D 40 -5.23 -12.17 -8.37
N TYR D 41 -5.79 -11.04 -7.96
CA TYR D 41 -5.08 -10.10 -7.10
C TYR D 41 -5.85 -9.69 -5.87
N ASN D 42 -7.05 -10.22 -5.64
CA ASN D 42 -7.87 -9.79 -4.51
C ASN D 42 -7.29 -10.29 -3.21
N TRP D 43 -6.33 -9.55 -2.66
CA TRP D 43 -5.60 -10.00 -1.49
C TRP D 43 -6.43 -10.01 -0.21
N LEU D 44 -7.63 -9.43 -0.24
CA LEU D 44 -8.49 -9.43 0.93
C LEU D 44 -9.45 -10.61 0.95
N GLU D 45 -9.32 -11.55 0.01
CA GLU D 45 -10.10 -12.79 -0.06
C GLU D 45 -11.57 -12.59 0.27
N ASP E 5 11.76 36.42 -15.26
CA ASP E 5 11.32 36.54 -16.64
C ASP E 5 9.82 36.82 -16.71
N LEU E 6 9.03 35.79 -17.00
CA LEU E 6 7.58 35.96 -17.10
C LEU E 6 6.99 36.42 -15.78
N GLY E 7 7.40 35.78 -14.68
CA GLY E 7 6.98 36.22 -13.36
C GLY E 7 5.49 36.20 -13.12
N TYR E 8 4.80 35.20 -13.68
CA TYR E 8 3.37 35.05 -13.41
C TYR E 8 3.09 34.77 -11.94
N THR E 9 4.07 34.26 -11.19
CA THR E 9 3.86 33.85 -9.81
C THR E 9 4.75 34.60 -8.82
N GLY E 10 5.54 35.56 -9.27
CA GLY E 10 6.42 36.26 -8.36
C GLY E 10 7.52 35.41 -7.76
N LEU E 11 8.08 34.49 -8.54
CA LEU E 11 9.20 33.68 -8.10
C LEU E 11 10.44 34.06 -8.89
N THR E 12 11.51 34.39 -8.18
CA THR E 12 12.80 34.63 -8.81
C THR E 12 13.39 33.31 -9.30
N ASP E 13 14.41 33.43 -10.15
CA ASP E 13 15.01 32.22 -10.72
C ASP E 13 15.62 31.34 -9.64
N GLU E 14 16.35 31.94 -8.70
CA GLU E 14 17.04 31.12 -7.70
C GLU E 14 16.05 30.45 -6.74
N GLN E 15 14.96 31.15 -6.39
CA GLN E 15 13.94 30.56 -5.56
C GLN E 15 13.28 29.38 -6.25
N ALA E 16 12.98 29.54 -7.54
CA ALA E 16 12.41 28.44 -8.31
C ALA E 16 13.39 27.27 -8.39
N GLN E 17 14.68 27.57 -8.57
CA GLN E 17 15.67 26.51 -8.64
C GLN E 17 15.72 25.72 -7.35
N GLU E 18 15.74 26.43 -6.22
CA GLU E 18 15.81 25.75 -4.92
C GLU E 18 14.58 24.90 -4.69
N LEU E 19 13.39 25.46 -4.93
CA LEU E 19 12.16 24.71 -4.71
C LEU E 19 12.08 23.52 -5.65
N HIS E 20 12.48 23.70 -6.90
CA HIS E 20 12.43 22.60 -7.86
C HIS E 20 13.40 21.49 -7.47
N SER E 21 14.58 21.86 -6.97
CA SER E 21 15.52 20.84 -6.50
C SER E 21 14.92 20.04 -5.35
N VAL E 22 14.28 20.72 -4.39
CA VAL E 22 13.66 20.00 -3.27
C VAL E 22 12.56 19.09 -3.79
N TYR E 23 11.72 19.60 -4.71
CA TYR E 23 10.62 18.83 -5.25
C TYR E 23 11.12 17.59 -5.98
N MET E 24 12.17 17.73 -6.78
CA MET E 24 12.68 16.58 -7.54
C MET E 24 13.39 15.59 -6.63
N SER E 25 14.02 16.06 -5.56
CA SER E 25 14.58 15.13 -4.59
C SER E 25 13.48 14.25 -3.99
N GLY E 26 12.40 14.88 -3.53
CA GLY E 26 11.27 14.12 -3.03
C GLY E 26 10.67 13.21 -4.08
N LEU E 27 10.63 13.69 -5.33
CA LEU E 27 10.07 12.89 -6.42
C LEU E 27 10.88 11.65 -6.66
N TRP E 28 12.21 11.78 -6.70
CA TRP E 28 13.07 10.62 -6.91
C TRP E 28 12.96 9.65 -5.75
N LEU E 29 12.88 10.17 -4.52
CA LEU E 29 12.74 9.28 -3.37
C LEU E 29 11.44 8.47 -3.46
N PHE E 30 10.33 9.16 -3.76
CA PHE E 30 9.04 8.49 -3.88
C PHE E 30 9.05 7.49 -5.03
N SER E 31 9.65 7.86 -6.16
CA SER E 31 9.74 6.97 -7.31
C SER E 31 10.55 5.73 -6.98
N ALA E 32 11.65 5.90 -6.24
CA ALA E 32 12.46 4.75 -5.83
C ALA E 32 11.69 3.84 -4.88
N VAL E 33 10.96 4.41 -3.93
CA VAL E 33 10.17 3.59 -3.04
C VAL E 33 9.15 2.78 -3.81
N ALA E 34 8.48 3.42 -4.77
CA ALA E 34 7.50 2.72 -5.59
C ALA E 34 8.16 1.63 -6.43
N ILE E 35 9.36 1.90 -6.96
CA ILE E 35 10.06 0.91 -7.76
C ILE E 35 10.41 -0.30 -6.91
N VAL E 36 10.86 -0.08 -5.68
CA VAL E 36 11.21 -1.20 -4.81
C VAL E 36 9.97 -2.02 -4.47
N ALA E 37 8.87 -1.34 -4.15
CA ALA E 37 7.62 -2.07 -3.91
C ALA E 37 7.18 -2.83 -5.14
N HIS E 38 7.36 -2.24 -6.32
CA HIS E 38 6.95 -2.89 -7.56
C HIS E 38 7.77 -4.14 -7.83
N LEU E 39 9.08 -4.08 -7.62
CA LEU E 39 9.92 -5.26 -7.81
C LEU E 39 9.58 -6.33 -6.79
N ALA E 40 9.35 -5.94 -5.53
CA ALA E 40 8.99 -6.93 -4.52
C ALA E 40 7.68 -7.63 -4.88
N VAL E 41 6.68 -6.88 -5.32
CA VAL E 41 5.41 -7.48 -5.71
C VAL E 41 5.57 -8.32 -6.97
N TYR E 42 6.41 -7.88 -7.91
CA TYR E 42 6.62 -8.64 -9.13
C TYR E 42 7.28 -9.98 -8.83
N ILE E 43 8.25 -10.00 -7.93
CA ILE E 43 8.83 -11.26 -7.51
C ILE E 43 7.79 -12.11 -6.81
N TRP E 44 7.01 -11.52 -5.92
CA TRP E 44 6.01 -12.29 -5.19
C TRP E 44 4.93 -12.83 -6.11
N ARG E 45 4.45 -12.02 -7.03
CA ARG E 45 3.43 -12.45 -7.97
C ARG E 45 3.49 -11.57 -9.21
N PRO E 46 4.27 -11.97 -10.22
CA PRO E 46 4.43 -11.11 -11.39
C PRO E 46 3.14 -10.97 -12.16
N TRP E 47 3.01 -9.84 -12.85
CA TRP E 47 1.90 -9.58 -13.75
C TRP E 47 2.28 -9.76 -15.21
N PHE E 48 3.45 -10.34 -15.48
CA PHE E 48 3.85 -10.63 -16.84
C PHE E 48 4.35 -12.06 -16.96
N SER F 2 9.54 25.59 -37.56
CA SER F 2 10.56 26.34 -36.85
C SER F 2 9.97 27.55 -36.13
N LYS F 3 8.78 27.97 -36.55
CA LYS F 3 8.12 29.14 -35.99
C LYS F 3 6.84 28.75 -35.26
N PHE F 4 6.76 27.52 -34.75
CA PHE F 4 5.60 27.09 -33.98
C PHE F 4 5.58 27.68 -32.58
N TYR F 5 6.67 28.27 -32.10
CA TYR F 5 6.65 28.96 -30.83
C TYR F 5 5.66 30.11 -30.83
N LYS F 6 5.28 30.60 -32.00
CA LYS F 6 4.28 31.64 -32.10
C LYS F 6 2.92 31.18 -31.57
N ILE F 7 2.76 29.88 -31.33
CA ILE F 7 1.54 29.40 -30.67
C ILE F 7 1.41 29.99 -29.28
N TRP F 8 2.50 30.47 -28.69
CA TRP F 8 2.42 31.13 -27.41
C TRP F 8 2.16 32.61 -27.52
N MET F 9 2.10 33.14 -28.74
CA MET F 9 1.62 34.50 -29.00
C MET F 9 0.12 34.54 -29.21
N ILE F 10 -0.54 33.39 -29.11
CA ILE F 10 -1.99 33.31 -29.24
C ILE F 10 -2.63 32.89 -27.93
N PHE F 11 -2.04 31.93 -27.22
CA PHE F 11 -2.63 31.35 -26.03
C PHE F 11 -1.75 31.64 -24.81
N ASP F 12 -2.38 32.10 -23.74
CA ASP F 12 -1.68 32.22 -22.49
C ASP F 12 -1.26 30.83 -22.01
N PRO F 13 -0.01 30.66 -21.60
CA PRO F 13 0.46 29.32 -21.24
C PRO F 13 -0.33 28.68 -20.12
N ARG F 14 -0.90 29.48 -19.21
CA ARG F 14 -1.54 28.93 -18.02
C ARG F 14 -2.76 28.08 -18.38
N ARG F 15 -3.58 28.53 -19.33
CA ARG F 15 -4.76 27.76 -19.71
C ARG F 15 -4.38 26.58 -20.60
N VAL F 16 -3.43 26.79 -21.52
CA VAL F 16 -3.04 25.71 -22.42
C VAL F 16 -2.42 24.56 -21.65
N PHE F 17 -1.63 24.87 -20.62
CA PHE F 17 -0.97 23.80 -19.87
C PHE F 17 -2.00 22.92 -19.16
N VAL F 18 -2.99 23.52 -18.52
CA VAL F 18 -3.99 22.72 -17.81
C VAL F 18 -4.86 21.97 -18.81
N ALA F 19 -5.21 22.60 -19.92
CA ALA F 19 -5.97 21.89 -20.96
C ALA F 19 -5.21 20.68 -21.45
N GLN F 20 -3.92 20.83 -21.75
CA GLN F 20 -3.11 19.72 -22.23
C GLN F 20 -2.96 18.64 -21.17
N GLY F 21 -2.76 19.01 -19.92
CA GLY F 21 -2.63 18.01 -18.88
C GLY F 21 -3.87 17.18 -18.72
N VAL F 22 -5.03 17.84 -18.67
CA VAL F 22 -6.29 17.11 -18.58
C VAL F 22 -6.46 16.21 -19.80
N PHE F 23 -6.19 16.75 -20.98
CA PHE F 23 -6.35 15.97 -22.20
C PHE F 23 -5.49 14.72 -22.19
N LEU F 24 -4.21 14.88 -21.86
CA LEU F 24 -3.27 13.76 -21.90
C LEU F 24 -3.63 12.70 -20.87
N PHE F 25 -3.96 13.10 -19.65
CA PHE F 25 -4.28 12.08 -18.66
C PHE F 25 -5.59 11.39 -19.01
N LEU F 26 -6.56 12.13 -19.54
CA LEU F 26 -7.79 11.53 -20.02
C LEU F 26 -7.51 10.49 -21.07
N LEU F 27 -6.67 10.83 -22.05
CA LEU F 27 -6.33 9.89 -23.11
C LEU F 27 -5.61 8.66 -22.56
N ALA F 28 -4.71 8.85 -21.61
CA ALA F 28 -3.99 7.72 -21.03
C ALA F 28 -4.94 6.76 -20.35
N VAL F 29 -5.81 7.28 -19.48
CA VAL F 29 -6.78 6.41 -18.82
C VAL F 29 -7.70 5.76 -19.85
N MET F 30 -8.05 6.53 -20.88
CA MET F 30 -8.90 6.05 -21.96
C MET F 30 -8.31 4.80 -22.60
N ILE F 31 -7.04 4.87 -23.01
CA ILE F 31 -6.42 3.75 -23.71
C ILE F 31 -6.16 2.59 -22.77
N HIS F 32 -5.74 2.87 -21.54
CA HIS F 32 -5.55 1.80 -20.57
C HIS F 32 -6.84 1.03 -20.34
N LEU F 33 -7.96 1.74 -20.22
CA LEU F 33 -9.24 1.07 -20.00
C LEU F 33 -9.72 0.36 -21.25
N ILE F 34 -9.44 0.92 -22.43
CA ILE F 34 -9.75 0.21 -23.67
C ILE F 34 -9.07 -1.15 -23.69
N LEU F 35 -7.77 -1.16 -23.39
CA LEU F 35 -7.04 -2.42 -23.38
C LEU F 35 -7.56 -3.34 -22.29
N LEU F 36 -7.85 -2.80 -21.10
CA LEU F 36 -8.34 -3.62 -20.02
C LEU F 36 -9.75 -4.15 -20.27
N SER F 37 -10.43 -3.64 -21.31
CA SER F 37 -11.77 -4.11 -21.63
C SER F 37 -11.75 -5.30 -22.57
N THR F 38 -10.93 -5.23 -23.62
CA THR F 38 -10.82 -6.37 -24.53
C THR F 38 -10.17 -7.55 -23.82
N PRO F 39 -10.59 -8.78 -24.12
CA PRO F 39 -9.95 -9.94 -23.48
C PRO F 39 -8.56 -10.22 -23.99
N SER F 40 -8.19 -9.69 -25.16
CA SER F 40 -6.89 -10.00 -25.74
C SER F 40 -5.76 -9.30 -25.00
N TYR F 41 -6.02 -8.10 -24.48
CA TYR F 41 -4.96 -7.29 -23.88
C TYR F 41 -5.16 -7.01 -22.40
N ASN F 42 -6.15 -7.64 -21.76
CA ASN F 42 -6.32 -7.49 -20.33
C ASN F 42 -5.17 -8.22 -19.64
N TRP F 43 -4.11 -7.48 -19.31
CA TRP F 43 -2.90 -8.10 -18.79
C TRP F 43 -3.14 -8.84 -17.49
N LEU F 44 -4.09 -8.37 -16.68
CA LEU F 44 -4.44 -9.08 -15.45
C LEU F 44 -4.89 -10.51 -15.74
N GLU F 45 -5.82 -10.67 -16.66
CA GLU F 45 -6.32 -12.00 -16.99
C GLU F 45 -5.29 -12.81 -17.75
N ILE F 46 -4.47 -12.16 -18.58
CA ILE F 46 -3.38 -12.85 -19.27
C ILE F 46 -2.46 -13.51 -18.26
N SER F 47 -2.03 -12.74 -17.25
CA SER F 47 -1.14 -13.28 -16.24
C SER F 47 -1.83 -14.28 -15.33
N ALA F 48 -3.14 -14.12 -15.11
CA ALA F 48 -3.87 -15.10 -14.31
C ALA F 48 -3.92 -16.45 -15.00
N ALA F 49 -4.21 -16.47 -16.30
CA ALA F 49 -4.34 -17.72 -17.03
C ALA F 49 -2.98 -18.35 -17.34
N LYS F 50 -1.97 -17.53 -17.62
CA LYS F 50 -0.64 -18.08 -17.89
C LYS F 50 -0.09 -18.83 -16.69
N TYR F 51 -0.33 -18.31 -15.49
CA TYR F 51 0.19 -18.90 -14.27
C TYR F 51 -0.84 -19.74 -13.53
N ASN F 52 -2.01 -19.97 -14.13
CA ASN F 52 -2.99 -20.94 -13.64
C ASN F 52 -3.42 -20.62 -12.20
N ARG F 53 -3.83 -19.38 -12.00
CA ARG F 53 -4.23 -18.91 -10.68
C ARG F 53 -5.73 -19.03 -10.43
N VAL F 54 -6.48 -19.57 -11.38
CA VAL F 54 -7.91 -19.78 -11.19
C VAL F 54 -8.18 -21.27 -11.02
N LEU G 6 0.86 39.44 -34.21
CA LEU G 6 1.07 39.45 -32.77
C LEU G 6 -0.19 39.90 -32.03
N GLY G 7 -0.01 40.57 -30.91
CA GLY G 7 -1.14 41.09 -30.16
C GLY G 7 -1.30 40.52 -28.76
N TYR G 8 -2.34 39.73 -28.56
CA TYR G 8 -2.72 39.29 -27.23
C TYR G 8 -1.70 38.31 -26.66
N THR G 9 -1.94 37.91 -25.41
CA THR G 9 -1.16 37.10 -24.48
C THR G 9 0.00 37.86 -23.86
N GLY G 10 0.33 39.06 -24.34
CA GLY G 10 1.35 39.87 -23.69
C GLY G 10 2.68 39.19 -23.50
N LEU G 11 3.16 38.46 -24.52
CA LEU G 11 4.43 37.78 -24.45
C LEU G 11 5.38 38.33 -25.51
N THR G 12 6.67 38.16 -25.26
CA THR G 12 7.70 38.57 -26.19
C THR G 12 8.20 37.35 -26.98
N ASP G 13 8.86 37.63 -28.10
CA ASP G 13 9.36 36.54 -28.93
C ASP G 13 10.45 35.75 -28.23
N GLU G 14 11.28 36.41 -27.43
CA GLU G 14 12.29 35.67 -26.67
C GLU G 14 11.65 34.82 -25.59
N GLN G 15 10.68 35.38 -24.86
CA GLN G 15 9.96 34.61 -23.86
C GLN G 15 9.23 33.44 -24.50
N ALA G 16 8.58 33.68 -25.64
CA ALA G 16 7.87 32.61 -26.34
C ALA G 16 8.85 31.54 -26.81
N GLN G 17 10.01 31.94 -27.33
CA GLN G 17 11.01 30.97 -27.79
C GLN G 17 11.49 30.10 -26.64
N GLU G 18 11.81 30.72 -25.50
CA GLU G 18 12.26 29.95 -24.36
C GLU G 18 11.17 29.00 -23.86
N LEU G 19 9.94 29.50 -23.79
CA LEU G 19 8.82 28.68 -23.33
C LEU G 19 8.61 27.48 -24.25
N HIS G 20 8.64 27.72 -25.57
CA HIS G 20 8.48 26.62 -26.49
C HIS G 20 9.64 25.65 -26.42
N SER G 21 10.85 26.15 -26.16
CA SER G 21 12.00 25.25 -26.05
C SER G 21 11.84 24.32 -24.86
N VAL G 22 11.43 24.85 -23.71
CA VAL G 22 11.26 23.98 -22.55
C VAL G 22 10.09 23.04 -22.75
N TYR G 23 9.01 23.53 -23.35
CA TYR G 23 7.86 22.68 -23.64
C TYR G 23 8.22 21.56 -24.60
N MET G 24 9.08 21.86 -25.59
CA MET G 24 9.53 20.83 -26.50
C MET G 24 10.46 19.84 -25.80
N SER G 25 11.26 20.30 -24.85
CA SER G 25 12.07 19.37 -24.06
C SER G 25 11.17 18.39 -23.33
N GLY G 26 10.14 18.91 -22.65
CA GLY G 26 9.18 18.03 -22.00
C GLY G 26 8.44 17.13 -22.99
N LEU G 27 8.10 17.68 -24.15
CA LEU G 27 7.39 16.93 -25.18
C LEU G 27 8.21 15.73 -25.64
N TRP G 28 9.49 15.95 -25.94
CA TRP G 28 10.32 14.88 -26.46
C TRP G 28 10.67 13.89 -25.37
N LEU G 29 10.87 14.35 -24.13
CA LEU G 29 11.09 13.41 -23.03
C LEU G 29 9.88 12.50 -22.84
N PHE G 30 8.69 13.10 -22.82
CA PHE G 30 7.45 12.34 -22.66
C PHE G 30 7.25 11.38 -23.83
N SER G 31 7.48 11.86 -25.06
CA SER G 31 7.31 11.02 -26.23
C SER G 31 8.29 9.86 -26.24
N ALA G 32 9.53 10.11 -25.83
CA ALA G 32 10.53 9.04 -25.78
C ALA G 32 10.17 7.98 -24.75
N VAL G 33 9.72 8.43 -23.56
CA VAL G 33 9.32 7.45 -22.55
C VAL G 33 8.15 6.61 -23.06
N ALA G 34 7.19 7.26 -23.72
CA ALA G 34 6.08 6.53 -24.33
C ALA G 34 6.58 5.56 -25.39
N ILE G 35 7.55 5.97 -26.20
CA ILE G 35 8.05 5.11 -27.27
C ILE G 35 8.70 3.86 -26.69
N VAL G 36 9.53 4.02 -25.66
CA VAL G 36 10.17 2.87 -25.04
C VAL G 36 9.13 1.96 -24.41
N ALA G 37 8.11 2.53 -23.78
CA ALA G 37 7.02 1.73 -23.23
C ALA G 37 6.30 0.95 -24.34
N HIS G 38 6.03 1.61 -25.47
CA HIS G 38 5.32 0.96 -26.57
C HIS G 38 6.14 -0.17 -27.16
N LEU G 39 7.44 0.03 -27.31
CA LEU G 39 8.30 -1.03 -27.85
C LEU G 39 8.38 -2.20 -26.90
N ALA G 40 8.48 -1.94 -25.59
CA ALA G 40 8.48 -3.03 -24.62
C ALA G 40 7.18 -3.82 -24.69
N VAL G 41 6.05 -3.13 -24.78
CA VAL G 41 4.76 -3.83 -24.88
C VAL G 41 4.69 -4.63 -26.17
N TYR G 42 5.13 -4.04 -27.29
CA TYR G 42 5.09 -4.75 -28.56
C TYR G 42 5.95 -6.01 -28.54
N ILE G 43 7.09 -5.95 -27.86
CA ILE G 43 7.87 -7.16 -27.62
C ILE G 43 7.07 -8.13 -26.78
N TRP G 44 6.33 -7.62 -25.79
CA TRP G 44 5.59 -8.51 -24.90
C TRP G 44 4.37 -9.11 -25.59
N ARG G 45 3.63 -8.31 -26.35
CA ARG G 45 2.38 -8.77 -26.96
C ARG G 45 2.13 -7.90 -28.19
N PRO G 46 2.80 -8.19 -29.29
CA PRO G 46 2.67 -7.32 -30.47
C PRO G 46 1.24 -7.28 -30.98
N TRP G 47 0.86 -6.10 -31.48
CA TRP G 47 -0.48 -5.88 -32.00
C TRP G 47 -0.53 -5.90 -33.52
N PHE G 48 0.60 -6.04 -34.19
CA PHE G 48 0.62 -6.16 -35.64
C PHE G 48 1.33 -7.43 -36.07
N SER H 2 -4.92 31.48 -52.47
CA SER H 2 -3.79 32.20 -51.89
C SER H 2 -4.21 33.42 -51.07
N LYS H 3 -5.52 33.62 -50.92
CA LYS H 3 -6.05 34.75 -50.16
C LYS H 3 -7.02 34.30 -49.08
N PHE H 4 -6.94 33.04 -48.65
CA PHE H 4 -7.79 32.54 -47.58
C PHE H 4 -7.37 33.04 -46.21
N TYR H 5 -6.22 33.69 -46.09
CA TYR H 5 -5.83 34.28 -44.81
C TYR H 5 -6.87 35.26 -44.32
N LYS H 6 -7.61 35.87 -45.25
CA LYS H 6 -8.71 36.77 -44.90
C LYS H 6 -9.73 36.13 -43.96
N ILE H 7 -9.70 34.81 -43.79
CA ILE H 7 -10.61 34.17 -42.85
C ILE H 7 -10.37 34.68 -41.44
N TRP H 8 -9.13 35.05 -41.12
CA TRP H 8 -8.84 35.56 -39.80
C TRP H 8 -9.22 37.03 -39.64
N MET H 9 -9.85 37.62 -40.65
CA MET H 9 -10.49 38.91 -40.51
C MET H 9 -11.92 38.82 -40.02
N ILE H 10 -12.45 37.60 -39.91
CA ILE H 10 -13.84 37.39 -39.53
C ILE H 10 -13.96 36.68 -38.18
N PHE H 11 -13.05 35.75 -37.90
CA PHE H 11 -13.13 34.93 -36.70
C PHE H 11 -11.89 35.12 -35.85
N ASP H 12 -12.09 35.21 -34.55
CA ASP H 12 -10.98 35.31 -33.63
C ASP H 12 -10.16 34.03 -33.68
N PRO H 13 -8.85 34.11 -33.90
CA PRO H 13 -8.05 32.89 -33.99
C PRO H 13 -8.10 32.01 -32.75
N ARG H 14 -8.27 32.60 -31.56
CA ARG H 14 -8.33 31.80 -30.35
C ARG H 14 -9.57 30.93 -30.33
N ARG H 15 -10.73 31.53 -30.64
CA ARG H 15 -11.98 30.77 -30.70
C ARG H 15 -11.88 29.65 -31.71
N VAL H 16 -11.37 29.96 -32.90
CA VAL H 16 -11.32 28.98 -33.98
C VAL H 16 -10.32 27.88 -33.68
N PHE H 17 -9.19 28.23 -33.05
CA PHE H 17 -8.22 27.20 -32.70
C PHE H 17 -8.80 26.23 -31.68
N VAL H 18 -9.48 26.74 -30.66
CA VAL H 18 -10.08 25.85 -29.66
C VAL H 18 -11.16 24.99 -30.31
N ALA H 19 -12.01 25.62 -31.12
CA ALA H 19 -13.08 24.88 -31.78
C ALA H 19 -12.53 23.78 -32.67
N GLN H 20 -11.52 24.11 -33.47
CA GLN H 20 -10.93 23.15 -34.39
C GLN H 20 -10.23 22.03 -33.65
N GLY H 21 -9.55 22.35 -32.53
CA GLY H 21 -8.92 21.30 -31.76
C GLY H 21 -9.92 20.32 -31.20
N VAL H 22 -11.01 20.84 -30.61
CA VAL H 22 -12.04 19.97 -30.06
C VAL H 22 -12.65 19.13 -31.18
N PHE H 23 -12.98 19.76 -32.30
CA PHE H 23 -13.62 19.05 -33.40
C PHE H 23 -12.71 17.97 -33.96
N LEU H 24 -11.43 18.29 -34.16
CA LEU H 24 -10.50 17.31 -34.70
C LEU H 24 -10.35 16.12 -33.77
N PHE H 25 -10.19 16.38 -32.46
CA PHE H 25 -10.03 15.26 -31.54
C PHE H 25 -11.28 14.39 -31.51
N LEU H 26 -12.46 15.01 -31.49
CA LEU H 26 -13.69 14.23 -31.46
C LEU H 26 -13.88 13.43 -32.73
N LEU H 27 -13.56 14.04 -33.89
CA LEU H 27 -13.66 13.32 -35.15
C LEU H 27 -12.70 12.15 -35.21
N ALA H 28 -11.46 12.36 -34.75
CA ALA H 28 -10.50 11.28 -34.73
C ALA H 28 -10.98 10.15 -33.83
N VAL H 29 -11.53 10.49 -32.67
CA VAL H 29 -12.04 9.47 -31.76
C VAL H 29 -13.20 8.72 -32.41
N MET H 30 -14.09 9.43 -33.09
CA MET H 30 -15.25 8.77 -33.66
C MET H 30 -14.84 7.86 -34.83
N ILE H 31 -13.84 8.26 -35.60
CA ILE H 31 -13.38 7.38 -36.68
C ILE H 31 -12.64 6.17 -36.13
N HIS H 32 -11.80 6.38 -35.12
CA HIS H 32 -11.16 5.23 -34.46
C HIS H 32 -12.20 4.28 -33.91
N LEU H 33 -13.28 4.81 -33.31
CA LEU H 33 -14.31 3.95 -32.74
C LEU H 33 -15.12 3.24 -33.82
N ILE H 34 -15.38 3.91 -34.94
CA ILE H 34 -16.05 3.25 -36.05
C ILE H 34 -15.21 2.07 -36.52
N LEU H 35 -13.91 2.28 -36.69
CA LEU H 35 -13.04 1.19 -37.12
C LEU H 35 -12.98 0.09 -36.07
N LEU H 36 -12.90 0.45 -34.80
CA LEU H 36 -12.75 -0.55 -33.74
C LEU H 36 -14.05 -1.30 -33.46
N SER H 37 -15.19 -0.76 -33.90
CA SER H 37 -16.47 -1.44 -33.70
C SER H 37 -16.66 -2.58 -34.69
N THR H 38 -16.19 -2.40 -35.92
CA THR H 38 -16.35 -3.43 -36.94
C THR H 38 -15.35 -4.56 -36.70
N PRO H 39 -15.79 -5.82 -36.72
CA PRO H 39 -14.85 -6.93 -36.51
C PRO H 39 -13.75 -7.00 -37.56
N SER H 40 -14.00 -6.44 -38.75
CA SER H 40 -12.98 -6.47 -39.80
C SER H 40 -11.75 -5.68 -39.43
N TYR H 41 -11.89 -4.64 -38.61
CA TYR H 41 -10.77 -3.73 -38.33
C TYR H 41 -10.40 -3.62 -36.87
N ASN H 42 -11.06 -4.34 -35.97
CA ASN H 42 -10.71 -4.25 -34.55
C ASN H 42 -9.34 -4.89 -34.38
N TRP H 43 -8.30 -4.04 -34.38
CA TRP H 43 -6.94 -4.54 -34.46
C TRP H 43 -6.56 -5.42 -33.27
N LEU H 44 -7.17 -5.21 -32.11
CA LEU H 44 -6.84 -6.02 -30.94
C LEU H 44 -7.15 -7.49 -31.17
N GLU H 45 -8.40 -7.78 -31.57
CA GLU H 45 -8.76 -9.17 -31.84
C GLU H 45 -8.19 -9.67 -33.16
N ILE H 46 -7.91 -8.78 -34.12
CA ILE H 46 -7.18 -9.19 -35.31
C ILE H 46 -5.83 -9.78 -34.92
N SER H 47 -5.08 -9.05 -34.09
CA SER H 47 -3.80 -9.56 -33.61
C SER H 47 -3.96 -10.79 -32.75
N ALA H 48 -5.03 -10.85 -31.94
CA ALA H 48 -5.25 -12.01 -31.09
C ALA H 48 -5.51 -13.26 -31.93
N ALA H 49 -6.17 -13.11 -33.07
CA ALA H 49 -6.40 -14.24 -33.96
C ALA H 49 -5.13 -14.61 -34.72
N LYS H 50 -4.40 -13.61 -35.22
CA LYS H 50 -3.20 -13.90 -36.01
C LYS H 50 -2.09 -14.49 -35.16
N TYR H 51 -2.21 -14.45 -33.84
CA TYR H 51 -1.21 -15.01 -32.94
C TYR H 51 -1.79 -16.05 -32.01
N ASN H 52 -3.05 -16.45 -32.21
CA ASN H 52 -3.71 -17.48 -31.40
C ASN H 52 -3.69 -17.10 -29.92
N ARG H 53 -3.87 -15.82 -29.62
CA ARG H 53 -3.88 -15.32 -28.26
C ARG H 53 -5.26 -15.37 -27.61
N VAL H 54 -6.13 -16.24 -28.11
CA VAL H 54 -7.50 -16.33 -27.61
C VAL H 54 -7.59 -17.25 -26.40
N SER I 4 -17.75 45.22 -39.92
CA SER I 4 -16.30 45.37 -39.77
C SER I 4 -15.54 44.31 -40.56
N ASP I 5 -15.67 44.35 -41.89
CA ASP I 5 -14.98 43.39 -42.73
C ASP I 5 -13.47 43.61 -42.76
N LEU I 6 -12.99 44.78 -42.35
CA LEU I 6 -11.57 45.04 -42.22
C LEU I 6 -10.97 44.33 -41.02
N GLY I 7 -11.71 43.39 -40.46
CA GLY I 7 -11.33 42.68 -39.25
C GLY I 7 -12.28 42.97 -38.10
N TYR I 8 -13.23 42.07 -37.88
CA TYR I 8 -14.00 42.11 -36.64
C TYR I 8 -13.10 41.82 -35.44
N THR I 9 -12.08 41.00 -35.64
CA THR I 9 -11.16 40.61 -34.59
C THR I 9 -10.05 41.62 -34.36
N GLY I 10 -10.03 42.71 -35.12
CA GLY I 10 -9.02 43.73 -34.94
C GLY I 10 -7.66 43.39 -35.47
N LEU I 11 -7.50 42.26 -36.16
CA LEU I 11 -6.22 41.94 -36.76
C LEU I 11 -5.93 42.84 -37.95
N THR I 12 -4.66 42.90 -38.32
CA THR I 12 -4.21 43.60 -39.51
C THR I 12 -3.92 42.60 -40.62
N ASP I 13 -3.88 43.10 -41.85
CA ASP I 13 -3.59 42.24 -42.99
C ASP I 13 -2.17 41.70 -42.96
N GLU I 14 -1.31 42.24 -42.12
CA GLU I 14 0.05 41.74 -41.96
C GLU I 14 0.12 40.62 -40.94
N GLN I 15 -0.49 40.83 -39.76
CA GLN I 15 -0.54 39.78 -38.76
C GLN I 15 -1.32 38.59 -39.26
N ALA I 16 -2.43 38.83 -39.98
CA ALA I 16 -3.21 37.74 -40.53
C ALA I 16 -2.42 36.90 -41.51
N GLN I 17 -1.60 37.54 -42.35
CA GLN I 17 -0.77 36.80 -43.29
C GLN I 17 0.15 35.84 -42.55
N GLU I 18 0.87 36.33 -41.53
CA GLU I 18 1.82 35.48 -40.82
C GLU I 18 1.11 34.38 -40.05
N LEU I 19 0.00 34.71 -39.38
CA LEU I 19 -0.75 33.70 -38.64
C LEU I 19 -1.24 32.61 -39.59
N HIS I 20 -1.78 33.00 -40.74
CA HIS I 20 -2.26 32.02 -41.70
C HIS I 20 -1.14 31.18 -42.25
N SER I 21 0.03 31.78 -42.48
CA SER I 21 1.17 31.01 -42.97
C SER I 21 1.57 29.94 -41.97
N VAL I 22 1.66 30.30 -40.68
CA VAL I 22 2.07 29.32 -39.68
C VAL I 22 0.98 28.27 -39.49
N TYR I 23 -0.29 28.67 -39.54
CA TYR I 23 -1.38 27.70 -39.41
C TYR I 23 -1.39 26.73 -40.58
N MET I 24 -1.15 27.23 -41.79
CA MET I 24 -1.05 26.35 -42.95
C MET I 24 0.11 25.38 -42.79
N SER I 25 1.24 25.87 -42.26
CA SER I 25 2.37 24.98 -42.03
C SER I 25 1.99 23.85 -41.08
N GLY I 26 1.34 24.19 -39.97
CA GLY I 26 0.91 23.17 -39.02
C GLY I 26 -0.12 22.22 -39.59
N LEU I 27 -1.08 22.75 -40.35
CA LEU I 27 -2.10 21.93 -40.97
C LEU I 27 -1.48 20.95 -41.95
N TRP I 28 -0.51 21.41 -42.75
CA TRP I 28 0.13 20.52 -43.70
C TRP I 28 0.99 19.48 -43.01
N LEU I 29 1.68 19.85 -41.93
CA LEU I 29 2.43 18.85 -41.18
C LEU I 29 1.50 17.77 -40.63
N PHE I 30 0.39 18.19 -40.03
CA PHE I 30 -0.59 17.25 -39.50
C PHE I 30 -1.15 16.37 -40.60
N SER I 31 -1.48 16.96 -41.75
CA SER I 31 -2.05 16.21 -42.86
C SER I 31 -1.05 15.21 -43.43
N ALA I 32 0.23 15.58 -43.51
CA ALA I 32 1.24 14.66 -43.98
C ALA I 32 1.40 13.49 -43.03
N VAL I 33 1.38 13.75 -41.72
CA VAL I 33 1.43 12.65 -40.76
C VAL I 33 0.25 11.72 -40.96
N ALA I 34 -0.94 12.31 -41.15
CA ALA I 34 -2.13 11.50 -41.37
C ALA I 34 -2.03 10.68 -42.65
N ILE I 35 -1.46 11.26 -43.71
CA ILE I 35 -1.29 10.54 -44.97
C ILE I 35 -0.36 9.34 -44.77
N VAL I 36 0.74 9.55 -44.04
CA VAL I 36 1.66 8.46 -43.78
C VAL I 36 0.97 7.35 -43.00
N ALA I 37 0.22 7.71 -41.96
CA ALA I 37 -0.50 6.71 -41.17
C ALA I 37 -1.55 5.98 -42.01
N HIS I 38 -2.26 6.72 -42.86
CA HIS I 38 -3.25 6.12 -43.72
C HIS I 38 -2.63 5.11 -44.66
N LEU I 39 -1.48 5.45 -45.26
CA LEU I 39 -0.83 4.54 -46.17
C LEU I 39 -0.27 3.33 -45.44
N ALA I 40 0.28 3.53 -44.24
CA ALA I 40 0.78 2.40 -43.47
C ALA I 40 -0.33 1.41 -43.16
N VAL I 41 -1.48 1.90 -42.72
CA VAL I 41 -2.62 1.02 -42.45
C VAL I 41 -3.12 0.39 -43.74
N TYR I 42 -3.13 1.17 -44.84
CA TYR I 42 -3.60 0.64 -46.11
C TYR I 42 -2.74 -0.52 -46.60
N ILE I 43 -1.43 -0.42 -46.42
CA ILE I 43 -0.57 -1.56 -46.66
C ILE I 43 -0.91 -2.69 -45.70
N TRP I 44 -1.12 -2.35 -44.43
CA TRP I 44 -1.37 -3.37 -43.41
C TRP I 44 -2.70 -4.09 -43.66
N ARG I 45 -3.74 -3.35 -44.02
CA ARG I 45 -5.02 -3.97 -44.36
C ARG I 45 -5.86 -2.98 -45.17
N PRO I 46 -5.73 -2.97 -46.49
CA PRO I 46 -6.40 -1.97 -47.30
C PRO I 46 -7.91 -2.06 -47.18
N TRP I 47 -8.56 -0.91 -47.32
CA TRP I 47 -10.01 -0.81 -47.23
C TRP I 47 -10.67 -0.74 -48.59
N PHE I 48 -9.94 -1.06 -49.65
CA PHE I 48 -10.53 -1.15 -50.97
C PHE I 48 -10.00 -2.36 -51.73
N SER J 2 -24.59 36.89 -61.10
CA SER J 2 -23.31 37.56 -60.90
C SER J 2 -23.42 38.72 -59.91
N LYS J 3 -24.58 38.86 -59.28
CA LYS J 3 -24.78 39.83 -58.21
C LYS J 3 -25.24 39.13 -56.94
N PHE J 4 -24.72 37.93 -56.70
CA PHE J 4 -25.02 37.18 -55.49
C PHE J 4 -24.23 37.65 -54.28
N TYR J 5 -23.21 38.48 -54.49
CA TYR J 5 -22.38 38.90 -53.36
C TYR J 5 -23.16 39.76 -52.38
N LYS J 6 -24.18 40.47 -52.86
CA LYS J 6 -24.92 41.39 -52.01
C LYS J 6 -25.65 40.68 -50.88
N ILE J 7 -25.64 39.34 -50.84
CA ILE J 7 -26.16 38.63 -49.68
C ILE J 7 -25.42 39.04 -48.42
N TRP J 8 -24.14 39.40 -48.55
CA TRP J 8 -23.40 39.81 -47.37
C TRP J 8 -23.78 41.21 -46.91
N MET J 9 -24.61 41.92 -47.66
CA MET J 9 -25.16 43.19 -47.21
C MET J 9 -26.37 43.01 -46.31
N ILE J 10 -26.91 41.79 -46.22
CA ILE J 10 -28.11 41.54 -45.44
C ILE J 10 -27.89 40.50 -44.35
N PHE J 11 -26.84 39.69 -44.41
CA PHE J 11 -26.55 38.68 -43.42
C PHE J 11 -25.19 38.96 -42.79
N ASP J 12 -25.10 38.83 -41.48
CA ASP J 12 -23.82 38.95 -40.83
C ASP J 12 -22.91 37.81 -41.28
N PRO J 13 -21.72 38.10 -41.78
CA PRO J 13 -20.84 37.02 -42.27
C PRO J 13 -20.50 35.98 -41.21
N ARG J 14 -20.31 36.38 -39.96
CA ARG J 14 -19.83 35.45 -38.94
C ARG J 14 -20.87 34.37 -38.65
N ARG J 15 -22.11 34.77 -38.37
CA ARG J 15 -23.15 33.82 -38.04
C ARG J 15 -23.47 32.92 -39.22
N VAL J 16 -23.53 33.50 -40.42
CA VAL J 16 -23.81 32.70 -41.61
C VAL J 16 -22.69 31.70 -41.85
N PHE J 17 -21.44 32.13 -41.65
CA PHE J 17 -20.32 31.22 -41.87
C PHE J 17 -20.37 30.04 -40.91
N VAL J 18 -20.60 30.31 -39.62
CA VAL J 18 -20.62 29.20 -38.67
C VAL J 18 -21.83 28.31 -38.91
N ALA J 19 -22.98 28.91 -39.22
CA ALA J 19 -24.18 28.11 -39.49
C ALA J 19 -23.98 27.22 -40.71
N GLN J 20 -23.38 27.75 -41.78
CA GLN J 20 -23.18 26.94 -42.97
C GLN J 20 -22.12 25.87 -42.74
N GLY J 21 -21.09 26.17 -41.93
CA GLY J 21 -20.11 25.15 -41.62
C GLY J 21 -20.69 24.00 -40.83
N VAL J 22 -21.48 24.30 -39.79
CA VAL J 22 -22.08 23.24 -39.01
C VAL J 22 -23.12 22.50 -39.83
N PHE J 23 -23.85 23.20 -40.69
CA PHE J 23 -24.78 22.56 -41.61
C PHE J 23 -24.08 21.58 -42.52
N LEU J 24 -22.97 22.01 -43.11
CA LEU J 24 -22.23 21.15 -44.03
C LEU J 24 -21.69 19.92 -43.32
N PHE J 25 -21.13 20.10 -42.13
CA PHE J 25 -20.62 18.93 -41.41
C PHE J 25 -21.74 17.98 -41.04
N LEU J 26 -22.89 18.50 -40.58
CA LEU J 26 -23.99 17.63 -40.23
C LEU J 26 -24.52 16.88 -41.45
N LEU J 27 -24.65 17.56 -42.59
CA LEU J 27 -25.11 16.89 -43.80
C LEU J 27 -24.12 15.83 -44.25
N ALA J 28 -22.83 16.14 -44.20
CA ALA J 28 -21.82 15.17 -44.59
C ALA J 28 -21.86 13.93 -43.71
N VAL J 29 -22.00 14.13 -42.40
CA VAL J 29 -22.06 13.00 -41.49
C VAL J 29 -23.34 12.21 -41.70
N MET J 30 -24.45 12.90 -41.95
CA MET J 30 -25.70 12.20 -42.20
C MET J 30 -25.62 11.34 -43.45
N ILE J 31 -25.01 11.86 -44.52
CA ILE J 31 -24.92 11.09 -45.75
C ILE J 31 -23.97 9.92 -45.58
N HIS J 32 -22.82 10.16 -44.94
CA HIS J 32 -21.92 9.04 -44.66
C HIS J 32 -22.61 7.97 -43.83
N LEU J 33 -23.45 8.39 -42.87
CA LEU J 33 -24.14 7.42 -42.02
C LEU J 33 -25.21 6.66 -42.79
N ILE J 34 -25.93 7.34 -43.67
CA ILE J 34 -26.90 6.65 -44.50
C ILE J 34 -26.21 5.60 -45.36
N LEU J 35 -25.08 5.96 -45.95
CA LEU J 35 -24.33 5.01 -46.76
C LEU J 35 -23.81 3.85 -45.91
N LEU J 36 -23.28 4.14 -44.72
CA LEU J 36 -22.73 3.09 -43.87
C LEU J 36 -23.81 2.14 -43.38
N SER J 37 -25.01 2.66 -43.16
CA SER J 37 -26.11 1.80 -42.73
C SER J 37 -26.52 0.84 -43.84
N THR J 38 -26.53 1.31 -45.07
CA THR J 38 -26.90 0.45 -46.20
C THR J 38 -25.80 -0.57 -46.47
N PRO J 39 -26.10 -1.87 -46.47
CA PRO J 39 -25.05 -2.86 -46.67
C PRO J 39 -24.37 -2.77 -48.04
N SER J 40 -25.09 -2.35 -49.07
CA SER J 40 -24.50 -2.26 -50.40
C SER J 40 -23.46 -1.16 -50.50
N TYR J 41 -23.40 -0.24 -49.54
CA TYR J 41 -22.44 0.85 -49.57
C TYR J 41 -21.55 0.92 -48.33
N ASN J 42 -21.70 0.00 -47.39
CA ASN J 42 -20.80 -0.06 -46.24
C ASN J 42 -19.45 -0.54 -46.73
N TRP J 43 -18.56 0.41 -47.03
CA TRP J 43 -17.30 0.05 -47.68
C TRP J 43 -16.44 -0.85 -46.81
N LEU J 44 -16.63 -0.80 -45.49
CA LEU J 44 -15.90 -1.71 -44.61
C LEU J 44 -16.33 -3.16 -44.86
N GLU J 45 -17.64 -3.40 -44.89
CA GLU J 45 -18.12 -4.76 -45.13
C GLU J 45 -17.80 -5.22 -46.55
N ILE J 46 -17.82 -4.29 -47.50
CA ILE J 46 -17.44 -4.63 -48.87
C ILE J 46 -15.98 -5.06 -48.92
N SER J 47 -15.09 -4.31 -48.26
CA SER J 47 -13.69 -4.68 -48.23
C SER J 47 -13.49 -6.00 -47.52
N ALA J 48 -14.27 -6.26 -46.46
CA ALA J 48 -14.17 -7.54 -45.78
C ALA J 48 -14.58 -8.69 -46.69
N ALA J 49 -15.64 -8.48 -47.49
CA ALA J 49 -16.08 -9.50 -48.43
C ALA J 49 -15.03 -9.76 -49.50
N LYS J 50 -14.37 -8.70 -49.98
CA LYS J 50 -13.36 -8.88 -51.02
C LYS J 50 -12.18 -9.69 -50.53
N TYR J 51 -11.76 -9.48 -49.28
CA TYR J 51 -10.56 -10.11 -48.75
C TYR J 51 -10.85 -11.20 -47.74
N ASN J 52 -12.11 -11.59 -47.60
CA ASN J 52 -12.49 -12.79 -46.85
C ASN J 52 -11.94 -12.75 -45.42
N ARG J 53 -12.06 -11.58 -44.80
CA ARG J 53 -11.53 -11.37 -43.46
C ARG J 53 -12.44 -11.97 -42.38
N VAL J 54 -13.64 -12.41 -42.75
CA VAL J 54 -14.53 -13.06 -41.80
C VAL J 54 -14.45 -14.57 -41.98
N LEU K 6 -31.23 48.13 -47.01
CA LEU K 6 -30.91 49.07 -45.93
C LEU K 6 -29.47 48.88 -45.50
N GLY K 7 -29.12 47.64 -45.21
CA GLY K 7 -27.79 47.27 -44.78
C GLY K 7 -27.74 47.07 -43.28
N TYR K 8 -27.83 45.81 -42.86
CA TYR K 8 -27.88 45.47 -41.44
C TYR K 8 -26.54 45.05 -40.90
N THR K 9 -25.54 44.86 -41.77
CA THR K 9 -24.21 44.45 -41.35
C THR K 9 -23.19 45.58 -41.41
N GLY K 10 -23.50 46.67 -42.10
CA GLY K 10 -22.57 47.76 -42.23
C GLY K 10 -21.49 47.57 -43.26
N LEU K 11 -21.48 46.43 -43.97
CA LEU K 11 -20.48 46.22 -45.00
C LEU K 11 -20.79 47.07 -46.22
N THR K 12 -19.73 47.53 -46.87
CA THR K 12 -19.85 48.30 -48.10
C THR K 12 -19.62 47.39 -49.30
N ASP K 13 -19.70 47.98 -50.50
CA ASP K 13 -19.60 47.19 -51.72
C ASP K 13 -18.24 46.51 -51.83
N GLU K 14 -17.16 47.23 -51.54
CA GLU K 14 -15.84 46.62 -51.66
C GLU K 14 -15.68 45.46 -50.70
N GLN K 15 -16.11 45.64 -49.45
CA GLN K 15 -15.99 44.59 -48.45
C GLN K 15 -16.80 43.37 -48.82
N ALA K 16 -18.07 43.56 -49.18
CA ALA K 16 -18.91 42.43 -49.55
C ALA K 16 -18.38 41.73 -50.79
N GLN K 17 -17.92 42.50 -51.77
CA GLN K 17 -17.39 41.90 -52.99
C GLN K 17 -16.18 41.04 -52.70
N GLU K 18 -15.24 41.54 -51.89
CA GLU K 18 -14.04 40.77 -51.62
C GLU K 18 -14.34 39.54 -50.76
N LEU K 19 -15.21 39.71 -49.76
CA LEU K 19 -15.63 38.58 -48.94
C LEU K 19 -16.26 37.49 -49.80
N HIS K 20 -17.15 37.89 -50.71
CA HIS K 20 -17.80 36.92 -51.57
C HIS K 20 -16.84 36.32 -52.60
N SER K 21 -15.84 37.08 -53.03
CA SER K 21 -14.83 36.50 -53.92
C SER K 21 -14.10 35.36 -53.23
N VAL K 22 -13.59 35.62 -52.03
CA VAL K 22 -12.89 34.56 -51.29
C VAL K 22 -13.85 33.41 -51.00
N TYR K 23 -15.09 33.74 -50.66
CA TYR K 23 -16.09 32.73 -50.31
C TYR K 23 -16.40 31.82 -51.49
N MET K 24 -16.57 32.41 -52.68
CA MET K 24 -16.85 31.61 -53.86
C MET K 24 -15.65 30.79 -54.27
N SER K 25 -14.43 31.31 -54.09
CA SER K 25 -13.26 30.49 -54.36
C SER K 25 -13.24 29.27 -53.45
N GLY K 26 -13.53 29.46 -52.16
CA GLY K 26 -13.61 28.32 -51.25
C GLY K 26 -14.74 27.37 -51.58
N LEU K 27 -15.90 27.91 -51.94
CA LEU K 27 -17.05 27.10 -52.31
C LEU K 27 -16.73 26.23 -53.54
N TRP K 28 -16.08 26.82 -54.53
CA TRP K 28 -15.79 26.08 -55.75
C TRP K 28 -14.68 25.07 -55.55
N LEU K 29 -13.69 25.38 -54.70
CA LEU K 29 -12.70 24.36 -54.37
C LEU K 29 -13.35 23.18 -53.66
N PHE K 30 -14.27 23.48 -52.73
CA PHE K 30 -14.98 22.43 -52.02
C PHE K 30 -15.81 21.58 -52.99
N SER K 31 -16.53 22.23 -53.90
CA SER K 31 -17.31 21.50 -54.88
C SER K 31 -16.44 20.69 -55.82
N ALA K 32 -15.25 21.20 -56.15
CA ALA K 32 -14.34 20.45 -57.01
C ALA K 32 -13.85 19.18 -56.33
N VAL K 33 -13.44 19.29 -55.06
CA VAL K 33 -13.03 18.10 -54.32
C VAL K 33 -14.19 17.13 -54.19
N ALA K 34 -15.39 17.67 -53.97
CA ALA K 34 -16.58 16.82 -53.88
C ALA K 34 -16.84 16.08 -55.17
N ILE K 35 -16.68 16.75 -56.31
CA ILE K 35 -16.92 16.12 -57.60
C ILE K 35 -15.87 15.04 -57.85
N VAL K 36 -14.61 15.31 -57.49
CA VAL K 36 -13.57 14.30 -57.64
C VAL K 36 -13.89 13.06 -56.81
N ALA K 37 -14.30 13.26 -55.55
CA ALA K 37 -14.62 12.12 -54.69
C ALA K 37 -15.85 11.38 -55.19
N HIS K 38 -16.86 12.11 -55.63
CA HIS K 38 -18.08 11.50 -56.15
C HIS K 38 -17.77 10.65 -57.38
N LEU K 39 -16.91 11.15 -58.27
CA LEU K 39 -16.56 10.36 -59.44
C LEU K 39 -15.71 9.16 -59.06
N ALA K 40 -14.81 9.31 -58.08
CA ALA K 40 -14.01 8.16 -57.66
C ALA K 40 -14.89 7.04 -57.11
N VAL K 41 -15.87 7.38 -56.27
CA VAL K 41 -16.76 6.32 -55.77
C VAL K 41 -17.67 5.80 -56.87
N TYR K 42 -18.13 6.67 -57.78
CA TYR K 42 -18.97 6.21 -58.89
C TYR K 42 -18.24 5.21 -59.76
N ILE K 43 -16.99 5.50 -60.10
CA ILE K 43 -16.17 4.55 -60.85
C ILE K 43 -15.96 3.29 -60.02
N TRP K 44 -15.82 3.45 -58.69
CA TRP K 44 -15.73 2.27 -57.83
C TRP K 44 -17.04 1.48 -57.87
N ARG K 45 -18.18 2.14 -57.62
CA ARG K 45 -19.48 1.53 -57.88
C ARG K 45 -20.58 2.58 -58.03
N PRO K 46 -21.21 2.68 -59.19
CA PRO K 46 -22.27 3.67 -59.37
C PRO K 46 -23.53 3.31 -58.60
N TRP K 47 -24.39 4.30 -58.46
CA TRP K 47 -25.71 4.11 -57.86
C TRP K 47 -26.84 4.16 -58.89
N PHE K 48 -26.51 4.08 -60.16
CA PHE K 48 -27.53 4.01 -61.20
C PHE K 48 -27.29 2.84 -62.14
N SER L 2 -45.92 41.40 -61.08
CA SER L 2 -44.75 42.24 -61.29
C SER L 2 -44.29 42.89 -60.00
N LYS L 3 -45.23 43.21 -59.12
CA LYS L 3 -44.94 43.95 -57.90
C LYS L 3 -44.93 43.03 -56.69
N PHE L 4 -44.42 41.80 -56.87
CA PHE L 4 -44.18 40.92 -55.73
C PHE L 4 -43.02 41.42 -54.87
N TYR L 5 -42.16 42.28 -55.40
CA TYR L 5 -41.05 42.82 -54.61
C TYR L 5 -41.56 43.54 -53.38
N LYS L 6 -42.79 44.04 -53.41
CA LYS L 6 -43.40 44.68 -52.24
C LYS L 6 -43.37 43.78 -51.01
N ILE L 7 -43.13 42.47 -51.20
CA ILE L 7 -43.04 41.56 -50.07
C ILE L 7 -41.97 42.02 -49.08
N TRP L 8 -40.92 42.66 -49.58
CA TRP L 8 -39.83 43.09 -48.72
C TRP L 8 -40.13 44.40 -48.02
N MET L 9 -41.41 44.80 -47.98
CA MET L 9 -41.85 45.97 -47.23
C MET L 9 -42.74 45.56 -46.07
N ILE L 10 -42.83 44.26 -45.81
CA ILE L 10 -43.72 43.72 -44.79
C ILE L 10 -42.94 42.88 -43.77
N PHE L 11 -42.05 42.03 -44.24
CA PHE L 11 -41.23 41.20 -43.37
C PHE L 11 -39.78 41.62 -43.49
N ASP L 12 -39.05 41.47 -42.39
CA ASP L 12 -37.61 41.63 -42.45
C ASP L 12 -37.03 40.57 -43.37
N PRO L 13 -36.16 40.93 -44.32
CA PRO L 13 -35.62 39.94 -45.24
C PRO L 13 -34.83 38.83 -44.56
N ARG L 14 -34.14 39.12 -43.45
CA ARG L 14 -33.35 38.08 -42.81
C ARG L 14 -34.23 36.97 -42.26
N ARG L 15 -35.35 37.34 -41.63
CA ARG L 15 -36.26 36.34 -41.09
C ARG L 15 -36.82 35.46 -42.18
N VAL L 16 -37.23 36.07 -43.29
CA VAL L 16 -37.75 35.30 -44.42
C VAL L 16 -36.67 34.39 -44.98
N PHE L 17 -35.45 34.88 -45.11
CA PHE L 17 -34.39 34.08 -45.70
C PHE L 17 -34.06 32.86 -44.83
N VAL L 18 -33.93 33.06 -43.52
CA VAL L 18 -33.61 31.94 -42.65
C VAL L 18 -34.77 30.95 -42.60
N ALA L 19 -36.00 31.46 -42.56
CA ALA L 19 -37.16 30.58 -42.58
C ALA L 19 -37.21 29.77 -43.87
N GLN L 20 -36.94 30.41 -45.00
CA GLN L 20 -36.93 29.69 -46.28
C GLN L 20 -35.85 28.63 -46.29
N GLY L 21 -34.65 28.96 -45.77
CA GLY L 21 -33.59 27.97 -45.75
C GLY L 21 -33.97 26.74 -44.94
N VAL L 22 -34.48 26.95 -43.74
CA VAL L 22 -34.80 25.79 -42.90
C VAL L 22 -36.01 25.04 -43.46
N PHE L 23 -37.00 25.76 -43.97
CA PHE L 23 -38.17 25.11 -44.56
C PHE L 23 -37.79 24.26 -45.76
N LEU L 24 -36.99 24.82 -46.68
CA LEU L 24 -36.57 24.06 -47.85
C LEU L 24 -35.73 22.86 -47.46
N PHE L 25 -34.79 23.03 -46.53
CA PHE L 25 -33.96 21.91 -46.14
C PHE L 25 -34.78 20.81 -45.50
N LEU L 26 -35.71 21.17 -44.61
CA LEU L 26 -36.52 20.16 -43.95
C LEU L 26 -37.41 19.44 -44.95
N LEU L 27 -38.01 20.19 -45.88
CA LEU L 27 -38.84 19.55 -46.90
C LEU L 27 -38.02 18.62 -47.78
N ALA L 28 -36.84 19.06 -48.22
CA ALA L 28 -36.01 18.23 -49.07
C ALA L 28 -35.57 16.95 -48.35
N VAL L 29 -35.17 17.08 -47.09
CA VAL L 29 -34.77 15.90 -46.31
C VAL L 29 -35.96 14.98 -46.11
N MET L 30 -37.14 15.54 -45.83
CA MET L 30 -38.32 14.72 -45.65
C MET L 30 -38.64 13.93 -46.91
N ILE L 31 -38.57 14.58 -48.08
CA ILE L 31 -38.92 13.89 -49.32
C ILE L 31 -37.87 12.85 -49.67
N HIS L 32 -36.58 13.17 -49.47
CA HIS L 32 -35.55 12.17 -49.71
C HIS L 32 -35.74 10.96 -48.81
N LEU L 33 -36.11 11.18 -47.55
CA LEU L 33 -36.34 10.06 -46.63
C LEU L 33 -37.60 9.29 -46.97
N ILE L 34 -38.64 9.98 -47.46
CA ILE L 34 -39.85 9.27 -47.91
C ILE L 34 -39.51 8.34 -49.06
N LEU L 35 -38.73 8.84 -50.02
CA LEU L 35 -38.32 7.99 -51.14
C LEU L 35 -37.43 6.84 -50.67
N LEU L 36 -36.56 7.11 -49.70
CA LEU L 36 -35.74 6.04 -49.13
C LEU L 36 -36.60 4.99 -48.45
N SER L 37 -37.66 5.39 -47.78
CA SER L 37 -38.53 4.43 -47.11
C SER L 37 -39.17 3.47 -48.10
N THR L 38 -39.67 3.99 -49.21
CA THR L 38 -40.31 3.15 -50.22
C THR L 38 -39.25 2.34 -50.95
N PRO L 39 -39.34 1.01 -50.95
CA PRO L 39 -38.37 0.21 -51.70
C PRO L 39 -38.42 0.46 -53.19
N SER L 40 -39.54 0.98 -53.71
CA SER L 40 -39.64 1.32 -55.12
C SER L 40 -38.62 2.39 -55.50
N TYR L 41 -38.43 3.38 -54.64
CA TYR L 41 -37.62 4.55 -54.96
C TYR L 41 -36.41 4.69 -54.05
N ASN L 42 -35.87 3.59 -53.55
CA ASN L 42 -34.63 3.63 -52.79
C ASN L 42 -33.49 3.38 -53.77
N TRP L 43 -32.87 4.45 -54.26
CA TRP L 43 -31.85 4.33 -55.29
C TRP L 43 -30.68 3.47 -54.83
N LEU L 44 -30.40 3.46 -53.53
CA LEU L 44 -29.35 2.58 -53.03
C LEU L 44 -29.70 1.12 -53.27
N GLU L 45 -30.95 0.74 -52.95
CA GLU L 45 -31.35 -0.66 -53.15
C GLU L 45 -31.52 -0.99 -54.62
N ILE L 46 -31.94 -0.02 -55.43
CA ILE L 46 -32.05 -0.24 -56.87
C ILE L 46 -30.68 -0.52 -57.45
N SER L 47 -29.67 0.24 -57.03
CA SER L 47 -28.30 -0.04 -57.47
C SER L 47 -27.79 -1.36 -56.90
N ALA L 48 -28.23 -1.74 -55.70
CA ALA L 48 -27.79 -3.01 -55.12
C ALA L 48 -28.31 -4.19 -55.92
N ALA L 49 -29.61 -4.20 -56.20
CA ALA L 49 -30.22 -5.32 -56.90
C ALA L 49 -29.88 -5.31 -58.38
N LYS L 50 -29.87 -4.14 -59.01
CA LYS L 50 -29.60 -4.04 -60.44
C LYS L 50 -28.21 -4.56 -60.77
N TYR L 51 -27.25 -4.36 -59.87
CA TYR L 51 -25.88 -4.81 -60.07
C TYR L 51 -25.52 -5.97 -59.15
N ASN L 52 -26.51 -6.62 -58.54
CA ASN L 52 -26.32 -7.88 -57.81
C ASN L 52 -25.25 -7.75 -56.74
N ARG L 53 -25.39 -6.72 -55.90
CA ARG L 53 -24.44 -6.52 -54.81
C ARG L 53 -24.87 -7.20 -53.51
N VAL L 54 -26.01 -7.88 -53.51
CA VAL L 54 -26.49 -8.55 -52.32
C VAL L 54 -25.87 -9.94 -52.18
N LEU M 6 -48.11 50.49 -43.98
CA LEU M 6 -46.97 49.67 -44.32
C LEU M 6 -45.70 50.18 -43.64
N GLY M 7 -44.59 50.10 -44.37
CA GLY M 7 -43.32 50.59 -43.86
C GLY M 7 -42.84 49.90 -42.60
N TYR M 8 -43.34 48.69 -42.34
CA TYR M 8 -42.94 47.97 -41.13
C TYR M 8 -41.45 47.66 -41.14
N THR M 9 -40.93 47.22 -42.28
CA THR M 9 -39.53 46.81 -42.38
C THR M 9 -38.56 47.96 -42.51
N GLY M 10 -39.05 49.17 -42.75
CA GLY M 10 -38.17 50.31 -42.94
C GLY M 10 -37.29 50.20 -44.17
N LEU M 11 -37.85 49.78 -45.30
CA LEU M 11 -37.11 49.67 -46.55
C LEU M 11 -37.75 50.55 -47.62
N THR M 12 -36.91 51.12 -48.48
CA THR M 12 -37.38 51.90 -49.61
C THR M 12 -37.81 50.96 -50.74
N ASP M 13 -38.52 51.51 -51.73
CA ASP M 13 -39.05 50.68 -52.80
C ASP M 13 -37.95 50.16 -53.71
N GLU M 14 -36.90 50.97 -53.95
CA GLU M 14 -35.86 50.53 -54.88
C GLU M 14 -34.95 49.50 -54.23
N GLN M 15 -34.71 49.61 -52.92
CA GLN M 15 -33.96 48.57 -52.22
C GLN M 15 -34.71 47.25 -52.25
N ALA M 16 -36.03 47.30 -52.03
CA ALA M 16 -36.84 46.09 -52.13
C ALA M 16 -36.83 45.55 -53.55
N GLN M 17 -36.85 46.44 -54.55
CA GLN M 17 -36.77 46.01 -55.94
C GLN M 17 -35.49 45.24 -56.20
N GLU M 18 -34.35 45.80 -55.79
CA GLU M 18 -33.07 45.14 -56.03
C GLU M 18 -32.98 43.82 -55.28
N LEU M 19 -33.40 43.82 -54.01
CA LEU M 19 -33.35 42.58 -53.23
C LEU M 19 -34.22 41.50 -53.86
N HIS M 20 -35.41 41.88 -54.32
CA HIS M 20 -36.27 40.92 -55.00
C HIS M 20 -35.67 40.46 -56.31
N SER M 21 -34.97 41.34 -57.03
CA SER M 21 -34.35 40.93 -58.28
C SER M 21 -33.30 39.84 -58.04
N VAL M 22 -32.43 40.06 -57.06
CA VAL M 22 -31.43 39.04 -56.73
C VAL M 22 -32.11 37.76 -56.27
N TYR M 23 -33.14 37.90 -55.42
CA TYR M 23 -33.82 36.73 -54.90
C TYR M 23 -34.49 35.93 -56.01
N MET M 24 -35.12 36.61 -56.97
CA MET M 24 -35.77 35.90 -58.06
C MET M 24 -34.75 35.24 -58.97
N SER M 25 -33.59 35.86 -59.18
CA SER M 25 -32.52 35.18 -59.89
C SER M 25 -32.16 33.86 -59.19
N GLY M 26 -31.93 33.93 -57.88
CA GLY M 26 -31.58 32.72 -57.14
C GLY M 26 -32.69 31.68 -57.14
N LEU M 27 -33.94 32.14 -57.01
CA LEU M 27 -35.09 31.24 -57.02
C LEU M 27 -35.20 30.53 -58.36
N TRP M 28 -35.04 31.26 -59.46
CA TRP M 28 -35.16 30.63 -60.77
C TRP M 28 -34.01 29.67 -61.02
N LEU M 29 -32.81 29.99 -60.54
CA LEU M 29 -31.71 29.03 -60.65
C LEU M 29 -32.03 27.76 -59.87
N PHE M 30 -32.53 27.91 -58.65
CA PHE M 30 -32.87 26.76 -57.82
C PHE M 30 -33.94 25.91 -58.50
N SER M 31 -35.00 26.55 -59.00
CA SER M 31 -36.09 25.84 -59.65
C SER M 31 -35.63 25.17 -60.94
N ALA M 32 -34.71 25.81 -61.67
CA ALA M 32 -34.20 25.19 -62.90
C ALA M 32 -33.41 23.93 -62.58
N VAL M 33 -32.56 23.98 -61.56
CA VAL M 33 -31.85 22.77 -61.17
C VAL M 33 -32.84 21.70 -60.72
N ALA M 34 -33.88 22.12 -59.98
CA ALA M 34 -34.89 21.17 -59.54
C ALA M 34 -35.60 20.51 -60.72
N ILE M 35 -35.95 21.29 -61.73
CA ILE M 35 -36.63 20.75 -62.90
C ILE M 35 -35.74 19.78 -63.65
N VAL M 36 -34.46 20.13 -63.81
CA VAL M 36 -33.54 19.22 -64.49
C VAL M 36 -33.44 17.90 -63.75
N ALA M 37 -33.28 17.95 -62.42
CA ALA M 37 -33.18 16.72 -61.63
C ALA M 37 -34.47 15.91 -61.70
N HIS M 38 -35.62 16.57 -61.58
CA HIS M 38 -36.90 15.88 -61.65
C HIS M 38 -37.07 15.19 -62.98
N LEU M 39 -36.75 15.88 -64.08
CA LEU M 39 -36.86 15.29 -65.40
C LEU M 39 -35.92 14.10 -65.54
N ALA M 40 -34.70 14.22 -65.01
CA ALA M 40 -33.74 13.13 -65.13
C ALA M 40 -34.23 11.88 -64.41
N VAL M 41 -34.74 12.04 -63.18
CA VAL M 41 -35.23 10.86 -62.47
C VAL M 41 -36.51 10.33 -63.11
N TYR M 42 -37.38 11.21 -63.60
CA TYR M 42 -38.60 10.75 -64.26
C TYR M 42 -38.29 9.92 -65.48
N ILE M 43 -37.30 10.33 -66.28
CA ILE M 43 -36.82 9.50 -67.37
C ILE M 43 -36.25 8.20 -66.83
N TRP M 44 -35.49 8.29 -65.75
CA TRP M 44 -34.90 7.10 -65.14
C TRP M 44 -35.98 6.20 -64.52
N ARG M 45 -36.96 6.80 -63.83
CA ARG M 45 -38.00 6.04 -63.14
C ARG M 45 -39.24 6.89 -62.90
N PRO M 46 -40.18 6.89 -63.83
CA PRO M 46 -41.37 7.75 -63.68
C PRO M 46 -42.28 7.27 -62.56
N TRP M 47 -42.98 8.22 -61.94
CA TRP M 47 -43.96 7.91 -60.91
C TRP M 47 -45.39 8.09 -61.40
N PHE M 48 -45.60 8.19 -62.71
CA PHE M 48 -46.94 8.19 -63.27
C PHE M 48 -47.01 7.26 -64.47
N SER N 2 -65.96 44.09 -53.67
CA SER N 2 -65.19 45.23 -54.12
C SER N 2 -64.64 45.98 -52.90
N LYS N 3 -64.96 45.45 -51.73
CA LYS N 3 -64.50 46.03 -50.47
C LYS N 3 -63.81 45.00 -49.59
N PHE N 4 -63.26 43.92 -50.18
CA PHE N 4 -62.53 42.93 -49.40
C PHE N 4 -61.16 43.44 -48.98
N TYR N 5 -60.61 44.44 -49.68
CA TYR N 5 -59.29 44.95 -49.33
C TYR N 5 -59.26 45.51 -47.93
N LYS N 6 -60.41 45.92 -47.38
CA LYS N 6 -60.45 46.40 -46.01
C LYS N 6 -60.02 45.35 -45.00
N ILE N 7 -59.78 44.10 -45.44
CA ILE N 7 -59.21 43.11 -44.54
C ILE N 7 -57.83 43.55 -44.04
N TRP N 8 -57.14 44.41 -44.79
CA TRP N 8 -55.87 44.92 -44.33
C TRP N 8 -56.01 46.10 -43.38
N MET N 9 -57.22 46.65 -43.25
CA MET N 9 -57.57 47.52 -42.14
C MET N 9 -58.18 46.73 -41.00
N ILE N 10 -58.23 45.41 -41.12
CA ILE N 10 -58.76 44.54 -40.08
C ILE N 10 -57.61 44.04 -39.22
N PHE N 11 -56.65 43.35 -39.85
CA PHE N 11 -55.61 42.64 -39.14
C PHE N 11 -54.24 43.03 -39.65
N ASP N 12 -53.23 42.79 -38.81
CA ASP N 12 -51.86 43.07 -39.20
C ASP N 12 -51.47 42.14 -40.36
N PRO N 13 -51.05 42.69 -41.49
CA PRO N 13 -50.77 41.84 -42.66
C PRO N 13 -49.72 40.77 -42.40
N ARG N 14 -48.70 41.08 -41.60
CA ARG N 14 -47.68 40.09 -41.28
C ARG N 14 -48.28 38.90 -40.54
N ARG N 15 -49.16 39.17 -39.56
CA ARG N 15 -49.76 38.08 -38.80
C ARG N 15 -50.63 37.21 -39.70
N VAL N 16 -51.46 37.83 -40.53
CA VAL N 16 -52.32 37.06 -41.43
C VAL N 16 -51.48 36.23 -42.39
N PHE N 17 -50.41 36.82 -42.92
CA PHE N 17 -49.58 36.10 -43.87
C PHE N 17 -48.89 34.90 -43.22
N VAL N 18 -48.35 35.07 -42.02
CA VAL N 18 -47.65 33.95 -41.39
C VAL N 18 -48.65 32.87 -40.98
N ALA N 19 -49.82 33.28 -40.46
CA ALA N 19 -50.83 32.30 -40.10
C ALA N 19 -51.30 31.54 -41.33
N GLN N 20 -51.48 32.23 -42.45
CA GLN N 20 -51.84 31.57 -43.70
C GLN N 20 -50.77 30.58 -44.14
N GLY N 21 -49.51 30.99 -44.06
CA GLY N 21 -48.44 30.11 -44.49
C GLY N 21 -48.38 28.83 -43.68
N VAL N 22 -48.40 28.96 -42.36
CA VAL N 22 -48.35 27.78 -41.50
C VAL N 22 -49.59 26.92 -41.71
N PHE N 23 -50.77 27.57 -41.74
CA PHE N 23 -52.03 26.87 -41.98
C PHE N 23 -51.98 26.05 -43.26
N LEU N 24 -51.58 26.69 -44.35
CA LEU N 24 -51.61 26.04 -45.65
C LEU N 24 -50.58 24.93 -45.74
N PHE N 25 -49.38 25.13 -45.18
CA PHE N 25 -48.39 24.07 -45.22
C PHE N 25 -48.84 22.86 -44.40
N LEU N 26 -49.43 23.11 -43.23
CA LEU N 26 -49.93 22.02 -42.42
C LEU N 26 -51.03 21.27 -43.14
N LEU N 27 -51.95 21.99 -43.78
CA LEU N 27 -53.02 21.34 -44.53
C LEU N 27 -52.45 20.52 -45.68
N ALA N 28 -51.49 21.08 -46.41
CA ALA N 28 -50.94 20.37 -47.57
C ALA N 28 -50.26 19.08 -47.14
N VAL N 29 -49.43 19.14 -46.10
CA VAL N 29 -48.74 17.93 -45.68
C VAL N 29 -49.73 16.93 -45.10
N MET N 30 -50.77 17.41 -44.39
CA MET N 30 -51.77 16.50 -43.86
C MET N 30 -52.50 15.77 -44.98
N ILE N 31 -52.89 16.50 -46.03
CA ILE N 31 -53.62 15.85 -47.12
C ILE N 31 -52.71 14.87 -47.85
N HIS N 32 -51.47 15.27 -48.11
CA HIS N 32 -50.55 14.37 -48.79
C HIS N 32 -50.32 13.10 -47.97
N LEU N 33 -50.20 13.25 -46.65
CA LEU N 33 -50.01 12.08 -45.79
C LEU N 33 -51.24 11.20 -45.77
N ILE N 34 -52.44 11.80 -45.74
CA ILE N 34 -53.66 11.01 -45.79
C ILE N 34 -53.74 10.21 -47.08
N LEU N 35 -53.42 10.85 -48.20
CA LEU N 35 -53.41 10.13 -49.47
C LEU N 35 -52.37 9.02 -49.48
N LEU N 36 -51.18 9.29 -48.94
CA LEU N 36 -50.14 8.28 -48.90
C LEU N 36 -50.51 7.12 -48.01
N SER N 37 -51.31 7.36 -46.97
CA SER N 37 -51.72 6.27 -46.09
C SER N 37 -52.66 5.30 -46.80
N THR N 38 -53.64 5.83 -47.53
CA THR N 38 -54.58 4.97 -48.24
C THR N 38 -53.88 4.29 -49.40
N PRO N 39 -53.96 2.96 -49.51
CA PRO N 39 -53.26 2.27 -50.61
C PRO N 39 -53.73 2.68 -51.99
N SER N 40 -54.99 3.06 -52.14
CA SER N 40 -55.50 3.42 -53.46
C SER N 40 -54.94 4.72 -53.97
N TYR N 41 -54.45 5.59 -53.08
CA TYR N 41 -53.94 6.90 -53.49
C TYR N 41 -52.45 7.06 -53.22
N ASN N 42 -51.75 6.00 -52.85
CA ASN N 42 -50.31 6.07 -52.64
C ASN N 42 -49.64 5.94 -54.00
N TRP N 43 -49.29 7.08 -54.58
CA TRP N 43 -48.78 7.09 -55.95
C TRP N 43 -47.47 6.31 -56.06
N LEU N 44 -46.68 6.24 -55.00
CA LEU N 44 -45.46 5.44 -55.03
C LEU N 44 -45.79 3.97 -55.22
N GLU N 45 -46.71 3.44 -54.42
CA GLU N 45 -47.10 2.04 -54.54
C GLU N 45 -47.80 1.77 -55.86
N ILE N 46 -48.62 2.70 -56.33
CA ILE N 46 -49.30 2.55 -57.61
C ILE N 46 -48.28 2.43 -58.74
N SER N 47 -47.31 3.35 -58.78
CA SER N 47 -46.31 3.31 -59.82
C SER N 47 -45.41 2.09 -59.69
N ALA N 48 -45.20 1.58 -58.48
CA ALA N 48 -44.47 0.34 -58.32
C ALA N 48 -45.24 -0.84 -58.91
N ALA N 49 -46.56 -0.87 -58.67
CA ALA N 49 -47.37 -1.97 -59.19
C ALA N 49 -47.46 -1.92 -60.71
N LYS N 50 -47.60 -0.72 -61.28
CA LYS N 50 -47.74 -0.62 -62.73
C LYS N 50 -46.49 -1.11 -63.45
N TYR N 51 -45.31 -0.78 -62.93
CA TYR N 51 -44.06 -1.16 -63.57
C TYR N 51 -43.44 -2.41 -62.98
N ASN N 52 -44.12 -3.08 -62.05
CA ASN N 52 -43.62 -4.30 -61.42
C ASN N 52 -42.23 -4.06 -60.82
N ARG N 53 -42.12 -2.96 -60.08
CA ARG N 53 -40.81 -2.54 -59.58
C ARG N 53 -40.36 -3.38 -58.39
N VAL N 54 -41.29 -3.79 -57.54
CA VAL N 54 -40.94 -4.54 -56.33
C VAL N 54 -40.85 -6.03 -56.63
N LEU O 6 -60.20 52.78 -38.00
CA LEU O 6 -60.06 51.54 -38.76
C LEU O 6 -58.60 51.14 -38.96
N GLY O 7 -57.75 52.15 -39.18
CA GLY O 7 -56.34 51.90 -39.41
C GLY O 7 -55.59 51.48 -38.17
N TYR O 8 -56.00 50.38 -37.56
CA TYR O 8 -55.32 49.89 -36.36
C TYR O 8 -53.89 49.44 -36.68
N THR O 9 -53.66 48.99 -37.91
CA THR O 9 -52.36 48.47 -38.31
C THR O 9 -51.44 49.52 -38.91
N GLY O 10 -51.87 50.78 -38.98
CA GLY O 10 -51.08 51.82 -39.60
C GLY O 10 -51.29 51.99 -41.09
N LEU O 11 -52.10 51.13 -41.71
CA LEU O 11 -52.41 51.29 -43.12
C LEU O 11 -53.31 52.52 -43.34
N THR O 12 -53.16 53.14 -44.51
CA THR O 12 -53.84 54.40 -44.79
C THR O 12 -54.93 54.27 -45.86
N ASP O 13 -55.48 53.07 -46.06
CA ASP O 13 -56.60 52.81 -46.95
C ASP O 13 -56.23 52.95 -48.43
N GLU O 14 -55.02 53.40 -48.74
CA GLU O 14 -54.59 53.59 -50.12
C GLU O 14 -53.53 52.60 -50.58
N GLN O 15 -52.52 52.32 -49.75
CA GLN O 15 -51.61 51.22 -50.05
C GLN O 15 -52.22 49.86 -49.72
N ALA O 16 -53.29 49.84 -48.92
CA ALA O 16 -54.02 48.59 -48.72
C ALA O 16 -54.63 48.11 -50.03
N GLN O 17 -54.97 49.03 -50.93
CA GLN O 17 -55.53 48.64 -52.22
C GLN O 17 -54.52 47.83 -53.03
N GLU O 18 -53.27 48.33 -53.13
CA GLU O 18 -52.26 47.58 -53.87
C GLU O 18 -51.84 46.33 -53.11
N LEU O 19 -51.82 46.37 -51.78
CA LEU O 19 -51.53 45.17 -51.01
C LEU O 19 -52.55 44.08 -51.32
N HIS O 20 -53.83 44.43 -51.33
CA HIS O 20 -54.88 43.48 -51.67
C HIS O 20 -54.76 43.02 -53.11
N SER O 21 -54.39 43.92 -54.03
CA SER O 21 -54.23 43.52 -55.42
C SER O 21 -53.14 42.46 -55.58
N VAL O 22 -51.99 42.69 -54.93
CA VAL O 22 -50.90 41.73 -55.02
C VAL O 22 -51.27 40.42 -54.34
N TYR O 23 -51.95 40.50 -53.18
CA TYR O 23 -52.35 39.28 -52.49
C TYR O 23 -53.34 38.48 -53.31
N MET O 24 -54.30 39.14 -53.95
CA MET O 24 -55.25 38.42 -54.79
C MET O 24 -54.57 37.86 -56.02
N SER O 25 -53.57 38.55 -56.55
CA SER O 25 -52.80 37.99 -57.65
C SER O 25 -52.13 36.69 -57.23
N GLY O 26 -51.48 36.70 -56.06
CA GLY O 26 -50.89 35.47 -55.55
C GLY O 26 -51.90 34.38 -55.27
N LEU O 27 -53.04 34.76 -54.69
CA LEU O 27 -54.08 33.79 -54.37
C LEU O 27 -54.63 33.13 -55.63
N TRP O 28 -54.85 33.93 -56.67
CA TRP O 28 -55.40 33.36 -57.90
C TRP O 28 -54.37 32.54 -58.65
N LEU O 29 -53.09 32.92 -58.63
CA LEU O 29 -52.08 32.04 -59.23
C LEU O 29 -52.01 30.72 -58.48
N PHE O 30 -52.07 30.78 -57.15
CA PHE O 30 -52.08 29.58 -56.34
C PHE O 30 -53.27 28.69 -56.67
N SER O 31 -54.45 29.29 -56.81
CA SER O 31 -55.65 28.53 -57.12
C SER O 31 -55.61 27.96 -58.53
N ALA O 32 -55.03 28.69 -59.48
CA ALA O 32 -54.89 28.17 -60.83
C ALA O 32 -54.00 26.94 -60.86
N VAL O 33 -52.85 27.00 -60.17
CA VAL O 33 -51.98 25.84 -60.11
C VAL O 33 -52.66 24.70 -59.37
N ALA O 34 -53.41 25.01 -58.31
CA ALA O 34 -54.12 23.97 -57.57
C ALA O 34 -55.16 23.29 -58.43
N ILE O 35 -55.88 24.06 -59.24
CA ILE O 35 -56.89 23.49 -60.14
C ILE O 35 -56.22 22.61 -61.19
N VAL O 36 -55.09 23.06 -61.72
CA VAL O 36 -54.36 22.22 -62.69
C VAL O 36 -53.98 20.89 -62.05
N ALA O 37 -53.44 20.94 -60.82
CA ALA O 37 -53.05 19.71 -60.13
C ALA O 37 -54.25 18.81 -59.85
N HIS O 38 -55.36 19.41 -59.40
CA HIS O 38 -56.55 18.63 -59.10
C HIS O 38 -57.09 17.95 -60.34
N LEU O 39 -57.13 18.68 -61.46
CA LEU O 39 -57.60 18.09 -62.71
C LEU O 39 -56.69 16.96 -63.16
N ALA O 40 -55.37 17.16 -63.06
CA ALA O 40 -54.45 16.12 -63.49
C ALA O 40 -54.63 14.85 -62.66
N VAL O 41 -54.81 15.00 -61.35
CA VAL O 41 -55.02 13.83 -60.50
C VAL O 41 -56.36 13.18 -60.80
N TYR O 42 -57.42 13.98 -60.97
CA TYR O 42 -58.74 13.43 -61.22
C TYR O 42 -58.77 12.64 -62.52
N ILE O 43 -58.03 13.11 -63.53
CA ILE O 43 -57.84 12.32 -64.75
C ILE O 43 -57.04 11.07 -64.43
N TRP O 44 -56.01 11.21 -63.60
CA TRP O 44 -55.22 10.05 -63.20
C TRP O 44 -56.08 9.01 -62.50
N ARG O 45 -56.88 9.44 -61.51
CA ARG O 45 -57.94 8.61 -60.95
C ARG O 45 -58.87 9.48 -60.11
N PRO O 46 -60.18 9.39 -60.33
CA PRO O 46 -61.12 10.25 -59.61
C PRO O 46 -61.46 9.69 -58.23
N TRP O 47 -62.10 10.54 -57.43
CA TRP O 47 -62.58 10.13 -56.12
C TRP O 47 -64.09 10.17 -55.98
N PHE O 48 -64.81 10.70 -56.96
CA PHE O 48 -66.26 10.63 -56.95
C PHE O 48 -66.74 9.71 -58.06
N SER P 2 -82.22 42.95 -42.00
CA SER P 2 -81.37 43.77 -42.85
C SER P 2 -80.78 44.90 -42.02
N LYS P 3 -81.11 44.91 -40.73
CA LYS P 3 -80.64 45.94 -39.80
C LYS P 3 -79.77 45.34 -38.71
N PHE P 4 -78.90 44.39 -39.07
CA PHE P 4 -78.00 43.76 -38.12
C PHE P 4 -76.66 44.47 -38.00
N TYR P 5 -76.42 45.51 -38.81
CA TYR P 5 -75.14 46.21 -38.81
C TYR P 5 -74.74 46.70 -37.43
N LYS P 6 -75.69 46.82 -36.51
CA LYS P 6 -75.43 47.31 -35.17
C LYS P 6 -74.55 46.37 -34.36
N ILE P 7 -74.33 45.13 -34.80
CA ILE P 7 -73.45 44.22 -34.08
C ILE P 7 -72.07 44.83 -33.89
N TRP P 8 -71.58 45.56 -34.89
CA TRP P 8 -70.25 46.14 -34.84
C TRP P 8 -70.17 47.35 -33.92
N MET P 9 -71.29 47.82 -33.38
CA MET P 9 -71.28 48.78 -32.29
C MET P 9 -71.04 48.10 -30.93
N ILE P 10 -71.13 46.77 -30.88
CA ILE P 10 -70.95 46.06 -29.63
C ILE P 10 -69.67 45.24 -29.68
N PHE P 11 -69.58 44.32 -30.63
CA PHE P 11 -68.47 43.38 -30.71
C PHE P 11 -67.36 43.91 -31.60
N ASP P 12 -66.13 43.83 -31.10
CA ASP P 12 -64.97 44.26 -31.86
C ASP P 12 -64.81 43.37 -33.09
N PRO P 13 -64.68 43.93 -34.29
CA PRO P 13 -64.37 43.10 -35.46
C PRO P 13 -63.10 42.28 -35.31
N ARG P 14 -62.09 42.82 -34.64
CA ARG P 14 -60.84 42.09 -34.43
C ARG P 14 -61.11 40.75 -33.75
N ARG P 15 -61.88 40.78 -32.65
CA ARG P 15 -62.13 39.57 -31.90
C ARG P 15 -62.95 38.57 -32.70
N VAL P 16 -64.07 39.04 -33.27
CA VAL P 16 -65.01 38.12 -33.89
C VAL P 16 -64.41 37.49 -35.13
N PHE P 17 -63.67 38.25 -35.93
CA PHE P 17 -63.17 37.69 -37.19
C PHE P 17 -62.19 36.55 -36.92
N VAL P 18 -61.21 36.77 -36.05
CA VAL P 18 -60.23 35.71 -35.78
C VAL P 18 -60.88 34.54 -35.04
N ALA P 19 -61.74 34.83 -34.06
CA ALA P 19 -62.37 33.74 -33.32
C ALA P 19 -63.24 32.89 -34.23
N GLN P 20 -63.98 33.53 -35.13
CA GLN P 20 -64.85 32.77 -36.03
C GLN P 20 -64.05 32.05 -37.10
N GLY P 21 -62.93 32.61 -37.54
CA GLY P 21 -62.08 31.85 -38.45
C GLY P 21 -61.59 30.57 -37.82
N VAL P 22 -61.10 30.66 -36.58
CA VAL P 22 -60.65 29.46 -35.87
C VAL P 22 -61.80 28.50 -35.65
N PHE P 23 -62.96 29.02 -35.24
CA PHE P 23 -64.13 28.18 -35.00
C PHE P 23 -64.54 27.44 -36.27
N LEU P 24 -64.69 28.15 -37.38
CA LEU P 24 -65.13 27.54 -38.62
C LEU P 24 -64.13 26.52 -39.12
N PHE P 25 -62.83 26.82 -39.02
CA PHE P 25 -61.84 25.85 -39.45
C PHE P 25 -61.89 24.59 -38.59
N LEU P 26 -61.99 24.76 -37.27
CA LEU P 26 -62.01 23.59 -36.40
C LEU P 26 -63.25 22.74 -36.65
N LEU P 27 -64.41 23.38 -36.80
CA LEU P 27 -65.63 22.61 -37.06
C LEU P 27 -65.57 21.92 -38.41
N ALA P 28 -65.03 22.59 -39.43
CA ALA P 28 -64.89 21.97 -40.74
C ALA P 28 -63.99 20.74 -40.68
N VAL P 29 -62.85 20.86 -40.00
CA VAL P 29 -61.94 19.73 -39.87
C VAL P 29 -62.61 18.60 -39.09
N MET P 30 -63.35 18.94 -38.03
CA MET P 30 -64.02 17.93 -37.24
C MET P 30 -65.05 17.17 -38.05
N ILE P 31 -65.85 17.88 -38.85
CA ILE P 31 -66.88 17.21 -39.64
C ILE P 31 -66.24 16.34 -40.71
N HIS P 32 -65.23 16.88 -41.40
CA HIS P 32 -64.51 16.08 -42.38
C HIS P 32 -63.94 14.82 -41.75
N LEU P 33 -63.42 14.93 -40.53
CA LEU P 33 -62.86 13.77 -39.85
C LEU P 33 -63.93 12.76 -39.45
N ILE P 34 -65.07 13.25 -38.98
CA ILE P 34 -66.16 12.34 -38.63
C ILE P 34 -66.61 11.56 -39.85
N LEU P 35 -66.74 12.25 -40.99
CA LEU P 35 -67.05 11.55 -42.23
C LEU P 35 -65.97 10.55 -42.59
N LEU P 36 -64.71 10.92 -42.41
CA LEU P 36 -63.62 10.00 -42.71
C LEU P 36 -63.63 8.78 -41.80
N SER P 37 -64.16 8.92 -40.58
CA SER P 37 -64.20 7.79 -39.66
C SER P 37 -65.26 6.78 -40.06
N THR P 38 -66.44 7.26 -40.44
CA THR P 38 -67.52 6.35 -40.82
C THR P 38 -67.17 5.65 -42.13
N PRO P 39 -67.22 4.32 -42.17
CA PRO P 39 -66.85 3.61 -43.41
C PRO P 39 -67.79 3.91 -44.56
N SER P 40 -69.00 4.36 -44.29
CA SER P 40 -69.94 4.65 -45.38
C SER P 40 -69.61 5.96 -46.09
N TYR P 41 -68.79 6.80 -45.47
CA TYR P 41 -68.46 8.10 -46.06
C TYR P 41 -66.97 8.31 -46.29
N ASN P 42 -66.15 7.30 -46.03
CA ASN P 42 -64.74 7.47 -46.35
C ASN P 42 -64.60 7.48 -47.85
N TRP P 43 -64.64 8.68 -48.45
CA TRP P 43 -64.73 8.79 -49.90
C TRP P 43 -63.53 8.16 -50.59
N LEU P 44 -62.37 8.15 -49.93
CA LEU P 44 -61.21 7.46 -50.48
C LEU P 44 -61.50 5.97 -50.64
N GLU P 45 -62.10 5.36 -49.62
CA GLU P 45 -62.38 3.92 -49.69
C GLU P 45 -63.53 3.63 -50.65
N ILE P 46 -64.53 4.51 -50.72
CA ILE P 46 -65.62 4.32 -51.67
C ILE P 46 -65.06 4.35 -53.10
N SER P 47 -64.19 5.31 -53.39
CA SER P 47 -63.60 5.37 -54.73
C SER P 47 -62.67 4.19 -54.97
N ALA P 48 -61.98 3.70 -53.94
CA ALA P 48 -61.13 2.52 -54.11
C ALA P 48 -61.95 1.30 -54.45
N ALA P 49 -63.09 1.12 -53.78
CA ALA P 49 -63.91 -0.07 -54.01
C ALA P 49 -64.65 0.01 -55.34
N LYS P 50 -65.14 1.20 -55.70
CA LYS P 50 -65.97 1.31 -56.90
C LYS P 50 -65.16 1.07 -58.16
N TYR P 51 -63.86 1.39 -58.16
CA TYR P 51 -63.05 1.30 -59.36
C TYR P 51 -62.03 0.18 -59.31
N ASN P 52 -62.22 -0.81 -58.43
CA ASN P 52 -61.39 -2.01 -58.39
C ASN P 52 -59.91 -1.66 -58.25
N ARG P 53 -59.61 -0.81 -57.27
CA ARG P 53 -58.26 -0.36 -57.00
C ARG P 53 -57.56 -1.20 -55.95
N VAL P 54 -57.91 -2.49 -55.85
CA VAL P 54 -57.27 -3.38 -54.90
C VAL P 54 -56.72 -4.60 -55.62
N LEU Q 6 -72.50 52.12 -25.33
CA LEU Q 6 -72.52 51.98 -26.79
C LEU Q 6 -71.21 52.47 -27.38
N GLY Q 7 -70.85 51.94 -28.54
CA GLY Q 7 -69.63 52.34 -29.20
C GLY Q 7 -68.37 51.82 -28.55
N TYR Q 8 -68.45 50.72 -27.79
CA TYR Q 8 -67.26 50.16 -27.18
C TYR Q 8 -66.24 49.74 -28.23
N THR Q 9 -66.69 49.52 -29.46
CA THR Q 9 -65.80 49.22 -30.58
C THR Q 9 -65.15 50.47 -31.17
N GLY Q 10 -65.65 51.66 -30.84
CA GLY Q 10 -65.10 52.88 -31.39
C GLY Q 10 -65.44 53.13 -32.83
N LEU Q 11 -66.52 52.52 -33.34
CA LEU Q 11 -66.94 52.66 -34.72
C LEU Q 11 -68.21 53.51 -34.80
N THR Q 12 -68.25 54.39 -35.80
CA THR Q 12 -69.47 55.15 -36.05
C THR Q 12 -70.50 54.27 -36.75
N ASP Q 13 -71.70 54.80 -36.94
CA ASP Q 13 -72.76 54.03 -37.58
C ASP Q 13 -72.40 53.67 -39.02
N GLU Q 14 -71.86 54.61 -39.78
CA GLU Q 14 -71.57 54.36 -41.19
C GLU Q 14 -70.49 53.29 -41.36
N GLN Q 15 -69.43 53.37 -40.57
CA GLN Q 15 -68.38 52.34 -40.63
C GLN Q 15 -68.94 50.98 -40.30
N ALA Q 16 -69.78 50.89 -39.27
CA ALA Q 16 -70.39 49.62 -38.93
C ALA Q 16 -71.27 49.10 -40.05
N GLN Q 17 -72.05 49.97 -40.69
CA GLN Q 17 -72.94 49.52 -41.76
C GLN Q 17 -72.13 48.99 -42.95
N GLU Q 18 -71.08 49.71 -43.36
CA GLU Q 18 -70.31 49.25 -44.51
C GLU Q 18 -69.53 47.97 -44.18
N LEU Q 19 -68.96 47.89 -42.97
CA LEU Q 19 -68.28 46.67 -42.56
C LEU Q 19 -69.25 45.50 -42.55
N HIS Q 20 -70.46 45.72 -42.06
CA HIS Q 20 -71.49 44.68 -42.07
C HIS Q 20 -71.85 44.27 -43.49
N SER Q 21 -71.92 45.23 -44.41
CA SER Q 21 -72.23 44.90 -45.80
C SER Q 21 -71.15 44.01 -46.40
N VAL Q 22 -69.88 44.34 -46.15
CA VAL Q 22 -68.79 43.50 -46.66
C VAL Q 22 -68.84 42.12 -46.02
N TYR Q 23 -69.07 42.07 -44.71
CA TYR Q 23 -69.12 40.79 -44.01
C TYR Q 23 -70.26 39.93 -44.52
N MET Q 24 -71.42 40.54 -44.79
CA MET Q 24 -72.54 39.78 -45.31
C MET Q 24 -72.28 39.33 -46.74
N SER Q 25 -71.56 40.13 -47.53
CA SER Q 25 -71.15 39.67 -48.85
C SER Q 25 -70.31 38.40 -48.74
N GLY Q 26 -69.31 38.43 -47.85
CA GLY Q 26 -68.48 37.25 -47.65
C GLY Q 26 -69.26 36.06 -47.12
N LEU Q 27 -70.16 36.30 -46.16
CA LEU Q 27 -70.97 35.24 -45.59
C LEU Q 27 -71.88 34.61 -46.62
N TRP Q 28 -72.49 35.42 -47.49
CA TRP Q 28 -73.36 34.85 -48.51
C TRP Q 28 -72.55 34.08 -49.54
N LEU Q 29 -71.35 34.56 -49.88
CA LEU Q 29 -70.51 33.79 -50.78
C LEU Q 29 -70.16 32.43 -50.18
N PHE Q 30 -69.76 32.42 -48.90
CA PHE Q 30 -69.43 31.16 -48.24
C PHE Q 30 -70.65 30.25 -48.16
N SER Q 31 -71.82 30.81 -47.86
CA SER Q 31 -73.04 30.00 -47.77
C SER Q 31 -73.42 29.42 -49.12
N ALA Q 32 -73.26 30.20 -50.20
CA ALA Q 32 -73.55 29.68 -51.54
C ALA Q 32 -72.62 28.53 -51.90
N VAL Q 33 -71.32 28.68 -51.61
CA VAL Q 33 -70.40 27.59 -51.87
C VAL Q 33 -70.75 26.38 -51.02
N ALA Q 34 -71.19 26.61 -49.78
CA ALA Q 34 -71.61 25.51 -48.91
C ALA Q 34 -72.82 24.79 -49.48
N ILE Q 35 -73.80 25.54 -49.99
CA ILE Q 35 -74.97 24.92 -50.59
C ILE Q 35 -74.57 24.10 -51.80
N VAL Q 36 -73.67 24.62 -52.63
CA VAL Q 36 -73.24 23.89 -53.83
C VAL Q 36 -72.56 22.58 -53.43
N ALA Q 37 -71.63 22.65 -52.47
CA ALA Q 37 -70.93 21.43 -52.05
C ALA Q 37 -71.88 20.42 -51.43
N HIS Q 38 -72.81 20.89 -50.59
CA HIS Q 38 -73.78 19.99 -49.97
C HIS Q 38 -74.67 19.34 -51.01
N LEU Q 39 -75.11 20.10 -52.01
CA LEU Q 39 -75.95 19.53 -53.07
C LEU Q 39 -75.20 18.48 -53.86
N ALA Q 40 -73.94 18.76 -54.22
CA ALA Q 40 -73.15 17.78 -54.95
C ALA Q 40 -72.98 16.51 -54.14
N VAL Q 41 -72.66 16.64 -52.84
CA VAL Q 41 -72.50 15.47 -52.00
C VAL Q 41 -73.80 14.70 -51.88
N TYR Q 42 -74.92 15.41 -51.74
CA TYR Q 42 -76.21 14.75 -51.56
C TYR Q 42 -76.63 13.99 -52.81
N ILE Q 43 -76.41 14.58 -53.99
CA ILE Q 43 -76.77 13.87 -55.21
C ILE Q 43 -75.83 12.70 -55.45
N TRP Q 44 -74.57 12.82 -55.02
CA TRP Q 44 -73.61 11.74 -55.21
C TRP Q 44 -73.86 10.58 -54.25
N ARG Q 45 -74.22 10.87 -53.00
CA ARG Q 45 -74.36 9.87 -51.97
C ARG Q 45 -75.19 10.44 -50.83
N PRO Q 46 -76.51 10.51 -50.97
CA PRO Q 46 -77.33 11.20 -49.97
C PRO Q 46 -77.24 10.56 -48.60
N TRP Q 47 -77.33 11.40 -47.57
CA TRP Q 47 -77.31 10.95 -46.19
C TRP Q 47 -78.71 10.81 -45.60
N PHE Q 48 -79.74 11.05 -46.40
CA PHE Q 48 -81.10 10.83 -45.99
C PHE Q 48 -81.74 9.73 -46.84
N SER R 2 -93.93 43.06 -22.05
CA SER R 2 -93.68 44.08 -23.06
C SER R 2 -92.54 44.95 -22.55
N LYS R 3 -92.19 44.74 -21.28
CA LYS R 3 -91.16 45.51 -20.60
C LYS R 3 -89.95 44.64 -20.29
N PHE R 4 -89.74 43.58 -21.08
CA PHE R 4 -88.55 42.74 -20.92
C PHE R 4 -87.28 43.46 -21.36
N TYR R 5 -87.41 44.58 -22.08
CA TYR R 5 -86.25 45.22 -22.69
C TYR R 5 -85.27 45.70 -21.64
N LYS R 6 -85.76 46.29 -20.56
CA LYS R 6 -84.90 47.02 -19.63
C LYS R 6 -83.92 46.11 -18.91
N ILE R 7 -83.99 44.79 -19.12
CA ILE R 7 -82.97 43.90 -18.59
C ILE R 7 -81.61 44.24 -19.19
N TRP R 8 -81.60 44.83 -20.40
CA TRP R 8 -80.34 45.27 -20.99
C TRP R 8 -79.70 46.38 -20.17
N MET R 9 -80.48 47.07 -19.33
CA MET R 9 -79.94 48.07 -18.43
C MET R 9 -79.37 47.46 -17.16
N ILE R 10 -79.56 46.17 -16.93
CA ILE R 10 -79.02 45.50 -15.76
C ILE R 10 -77.72 44.78 -16.08
N PHE R 11 -77.71 44.01 -17.16
CA PHE R 11 -76.57 43.21 -17.56
C PHE R 11 -75.87 43.83 -18.77
N ASP R 12 -74.57 43.69 -18.82
CA ASP R 12 -73.79 44.21 -19.95
C ASP R 12 -74.16 43.43 -21.22
N PRO R 13 -74.51 44.13 -22.30
CA PRO R 13 -74.93 43.42 -23.52
C PRO R 13 -73.85 42.51 -24.11
N ARG R 14 -72.58 42.92 -24.07
CA ARG R 14 -71.50 42.09 -24.60
C ARG R 14 -71.38 40.81 -23.81
N ARG R 15 -71.43 40.93 -22.47
CA ARG R 15 -71.43 39.77 -21.60
C ARG R 15 -72.53 38.80 -21.99
N VAL R 16 -73.77 39.31 -22.09
CA VAL R 16 -74.91 38.45 -22.37
C VAL R 16 -74.74 37.78 -23.72
N PHE R 17 -74.30 38.54 -24.73
CA PHE R 17 -74.21 38.01 -26.08
C PHE R 17 -73.17 36.90 -26.17
N VAL R 18 -71.98 37.14 -25.61
CA VAL R 18 -70.93 36.12 -25.71
C VAL R 18 -71.30 34.89 -24.88
N ALA R 19 -71.90 35.09 -23.71
CA ALA R 19 -72.30 33.95 -22.89
C ALA R 19 -73.36 33.13 -23.59
N GLN R 20 -74.36 33.77 -24.19
CA GLN R 20 -75.42 33.04 -24.85
C GLN R 20 -74.92 32.37 -26.12
N GLY R 21 -73.96 32.98 -26.83
CA GLY R 21 -73.38 32.30 -27.97
C GLY R 21 -72.64 31.03 -27.59
N VAL R 22 -71.82 31.11 -26.53
CA VAL R 22 -71.12 29.93 -26.04
C VAL R 22 -72.11 28.86 -25.59
N PHE R 23 -73.16 29.29 -24.88
CA PHE R 23 -74.19 28.34 -24.44
C PHE R 23 -74.88 27.67 -25.61
N LEU R 24 -75.25 28.44 -26.64
CA LEU R 24 -75.92 27.87 -27.79
C LEU R 24 -75.05 26.85 -28.48
N PHE R 25 -73.76 27.18 -28.68
CA PHE R 25 -72.86 26.23 -29.32
C PHE R 25 -72.72 24.96 -28.50
N LEU R 26 -72.56 25.11 -27.18
CA LEU R 26 -72.37 23.94 -26.34
C LEU R 26 -73.62 23.05 -26.32
N LEU R 27 -74.79 23.66 -26.19
CA LEU R 27 -76.03 22.88 -26.21
C LEU R 27 -76.22 22.18 -27.53
N ALA R 28 -75.96 22.88 -28.64
CA ALA R 28 -76.13 22.27 -29.95
C ALA R 28 -75.21 21.08 -30.15
N VAL R 29 -73.94 21.24 -29.78
CA VAL R 29 -73.02 20.12 -29.95
C VAL R 29 -73.36 18.98 -29.00
N MET R 30 -73.83 19.29 -27.79
CA MET R 30 -74.19 18.22 -26.87
C MET R 30 -75.37 17.42 -27.38
N ILE R 31 -76.40 18.10 -27.91
CA ILE R 31 -77.55 17.37 -28.44
C ILE R 31 -77.16 16.56 -29.66
N HIS R 32 -76.36 17.16 -30.56
CA HIS R 32 -75.86 16.40 -31.69
C HIS R 32 -75.10 15.16 -31.24
N LEU R 33 -74.29 15.29 -30.18
CA LEU R 33 -73.52 14.15 -29.69
C LEU R 33 -74.43 13.07 -29.12
N ILE R 34 -75.43 13.47 -28.34
CA ILE R 34 -76.38 12.49 -27.81
C ILE R 34 -77.06 11.74 -28.94
N LEU R 35 -77.48 12.47 -29.98
CA LEU R 35 -78.15 11.82 -31.10
C LEU R 35 -77.20 10.93 -31.89
N LEU R 36 -75.93 11.33 -31.99
CA LEU R 36 -74.96 10.51 -32.71
C LEU R 36 -74.66 9.23 -31.97
N SER R 37 -74.60 9.30 -30.64
CA SER R 37 -74.28 8.13 -29.85
C SER R 37 -75.37 7.07 -29.93
N THR R 38 -76.64 7.47 -29.87
CA THR R 38 -77.72 6.51 -29.91
C THR R 38 -77.80 5.87 -31.30
N PRO R 39 -77.93 4.54 -31.38
CA PRO R 39 -78.04 3.89 -32.69
C PRO R 39 -79.26 4.30 -33.48
N SER R 40 -80.36 4.64 -32.80
CA SER R 40 -81.60 4.95 -33.52
C SER R 40 -81.47 6.23 -34.33
N TYR R 41 -80.78 7.23 -33.81
CA TYR R 41 -80.72 8.54 -34.46
C TYR R 41 -79.34 8.89 -34.97
N ASN R 42 -78.46 7.91 -35.11
CA ASN R 42 -77.15 8.14 -35.73
C ASN R 42 -77.36 8.10 -37.23
N TRP R 43 -77.48 9.28 -37.84
CA TRP R 43 -77.91 9.36 -39.23
C TRP R 43 -76.91 8.74 -40.20
N LEU R 44 -75.62 8.73 -39.87
CA LEU R 44 -74.64 8.15 -40.78
C LEU R 44 -74.86 6.66 -40.97
N GLU R 45 -75.05 5.94 -39.86
CA GLU R 45 -75.29 4.51 -39.97
C GLU R 45 -76.68 4.22 -40.54
N ILE R 46 -77.64 5.12 -40.30
CA ILE R 46 -78.95 4.98 -40.92
C ILE R 46 -78.82 5.01 -42.44
N SER R 47 -78.07 5.97 -42.95
CA SER R 47 -77.87 6.05 -44.40
C SER R 47 -76.96 4.95 -44.92
N ALA R 48 -76.08 4.40 -44.07
CA ALA R 48 -75.26 3.28 -44.50
C ALA R 48 -76.08 2.01 -44.68
N ALA R 49 -76.90 1.68 -43.68
CA ALA R 49 -77.69 0.46 -43.74
C ALA R 49 -78.88 0.59 -44.68
N LYS R 50 -79.60 1.72 -44.62
CA LYS R 50 -80.81 1.87 -45.42
C LYS R 50 -80.51 1.84 -46.90
N TYR R 51 -79.41 2.47 -47.31
CA TYR R 51 -78.96 2.41 -48.69
C TYR R 51 -78.06 1.21 -48.96
N ASN R 52 -77.97 0.29 -48.00
CA ASN R 52 -77.22 -0.96 -48.17
C ASN R 52 -75.77 -0.70 -48.55
N ARG R 53 -75.12 0.19 -47.81
CA ARG R 53 -73.73 0.52 -48.06
C ARG R 53 -72.77 -0.34 -47.23
N VAL R 54 -73.08 -0.55 -45.96
CA VAL R 54 -72.25 -1.37 -45.08
C VAL R 54 -72.21 -2.81 -45.57
N LEU S 6 -78.48 55.31 -11.65
CA LEU S 6 -79.71 54.88 -12.33
C LEU S 6 -79.75 53.37 -12.51
N GLY S 7 -78.81 52.85 -13.29
CA GLY S 7 -78.70 51.42 -13.55
C GLY S 7 -77.31 50.93 -13.24
N TYR S 8 -76.85 49.97 -14.06
CA TYR S 8 -75.53 49.39 -13.89
C TYR S 8 -74.69 49.45 -15.15
N THR S 9 -75.28 49.23 -16.32
CA THR S 9 -74.51 49.18 -17.57
C THR S 9 -74.31 50.54 -18.19
N GLY S 10 -74.84 51.59 -17.59
CA GLY S 10 -74.71 52.93 -18.15
C GLY S 10 -75.42 53.11 -19.47
N LEU S 11 -76.62 52.56 -19.60
CA LEU S 11 -77.42 52.69 -20.81
C LEU S 11 -78.74 53.36 -20.49
N THR S 12 -79.40 53.85 -21.54
CA THR S 12 -80.70 54.46 -21.43
C THR S 12 -81.79 53.41 -21.67
N ASP S 13 -83.03 53.87 -21.84
CA ASP S 13 -84.15 53.00 -22.17
C ASP S 13 -84.43 52.91 -23.66
N GLU S 14 -84.23 54.00 -24.41
CA GLU S 14 -84.49 53.96 -25.85
C GLU S 14 -83.50 53.07 -26.58
N GLN S 15 -82.20 53.23 -26.31
CA GLN S 15 -81.22 52.33 -26.90
C GLN S 15 -81.44 50.90 -26.40
N ALA S 16 -81.87 50.75 -25.15
CA ALA S 16 -82.24 49.43 -24.65
C ALA S 16 -83.41 48.86 -25.45
N GLN S 17 -84.38 49.70 -25.79
CA GLN S 17 -85.50 49.26 -26.61
C GLN S 17 -85.04 48.81 -27.99
N GLU S 18 -84.16 49.59 -28.62
CA GLU S 18 -83.66 49.21 -29.94
C GLU S 18 -82.88 47.91 -29.89
N LEU S 19 -82.00 47.76 -28.89
CA LEU S 19 -81.23 46.54 -28.73
C LEU S 19 -82.13 45.35 -28.46
N HIS S 20 -83.15 45.53 -27.62
CA HIS S 20 -84.09 44.46 -27.36
C HIS S 20 -84.83 44.08 -28.63
N SER S 21 -85.21 45.06 -29.45
CA SER S 21 -85.89 44.78 -30.69
C SER S 21 -85.03 43.94 -31.63
N VAL S 22 -83.78 44.35 -31.83
CA VAL S 22 -82.93 43.62 -32.77
C VAL S 22 -82.59 42.23 -32.23
N TYR S 23 -82.37 42.12 -30.91
CA TYR S 23 -82.12 40.82 -30.32
C TYR S 23 -83.32 39.91 -30.42
N MET S 24 -84.53 40.46 -30.23
CA MET S 24 -85.74 39.66 -30.37
C MET S 24 -85.96 39.23 -31.82
N SER S 25 -85.64 40.09 -32.78
CA SER S 25 -85.72 39.68 -34.18
C SER S 25 -84.77 38.52 -34.45
N GLY S 26 -83.53 38.62 -33.95
CA GLY S 26 -82.60 37.51 -34.11
C GLY S 26 -83.08 36.24 -33.44
N LEU S 27 -83.59 36.37 -32.21
CA LEU S 27 -84.09 35.20 -31.48
C LEU S 27 -85.24 34.54 -32.21
N TRP S 28 -86.18 35.34 -32.72
CA TRP S 28 -87.32 34.77 -33.44
C TRP S 28 -86.85 34.08 -34.72
N LEU S 29 -85.89 34.67 -35.43
CA LEU S 29 -85.39 34.02 -36.63
C LEU S 29 -84.72 32.69 -36.31
N PHE S 30 -83.86 32.67 -35.28
CA PHE S 30 -83.18 31.45 -34.90
C PHE S 30 -84.17 30.39 -34.44
N SER S 31 -85.15 30.78 -33.62
CA SER S 31 -86.14 29.82 -33.14
C SER S 31 -87.02 29.32 -34.27
N ALA S 32 -87.32 30.16 -35.26
CA ALA S 32 -88.12 29.71 -36.40
C ALA S 32 -87.36 28.72 -37.26
N VAL S 33 -86.07 28.99 -37.51
CA VAL S 33 -85.26 28.00 -38.22
C VAL S 33 -85.20 26.70 -37.44
N ALA S 34 -85.10 26.81 -36.11
CA ALA S 34 -85.12 25.62 -35.26
C ALA S 34 -86.43 24.86 -35.40
N ILE S 35 -87.55 25.57 -35.41
CA ILE S 35 -88.86 24.95 -35.54
C ILE S 35 -88.99 24.23 -36.87
N VAL S 36 -88.52 24.87 -37.95
CA VAL S 36 -88.58 24.26 -39.27
C VAL S 36 -87.72 23.00 -39.31
N ALA S 37 -86.52 23.06 -38.72
CA ALA S 37 -85.66 21.89 -38.68
C ALA S 37 -86.29 20.76 -37.87
N HIS S 38 -86.89 21.09 -36.72
CA HIS S 38 -87.51 20.08 -35.89
C HIS S 38 -88.69 19.43 -36.60
N LEU S 39 -89.49 20.23 -37.30
CA LEU S 39 -90.57 19.66 -38.08
C LEU S 39 -90.03 18.72 -39.16
N ALA S 40 -88.97 19.14 -39.86
CA ALA S 40 -88.41 18.30 -40.92
C ALA S 40 -87.91 16.97 -40.36
N VAL S 41 -87.22 17.02 -39.22
CA VAL S 41 -86.68 15.79 -38.63
C VAL S 41 -87.81 14.91 -38.10
N TYR S 42 -88.78 15.50 -37.41
CA TYR S 42 -89.86 14.71 -36.82
C TYR S 42 -90.71 14.06 -37.89
N ILE S 43 -90.86 14.71 -39.05
CA ILE S 43 -91.48 14.04 -40.19
C ILE S 43 -90.57 12.95 -40.72
N TRP S 44 -89.26 13.22 -40.79
CA TRP S 44 -88.30 12.22 -41.24
C TRP S 44 -88.25 11.04 -40.28
N ARG S 45 -88.19 11.32 -38.99
CA ARG S 45 -88.04 10.25 -38.02
C ARG S 45 -88.52 10.69 -36.63
N PRO S 46 -89.78 10.45 -36.30
CA PRO S 46 -90.31 10.95 -35.03
C PRO S 46 -89.71 10.25 -33.83
N TRP S 47 -89.75 10.94 -32.69
CA TRP S 47 -89.25 10.40 -31.42
C TRP S 47 -90.36 10.25 -30.40
N PHE S 48 -91.57 9.92 -30.86
CA PHE S 48 -92.68 9.70 -29.96
C PHE S 48 -93.54 8.52 -30.39
N SER T 2 -96.76 40.09 -0.62
CA SER T 2 -96.95 41.36 -1.30
C SER T 2 -95.81 42.29 -0.95
N LYS T 3 -94.72 41.70 -0.47
CA LYS T 3 -93.61 42.46 0.08
C LYS T 3 -92.24 41.96 -0.37
N PHE T 4 -92.19 40.95 -1.24
CA PHE T 4 -90.91 40.37 -1.66
C PHE T 4 -90.06 41.32 -2.49
N TYR T 5 -90.65 42.33 -3.13
CA TYR T 5 -89.92 43.15 -4.09
C TYR T 5 -88.67 43.77 -3.50
N LYS T 6 -88.71 44.13 -2.22
CA LYS T 6 -87.56 44.82 -1.63
C LYS T 6 -86.34 43.94 -1.51
N ILE T 7 -86.45 42.63 -1.78
CA ILE T 7 -85.25 41.81 -1.86
C ILE T 7 -84.33 42.31 -2.97
N TRP T 8 -84.91 42.90 -4.01
CA TRP T 8 -84.09 43.50 -5.07
C TRP T 8 -83.32 44.72 -4.57
N MET T 9 -83.62 45.21 -3.38
CA MET T 9 -82.85 46.24 -2.72
C MET T 9 -81.78 45.69 -1.80
N ILE T 10 -81.83 44.40 -1.47
CA ILE T 10 -80.76 43.75 -0.73
C ILE T 10 -79.95 42.79 -1.59
N PHE T 11 -80.43 42.42 -2.77
CA PHE T 11 -79.72 41.53 -3.67
C PHE T 11 -79.43 42.25 -4.97
N ASP T 12 -78.18 42.15 -5.43
CA ASP T 12 -77.80 42.73 -6.71
C ASP T 12 -78.51 42.00 -7.83
N PRO T 13 -79.24 42.72 -8.70
CA PRO T 13 -80.01 42.02 -9.74
C PRO T 13 -79.15 41.16 -10.66
N ARG T 14 -77.96 41.64 -11.02
CA ARG T 14 -77.09 40.86 -11.91
C ARG T 14 -76.68 39.55 -11.26
N ARG T 15 -76.27 39.60 -10.00
CA ARG T 15 -75.81 38.41 -9.29
C ARG T 15 -76.92 37.38 -9.17
N VAL T 16 -78.11 37.81 -8.75
CA VAL T 16 -79.21 36.88 -8.53
C VAL T 16 -79.70 36.31 -9.86
N PHE T 17 -79.76 37.14 -10.90
CA PHE T 17 -80.18 36.63 -12.20
C PHE T 17 -79.21 35.58 -12.72
N VAL T 18 -77.90 35.83 -12.60
CA VAL T 18 -76.93 34.85 -13.05
C VAL T 18 -77.04 33.57 -12.24
N ALA T 19 -77.20 33.71 -10.92
CA ALA T 19 -77.34 32.52 -10.08
C ALA T 19 -78.56 31.70 -10.48
N GLN T 20 -79.69 32.36 -10.71
CA GLN T 20 -80.90 31.66 -11.10
C GLN T 20 -80.73 30.96 -12.45
N GLY T 21 -80.13 31.65 -13.42
CA GLY T 21 -79.93 31.04 -14.72
C GLY T 21 -79.04 29.81 -14.63
N VAL T 22 -77.93 29.91 -13.90
CA VAL T 22 -77.02 28.78 -13.76
C VAL T 22 -77.72 27.63 -13.06
N PHE T 23 -78.44 27.92 -11.98
CA PHE T 23 -79.13 26.88 -11.23
C PHE T 23 -80.17 26.17 -12.09
N LEU T 24 -80.98 26.93 -12.83
CA LEU T 24 -82.00 26.32 -13.67
C LEU T 24 -81.38 25.47 -14.76
N PHE T 25 -80.32 25.97 -15.39
CA PHE T 25 -79.67 25.20 -16.45
C PHE T 25 -79.10 23.89 -15.91
N LEU T 26 -78.38 23.96 -14.79
CA LEU T 26 -77.79 22.75 -14.23
C LEU T 26 -78.86 21.76 -13.81
N LEU T 27 -79.93 22.24 -13.17
CA LEU T 27 -81.00 21.34 -12.75
C LEU T 27 -81.69 20.70 -13.95
N ALA T 28 -81.95 21.47 -15.00
CA ALA T 28 -82.62 20.92 -16.18
C ALA T 28 -81.75 19.87 -16.85
N VAL T 29 -80.44 20.13 -16.97
CA VAL T 29 -79.55 19.14 -17.56
C VAL T 29 -79.53 17.88 -16.72
N MET T 30 -79.45 18.03 -15.39
CA MET T 30 -79.41 16.87 -14.53
C MET T 30 -80.68 16.03 -14.65
N ILE T 31 -81.84 16.67 -14.69
CA ILE T 31 -83.09 15.92 -14.78
C ILE T 31 -83.21 15.25 -16.14
N HIS T 32 -82.88 15.94 -17.22
CA HIS T 32 -82.91 15.31 -18.53
C HIS T 32 -81.97 14.11 -18.58
N LEU T 33 -80.80 14.22 -17.96
CA LEU T 33 -79.87 13.10 -17.93
C LEU T 33 -80.41 11.94 -17.10
N ILE T 34 -81.08 12.24 -15.98
CA ILE T 34 -81.67 11.17 -15.18
C ILE T 34 -82.74 10.44 -15.98
N LEU T 35 -83.56 11.20 -16.71
CA LEU T 35 -84.58 10.59 -17.55
C LEU T 35 -83.95 9.73 -18.65
N LEU T 36 -82.86 10.20 -19.25
CA LEU T 36 -82.15 9.38 -20.22
C LEU T 36 -81.55 8.13 -19.57
N SER T 37 -81.19 8.22 -18.29
CA SER T 37 -80.61 7.07 -17.61
C SER T 37 -81.61 5.94 -17.45
N THR T 38 -82.85 6.27 -17.09
CA THR T 38 -83.84 5.23 -16.81
C THR T 38 -84.31 4.58 -18.11
N PRO T 39 -84.21 3.26 -18.24
CA PRO T 39 -84.63 2.61 -19.48
C PRO T 39 -86.11 2.76 -19.80
N SER T 40 -86.93 3.10 -18.80
CA SER T 40 -88.35 3.27 -19.03
C SER T 40 -88.72 4.65 -19.55
N TYR T 41 -87.77 5.58 -19.60
CA TYR T 41 -88.06 6.96 -19.97
C TYR T 41 -87.14 7.54 -21.04
N ASN T 42 -86.10 6.83 -21.45
CA ASN T 42 -85.22 7.33 -22.50
C ASN T 42 -86.01 7.35 -23.81
N TRP T 43 -86.39 8.56 -24.24
CA TRP T 43 -87.28 8.68 -25.39
C TRP T 43 -86.65 8.19 -26.68
N LEU T 44 -85.34 8.34 -26.84
CA LEU T 44 -84.67 7.82 -28.02
C LEU T 44 -84.82 6.30 -28.11
N GLU T 45 -84.50 5.59 -27.03
CA GLU T 45 -84.61 4.14 -27.05
C GLU T 45 -86.06 3.66 -27.03
N ILE T 46 -86.96 4.43 -26.41
CA ILE T 46 -88.38 4.08 -26.45
C ILE T 46 -88.88 4.11 -27.88
N SER T 47 -88.56 5.18 -28.62
CA SER T 47 -88.98 5.26 -30.01
C SER T 47 -88.22 4.27 -30.89
N ALA T 48 -86.99 3.92 -30.51
CA ALA T 48 -86.27 2.87 -31.24
C ALA T 48 -86.98 1.54 -31.12
N ALA T 49 -87.46 1.20 -29.92
CA ALA T 49 -88.16 -0.06 -29.72
C ALA T 49 -89.55 -0.04 -30.34
N LYS T 50 -90.30 1.04 -30.14
CA LYS T 50 -91.67 1.09 -30.63
C LYS T 50 -91.71 1.07 -32.15
N TYR T 51 -90.80 1.79 -32.80
CA TYR T 51 -90.71 1.83 -34.25
C TYR T 51 -89.79 0.75 -34.79
N ASN T 52 -89.27 -0.13 -33.93
CA ASN T 52 -88.38 -1.21 -34.32
C ASN T 52 -87.14 -0.67 -35.03
N ARG T 53 -86.35 0.08 -34.27
CA ARG T 53 -85.07 0.59 -34.73
C ARG T 53 -83.95 -0.14 -34.00
N VAL T 54 -82.75 -0.06 -34.58
CA VAL T 54 -81.60 -0.77 -34.06
C VAL T 54 -81.17 -0.22 -32.70
N LEU U 6 -80.21 47.09 5.22
CA LEU U 6 -81.15 47.45 4.17
C LEU U 6 -80.61 48.64 3.38
N GLY U 7 -80.99 48.71 2.11
CA GLY U 7 -80.45 49.71 1.21
C GLY U 7 -78.98 49.49 0.90
N TYR U 8 -78.54 48.24 0.81
CA TYR U 8 -77.20 47.95 0.36
C TYR U 8 -77.01 48.43 -1.08
N THR U 9 -78.02 48.19 -1.93
CA THR U 9 -78.09 48.82 -3.25
C THR U 9 -78.77 50.17 -3.21
N GLY U 10 -79.73 50.37 -2.32
CA GLY U 10 -80.44 51.63 -2.22
C GLY U 10 -81.34 51.93 -3.40
N LEU U 11 -81.79 50.91 -4.12
CA LEU U 11 -82.64 51.12 -5.28
C LEU U 11 -83.97 51.73 -4.88
N THR U 12 -84.40 52.73 -5.63
CA THR U 12 -85.65 53.40 -5.32
C THR U 12 -86.81 52.42 -5.43
N ASP U 13 -87.78 52.58 -4.51
CA ASP U 13 -88.77 51.53 -4.31
C ASP U 13 -89.58 51.27 -5.57
N GLU U 14 -89.80 52.30 -6.39
CA GLU U 14 -90.50 52.09 -7.66
C GLU U 14 -89.69 51.18 -8.58
N GLN U 15 -88.36 51.37 -8.62
CA GLN U 15 -87.51 50.53 -9.44
C GLN U 15 -87.57 49.08 -8.98
N ALA U 16 -87.49 48.85 -7.67
CA ALA U 16 -87.60 47.49 -7.16
C ALA U 16 -88.97 46.90 -7.46
N GLN U 17 -90.02 47.71 -7.36
CA GLN U 17 -91.36 47.24 -7.67
C GLN U 17 -91.46 46.77 -9.12
N GLU U 18 -91.01 47.59 -10.06
CA GLU U 18 -91.09 47.18 -11.46
C GLU U 18 -90.20 45.98 -11.74
N LEU U 19 -89.01 45.94 -11.14
CA LEU U 19 -88.11 44.81 -11.33
C LEU U 19 -88.76 43.51 -10.85
N HIS U 20 -89.35 43.52 -9.66
CA HIS U 20 -90.01 42.33 -9.16
C HIS U 20 -91.22 41.97 -10.01
N SER U 21 -91.96 42.97 -10.49
CA SER U 21 -93.14 42.69 -11.30
C SER U 21 -92.76 41.99 -12.60
N VAL U 22 -91.74 42.50 -13.30
CA VAL U 22 -91.35 41.89 -14.56
C VAL U 22 -90.66 40.55 -14.32
N TYR U 23 -89.89 40.44 -13.25
CA TYR U 23 -89.29 39.15 -12.89
C TYR U 23 -90.36 38.10 -12.62
N MET U 24 -91.41 38.46 -11.90
CA MET U 24 -92.49 37.53 -11.63
C MET U 24 -93.30 37.24 -12.88
N SER U 25 -93.39 38.21 -13.80
CA SER U 25 -94.01 37.93 -15.09
C SER U 25 -93.25 36.84 -15.82
N GLY U 26 -91.92 36.97 -15.88
CA GLY U 26 -91.10 35.94 -16.50
C GLY U 26 -91.18 34.61 -15.78
N LEU U 27 -91.17 34.64 -14.45
CA LEU U 27 -91.26 33.41 -13.67
C LEU U 27 -92.58 32.70 -13.88
N TRP U 28 -93.68 33.45 -13.92
CA TRP U 28 -94.98 32.85 -14.18
C TRP U 28 -95.03 32.27 -15.58
N LEU U 29 -94.44 32.97 -16.56
CA LEU U 29 -94.36 32.43 -17.91
C LEU U 29 -93.60 31.11 -17.94
N PHE U 30 -92.44 31.07 -17.28
CA PHE U 30 -91.64 29.85 -17.24
C PHE U 30 -92.38 28.71 -16.56
N SER U 31 -93.02 29.00 -15.43
CA SER U 31 -93.74 27.96 -14.70
C SER U 31 -94.94 27.47 -15.50
N ALA U 32 -95.59 28.35 -16.26
CA ALA U 32 -96.71 27.92 -17.09
C ALA U 32 -96.24 27.01 -18.21
N VAL U 33 -95.15 27.36 -18.89
CA VAL U 33 -94.62 26.48 -19.93
C VAL U 33 -94.21 25.15 -19.34
N ALA U 34 -93.58 25.18 -18.16
CA ALA U 34 -93.17 23.95 -17.49
C ALA U 34 -94.37 23.10 -17.12
N ILE U 35 -95.45 23.72 -16.65
CA ILE U 35 -96.67 23.00 -16.32
C ILE U 35 -97.25 22.32 -17.55
N VAL U 36 -97.29 23.04 -18.68
CA VAL U 36 -97.80 22.47 -19.91
C VAL U 36 -96.97 21.26 -20.32
N ALA U 37 -95.64 21.41 -20.27
CA ALA U 37 -94.76 20.31 -20.65
C ALA U 37 -94.93 19.12 -19.71
N HIS U 38 -95.09 19.39 -18.41
CA HIS U 38 -95.28 18.32 -17.44
C HIS U 38 -96.58 17.57 -17.71
N LEU U 39 -97.65 18.29 -18.00
CA LEU U 39 -98.92 17.64 -18.33
C LEU U 39 -98.77 16.79 -19.57
N ALA U 40 -98.09 17.31 -20.59
CA ALA U 40 -97.89 16.54 -21.81
C ALA U 40 -97.10 15.26 -21.53
N VAL U 41 -96.03 15.36 -20.74
CA VAL U 41 -95.21 14.20 -20.43
C VAL U 41 -96.01 13.17 -19.66
N TYR U 42 -96.77 13.61 -18.65
CA TYR U 42 -97.55 12.66 -17.85
C TYR U 42 -98.60 11.97 -18.70
N ILE U 43 -99.27 12.72 -19.58
CA ILE U 43 -100.27 12.10 -20.45
C ILE U 43 -99.62 11.11 -21.39
N TRP U 44 -98.46 11.45 -21.96
CA TRP U 44 -97.77 10.52 -22.85
C TRP U 44 -97.35 9.25 -22.11
N ARG U 45 -96.76 9.41 -20.93
CA ARG U 45 -96.24 8.28 -20.18
C ARG U 45 -96.16 8.64 -18.71
N PRO U 46 -97.23 8.40 -17.96
CA PRO U 46 -97.27 8.84 -16.55
C PRO U 46 -96.33 8.03 -15.68
N TRP U 47 -95.88 8.67 -14.60
CA TRP U 47 -95.12 8.00 -13.56
C TRP U 47 -95.95 7.71 -12.33
N PHE U 48 -97.26 7.96 -12.39
CA PHE U 48 -98.14 7.73 -11.26
C PHE U 48 -99.35 6.91 -11.65
N SER V 2 -92.07 34.80 18.88
CA SER V 2 -92.34 35.96 18.01
C SER V 2 -91.30 37.05 18.23
N LYS V 3 -90.03 36.64 18.25
CA LYS V 3 -88.92 37.56 18.48
C LYS V 3 -87.73 37.29 17.57
N PHE V 4 -87.84 36.41 16.59
CA PHE V 4 -86.69 36.00 15.79
C PHE V 4 -86.17 37.10 14.88
N TYR V 5 -86.69 38.33 14.99
CA TYR V 5 -86.18 39.44 14.18
C TYR V 5 -84.76 39.83 14.58
N LYS V 6 -84.34 39.52 15.81
CA LYS V 6 -83.04 39.99 16.29
C LYS V 6 -81.88 39.14 15.81
N ILE V 7 -82.13 38.03 15.12
CA ILE V 7 -81.03 37.29 14.52
C ILE V 7 -80.46 38.06 13.32
N TRP V 8 -81.32 38.75 12.57
CA TRP V 8 -80.91 39.47 11.38
C TRP V 8 -80.31 40.84 11.69
N MET V 9 -80.38 41.29 12.94
CA MET V 9 -79.70 42.53 13.31
C MET V 9 -78.20 42.34 13.38
N ILE V 10 -77.73 41.10 13.44
CA ILE V 10 -76.31 40.80 13.48
C ILE V 10 -75.84 40.02 12.25
N PHE V 11 -76.65 39.06 11.78
CA PHE V 11 -76.29 38.29 10.59
C PHE V 11 -76.52 39.09 9.33
N ASP V 12 -75.74 38.78 8.31
CA ASP V 12 -75.90 39.44 7.02
C ASP V 12 -77.01 38.75 6.23
N PRO V 13 -78.03 39.50 5.79
CA PRO V 13 -79.11 38.85 5.02
C PRO V 13 -78.64 38.16 3.75
N ARG V 14 -77.68 38.75 3.03
CA ARG V 14 -77.24 38.15 1.77
C ARG V 14 -76.56 36.82 2.01
N ARG V 15 -75.59 36.78 2.92
CA ARG V 15 -74.89 35.54 3.23
C ARG V 15 -75.84 34.48 3.76
N VAL V 16 -76.72 34.87 4.69
CA VAL V 16 -77.65 33.90 5.27
C VAL V 16 -78.54 33.32 4.19
N PHE V 17 -79.08 34.18 3.31
CA PHE V 17 -80.00 33.72 2.29
C PHE V 17 -79.31 32.79 1.29
N VAL V 18 -78.12 33.16 0.82
CA VAL V 18 -77.45 32.31 -0.16
C VAL V 18 -77.03 30.98 0.47
N ALA V 19 -76.52 31.01 1.70
CA ALA V 19 -76.13 29.78 2.37
C ALA V 19 -77.33 28.87 2.60
N GLN V 20 -78.46 29.44 3.03
CA GLN V 20 -79.62 28.60 3.31
C GLN V 20 -80.22 28.06 2.01
N GLY V 21 -80.20 28.84 0.93
CA GLY V 21 -80.64 28.31 -0.34
C GLY V 21 -79.80 27.15 -0.82
N VAL V 22 -78.47 27.29 -0.73
CA VAL V 22 -77.58 26.21 -1.13
C VAL V 22 -77.79 24.98 -0.26
N PHE V 23 -77.92 25.17 1.06
CA PHE V 23 -78.13 24.06 1.96
C PHE V 23 -79.45 23.34 1.67
N LEU V 24 -80.53 24.11 1.45
CA LEU V 24 -81.82 23.51 1.16
C LEU V 24 -81.77 22.72 -0.14
N PHE V 25 -81.12 23.25 -1.17
CA PHE V 25 -81.02 22.51 -2.42
C PHE V 25 -80.22 21.23 -2.24
N LEU V 26 -79.10 21.30 -1.49
CA LEU V 26 -78.30 20.11 -1.27
C LEU V 26 -79.08 19.05 -0.49
N LEU V 27 -79.82 19.47 0.53
CA LEU V 27 -80.63 18.54 1.29
C LEU V 27 -81.70 17.90 0.41
N ALA V 28 -82.35 18.70 -0.43
CA ALA V 28 -83.41 18.18 -1.29
C ALA V 28 -82.87 17.16 -2.28
N VAL V 29 -81.74 17.47 -2.92
CA VAL V 29 -81.20 16.54 -3.90
C VAL V 29 -80.67 15.29 -3.20
N MET V 30 -80.08 15.43 -2.01
CA MET V 30 -79.65 14.27 -1.27
C MET V 30 -80.81 13.35 -0.93
N ILE V 31 -81.95 13.92 -0.51
CA ILE V 31 -83.10 13.09 -0.15
C ILE V 31 -83.71 12.46 -1.40
N HIS V 32 -83.82 13.21 -2.49
CA HIS V 32 -84.36 12.64 -3.71
C HIS V 32 -83.50 11.48 -4.19
N LEU V 33 -82.17 11.62 -4.14
CA LEU V 33 -81.30 10.52 -4.54
C LEU V 33 -81.38 9.35 -3.56
N ILE V 34 -81.54 9.63 -2.26
CA ILE V 34 -81.73 8.56 -1.29
C ILE V 34 -82.95 7.73 -1.67
N LEU V 35 -84.07 8.41 -1.96
CA LEU V 35 -85.28 7.72 -2.34
C LEU V 35 -85.10 6.95 -3.63
N LEU V 36 -84.36 7.53 -4.58
CA LEU V 36 -84.09 6.83 -5.83
C LEU V 36 -83.21 5.61 -5.62
N SER V 37 -82.40 5.61 -4.56
CA SER V 37 -81.56 4.45 -4.28
C SER V 37 -82.40 3.25 -3.85
N THR V 38 -83.31 3.45 -2.91
CA THR V 38 -84.08 2.33 -2.36
C THR V 38 -85.12 1.89 -3.39
N PRO V 39 -85.09 0.62 -3.83
CA PRO V 39 -86.05 0.18 -4.84
C PRO V 39 -87.49 0.27 -4.39
N SER V 40 -87.75 0.29 -3.09
CA SER V 40 -89.09 0.48 -2.57
C SER V 40 -89.57 1.92 -2.69
N TYR V 41 -88.69 2.84 -3.09
CA TYR V 41 -89.08 4.24 -3.26
C TYR V 41 -88.53 4.86 -4.53
N ASN V 42 -88.21 4.04 -5.53
CA ASN V 42 -87.73 4.56 -6.81
C ASN V 42 -88.92 4.69 -7.74
N TRP V 43 -89.51 5.89 -7.77
CA TRP V 43 -90.79 6.08 -8.44
C TRP V 43 -90.70 5.75 -9.93
N LEU V 44 -89.56 6.03 -10.57
CA LEU V 44 -89.40 5.64 -11.95
C LEU V 44 -89.41 4.13 -12.11
N GLU V 45 -88.70 3.42 -11.21
CA GLU V 45 -88.73 1.97 -11.22
C GLU V 45 -90.14 1.43 -10.94
N ILE V 46 -90.82 2.04 -9.96
CA ILE V 46 -92.16 1.57 -9.59
C ILE V 46 -93.11 1.73 -10.76
N SER V 47 -93.06 2.87 -11.44
CA SER V 47 -93.94 3.09 -12.59
C SER V 47 -93.56 2.18 -13.76
N ALA V 48 -92.26 1.91 -13.93
CA ALA V 48 -91.84 0.98 -14.98
C ALA V 48 -92.40 -0.41 -14.73
N ALA V 49 -92.39 -0.86 -13.47
CA ALA V 49 -92.89 -2.19 -13.17
C ALA V 49 -94.41 -2.26 -13.26
N LYS V 50 -95.10 -1.20 -12.80
CA LYS V 50 -96.55 -1.21 -12.81
C LYS V 50 -97.11 -1.24 -14.23
N TYR V 51 -96.53 -0.44 -15.13
CA TYR V 51 -97.02 -0.34 -16.50
C TYR V 51 -96.30 -1.29 -17.46
N ASN V 52 -95.40 -2.13 -16.95
CA ASN V 52 -94.71 -3.13 -17.75
C ASN V 52 -93.90 -2.48 -18.88
N ARG V 53 -92.97 -1.62 -18.47
CA ARG V 53 -92.09 -0.93 -19.41
C ARG V 53 -90.77 -1.64 -19.62
N VAL V 54 -90.54 -2.77 -18.95
CA VAL V 54 -89.30 -3.52 -19.09
C VAL V 54 -89.61 -4.98 -19.34
N LEU W 6 -73.71 44.23 19.68
CA LEU W 6 -74.75 43.77 18.78
C LEU W 6 -74.98 44.74 17.63
N GLY W 7 -75.87 44.38 16.72
CA GLY W 7 -76.07 45.19 15.53
C GLY W 7 -74.84 45.21 14.64
N TYR W 8 -74.26 44.03 14.40
CA TYR W 8 -73.04 43.95 13.59
C TYR W 8 -73.29 44.41 12.16
N THR W 9 -74.39 43.98 11.56
CA THR W 9 -74.57 44.06 10.12
C THR W 9 -75.17 45.39 9.65
N GLY W 10 -75.54 46.28 10.56
CA GLY W 10 -76.08 47.57 10.18
C GLY W 10 -77.58 47.63 10.03
N LEU W 11 -78.27 46.49 10.10
CA LEU W 11 -79.73 46.50 10.11
C LEU W 11 -80.24 47.09 11.42
N THR W 12 -81.33 47.84 11.34
CA THR W 12 -81.96 48.40 12.53
C THR W 12 -83.22 47.61 12.87
N ASP W 13 -83.89 48.01 13.95
CA ASP W 13 -85.02 47.25 14.49
C ASP W 13 -86.16 47.13 13.49
N GLU W 14 -86.58 48.24 12.87
CA GLU W 14 -87.70 48.18 11.93
C GLU W 14 -87.33 47.35 10.70
N GLN W 15 -86.11 47.54 10.18
CA GLN W 15 -85.67 46.74 9.04
C GLN W 15 -85.61 45.28 9.39
N ALA W 16 -85.11 44.95 10.58
CA ALA W 16 -85.06 43.56 11.02
C ALA W 16 -86.46 42.98 11.14
N GLN W 17 -87.41 43.76 11.66
CA GLN W 17 -88.77 43.27 11.82
C GLN W 17 -89.43 42.98 10.48
N GLU W 18 -89.29 43.89 9.51
CA GLU W 18 -89.92 43.66 8.21
C GLU W 18 -89.22 42.54 7.45
N LEU W 19 -87.89 42.47 7.56
CA LEU W 19 -87.15 41.37 6.94
C LEU W 19 -87.58 40.03 7.52
N HIS W 20 -87.72 39.96 8.85
CA HIS W 20 -88.17 38.73 9.49
C HIS W 20 -89.59 38.39 9.07
N SER W 21 -90.46 39.40 8.94
CA SER W 21 -91.82 39.15 8.52
C SER W 21 -91.86 38.53 7.13
N VAL W 22 -91.09 39.07 6.20
CA VAL W 22 -91.12 38.54 4.85
C VAL W 22 -90.46 37.17 4.78
N TYR W 23 -89.34 36.99 5.50
CA TYR W 23 -88.69 35.68 5.52
C TYR W 23 -89.58 34.62 6.14
N MET W 24 -90.31 34.97 7.20
CA MET W 24 -91.20 34.00 7.82
C MET W 24 -92.43 33.74 6.95
N SER W 25 -92.90 34.75 6.21
CA SER W 25 -93.95 34.47 5.22
C SER W 25 -93.45 33.47 4.18
N GLY W 26 -92.22 33.66 3.70
CA GLY W 26 -91.64 32.70 2.77
C GLY W 26 -91.47 31.33 3.39
N LEU W 27 -91.05 31.28 4.65
CA LEU W 27 -90.86 30.00 5.33
C LEU W 27 -92.18 29.27 5.51
N TRP W 28 -93.24 29.99 5.87
CA TRP W 28 -94.55 29.36 6.00
C TRP W 28 -95.08 28.90 4.66
N LEU W 29 -94.87 29.68 3.61
CA LEU W 29 -95.29 29.26 2.27
C LEU W 29 -94.57 27.98 1.86
N PHE W 30 -93.25 27.96 2.05
CA PHE W 30 -92.45 26.78 1.74
C PHE W 30 -92.89 25.59 2.57
N SER W 31 -93.16 25.81 3.85
CA SER W 31 -93.57 24.73 4.74
C SER W 31 -94.93 24.17 4.36
N ALA W 32 -95.85 25.05 3.93
CA ALA W 32 -97.16 24.57 3.50
C ALA W 32 -97.05 23.74 2.23
N VAL W 33 -96.25 24.19 1.28
CA VAL W 33 -96.03 23.40 0.06
C VAL W 33 -95.39 22.07 0.40
N ALA W 34 -94.42 22.08 1.33
CA ALA W 34 -93.78 20.84 1.73
C ALA W 34 -94.76 19.91 2.45
N ILE W 35 -95.65 20.48 3.26
CA ILE W 35 -96.63 19.68 3.99
C ILE W 35 -97.58 18.99 3.01
N VAL W 36 -98.08 19.73 2.02
CA VAL W 36 -99.01 19.12 1.08
C VAL W 36 -98.29 18.08 0.21
N ALA W 37 -97.04 18.35 -0.18
CA ALA W 37 -96.28 17.37 -0.93
C ALA W 37 -96.02 16.10 -0.12
N HIS W 38 -95.67 16.26 1.16
CA HIS W 38 -95.46 15.12 2.03
C HIS W 38 -96.74 14.32 2.20
N LEU W 39 -97.87 14.99 2.37
CA LEU W 39 -99.14 14.29 2.50
C LEU W 39 -99.44 13.50 1.23
N ALA W 40 -99.23 14.11 0.06
CA ALA W 40 -99.46 13.40 -1.20
C ALA W 40 -98.59 12.16 -1.31
N VAL W 41 -97.29 12.31 -1.02
CA VAL W 41 -96.38 11.17 -1.14
C VAL W 41 -96.75 10.07 -0.15
N TYR W 42 -97.05 10.46 1.10
CA TYR W 42 -97.40 9.48 2.12
C TYR W 42 -98.67 8.73 1.74
N ILE W 43 -99.64 9.43 1.14
CA ILE W 43 -100.82 8.73 0.63
C ILE W 43 -100.42 7.76 -0.48
N TRP W 44 -99.56 8.20 -1.39
CA TRP W 44 -99.13 7.31 -2.47
C TRP W 44 -98.38 6.10 -1.94
N ARG W 45 -97.46 6.32 -0.99
CA ARG W 45 -96.70 5.22 -0.42
C ARG W 45 -96.22 5.59 0.97
N PRO W 46 -96.96 5.21 2.02
CA PRO W 46 -96.56 5.57 3.37
C PRO W 46 -95.31 4.83 3.81
N TRP W 47 -94.59 5.42 4.76
CA TRP W 47 -93.37 4.81 5.28
C TRP W 47 -93.47 4.39 6.73
N PHE W 48 -94.62 4.56 7.36
CA PHE W 48 -94.80 4.17 8.75
C PHE W 48 -95.75 2.99 8.88
N SER X 2 -79.65 30.57 36.11
CA SER X 2 -80.02 31.33 34.92
C SER X 2 -79.32 32.68 34.93
N LYS X 3 -77.99 32.65 34.79
CA LYS X 3 -77.18 33.85 34.72
C LYS X 3 -76.11 33.73 33.65
N PHE X 4 -76.30 32.83 32.68
CA PHE X 4 -75.29 32.56 31.65
C PHE X 4 -75.28 33.62 30.58
N TYR X 5 -76.06 34.70 30.77
CA TYR X 5 -76.17 35.74 29.75
C TYR X 5 -74.84 36.42 29.46
N LYS X 6 -73.87 36.30 30.36
CA LYS X 6 -72.57 36.91 30.14
C LYS X 6 -71.67 36.06 29.26
N ILE X 7 -72.12 34.89 28.83
CA ILE X 7 -71.29 34.05 27.96
C ILE X 7 -71.04 34.75 26.63
N TRP X 8 -72.00 35.55 26.16
CA TRP X 8 -71.79 36.32 24.95
C TRP X 8 -70.91 37.54 25.18
N MET X 9 -70.66 37.92 26.43
CA MET X 9 -69.55 38.81 26.74
C MET X 9 -68.20 38.12 26.56
N ILE X 10 -68.21 36.79 26.49
CA ILE X 10 -66.99 36.01 26.31
C ILE X 10 -66.88 35.49 24.88
N PHE X 11 -68.02 35.18 24.25
CA PHE X 11 -68.05 34.64 22.90
C PHE X 11 -68.96 35.45 22.01
N ASP X 12 -68.46 35.83 20.84
CA ASP X 12 -69.28 36.55 19.89
C ASP X 12 -70.38 35.65 19.33
N PRO X 13 -71.60 36.18 19.16
CA PRO X 13 -72.63 35.40 18.46
C PRO X 13 -72.24 35.06 17.04
N ARG X 14 -71.32 35.83 16.44
CA ARG X 14 -70.86 35.54 15.08
C ARG X 14 -70.37 34.11 14.94
N ARG X 15 -69.34 33.75 15.71
CA ARG X 15 -68.78 32.41 15.61
C ARG X 15 -69.67 31.38 16.30
N VAL X 16 -70.31 31.76 17.41
CA VAL X 16 -71.08 30.81 18.19
C VAL X 16 -72.27 30.29 17.38
N PHE X 17 -72.98 31.18 16.69
CA PHE X 17 -74.17 30.76 15.96
C PHE X 17 -73.83 29.84 14.81
N VAL X 18 -72.78 30.15 14.05
CA VAL X 18 -72.41 29.29 12.93
C VAL X 18 -71.90 27.95 13.45
N ALA X 19 -71.14 27.95 14.55
CA ALA X 19 -70.69 26.69 15.13
C ALA X 19 -71.87 25.84 15.59
N GLN X 20 -72.85 26.46 16.24
CA GLN X 20 -74.02 25.70 16.68
C GLN X 20 -74.77 25.12 15.48
N GLY X 21 -74.96 25.92 14.44
CA GLY X 21 -75.70 25.43 13.28
C GLY X 21 -75.01 24.25 12.62
N VAL X 22 -73.71 24.37 12.36
CA VAL X 22 -73.01 23.28 11.70
C VAL X 22 -72.95 22.05 12.59
N PHE X 23 -72.75 22.26 13.90
CA PHE X 23 -72.68 21.14 14.83
C PHE X 23 -74.00 20.38 14.90
N LEU X 24 -75.12 21.10 15.02
CA LEU X 24 -76.41 20.43 15.12
C LEU X 24 -76.79 19.73 13.82
N PHE X 25 -76.52 20.38 12.67
CA PHE X 25 -76.80 19.71 11.40
C PHE X 25 -75.94 18.47 11.24
N LEU X 26 -74.68 18.54 11.66
CA LEU X 26 -73.80 17.38 11.55
C LEU X 26 -74.27 16.24 12.44
N LEU X 27 -74.68 16.56 13.68
CA LEU X 27 -75.19 15.51 14.55
C LEU X 27 -76.46 14.88 13.98
N ALA X 28 -77.36 15.70 13.45
CA ALA X 28 -78.59 15.19 12.88
C ALA X 28 -78.31 14.24 11.72
N VAL X 29 -77.45 14.67 10.78
CA VAL X 29 -77.16 13.82 9.62
C VAL X 29 -76.40 12.57 10.04
N MET X 30 -75.48 12.70 11.00
CA MET X 30 -74.75 11.54 11.49
C MET X 30 -75.69 10.51 12.09
N ILE X 31 -76.62 10.94 12.94
CA ILE X 31 -77.52 9.97 13.57
C ILE X 31 -78.49 9.40 12.57
N HIS X 32 -79.01 10.21 11.64
CA HIS X 32 -79.90 9.66 10.62
C HIS X 32 -79.18 8.63 9.76
N LEU X 33 -77.91 8.87 9.43
CA LEU X 33 -77.13 7.87 8.70
C LEU X 33 -76.86 6.63 9.54
N ILE X 34 -76.66 6.80 10.85
CA ILE X 34 -76.51 5.64 11.73
C ILE X 34 -77.75 4.78 11.69
N LEU X 35 -78.93 5.42 11.78
CA LEU X 35 -80.18 4.67 11.73
C LEU X 35 -80.35 3.99 10.39
N LEU X 36 -79.99 4.66 9.30
CA LEU X 36 -80.05 4.03 7.99
C LEU X 36 -79.07 2.88 7.87
N SER X 37 -77.99 2.90 8.65
CA SER X 37 -77.03 1.80 8.61
C SER X 37 -77.63 0.52 9.15
N THR X 38 -78.25 0.57 10.31
CA THR X 38 -78.75 -0.64 10.96
C THR X 38 -80.05 -1.09 10.31
N PRO X 39 -80.14 -2.34 9.85
CA PRO X 39 -81.39 -2.79 9.21
C PRO X 39 -82.60 -2.72 10.13
N SER X 40 -82.39 -2.81 11.44
CA SER X 40 -83.48 -2.76 12.40
C SER X 40 -84.10 -1.38 12.52
N TYR X 41 -83.52 -0.34 11.93
CA TYR X 41 -84.07 1.00 12.03
C TYR X 41 -84.10 1.76 10.70
N ASN X 42 -83.76 1.11 9.59
CA ASN X 42 -83.92 1.73 8.27
C ASN X 42 -85.40 1.75 7.96
N TRP X 43 -86.02 2.93 8.04
CA TRP X 43 -87.48 3.01 7.99
C TRP X 43 -88.02 2.71 6.60
N LEU X 44 -87.29 3.05 5.54
CA LEU X 44 -87.77 2.75 4.19
C LEU X 44 -87.85 1.25 3.96
N GLU X 45 -86.82 0.52 4.34
CA GLU X 45 -86.84 -0.93 4.14
C GLU X 45 -87.83 -1.60 5.09
N ILE X 46 -88.02 -1.06 6.28
CA ILE X 46 -89.00 -1.63 7.20
C ILE X 46 -90.41 -1.41 6.68
N SER X 47 -90.66 -0.25 6.06
CA SER X 47 -91.96 -0.01 5.43
C SER X 47 -92.15 -0.93 4.23
N ALA X 48 -91.08 -1.19 3.48
CA ALA X 48 -91.18 -2.14 2.39
C ALA X 48 -91.51 -3.55 2.89
N ALA X 49 -90.88 -3.96 3.99
CA ALA X 49 -91.16 -5.28 4.56
C ALA X 49 -92.60 -5.37 5.07
N LYS X 50 -93.08 -4.31 5.72
CA LYS X 50 -94.46 -4.32 6.20
C LYS X 50 -95.44 -4.34 5.03
N TYR X 51 -95.18 -3.57 3.99
CA TYR X 51 -96.09 -3.43 2.86
C TYR X 51 -95.74 -4.32 1.69
N ASN X 52 -94.73 -5.18 1.82
CA ASN X 52 -94.36 -6.16 0.79
C ASN X 52 -94.14 -5.48 -0.57
N ARG X 53 -93.11 -4.63 -0.61
CA ARG X 53 -92.81 -3.84 -1.79
C ARG X 53 -91.60 -4.34 -2.57
N VAL X 54 -90.83 -5.27 -2.01
CA VAL X 54 -89.65 -5.77 -2.70
C VAL X 54 -90.05 -6.76 -3.78
N GLY Y 7 -67.41 41.76 28.72
CA GLY Y 7 -67.78 42.27 27.42
C GLY Y 7 -66.64 42.32 26.43
N TYR Y 8 -66.37 41.19 25.80
CA TYR Y 8 -65.32 41.09 24.79
C TYR Y 8 -65.87 41.20 23.37
N THR Y 9 -67.13 41.63 23.24
CA THR Y 9 -67.70 42.01 21.95
C THR Y 9 -68.42 43.35 22.03
N GLY Y 10 -68.41 44.01 23.18
CA GLY Y 10 -69.10 45.27 23.36
C GLY Y 10 -70.59 45.11 23.60
N LEU Y 11 -70.96 44.15 24.45
CA LEU Y 11 -72.35 43.91 24.80
C LEU Y 11 -72.57 44.21 26.27
N THR Y 12 -73.53 45.07 26.57
CA THR Y 12 -73.85 45.45 27.92
C THR Y 12 -74.71 44.39 28.60
N ASP Y 13 -75.03 44.63 29.88
CA ASP Y 13 -75.79 43.67 30.65
C ASP Y 13 -77.18 43.44 30.05
N GLU Y 14 -77.84 44.53 29.64
CA GLU Y 14 -79.21 44.41 29.16
C GLU Y 14 -79.27 43.63 27.85
N GLN Y 15 -78.44 43.97 26.88
CA GLN Y 15 -78.48 43.28 25.61
C GLN Y 15 -77.96 41.84 25.73
N ALA Y 16 -76.99 41.61 26.61
CA ALA Y 16 -76.57 40.24 26.87
C ALA Y 16 -77.70 39.41 27.47
N GLN Y 17 -78.44 39.98 28.43
CA GLN Y 17 -79.58 39.29 29.01
C GLN Y 17 -80.64 39.00 27.97
N GLU Y 18 -80.93 39.99 27.12
CA GLU Y 18 -81.96 39.81 26.10
C GLU Y 18 -81.55 38.75 25.09
N LEU Y 19 -80.29 38.77 24.66
CA LEU Y 19 -79.79 37.77 23.74
C LEU Y 19 -79.87 36.38 24.36
N HIS Y 20 -79.50 36.25 25.64
CA HIS Y 20 -79.59 34.95 26.29
C HIS Y 20 -81.02 34.48 26.39
N SER Y 21 -81.95 35.39 26.72
CA SER Y 21 -83.35 34.99 26.84
C SER Y 21 -83.90 34.51 25.50
N VAL Y 22 -83.60 35.22 24.42
CA VAL Y 22 -84.13 34.79 23.12
C VAL Y 22 -83.45 33.51 22.67
N TYR Y 23 -82.14 33.38 22.89
CA TYR Y 23 -81.45 32.14 22.52
C TYR Y 23 -81.99 30.96 23.32
N MET Y 24 -82.28 31.16 24.60
CA MET Y 24 -82.88 30.11 25.42
C MET Y 24 -84.28 29.77 24.97
N SER Y 25 -85.07 30.77 24.55
CA SER Y 25 -86.38 30.47 23.99
C SER Y 25 -86.25 29.61 22.75
N GLY Y 26 -85.30 29.95 21.87
CA GLY Y 26 -85.05 29.11 20.70
C GLY Y 26 -84.58 27.71 21.08
N LEU Y 27 -83.71 27.61 22.08
CA LEU Y 27 -83.22 26.32 22.54
C LEU Y 27 -84.35 25.46 23.09
N TRP Y 28 -85.25 26.07 23.85
CA TRP Y 28 -86.38 25.33 24.40
C TRP Y 28 -87.37 24.94 23.30
N LEU Y 29 -87.55 25.78 22.29
CA LEU Y 29 -88.38 25.41 21.16
C LEU Y 29 -87.81 24.19 20.44
N PHE Y 30 -86.51 24.22 20.16
CA PHE Y 30 -85.84 23.09 19.51
C PHE Y 30 -85.95 21.85 20.39
N SER Y 31 -85.76 22.00 21.70
CA SER Y 31 -85.84 20.87 22.61
C SER Y 31 -87.24 20.28 22.67
N ALA Y 32 -88.26 21.13 22.64
CA ALA Y 32 -89.64 20.64 22.64
C ALA Y 32 -89.93 19.85 21.36
N VAL Y 33 -89.50 20.39 20.21
CA VAL Y 33 -89.69 19.66 18.96
C VAL Y 33 -88.97 18.32 19.01
N ALA Y 34 -87.75 18.31 19.55
CA ALA Y 34 -86.98 17.06 19.65
C ALA Y 34 -87.65 16.08 20.60
N ILE Y 35 -88.22 16.56 21.70
CA ILE Y 35 -88.90 15.69 22.64
C ILE Y 35 -90.12 15.05 21.99
N VAL Y 36 -90.88 15.84 21.23
CA VAL Y 36 -92.02 15.27 20.52
C VAL Y 36 -91.55 14.22 19.52
N ALA Y 37 -90.47 14.52 18.78
CA ALA Y 37 -89.97 13.57 17.81
C ALA Y 37 -89.49 12.28 18.46
N HIS Y 38 -88.77 12.39 19.58
CA HIS Y 38 -88.28 11.20 20.27
C HIS Y 38 -89.42 10.37 20.84
N LEU Y 39 -90.43 11.04 21.40
CA LEU Y 39 -91.60 10.31 21.88
C LEU Y 39 -92.29 9.57 20.75
N ALA Y 40 -92.49 10.24 19.61
CA ALA Y 40 -93.18 9.61 18.49
C ALA Y 40 -92.39 8.42 17.97
N VAL Y 41 -91.07 8.57 17.83
CA VAL Y 41 -90.24 7.48 17.35
C VAL Y 41 -90.25 6.32 18.34
N TYR Y 42 -90.13 6.61 19.64
CA TYR Y 42 -90.12 5.54 20.63
C TYR Y 42 -91.45 4.80 20.65
N ILE Y 43 -92.54 5.51 20.37
CA ILE Y 43 -93.83 4.82 20.22
C ILE Y 43 -93.82 3.95 18.96
N TRP Y 44 -93.32 4.48 17.85
CA TRP Y 44 -93.27 3.71 16.62
C TRP Y 44 -92.32 2.52 16.74
N ARG Y 45 -91.19 2.71 17.41
CA ARG Y 45 -90.22 1.63 17.55
C ARG Y 45 -89.34 1.86 18.76
N PRO Y 46 -89.72 1.36 19.93
CA PRO Y 46 -88.89 1.57 21.12
C PRO Y 46 -87.54 0.89 20.96
N TRP Y 47 -86.52 1.50 21.57
CA TRP Y 47 -85.14 1.02 21.43
C TRP Y 47 -84.56 0.47 22.73
N PHE Y 48 -85.41 0.03 23.66
CA PHE Y 48 -84.93 -0.55 24.90
C PHE Y 48 -85.49 -1.94 25.12
N SER Z 2 -61.30 27.83 47.88
CA SER Z 2 -62.05 28.95 47.32
C SER Z 2 -61.23 29.68 46.26
N LYS Z 3 -59.90 29.56 46.36
CA LYS Z 3 -58.99 30.29 45.48
C LYS Z 3 -58.88 29.68 44.09
N PHE Z 4 -59.80 28.80 43.72
CA PHE Z 4 -59.81 28.26 42.36
C PHE Z 4 -60.12 29.32 41.31
N TYR Z 5 -61.02 30.25 41.63
CA TYR Z 5 -61.52 31.19 40.63
C TYR Z 5 -60.42 31.96 39.92
N LYS Z 6 -59.29 32.19 40.59
CA LYS Z 6 -58.21 32.97 40.02
C LYS Z 6 -57.59 32.30 38.80
N ILE Z 7 -57.86 31.02 38.55
CA ILE Z 7 -57.40 30.40 37.32
C ILE Z 7 -57.99 31.13 36.12
N TRP Z 8 -59.20 31.68 36.25
CA TRP Z 8 -59.77 32.49 35.18
C TRP Z 8 -58.94 33.73 34.90
N MET Z 9 -58.27 34.29 35.91
CA MET Z 9 -57.32 35.36 35.64
C MET Z 9 -56.13 34.85 34.83
N ILE Z 10 -55.64 33.65 35.15
CA ILE Z 10 -54.46 33.13 34.47
C ILE Z 10 -54.80 32.77 33.02
N PHE Z 11 -55.95 32.17 32.79
CA PHE Z 11 -56.26 31.55 31.51
C PHE Z 11 -57.28 32.36 30.74
N ASP Z 12 -57.23 32.23 29.41
CA ASP Z 12 -58.19 32.91 28.55
C ASP Z 12 -59.55 32.22 28.64
N PRO Z 13 -60.61 32.93 29.03
CA PRO Z 13 -61.93 32.29 29.06
C PRO Z 13 -62.38 31.77 27.70
N ARG Z 14 -62.11 32.50 26.63
CA ARG Z 14 -62.54 32.08 25.31
C ARG Z 14 -61.85 30.81 24.86
N ARG Z 15 -60.51 30.79 24.93
CA ARG Z 15 -59.76 29.61 24.51
C ARG Z 15 -60.05 28.42 25.40
N VAL Z 16 -60.16 28.64 26.72
CA VAL Z 16 -60.50 27.55 27.63
C VAL Z 16 -61.86 26.98 27.30
N PHE Z 17 -62.84 27.85 27.03
CA PHE Z 17 -64.18 27.36 26.72
C PHE Z 17 -64.20 26.57 25.42
N VAL Z 18 -63.51 27.05 24.39
CA VAL Z 18 -63.46 26.32 23.12
C VAL Z 18 -62.80 24.96 23.32
N ALA Z 19 -61.66 24.94 24.02
CA ALA Z 19 -60.96 23.69 24.24
C ALA Z 19 -61.80 22.72 25.04
N GLN Z 20 -62.48 23.19 26.10
CA GLN Z 20 -63.34 22.32 26.89
C GLN Z 20 -64.48 21.77 26.05
N GLY Z 21 -65.11 22.61 25.22
CA GLY Z 21 -66.20 22.12 24.41
C GLY Z 21 -65.77 21.04 23.43
N VAL Z 22 -64.66 21.29 22.72
CA VAL Z 22 -64.20 20.31 21.74
C VAL Z 22 -63.76 19.02 22.43
N PHE Z 23 -63.03 19.15 23.54
CA PHE Z 23 -62.58 17.98 24.28
C PHE Z 23 -63.76 17.17 24.82
N LEU Z 24 -64.75 17.85 25.39
CA LEU Z 24 -65.90 17.16 25.95
C LEU Z 24 -66.71 16.45 24.87
N PHE Z 25 -66.94 17.11 23.73
CA PHE Z 25 -67.72 16.46 22.68
C PHE Z 25 -66.97 15.27 22.10
N LEU Z 26 -65.66 15.42 21.90
CA LEU Z 26 -64.86 14.28 21.41
C LEU Z 26 -64.89 13.13 22.40
N LEU Z 27 -64.78 13.44 23.70
CA LEU Z 27 -64.83 12.40 24.71
C LEU Z 27 -66.19 11.68 24.71
N ALA Z 28 -67.27 12.45 24.62
CA ALA Z 28 -68.60 11.84 24.59
C ALA Z 28 -68.76 10.94 23.38
N VAL Z 29 -68.30 11.40 22.22
CA VAL Z 29 -68.36 10.58 21.01
C VAL Z 29 -67.56 9.30 21.21
N MET Z 30 -66.35 9.42 21.77
CA MET Z 30 -65.51 8.24 21.94
C MET Z 30 -66.17 7.23 22.87
N ILE Z 31 -66.78 7.70 23.96
CA ILE Z 31 -67.40 6.77 24.89
C ILE Z 31 -68.62 6.11 24.26
N HIS Z 32 -69.44 6.88 23.54
CA HIS Z 32 -70.59 6.28 22.88
C HIS Z 32 -70.15 5.25 21.84
N LEU Z 33 -69.07 5.53 21.11
CA LEU Z 33 -68.54 4.54 20.18
C LEU Z 33 -68.06 3.29 20.90
N ILE Z 34 -67.39 3.46 22.04
CA ILE Z 34 -66.91 2.33 22.81
C ILE Z 34 -68.07 1.45 23.25
N LEU Z 35 -69.14 2.07 23.74
CA LEU Z 35 -70.33 1.29 24.13
C LEU Z 35 -70.94 0.59 22.93
N LEU Z 36 -71.02 1.29 21.78
CA LEU Z 36 -71.59 0.68 20.59
C LEU Z 36 -70.77 -0.51 20.10
N SER Z 37 -69.46 -0.50 20.38
CA SER Z 37 -68.57 -1.51 19.83
C SER Z 37 -68.91 -2.91 20.33
N THR Z 38 -69.16 -3.07 21.62
CA THR Z 38 -69.48 -4.40 22.15
C THR Z 38 -70.92 -4.75 21.83
N PRO Z 39 -71.19 -5.93 21.25
CA PRO Z 39 -72.59 -6.36 21.10
C PRO Z 39 -73.32 -6.48 22.42
N SER Z 40 -72.59 -6.56 23.53
CA SER Z 40 -73.23 -6.54 24.83
C SER Z 40 -74.01 -5.27 25.06
N TYR Z 41 -73.46 -4.11 24.69
CA TYR Z 41 -74.07 -2.82 24.96
C TYR Z 41 -74.45 -2.04 23.72
N ASN Z 42 -74.49 -2.67 22.55
CA ASN Z 42 -75.06 -2.02 21.37
C ASN Z 42 -76.58 -2.04 21.52
N TRP Z 43 -77.13 -0.95 22.02
CA TRP Z 43 -78.55 -0.94 22.37
C TRP Z 43 -79.45 -1.20 21.18
N LEU Z 44 -79.04 -0.84 19.97
CA LEU Z 44 -79.83 -1.18 18.80
C LEU Z 44 -79.93 -2.69 18.61
N GLU Z 45 -78.79 -3.38 18.75
CA GLU Z 45 -78.78 -4.84 18.64
C GLU Z 45 -79.61 -5.50 19.73
N ILE Z 46 -79.47 -5.03 20.97
CA ILE Z 46 -80.24 -5.60 22.07
C ILE Z 46 -81.72 -5.41 21.83
N SER Z 47 -82.12 -4.20 21.44
CA SER Z 47 -83.54 -3.93 21.21
C SER Z 47 -84.09 -4.77 20.07
N ALA Z 48 -83.32 -4.90 18.98
CA ALA Z 48 -83.80 -5.71 17.87
C ALA Z 48 -83.92 -7.18 18.25
N ALA Z 49 -82.95 -7.70 19.00
CA ALA Z 49 -83.02 -9.10 19.42
C ALA Z 49 -84.19 -9.32 20.38
N LYS Z 50 -84.43 -8.36 21.28
CA LYS Z 50 -85.52 -8.49 22.25
C LYS Z 50 -86.88 -8.39 21.56
N TYR Z 51 -87.03 -7.46 20.62
CA TYR Z 51 -88.29 -7.24 19.93
C TYR Z 51 -88.39 -8.01 18.62
N ASN Z 52 -87.41 -8.85 18.30
CA ASN Z 52 -87.44 -9.72 17.12
C ASN Z 52 -87.61 -8.91 15.84
N ARG Z 53 -86.61 -8.09 15.56
CA ARG Z 53 -86.62 -7.20 14.40
C ARG Z 53 -85.72 -7.65 13.27
N VAL Z 54 -84.66 -8.41 13.57
CA VAL Z 54 -83.76 -8.92 12.54
C VAL Z 54 -83.92 -10.43 12.40
N LEU AA 6 -54.49 37.18 39.48
CA LEU AA 6 -53.06 37.41 39.45
C LEU AA 6 -52.66 38.28 38.26
N GLY AA 7 -53.36 38.10 37.15
CA GLY AA 7 -53.06 38.84 35.94
C GLY AA 7 -52.94 37.96 34.72
N TYR AA 8 -52.17 38.41 33.73
CA TYR AA 8 -51.99 37.76 32.43
C TYR AA 8 -53.23 37.87 31.54
N THR AA 9 -54.33 38.43 32.07
CA THR AA 9 -55.52 38.63 31.27
C THR AA 9 -56.19 39.98 31.46
N GLY AA 10 -55.83 40.75 32.48
CA GLY AA 10 -56.44 42.05 32.72
C GLY AA 10 -57.70 42.02 33.55
N LEU AA 11 -58.14 40.84 34.00
CA LEU AA 11 -59.35 40.72 34.79
C LEU AA 11 -59.16 41.31 36.17
N THR AA 12 -60.27 41.46 36.88
CA THR AA 12 -60.27 41.92 38.27
C THR AA 12 -60.62 40.74 39.16
N ASP AA 13 -60.65 40.99 40.46
CA ASP AA 13 -61.01 39.95 41.42
C ASP AA 13 -62.48 39.56 41.30
N GLU AA 14 -63.37 40.56 41.27
CA GLU AA 14 -64.80 40.27 41.23
C GLU AA 14 -65.21 39.64 39.91
N GLN AA 15 -64.57 40.05 38.82
CA GLN AA 15 -64.86 39.42 37.52
C GLN AA 15 -64.49 37.94 37.53
N ALA AA 16 -63.32 37.60 38.06
CA ALA AA 16 -62.95 36.20 38.17
C ALA AA 16 -63.90 35.43 39.08
N GLN AA 17 -64.31 36.04 40.21
CA GLN AA 17 -65.24 35.35 41.10
C GLN AA 17 -66.58 35.09 40.42
N GLU AA 18 -67.14 36.07 39.73
CA GLU AA 18 -68.44 35.88 39.08
C GLU AA 18 -68.35 34.91 37.90
N LEU AA 19 -67.30 35.00 37.10
CA LEU AA 19 -67.12 34.05 36.00
C LEU AA 19 -66.99 32.63 36.54
N HIS AA 20 -66.22 32.44 37.61
CA HIS AA 20 -66.07 31.11 38.17
C HIS AA 20 -67.37 30.60 38.77
N SER AA 21 -68.12 31.46 39.45
CA SER AA 21 -69.38 30.99 40.05
C SER AA 21 -70.38 30.58 38.99
N VAL AA 22 -70.49 31.37 37.92
CA VAL AA 22 -71.40 31.01 36.83
C VAL AA 22 -70.93 29.73 36.15
N TYR AA 23 -69.63 29.60 35.91
CA TYR AA 23 -69.10 28.40 35.27
C TYR AA 23 -69.33 27.16 36.15
N MET AA 24 -69.18 27.32 37.47
CA MET AA 24 -69.44 26.21 38.38
C MET AA 24 -70.92 25.86 38.39
N SER AA 25 -71.81 26.84 38.28
CA SER AA 25 -73.23 26.53 38.15
C SER AA 25 -73.47 25.67 36.92
N GLY AA 26 -72.88 26.06 35.79
CA GLY AA 26 -72.98 25.23 34.59
C GLY AA 26 -72.40 23.84 34.76
N LEU AA 27 -71.23 23.74 35.42
CA LEU AA 27 -70.60 22.45 35.63
C LEU AA 27 -71.47 21.55 36.50
N TRP AA 28 -72.05 22.10 37.56
CA TRP AA 28 -72.89 21.31 38.43
C TRP AA 28 -74.16 20.87 37.72
N LEU AA 29 -74.74 21.72 36.87
CA LEU AA 29 -75.88 21.28 36.07
C LEU AA 29 -75.50 20.12 35.15
N PHE AA 30 -74.34 20.25 34.48
CA PHE AA 30 -73.87 19.18 33.60
C PHE AA 30 -73.65 17.88 34.36
N SER AA 31 -73.01 17.96 35.52
CA SER AA 31 -72.74 16.76 36.32
C SER AA 31 -74.02 16.16 36.90
N ALA AA 32 -75.01 16.98 37.24
CA ALA AA 32 -76.27 16.44 37.74
C ALA AA 32 -77.01 15.68 36.63
N VAL AA 33 -77.03 16.25 35.42
CA VAL AA 33 -77.61 15.52 34.30
C VAL AA 33 -76.85 14.22 34.05
N ALA AA 34 -75.53 14.27 34.18
CA ALA AA 34 -74.73 13.06 33.98
C ALA AA 34 -75.07 12.00 35.02
N ILE AA 35 -75.25 12.41 36.29
CA ILE AA 35 -75.59 11.46 37.34
C ILE AA 35 -76.96 10.84 37.06
N VAL AA 36 -77.93 11.67 36.66
CA VAL AA 36 -79.25 11.14 36.35
C VAL AA 36 -79.18 10.12 35.22
N ALA AA 37 -78.43 10.46 34.17
CA ALA AA 37 -78.32 9.55 33.03
C ALA AA 37 -77.63 8.24 33.43
N HIS AA 38 -76.55 8.34 34.23
CA HIS AA 38 -75.85 7.13 34.66
C HIS AA 38 -76.75 6.24 35.51
N LEU AA 39 -77.53 6.85 36.41
CA LEU AA 39 -78.46 6.07 37.23
C LEU AA 39 -79.51 5.38 36.36
N ALA AA 40 -80.04 6.10 35.37
CA ALA AA 40 -81.02 5.49 34.47
C ALA AA 40 -80.42 4.32 33.70
N VAL AA 41 -79.19 4.49 33.21
CA VAL AA 41 -78.54 3.41 32.46
C VAL AA 41 -78.28 2.21 33.37
N TYR AA 42 -77.82 2.45 34.59
CA TYR AA 42 -77.56 1.36 35.52
C TYR AA 42 -78.85 0.61 35.85
N ILE AA 43 -79.95 1.34 36.04
CA ILE AA 43 -81.23 0.69 36.28
C ILE AA 43 -81.62 -0.17 35.09
N TRP AA 44 -81.58 0.40 33.88
CA TRP AA 44 -81.98 -0.35 32.70
C TRP AA 44 -81.05 -1.55 32.47
N ARG AA 45 -79.76 -1.34 32.64
CA ARG AA 45 -78.77 -2.42 32.47
C ARG AA 45 -77.54 -2.07 33.29
N PRO AA 46 -77.38 -2.69 34.46
CA PRO AA 46 -76.20 -2.41 35.28
C PRO AA 46 -74.95 -2.96 34.63
N TRP AA 47 -73.87 -2.18 34.72
CA TRP AA 47 -72.56 -2.66 34.34
C TRP AA 47 -71.74 -3.09 35.53
N PHE AA 48 -72.34 -3.10 36.72
CA PHE AA 48 -71.66 -3.55 37.93
C PHE AA 48 -72.52 -4.57 38.69
N SER BA 2 -41.32 21.72 51.44
CA SER BA 2 -41.73 22.94 50.75
C SER BA 2 -40.59 23.51 49.91
N LYS BA 3 -40.45 24.83 49.93
CA LYS BA 3 -39.45 25.57 49.16
C LYS BA 3 -39.65 25.39 47.65
N PHE BA 4 -40.77 24.80 47.24
CA PHE BA 4 -41.02 24.50 45.84
C PHE BA 4 -41.68 25.64 45.08
N TYR BA 5 -42.14 26.69 45.76
CA TYR BA 5 -42.79 27.80 45.08
C TYR BA 5 -41.88 28.53 44.12
N LYS BA 6 -40.56 28.35 44.23
CA LYS BA 6 -39.64 28.87 43.22
C LYS BA 6 -39.90 28.29 41.83
N ILE BA 7 -40.51 27.10 41.76
CA ILE BA 7 -40.89 26.54 40.45
C ILE BA 7 -41.91 27.42 39.77
N TRP BA 8 -42.60 28.27 40.52
CA TRP BA 8 -43.54 29.21 39.93
C TRP BA 8 -42.94 30.58 39.69
N MET BA 9 -41.65 30.76 39.97
CA MET BA 9 -40.98 32.02 39.68
C MET BA 9 -40.32 32.02 38.30
N ILE BA 10 -40.33 30.91 37.59
CA ILE BA 10 -39.58 30.73 36.36
C ILE BA 10 -40.47 30.30 35.20
N PHE BA 11 -41.26 29.26 35.40
CA PHE BA 11 -42.09 28.70 34.33
C PHE BA 11 -43.41 29.44 34.22
N ASP BA 12 -43.88 29.63 32.99
CA ASP BA 12 -45.14 30.32 32.77
C ASP BA 12 -46.29 29.43 33.24
N PRO BA 13 -47.19 29.93 34.09
CA PRO BA 13 -48.28 29.07 34.59
C PRO BA 13 -49.19 28.54 33.51
N ARG BA 14 -49.43 29.31 32.43
CA ARG BA 14 -50.39 28.90 31.42
C ARG BA 14 -49.95 27.63 30.70
N ARG BA 15 -48.70 27.62 30.21
CA ARG BA 15 -48.19 26.43 29.54
C ARG BA 15 -48.06 25.26 30.50
N VAL BA 16 -47.70 25.54 31.76
CA VAL BA 16 -47.62 24.46 32.75
C VAL BA 16 -48.97 23.80 32.94
N PHE BA 17 -50.02 24.61 33.08
CA PHE BA 17 -51.36 24.06 33.27
C PHE BA 17 -51.84 23.33 32.02
N VAL BA 18 -51.57 23.87 30.83
CA VAL BA 18 -51.97 23.21 29.59
C VAL BA 18 -51.28 21.85 29.47
N ALA BA 19 -49.97 21.81 29.70
CA ALA BA 19 -49.23 20.56 29.64
C ALA BA 19 -49.71 19.58 30.69
N GLN BA 20 -50.01 20.08 31.90
CA GLN BA 20 -50.51 19.20 32.96
C GLN BA 20 -51.85 18.59 32.56
N GLY BA 21 -52.75 19.39 32.01
CA GLY BA 21 -54.04 18.85 31.59
C GLY BA 21 -53.90 17.81 30.49
N VAL BA 22 -53.08 18.11 29.48
CA VAL BA 22 -52.89 17.16 28.38
C VAL BA 22 -52.25 15.88 28.89
N PHE BA 23 -51.23 16.00 29.74
CA PHE BA 23 -50.56 14.81 30.27
C PHE BA 23 -51.48 13.98 31.13
N LEU BA 24 -52.31 14.62 31.96
CA LEU BA 24 -53.24 13.88 32.80
C LEU BA 24 -54.29 13.16 31.96
N PHE BA 25 -54.83 13.83 30.93
CA PHE BA 25 -55.79 13.14 30.08
C PHE BA 25 -55.13 11.96 29.36
N LEU BA 26 -53.92 12.15 28.86
CA LEU BA 26 -53.22 11.06 28.18
C LEU BA 26 -52.96 9.89 29.11
N LEU BA 27 -52.54 10.18 30.35
CA LEU BA 27 -52.30 9.12 31.31
C LEU BA 27 -53.58 8.38 31.69
N ALA BA 28 -54.67 9.12 31.92
CA ALA BA 28 -55.94 8.47 32.25
C ALA BA 28 -56.43 7.60 31.10
N VAL BA 29 -56.32 8.09 29.87
CA VAL BA 29 -56.67 7.30 28.69
C VAL BA 29 -55.79 6.05 28.62
N MET BA 30 -54.49 6.21 28.89
CA MET BA 30 -53.59 5.06 28.92
C MET BA 30 -54.08 4.00 29.88
N ILE BA 31 -54.40 4.40 31.12
CA ILE BA 31 -54.77 3.41 32.13
C ILE BA 31 -56.10 2.74 31.78
N HIS BA 32 -57.09 3.53 31.36
CA HIS BA 32 -58.38 2.95 31.00
C HIS BA 32 -58.25 2.00 29.80
N LEU BA 33 -57.46 2.38 28.80
CA LEU BA 33 -57.25 1.52 27.64
C LEU BA 33 -56.48 0.26 28.00
N ILE BA 34 -55.49 0.35 28.89
CA ILE BA 34 -54.78 -0.85 29.31
C ILE BA 34 -55.73 -1.78 30.06
N LEU BA 35 -56.56 -1.22 30.94
CA LEU BA 35 -57.49 -2.07 31.69
C LEU BA 35 -58.47 -2.76 30.76
N LEU BA 36 -59.01 -2.04 29.78
CA LEU BA 36 -59.92 -2.68 28.83
C LEU BA 36 -59.18 -3.63 27.90
N SER BA 37 -57.87 -3.46 27.76
CA SER BA 37 -57.08 -4.42 26.99
C SER BA 37 -57.02 -5.77 27.69
N THR BA 38 -57.00 -5.76 29.01
CA THR BA 38 -56.94 -7.00 29.78
C THR BA 38 -58.33 -7.63 29.86
N PRO BA 39 -58.50 -8.88 29.42
CA PRO BA 39 -59.81 -9.53 29.55
C PRO BA 39 -60.26 -9.69 30.99
N SER BA 40 -59.33 -9.76 31.94
CA SER BA 40 -59.69 -9.93 33.34
C SER BA 40 -60.25 -8.66 33.96
N TYR BA 41 -60.08 -7.51 33.31
CA TYR BA 41 -60.55 -6.24 33.85
C TYR BA 41 -61.40 -5.46 32.84
N ASN BA 42 -61.84 -6.10 31.77
CA ASN BA 42 -62.85 -5.50 30.90
C ASN BA 42 -64.18 -5.54 31.63
N TRP BA 43 -64.51 -4.46 32.34
CA TRP BA 43 -65.70 -4.47 33.20
C TRP BA 43 -66.96 -4.71 32.38
N LEU BA 44 -66.98 -4.29 31.12
CA LEU BA 44 -68.11 -4.57 30.26
C LEU BA 44 -68.30 -6.07 30.08
N GLU BA 45 -67.21 -6.79 29.80
CA GLU BA 45 -67.32 -8.24 29.67
C GLU BA 45 -67.51 -8.93 31.01
N ILE BA 46 -67.00 -8.32 32.09
CA ILE BA 46 -67.27 -8.84 33.43
C ILE BA 46 -68.77 -8.85 33.69
N SER BA 47 -69.46 -7.77 33.34
CA SER BA 47 -70.91 -7.75 33.50
C SER BA 47 -71.60 -8.66 32.48
N ALA BA 48 -71.07 -8.74 31.26
CA ALA BA 48 -71.70 -9.55 30.23
C ALA BA 48 -71.72 -11.02 30.64
N ALA BA 49 -70.62 -11.52 31.21
CA ALA BA 49 -70.61 -12.88 31.73
C ALA BA 49 -71.39 -12.97 33.04
N LYS BA 50 -71.29 -11.95 33.89
CA LYS BA 50 -71.94 -11.96 35.19
C LYS BA 50 -73.46 -11.96 35.04
N TYR BA 51 -73.99 -11.17 34.12
CA TYR BA 51 -75.42 -11.09 33.92
C TYR BA 51 -75.92 -11.97 32.78
N ASN BA 52 -75.04 -12.78 32.19
CA ASN BA 52 -75.40 -13.70 31.11
C ASN BA 52 -76.03 -12.95 29.94
N ARG BA 53 -75.23 -12.08 29.32
CA ARG BA 53 -75.69 -11.25 28.23
C ARG BA 53 -75.37 -11.85 26.86
N VAL BA 54 -74.12 -12.16 26.59
CA VAL BA 54 -73.71 -12.70 25.29
C VAL BA 54 -73.98 -14.19 25.25
N GLY CA 7 -37.57 36.95 40.42
CA GLY CA 7 -38.69 36.61 39.55
C GLY CA 7 -38.52 37.11 38.13
N TYR CA 8 -38.09 36.20 37.25
CA TYR CA 8 -37.90 36.52 35.84
C TYR CA 8 -39.12 36.20 34.98
N THR CA 9 -40.13 35.53 35.54
CA THR CA 9 -41.35 35.24 34.81
C THR CA 9 -42.46 36.24 35.10
N GLY CA 10 -42.18 37.26 35.92
CA GLY CA 10 -43.15 38.27 36.26
C GLY CA 10 -43.80 38.08 37.62
N LEU CA 11 -43.60 36.95 38.27
CA LEU CA 11 -44.30 36.66 39.52
C LEU CA 11 -43.42 36.96 40.73
N THR CA 12 -44.00 37.67 41.70
CA THR CA 12 -43.29 38.03 42.91
C THR CA 12 -43.53 36.98 43.99
N ASP CA 13 -42.85 37.15 45.14
CA ASP CA 13 -42.88 36.14 46.19
C ASP CA 13 -44.29 35.93 46.75
N GLU CA 14 -45.04 37.03 46.96
CA GLU CA 14 -46.43 36.87 47.37
C GLU CA 14 -47.25 36.18 46.28
N GLN CA 15 -47.07 36.59 45.03
CA GLN CA 15 -47.77 35.94 43.92
C GLN CA 15 -47.38 34.47 43.81
N ALA CA 16 -46.08 34.19 43.94
CA ALA CA 16 -45.62 32.81 43.85
C ALA CA 16 -46.21 31.95 44.97
N GLN CA 17 -46.22 32.49 46.20
CA GLN CA 17 -46.80 31.75 47.31
C GLN CA 17 -48.29 31.49 47.08
N GLU CA 18 -49.02 32.50 46.60
CA GLU CA 18 -50.44 32.30 46.34
C GLU CA 18 -50.66 31.22 45.29
N LEU CA 19 -49.94 31.30 44.16
CA LEU CA 19 -50.11 30.31 43.11
C LEU CA 19 -49.72 28.91 43.58
N HIS CA 20 -48.61 28.81 44.30
CA HIS CA 20 -48.17 27.52 44.82
C HIS CA 20 -49.18 26.92 45.79
N SER CA 21 -49.72 27.73 46.70
CA SER CA 21 -50.71 27.22 47.65
C SER CA 21 -51.98 26.76 46.94
N VAL CA 22 -52.46 27.55 45.97
CA VAL CA 22 -53.66 27.13 45.25
C VAL CA 22 -53.39 25.84 44.48
N TYR CA 23 -52.24 25.74 43.84
CA TYR CA 23 -51.90 24.52 43.11
C TYR CA 23 -51.83 23.32 44.05
N MET CA 24 -51.22 23.50 45.22
CA MET CA 24 -51.16 22.41 46.18
C MET CA 24 -52.54 21.99 46.67
N SER CA 25 -53.42 22.96 46.95
CA SER CA 25 -54.76 22.60 47.43
C SER CA 25 -55.55 21.87 46.36
N GLY CA 26 -55.47 22.33 45.11
CA GLY CA 26 -56.11 21.61 44.02
C GLY CA 26 -55.54 20.22 43.84
N LEU CA 27 -54.21 20.08 43.96
CA LEU CA 27 -53.58 18.78 43.85
C LEU CA 27 -54.06 17.85 44.95
N TRP CA 28 -54.21 18.37 46.16
CA TRP CA 28 -54.64 17.52 47.28
C TRP CA 28 -56.12 17.15 47.14
N LEU CA 29 -56.94 18.03 46.59
CA LEU CA 29 -58.33 17.65 46.30
C LEU CA 29 -58.37 16.53 45.27
N PHE CA 30 -57.57 16.66 44.20
CA PHE CA 30 -57.46 15.58 43.23
C PHE CA 30 -56.96 14.30 43.89
N SER CA 31 -56.03 14.44 44.83
CA SER CA 31 -55.50 13.28 45.55
C SER CA 31 -56.56 12.60 46.39
N ALA CA 32 -57.42 13.37 47.06
CA ALA CA 32 -58.52 12.78 47.82
C ALA CA 32 -59.47 12.03 46.90
N VAL CA 33 -59.82 12.63 45.76
CA VAL CA 33 -60.70 11.96 44.81
C VAL CA 33 -60.04 10.67 44.29
N ALA CA 34 -58.75 10.71 43.97
CA ALA CA 34 -58.07 9.54 43.45
C ALA CA 34 -57.94 8.45 44.50
N ILE CA 35 -57.68 8.84 45.75
CA ILE CA 35 -57.59 7.86 46.84
C ILE CA 35 -58.93 7.17 47.04
N VAL CA 36 -60.02 7.94 47.02
CA VAL CA 36 -61.35 7.33 47.13
C VAL CA 36 -61.60 6.39 45.96
N ALA CA 37 -61.23 6.80 44.74
CA ALA CA 37 -61.48 5.96 43.57
C ALA CA 37 -60.71 4.66 43.65
N HIS CA 38 -59.42 4.71 44.01
CA HIS CA 38 -58.63 3.50 44.10
C HIS CA 38 -59.10 2.61 45.24
N LEU CA 39 -59.54 3.22 46.35
CA LEU CA 39 -60.10 2.44 47.45
C LEU CA 39 -61.35 1.69 47.01
N ALA CA 40 -62.23 2.36 46.26
CA ALA CA 40 -63.44 1.70 45.76
C ALA CA 40 -63.08 0.58 44.79
N VAL CA 41 -62.11 0.82 43.91
CA VAL CA 41 -61.72 -0.22 42.94
C VAL CA 41 -61.13 -1.42 43.66
N TYR CA 42 -60.31 -1.18 44.68
CA TYR CA 42 -59.74 -2.30 45.45
C TYR CA 42 -60.82 -3.06 46.20
N ILE CA 43 -61.79 -2.35 46.77
CA ILE CA 43 -62.90 -3.03 47.46
C ILE CA 43 -63.68 -3.90 46.49
N TRP CA 44 -63.99 -3.36 45.31
CA TRP CA 44 -64.71 -4.13 44.30
C TRP CA 44 -63.95 -5.41 43.95
N ARG CA 45 -62.66 -5.28 43.71
CA ARG CA 45 -61.79 -6.43 43.48
C ARG CA 45 -60.34 -6.05 43.80
N PRO CA 46 -59.66 -6.79 44.67
CA PRO CA 46 -58.25 -6.51 44.92
C PRO CA 46 -57.40 -6.83 43.70
N TRP CA 47 -56.35 -6.06 43.51
CA TRP CA 47 -55.38 -6.29 42.43
C TRP CA 47 -54.00 -6.64 42.96
N PHE CA 48 -53.90 -7.00 44.24
CA PHE CA 48 -52.62 -7.34 44.85
C PHE CA 48 -52.70 -8.68 45.58
N PHE DA 4 -21.01 21.55 39.68
CA PHE DA 4 -22.44 21.28 39.64
C PHE DA 4 -23.25 22.57 39.77
N TYR DA 5 -22.63 23.58 40.37
CA TYR DA 5 -23.30 24.88 40.53
C TYR DA 5 -23.47 25.59 39.20
N LYS DA 6 -22.50 25.45 38.30
CA LYS DA 6 -22.51 26.14 37.01
C LYS DA 6 -23.48 25.51 36.01
N ILE DA 7 -24.07 24.37 36.35
CA ILE DA 7 -24.99 23.70 35.44
C ILE DA 7 -26.19 24.60 35.13
N TRP DA 8 -26.75 25.24 36.14
CA TRP DA 8 -27.85 26.16 35.91
C TRP DA 8 -27.43 27.41 35.15
N MET DA 9 -26.14 27.65 34.99
CA MET DA 9 -25.64 28.81 34.27
C MET DA 9 -25.37 28.51 32.81
N ILE DA 10 -24.57 27.49 32.51
CA ILE DA 10 -24.28 27.13 31.12
C ILE DA 10 -25.52 26.54 30.46
N PHE DA 11 -26.24 25.67 31.17
CA PHE DA 11 -27.43 25.04 30.64
C PHE DA 11 -28.67 25.85 30.98
N ASP DA 12 -29.53 26.03 29.99
CA ASP DA 12 -30.75 26.82 30.19
C ASP DA 12 -31.69 26.06 31.12
N PRO DA 13 -32.14 26.68 32.22
CA PRO DA 13 -32.98 25.94 33.18
C PRO DA 13 -34.29 25.44 32.59
N ARG DA 14 -34.90 26.21 31.68
CA ARG DA 14 -36.12 25.74 31.03
C ARG DA 14 -35.88 24.45 30.26
N ARG DA 15 -34.79 24.40 29.49
CA ARG DA 15 -34.43 23.20 28.76
C ARG DA 15 -34.15 22.05 29.71
N VAL DA 16 -33.39 22.32 30.78
CA VAL DA 16 -33.03 21.25 31.71
C VAL DA 16 -34.25 20.65 32.36
N PHE DA 17 -35.16 21.50 32.85
CA PHE DA 17 -36.36 20.99 33.50
C PHE DA 17 -37.25 20.24 32.53
N VAL DA 18 -37.49 20.78 31.33
CA VAL DA 18 -38.36 20.09 30.39
C VAL DA 18 -37.76 18.75 30.00
N ALA DA 19 -36.46 18.72 29.70
CA ALA DA 19 -35.82 17.47 29.31
C ALA DA 19 -35.88 16.44 30.44
N GLN DA 20 -35.60 16.86 31.68
CA GLN DA 20 -35.63 15.93 32.80
C GLN DA 20 -37.03 15.36 32.99
N GLY DA 21 -38.05 16.22 32.97
CA GLY DA 21 -39.41 15.73 33.17
C GLY DA 21 -39.85 14.77 32.07
N VAL DA 22 -39.61 15.14 30.82
CA VAL DA 22 -40.02 14.29 29.69
C VAL DA 22 -39.28 12.96 29.74
N PHE DA 23 -37.96 13.00 29.99
CA PHE DA 23 -37.18 11.76 30.03
C PHE DA 23 -37.63 10.86 31.18
N LEU DA 24 -37.89 11.43 32.35
CA LEU DA 24 -38.34 10.63 33.48
C LEU DA 24 -39.69 9.99 33.20
N PHE DA 25 -40.63 10.75 32.63
CA PHE DA 25 -41.94 10.20 32.31
C PHE DA 25 -41.82 9.07 31.30
N LEU DA 26 -41.03 9.28 30.24
CA LEU DA 26 -40.88 8.25 29.23
C LEU DA 26 -40.20 7.01 29.79
N LEU DA 27 -39.16 7.18 30.61
CA LEU DA 27 -38.48 6.02 31.17
C LEU DA 27 -39.40 5.25 32.12
N ALA DA 28 -40.19 5.96 32.92
CA ALA DA 28 -41.14 5.28 33.80
C ALA DA 28 -42.14 4.46 33.02
N VAL DA 29 -42.71 5.04 31.96
CA VAL DA 29 -43.69 4.27 31.19
C VAL DA 29 -43.02 3.11 30.44
N MET DA 30 -41.75 3.30 30.02
CA MET DA 30 -41.05 2.22 29.34
C MET DA 30 -40.82 1.03 30.27
N ILE DA 31 -40.38 1.31 31.51
CA ILE DA 31 -40.14 0.22 32.45
C ILE DA 31 -41.45 -0.43 32.87
N HIS DA 32 -42.50 0.37 33.03
CA HIS DA 32 -43.81 -0.21 33.34
C HIS DA 32 -44.31 -1.11 32.21
N LEU DA 33 -44.11 -0.70 30.96
CA LEU DA 33 -44.46 -1.56 29.83
C LEU DA 33 -43.63 -2.84 29.83
N ILE DA 34 -42.33 -2.73 30.13
CA ILE DA 34 -41.48 -3.93 30.18
C ILE DA 34 -42.01 -4.89 31.24
N LEU DA 35 -42.40 -4.36 32.40
CA LEU DA 35 -42.95 -5.22 33.45
C LEU DA 35 -44.24 -5.87 33.00
N LEU DA 36 -45.16 -5.10 32.41
CA LEU DA 36 -46.46 -5.65 32.02
C LEU DA 36 -46.32 -6.65 30.89
N SER DA 37 -45.25 -6.54 30.10
CA SER DA 37 -45.01 -7.50 29.02
C SER DA 37 -44.69 -8.89 29.57
N THR DA 38 -43.76 -8.97 30.52
CA THR DA 38 -43.37 -10.27 31.06
C THR DA 38 -44.46 -10.81 31.97
N PRO DA 39 -44.68 -12.13 32.00
CA PRO DA 39 -45.74 -12.70 32.84
C PRO DA 39 -45.37 -12.89 34.30
N SER DA 40 -44.26 -12.31 34.76
CA SER DA 40 -43.81 -12.48 36.14
C SER DA 40 -44.00 -11.23 36.98
N TYR DA 41 -44.19 -10.07 36.37
CA TYR DA 41 -44.43 -8.81 37.08
C TYR DA 41 -45.59 -8.03 36.50
N ASN DA 42 -46.44 -8.68 35.70
CA ASN DA 42 -47.69 -8.09 35.25
C ASN DA 42 -48.71 -8.29 36.36
N TRP DA 43 -48.90 -7.24 37.16
CA TRP DA 43 -49.79 -7.33 38.31
C TRP DA 43 -51.21 -7.72 37.93
N LEU DA 44 -51.72 -7.24 36.81
CA LEU DA 44 -53.09 -7.58 36.39
C LEU DA 44 -53.21 -9.08 36.14
N GLU DA 45 -52.31 -9.64 35.33
CA GLU DA 45 -52.36 -11.06 35.05
C GLU DA 45 -52.07 -11.91 36.29
N ILE DA 46 -51.13 -11.46 37.13
CA ILE DA 46 -50.77 -12.21 38.32
C ILE DA 46 -51.94 -12.28 39.29
N SER DA 47 -52.62 -11.15 39.51
CA SER DA 47 -53.81 -11.16 40.35
C SER DA 47 -54.95 -11.94 39.71
N ALA DA 48 -55.05 -11.89 38.38
CA ALA DA 48 -56.09 -12.66 37.68
C ALA DA 48 -55.89 -14.16 37.89
N ALA DA 49 -54.66 -14.63 37.83
CA ALA DA 49 -54.39 -16.04 38.10
C ALA DA 49 -54.46 -16.37 39.60
N LYS DA 50 -54.24 -15.37 40.46
CA LYS DA 50 -54.24 -15.63 41.90
C LYS DA 50 -55.65 -15.90 42.42
N TYR DA 51 -56.62 -15.08 42.04
CA TYR DA 51 -57.98 -15.21 42.52
C TYR DA 51 -58.87 -16.02 41.58
N ASN DA 52 -58.29 -16.61 40.54
CA ASN DA 52 -59.03 -17.31 39.50
C ASN DA 52 -60.10 -16.41 38.86
N ARG DA 53 -59.77 -15.14 38.67
CA ARG DA 53 -60.73 -14.17 38.15
C ARG DA 53 -60.69 -14.05 36.64
N VAL DA 54 -59.78 -14.74 35.97
CA VAL DA 54 -59.68 -14.67 34.52
C VAL DA 54 -60.41 -15.86 33.89
N LEU EA 11 -28.27 34.01 35.73
CA LEU EA 11 -27.52 32.86 36.25
C LEU EA 11 -26.55 33.30 37.34
N THR EA 12 -27.00 34.21 38.20
CA THR EA 12 -26.14 34.66 39.29
C THR EA 12 -25.85 33.50 40.23
N ASP EA 13 -24.66 33.53 40.85
CA ASP EA 13 -24.22 32.40 41.65
C ASP EA 13 -25.18 32.10 42.78
N GLU EA 14 -25.70 33.14 43.44
CA GLU EA 14 -26.70 32.92 44.49
C GLU EA 14 -27.98 32.32 43.91
N GLN EA 15 -28.45 32.85 42.78
CA GLN EA 15 -29.66 32.31 42.15
C GLN EA 15 -29.48 30.87 41.74
N ALA EA 16 -28.37 30.55 41.07
CA ALA EA 16 -28.10 29.18 40.66
C ALA EA 16 -27.91 28.25 41.84
N GLN EA 17 -27.25 28.71 42.90
CA GLN EA 17 -27.06 27.89 44.09
C GLN EA 17 -28.38 27.59 44.78
N GLU EA 18 -29.27 28.58 44.90
CA GLU EA 18 -30.57 28.34 45.50
C GLU EA 18 -31.41 27.40 44.64
N LEU EA 19 -31.35 27.58 43.31
CA LEU EA 19 -32.03 26.66 42.40
C LEU EA 19 -31.50 25.25 42.56
N HIS EA 20 -30.18 25.12 42.72
CA HIS EA 20 -29.57 23.81 42.93
C HIS EA 20 -30.02 23.19 44.24
N SER EA 21 -30.13 24.00 45.29
CA SER EA 21 -30.60 23.49 46.58
C SER EA 21 -32.02 22.97 46.47
N VAL EA 22 -32.91 23.74 45.83
CA VAL EA 22 -34.29 23.31 45.66
C VAL EA 22 -34.36 22.06 44.81
N TYR EA 23 -33.58 22.01 43.72
CA TYR EA 23 -33.60 20.85 42.83
C TYR EA 23 -33.11 19.60 43.56
N MET EA 24 -32.05 19.73 44.35
CA MET EA 24 -31.55 18.59 45.11
C MET EA 24 -32.56 18.15 46.17
N SER EA 25 -33.25 19.09 46.82
CA SER EA 25 -34.27 18.70 47.78
C SER EA 25 -35.40 17.92 47.11
N GLY EA 26 -35.89 18.42 45.98
CA GLY EA 26 -36.92 17.70 45.26
C GLY EA 26 -36.45 16.35 44.75
N LEU EA 27 -35.20 16.28 44.30
CA LEU EA 27 -34.62 15.02 43.86
C LEU EA 27 -34.57 14.02 45.00
N TRP EA 28 -34.15 14.46 46.19
CA TRP EA 28 -34.10 13.56 47.33
C TRP EA 28 -35.49 13.09 47.73
N LEU EA 29 -36.48 13.98 47.70
CA LEU EA 29 -37.84 13.58 48.02
C LEU EA 29 -38.35 12.51 47.04
N PHE EA 30 -38.22 12.78 45.74
CA PHE EA 30 -38.68 11.84 44.73
C PHE EA 30 -37.91 10.52 44.83
N SER EA 31 -36.62 10.59 45.09
CA SER EA 31 -35.80 9.38 45.20
C SER EA 31 -36.21 8.55 46.41
N ALA EA 32 -36.50 9.18 47.54
CA ALA EA 32 -36.96 8.44 48.71
C ALA EA 32 -38.29 7.77 48.44
N VAL EA 33 -39.21 8.47 47.77
CA VAL EA 33 -40.48 7.84 47.43
C VAL EA 33 -40.25 6.64 46.52
N ALA EA 34 -39.38 6.78 45.52
CA ALA EA 34 -39.08 5.67 44.62
C ALA EA 34 -38.41 4.51 45.36
N ILE EA 35 -37.55 4.82 46.34
CA ILE EA 35 -36.89 3.78 47.12
C ILE EA 35 -37.90 2.99 47.94
N VAL EA 36 -38.84 3.69 48.58
CA VAL EA 36 -39.89 3.00 49.31
C VAL EA 36 -40.70 2.11 48.38
N ALA EA 37 -41.01 2.63 47.18
CA ALA EA 37 -41.71 1.81 46.18
C ALA EA 37 -40.90 0.57 45.80
N HIS EA 38 -39.59 0.74 45.59
CA HIS EA 38 -38.74 -0.38 45.21
C HIS EA 38 -38.71 -1.45 46.29
N LEU EA 39 -38.61 -1.03 47.56
CA LEU EA 39 -38.61 -1.99 48.65
C LEU EA 39 -39.94 -2.73 48.72
N ALA EA 40 -41.06 -2.01 48.59
CA ALA EA 40 -42.36 -2.66 48.60
C ALA EA 40 -42.50 -3.65 47.44
N VAL EA 41 -41.96 -3.30 46.28
CA VAL EA 41 -42.00 -4.20 45.12
C VAL EA 41 -41.17 -5.45 45.40
N TYR EA 42 -39.98 -5.30 45.97
CA TYR EA 42 -39.16 -6.47 46.28
C TYR EA 42 -39.84 -7.36 47.30
N ILE EA 43 -40.54 -6.77 48.27
CA ILE EA 43 -41.31 -7.55 49.22
C ILE EA 43 -42.43 -8.29 48.49
N TRP EA 44 -43.07 -7.63 47.53
CA TRP EA 44 -44.13 -8.28 46.76
C TRP EA 44 -43.58 -9.45 45.95
N ARG EA 45 -42.43 -9.28 45.31
CA ARG EA 45 -41.77 -10.36 44.56
C ARG EA 45 -40.30 -10.02 44.40
N PRO EA 46 -39.40 -10.94 44.72
CA PRO EA 46 -37.96 -10.70 44.54
C PRO EA 46 -37.56 -10.83 43.08
N TRP EA 47 -36.66 -9.96 42.63
CA TRP EA 47 -36.07 -10.09 41.30
C TRP EA 47 -34.64 -10.57 41.32
N PHE EA 48 -33.99 -10.58 42.49
CA PHE EA 48 -32.62 -11.08 42.59
C PHE EA 48 -32.38 -11.74 43.95
N ASN FA 7 15.80 22.19 17.55
CA ASN FA 7 14.63 21.55 16.98
C ASN FA 7 13.53 22.56 16.72
N ASP FA 8 13.41 23.54 17.61
CA ASP FA 8 12.45 24.63 17.47
C ASP FA 8 13.09 26.01 17.50
N HIS FA 9 14.22 26.16 18.22
CA HIS FA 9 14.93 27.43 18.29
C HIS FA 9 16.24 27.44 17.53
N LEU FA 10 16.82 26.26 17.25
CA LEU FA 10 18.08 26.19 16.52
C LEU FA 10 17.94 25.59 15.14
N ASN FA 11 17.21 24.47 14.99
CA ASN FA 11 17.00 23.81 13.70
C ASN FA 11 18.32 23.46 13.03
N THR FA 12 18.27 23.09 11.74
CA THR FA 12 19.48 22.75 11.01
C THR FA 12 19.70 23.64 9.79
N ASN FA 13 18.71 23.80 8.93
CA ASN FA 13 18.87 24.58 7.71
C ASN FA 13 17.48 24.93 7.17
N PRO FA 14 17.39 26.02 6.41
CA PRO FA 14 16.11 26.33 5.75
C PRO FA 14 15.71 25.30 4.71
N LYS FA 15 16.64 24.50 4.20
CA LYS FA 15 16.29 23.41 3.29
C LYS FA 15 15.32 22.45 3.97
N THR FA 16 15.55 22.17 5.26
CA THR FA 16 14.63 21.33 6.01
C THR FA 16 13.26 21.97 6.09
N ASN FA 17 13.20 23.28 6.34
CA ASN FA 17 11.91 23.96 6.41
C ASN FA 17 11.18 23.90 5.07
N LEU FA 18 11.91 24.07 3.97
CA LEU FA 18 11.29 23.98 2.65
C LEU FA 18 10.78 22.58 2.36
N ARG FA 19 11.58 21.55 2.66
CA ARG FA 19 11.12 20.19 2.48
C ARG FA 19 9.89 19.91 3.33
N LEU FA 20 9.91 20.37 4.58
CA LEU FA 20 8.78 20.17 5.47
C LEU FA 20 7.54 20.87 4.95
N TRP FA 21 7.70 22.07 4.40
CA TRP FA 21 6.56 22.80 3.87
C TRP FA 21 5.97 22.11 2.64
N VAL FA 22 6.82 21.66 1.72
CA VAL FA 22 6.32 20.96 0.54
C VAL FA 22 5.60 19.67 0.94
N ALA FA 23 6.20 18.91 1.86
CA ALA FA 23 5.56 17.69 2.34
C ALA FA 23 4.27 18.00 3.06
N PHE FA 24 4.22 19.11 3.78
CA PHE FA 24 2.99 19.52 4.46
C PHE FA 24 1.89 19.83 3.47
N GLN FA 25 2.22 20.53 2.38
CA GLN FA 25 1.20 20.84 1.38
C GLN FA 25 0.67 19.57 0.72
N MET FA 26 1.58 18.69 0.27
CA MET FA 26 1.15 17.44 -0.33
C MET FA 26 0.37 16.60 0.67
N MET FA 27 0.74 16.65 1.95
CA MET FA 27 0.01 15.94 2.98
C MET FA 27 -1.40 16.51 3.14
N LYS FA 28 -1.53 17.83 3.03
CA LYS FA 28 -2.87 18.44 3.07
C LYS FA 28 -3.74 17.91 1.96
N GLY FA 29 -3.20 17.89 0.74
CA GLY FA 29 -3.97 17.37 -0.38
C GLY FA 29 -4.36 15.91 -0.20
N ALA FA 30 -3.37 15.07 0.08
CA ALA FA 30 -3.63 13.65 0.24
C ALA FA 30 -4.54 13.38 1.42
N GLY FA 31 -4.48 14.20 2.46
CA GLY FA 31 -5.33 14.00 3.62
C GLY FA 31 -6.77 14.40 3.38
N TRP FA 32 -6.99 15.45 2.58
CA TRP FA 32 -8.37 15.74 2.18
C TRP FA 32 -8.92 14.63 1.30
N ALA FA 33 -8.11 14.12 0.37
CA ALA FA 33 -8.55 12.98 -0.43
C ALA FA 33 -8.85 11.77 0.46
N GLY FA 34 -7.98 11.49 1.42
CA GLY FA 34 -8.20 10.38 2.32
C GLY FA 34 -9.44 10.56 3.17
N GLY FA 35 -9.66 11.77 3.68
CA GLY FA 35 -10.83 12.01 4.50
C GLY FA 35 -12.12 11.81 3.73
N VAL FA 36 -12.18 12.33 2.51
CA VAL FA 36 -13.40 12.13 1.72
C VAL FA 36 -13.58 10.66 1.37
N PHE FA 37 -12.49 9.97 0.98
CA PHE FA 37 -12.61 8.57 0.63
C PHE FA 37 -13.08 7.74 1.81
N PHE FA 38 -12.48 7.98 2.99
CA PHE FA 38 -12.84 7.20 4.16
C PHE FA 38 -14.25 7.53 4.64
N GLY FA 39 -14.70 8.77 4.44
CA GLY FA 39 -16.09 9.09 4.76
C GLY FA 39 -17.06 8.37 3.86
N THR FA 40 -16.74 8.27 2.57
CA THR FA 40 -17.55 7.45 1.68
C THR FA 40 -17.59 5.99 2.14
N LEU FA 41 -16.42 5.46 2.55
CA LEU FA 41 -16.37 4.09 3.02
C LEU FA 41 -17.23 3.91 4.26
N LEU FA 42 -17.20 4.89 5.18
CA LEU FA 42 -18.03 4.81 6.37
C LEU FA 42 -19.51 4.86 6.02
N LEU FA 43 -19.89 5.71 5.06
CA LEU FA 43 -21.29 5.83 4.67
C LEU FA 43 -21.80 4.53 4.06
N ILE FA 44 -21.03 3.95 3.14
CA ILE FA 44 -21.46 2.70 2.52
C ILE FA 44 -21.46 1.57 3.53
N GLY FA 45 -20.51 1.58 4.48
CA GLY FA 45 -20.52 0.58 5.53
C GLY FA 45 -21.75 0.69 6.41
N PHE FA 46 -22.16 1.92 6.71
CA PHE FA 46 -23.38 2.10 7.49
C PHE FA 46 -24.60 1.58 6.75
N PHE FA 47 -24.72 1.89 5.46
CA PHE FA 47 -25.87 1.40 4.71
C PHE FA 47 -25.87 -0.12 4.63
N ARG FA 48 -24.71 -0.72 4.40
CA ARG FA 48 -24.59 -2.18 4.39
C ARG FA 48 -24.95 -2.80 5.73
N VAL FA 49 -24.48 -2.24 6.84
CA VAL FA 49 -24.77 -2.85 8.13
C VAL FA 49 -26.23 -2.66 8.50
N VAL FA 50 -26.87 -1.58 8.04
CA VAL FA 50 -28.31 -1.44 8.25
C VAL FA 50 -29.06 -2.48 7.42
N GLY FA 51 -28.58 -2.75 6.20
CA GLY FA 51 -29.15 -3.83 5.42
C GLY FA 51 -28.95 -5.20 6.06
N ARG FA 52 -27.87 -5.36 6.81
CA ARG FA 52 -27.59 -6.64 7.47
C ARG FA 52 -28.69 -7.00 8.45
N MET FA 53 -29.12 -6.05 9.26
CA MET FA 53 -30.09 -6.31 10.31
C MET FA 53 -31.54 -6.20 9.83
N LEU FA 54 -31.78 -6.18 8.53
CA LEU FA 54 -33.12 -6.11 7.99
C LEU FA 54 -33.52 -7.44 7.36
N PRO FA 55 -34.83 -7.70 7.23
CA PRO FA 55 -35.28 -8.98 6.68
C PRO FA 55 -34.91 -9.22 5.22
N ILE FA 56 -34.16 -8.29 4.61
CA ILE FA 56 -33.57 -8.59 3.32
C ILE FA 56 -32.63 -9.79 3.47
N ASP FA 57 -32.40 -10.48 2.35
CA ASP FA 57 -31.68 -11.75 2.27
C ASP FA 57 -32.54 -12.89 2.80
N GLU FA 58 -33.68 -12.55 3.40
CA GLU FA 58 -34.75 -13.49 3.63
C GLU FA 58 -35.92 -13.26 2.70
N ASN FA 59 -36.02 -12.07 2.12
CA ASN FA 59 -37.00 -11.75 1.10
C ASN FA 59 -36.27 -11.12 -0.09
N PRO FA 60 -35.41 -11.86 -0.76
CA PRO FA 60 -34.62 -11.27 -1.84
C PRO FA 60 -35.49 -10.93 -3.04
N ALA FA 61 -35.03 -9.96 -3.81
CA ALA FA 61 -35.76 -9.55 -5.00
C ALA FA 61 -35.03 -10.01 -6.25
N PRO FA 62 -35.75 -10.29 -7.34
CA PRO FA 62 -35.10 -10.74 -8.57
C PRO FA 62 -34.32 -9.61 -9.23
N ALA FA 63 -33.58 -9.98 -10.26
CA ALA FA 63 -32.76 -9.01 -10.97
C ALA FA 63 -33.67 -8.00 -11.67
N PRO FA 64 -33.47 -6.70 -11.43
CA PRO FA 64 -34.34 -5.70 -12.06
C PRO FA 64 -33.98 -5.40 -13.49
N ASN FA 65 -32.78 -5.78 -13.94
CA ASN FA 65 -32.44 -5.59 -15.34
C ASN FA 65 -31.63 -6.77 -15.78
N ILE FA 66 -31.76 -7.11 -17.07
CA ILE FA 66 -30.97 -8.21 -17.61
C ILE FA 66 -29.48 -7.93 -17.39
N THR FA 67 -28.69 -9.00 -17.35
CA THR FA 67 -27.29 -8.86 -17.00
C THR FA 67 -26.56 -7.93 -17.95
N GLY FA 68 -26.91 -7.97 -19.23
CA GLY FA 68 -26.29 -7.10 -20.21
C GLY FA 68 -24.96 -7.61 -20.74
N VAL GA 4 -28.63 26.92 19.25
CA VAL GA 4 -29.87 26.16 19.24
C VAL GA 4 -31.03 27.08 19.62
N SER GA 5 -31.86 27.40 18.65
CA SER GA 5 -32.97 28.30 18.87
C SER GA 5 -34.04 27.64 19.75
N GLU GA 6 -34.92 28.47 20.30
CA GLU GA 6 -36.04 27.95 21.07
C GLU GA 6 -36.89 27.01 20.21
N PHE GA 7 -37.10 27.39 18.95
CA PHE GA 7 -37.86 26.55 18.03
C PHE GA 7 -37.15 25.21 17.80
N ALA GA 8 -35.82 25.23 17.66
CA ALA GA 8 -35.10 23.99 17.42
C ALA GA 8 -35.19 23.03 18.61
N PHE GA 9 -35.02 23.56 19.83
CA PHE GA 9 -35.17 22.71 21.01
C PHE GA 9 -36.58 22.18 21.11
N ARG GA 10 -37.58 23.03 20.85
CA ARG GA 10 -38.97 22.59 20.87
C ARG GA 10 -39.23 21.51 19.83
N LEU GA 11 -38.55 21.60 18.67
CA LEU GA 11 -38.75 20.61 17.61
C LEU GA 11 -38.15 19.26 17.99
N MET GA 12 -36.93 19.25 18.51
CA MET GA 12 -36.33 17.99 18.94
C MET GA 12 -37.15 17.38 20.08
N MET GA 13 -37.61 18.21 21.01
CA MET GA 13 -38.44 17.71 22.11
C MET GA 13 -39.77 17.18 21.58
N ALA GA 14 -40.36 17.85 20.58
CA ALA GA 14 -41.60 17.37 20.00
C ALA GA 14 -41.40 16.02 19.35
N ALA GA 15 -40.30 15.84 18.62
CA ALA GA 15 -40.03 14.56 17.99
C ALA GA 15 -39.90 13.46 19.04
N VAL GA 16 -39.11 13.70 20.09
CA VAL GA 16 -38.87 12.64 21.07
C VAL GA 16 -40.13 12.33 21.87
N ILE GA 17 -40.90 13.36 22.24
CA ILE GA 17 -42.12 13.12 23.00
C ILE GA 17 -43.16 12.43 22.12
N PHE GA 18 -43.18 12.75 20.82
CA PHE GA 18 -44.05 12.04 19.89
C PHE GA 18 -43.69 10.56 19.84
N VAL GA 19 -42.40 10.25 19.76
CA VAL GA 19 -41.97 8.86 19.72
C VAL GA 19 -42.40 8.14 21.00
N GLY GA 20 -42.15 8.77 22.15
CA GLY GA 20 -42.46 8.12 23.42
C GLY GA 20 -43.95 7.88 23.61
N VAL GA 21 -44.77 8.92 23.40
CA VAL GA 21 -46.20 8.75 23.62
C VAL GA 21 -46.80 7.86 22.53
N GLY GA 22 -46.24 7.86 21.33
CA GLY GA 22 -46.70 6.95 20.31
C GLY GA 22 -46.45 5.50 20.68
N ILE GA 23 -45.25 5.21 21.22
CA ILE GA 23 -44.98 3.86 21.70
C ILE GA 23 -45.95 3.49 22.81
N MET GA 24 -46.17 4.42 23.76
CA MET GA 24 -47.00 4.12 24.91
C MET GA 24 -48.44 3.85 24.50
N PHE GA 25 -49.00 4.68 23.62
CA PHE GA 25 -50.38 4.49 23.20
C PHE GA 25 -50.52 3.40 22.13
N ALA GA 26 -49.42 3.02 21.46
CA ALA GA 26 -49.46 1.86 20.59
C ALA GA 26 -49.57 0.58 21.39
N PHE GA 27 -48.82 0.48 22.49
CA PHE GA 27 -48.97 -0.68 23.36
C PHE GA 27 -50.30 -0.64 24.11
N ALA GA 28 -50.67 0.53 24.62
CA ALA GA 28 -51.88 0.65 25.42
C ALA GA 28 -53.14 0.66 24.56
N GLY GA 29 -53.09 1.30 23.39
CA GLY GA 29 -54.26 1.46 22.55
C GLY GA 29 -54.59 0.31 21.64
N GLY GA 30 -53.76 -0.72 21.58
CA GLY GA 30 -54.06 -1.91 20.80
C GLY GA 30 -53.66 -1.86 19.34
N HIS GA 31 -53.04 -0.78 18.88
CA HIS GA 31 -52.62 -0.68 17.49
C HIS GA 31 -51.62 0.46 17.37
N TRP GA 32 -50.75 0.37 16.37
CA TRP GA 32 -49.77 1.42 16.14
C TRP GA 32 -50.39 2.70 15.62
N PHE GA 33 -51.56 2.61 14.97
CA PHE GA 33 -52.20 3.81 14.41
C PHE GA 33 -52.65 4.76 15.50
N VAL GA 34 -53.24 4.24 16.58
CA VAL GA 34 -53.69 5.11 17.66
C VAL GA 34 -52.51 5.83 18.30
N GLY GA 35 -51.43 5.10 18.56
CA GLY GA 35 -50.25 5.72 19.12
C GLY GA 35 -49.66 6.77 18.20
N LEU GA 36 -49.60 6.47 16.90
CA LEU GA 36 -49.08 7.42 15.93
C LEU GA 36 -49.94 8.69 15.90
N VAL GA 37 -51.26 8.54 15.90
CA VAL GA 37 -52.14 9.70 15.84
C VAL GA 37 -51.99 10.55 17.09
N VAL GA 38 -51.99 9.90 18.26
CA VAL GA 38 -51.85 10.65 19.51
C VAL GA 38 -50.51 11.37 19.55
N GLY GA 39 -49.43 10.68 19.18
CA GLY GA 39 -48.12 11.31 19.19
C GLY GA 39 -48.02 12.48 18.24
N GLY GA 40 -48.50 12.30 17.00
CA GLY GA 40 -48.49 13.39 16.05
C GLY GA 40 -49.30 14.58 16.52
N LEU GA 41 -50.49 14.32 17.08
CA LEU GA 41 -51.34 15.40 17.56
C LEU GA 41 -50.66 16.18 18.68
N VAL GA 42 -50.18 15.47 19.70
CA VAL GA 42 -49.58 16.16 20.84
C VAL GA 42 -48.32 16.89 20.41
N ALA GA 43 -47.50 16.28 19.55
CA ALA GA 43 -46.26 16.91 19.14
C ALA GA 43 -46.52 18.15 18.29
N ALA GA 44 -47.53 18.09 17.41
CA ALA GA 44 -47.88 19.27 16.62
C ALA GA 44 -48.41 20.39 17.52
N PHE GA 45 -49.27 20.05 18.48
CA PHE GA 45 -49.77 21.06 19.40
C PHE GA 45 -48.66 21.64 20.26
N PHE GA 46 -47.62 20.84 20.53
CA PHE GA 46 -46.48 21.32 21.30
C PHE GA 46 -45.58 22.23 20.47
N ALA GA 47 -45.31 21.85 19.22
CA ALA GA 47 -44.36 22.58 18.40
C ALA GA 47 -44.97 23.85 17.82
N ALA GA 48 -46.28 23.88 17.59
CA ALA GA 48 -46.92 25.09 17.09
C ALA GA 48 -46.91 26.20 18.13
N THR GA 49 -47.07 25.85 19.40
CA THR GA 49 -47.09 26.84 20.47
C THR GA 49 -45.67 27.32 20.76
N PRO GA 50 -45.43 28.63 20.77
CA PRO GA 50 -44.08 29.14 21.01
C PRO GA 50 -43.79 29.23 22.51
N ASN GA 51 -42.61 29.79 22.82
CA ASN GA 51 -42.23 30.06 24.21
C ASN GA 51 -42.10 31.56 24.44
N ALA HA 1 37.34 -0.10 36.36
CA ALA HA 1 36.31 0.33 35.43
C ALA HA 1 36.92 0.73 34.10
N LEU HA 2 38.12 1.30 34.15
CA LEU HA 2 38.84 1.72 32.96
C LEU HA 2 40.28 1.23 33.05
N LEU HA 3 40.88 0.96 31.90
CA LEU HA 3 42.30 0.70 31.84
C LEU HA 3 43.07 1.97 32.21
N SER HA 4 44.34 1.80 32.55
CA SER HA 4 45.15 2.93 33.01
C SER HA 4 45.36 3.98 31.94
N PHE HA 5 45.14 3.66 30.67
CA PHE HA 5 45.33 4.61 29.57
C PHE HA 5 44.03 4.94 28.86
N GLU HA 6 42.91 4.44 29.35
CA GLU HA 6 41.68 4.44 28.57
C GLU HA 6 41.02 5.81 28.49
N ARG HA 7 41.21 6.65 29.52
CA ARG HA 7 40.37 7.84 29.67
C ARG HA 7 40.55 8.80 28.49
N LYS HA 8 41.78 8.97 28.02
CA LYS HA 8 42.02 9.93 26.95
C LYS HA 8 41.42 9.53 25.62
N TYR HA 9 40.77 8.38 25.53
CA TYR HA 9 40.15 7.93 24.29
C TYR HA 9 38.63 7.98 24.33
N ARG HA 10 38.01 8.11 25.50
CA ARG HA 10 36.55 8.06 25.62
C ARG HA 10 35.95 9.44 25.34
N VAL HA 11 36.09 9.87 24.09
CA VAL HA 11 35.58 11.16 23.67
C VAL HA 11 34.30 10.93 22.87
N PRO HA 12 33.38 11.88 22.83
CA PRO HA 12 32.17 11.71 22.01
C PRO HA 12 32.49 11.78 20.52
N GLY HA 13 31.61 11.16 19.73
CA GLY HA 13 31.72 11.21 18.29
C GLY HA 13 31.93 9.82 17.70
N GLY HA 14 31.99 9.82 16.36
CA GLY HA 14 32.15 8.60 15.61
C GLY HA 14 30.90 7.79 15.39
N THR HA 15 29.75 8.26 15.90
CA THR HA 15 28.52 7.49 15.84
C THR HA 15 27.92 7.55 14.44
N LEU HA 16 27.48 6.39 13.94
CA LEU HA 16 26.82 6.36 12.64
C LEU HA 16 25.41 6.91 12.71
N VAL HA 17 24.66 6.53 13.74
CA VAL HA 17 23.30 6.99 13.95
C VAL HA 17 23.13 7.33 15.43
N GLY HA 18 22.41 8.41 15.71
CA GLY HA 18 22.29 8.89 17.08
C GLY HA 18 23.33 9.95 17.35
N GLY HA 19 24.07 9.82 18.43
CA GLY HA 19 25.13 10.76 18.71
C GLY HA 19 25.24 11.15 20.16
N ASN HA 20 24.11 11.17 20.85
CA ASN HA 20 24.12 11.38 22.30
C ASN HA 20 23.19 10.38 22.95
N LEU HA 21 22.18 9.95 22.22
CA LEU HA 21 21.15 9.09 22.78
C LEU HA 21 21.74 7.75 23.21
N PHE HA 22 22.63 7.20 22.40
CA PHE HA 22 23.28 5.93 22.65
C PHE HA 22 24.78 6.07 22.46
N ASP HA 23 25.37 7.09 23.06
CA ASP HA 23 26.82 7.30 22.98
C ASP HA 23 27.34 7.29 24.41
N PHE HA 24 27.58 6.09 24.94
CA PHE HA 24 28.08 5.91 26.29
C PHE HA 24 28.59 4.48 26.41
N TRP HA 25 28.97 4.11 27.62
CA TRP HA 25 29.52 2.79 27.90
C TRP HA 25 28.75 2.18 29.06
N VAL HA 26 28.54 0.87 28.97
CA VAL HA 26 28.06 0.08 30.10
C VAL HA 26 29.20 -0.85 30.48
N GLY HA 27 29.78 -0.63 31.65
CA GLY HA 27 30.97 -1.35 32.04
C GLY HA 27 32.08 -1.09 31.05
N PRO HA 28 32.65 -2.16 30.49
CA PRO HA 28 33.65 -1.99 29.43
C PRO HA 28 33.04 -1.79 28.06
N PHE HA 29 31.78 -2.14 27.87
CA PHE HA 29 31.19 -2.19 26.54
C PHE HA 29 30.79 -0.81 26.07
N TYR HA 30 31.02 -0.54 24.79
CA TYR HA 30 30.46 0.65 24.18
C TYR HA 30 29.04 0.35 23.72
N VAL HA 31 28.10 1.17 24.15
CA VAL HA 31 26.70 0.99 23.83
C VAL HA 31 26.33 2.05 22.81
N GLY HA 32 26.27 1.66 21.54
CA GLY HA 32 25.72 2.52 20.52
C GLY HA 32 24.25 2.23 20.29
N PHE HA 33 23.73 2.77 19.19
CA PHE HA 33 22.42 2.34 18.74
C PHE HA 33 22.46 0.86 18.35
N PHE HA 34 23.47 0.50 17.56
CA PHE HA 34 23.66 -0.90 17.19
C PHE HA 34 24.01 -1.75 18.40
N GLY HA 35 24.54 -1.15 19.45
CA GLY HA 35 24.70 -1.88 20.69
C GLY HA 35 23.36 -2.34 21.26
N VAL HA 36 22.39 -1.43 21.31
CA VAL HA 36 21.06 -1.78 21.78
C VAL HA 36 20.43 -2.83 20.87
N ALA HA 37 20.56 -2.63 19.55
CA ALA HA 37 20.01 -3.60 18.61
C ALA HA 37 20.61 -4.98 18.84
N THR HA 38 21.94 -5.06 18.96
CA THR HA 38 22.60 -6.34 19.15
C THR HA 38 22.17 -6.99 20.45
N PHE HA 39 22.11 -6.22 21.53
CA PHE HA 39 21.73 -6.83 22.80
C PHE HA 39 20.33 -7.40 22.74
N PHE HA 40 19.39 -6.65 22.18
CA PHE HA 40 18.02 -7.16 22.11
C PHE HA 40 17.94 -8.40 21.24
N PHE HA 41 18.59 -8.37 20.06
CA PHE HA 41 18.53 -9.52 19.17
C PHE HA 41 19.13 -10.75 19.83
N ALA HA 42 20.28 -10.60 20.48
CA ALA HA 42 20.93 -11.73 21.12
C ALA HA 42 20.08 -12.30 22.25
N ALA HA 43 19.53 -11.43 23.10
CA ALA HA 43 18.71 -11.91 24.21
C ALA HA 43 17.47 -12.63 23.69
N LEU HA 44 16.80 -12.05 22.69
CA LEU HA 44 15.62 -12.69 22.13
C LEU HA 44 15.95 -14.06 21.58
N GLY HA 45 17.05 -14.15 20.81
CA GLY HA 45 17.42 -15.43 20.24
C GLY HA 45 17.75 -16.47 21.29
N ILE HA 46 18.50 -16.08 22.32
CA ILE HA 46 18.91 -17.05 23.33
C ILE HA 46 17.70 -17.55 24.12
N ILE HA 47 16.82 -16.63 24.51
CA ILE HA 47 15.66 -17.09 25.28
C ILE HA 47 14.69 -17.87 24.41
N LEU HA 48 14.64 -17.59 23.11
CA LEU HA 48 13.86 -18.41 22.20
C LEU HA 48 14.44 -19.82 22.10
N ILE HA 49 15.77 -19.93 22.09
CA ILE HA 49 16.39 -21.25 22.09
C ILE HA 49 16.04 -22.00 23.37
N ALA HA 50 16.05 -21.30 24.51
CA ALA HA 50 15.64 -21.93 25.76
C ALA HA 50 14.19 -22.39 25.70
N TRP HA 51 13.33 -21.56 25.11
CA TRP HA 51 11.92 -21.92 24.95
C TRP HA 51 11.76 -23.16 24.07
N SER HA 52 12.52 -23.22 22.98
CA SER HA 52 12.49 -24.39 22.12
C SER HA 52 13.00 -25.62 22.85
N ALA HA 53 13.97 -25.45 23.75
CA ALA HA 53 14.38 -26.55 24.61
C ALA HA 53 13.22 -27.04 25.47
N VAL HA 54 12.45 -26.11 26.03
CA VAL HA 54 11.26 -26.50 26.79
C VAL HA 54 10.28 -27.26 25.92
N LEU HA 55 10.02 -26.75 24.71
CA LEU HA 55 9.06 -27.40 23.82
C LEU HA 55 9.52 -28.80 23.44
N GLN HA 56 10.80 -28.97 23.15
CA GLN HA 56 11.34 -30.24 22.71
C GLN HA 56 11.30 -31.29 23.80
N GLY HA 57 11.29 -30.89 25.06
CA GLY HA 57 11.22 -31.83 26.15
C GLY HA 57 12.55 -32.33 26.64
N THR HA 58 13.64 -31.62 26.37
CA THR HA 58 14.96 -32.00 26.85
C THR HA 58 15.66 -30.81 27.49
N TRP HA 59 16.34 -31.06 28.60
CA TRP HA 59 17.18 -30.06 29.24
C TRP HA 59 18.66 -30.33 29.04
N ASN HA 60 19.01 -31.18 28.08
CA ASN HA 60 20.40 -31.38 27.73
C ASN HA 60 20.83 -30.29 26.75
N PRO HA 61 21.81 -29.46 27.08
CA PRO HA 61 22.24 -28.41 26.14
C PRO HA 61 22.75 -28.98 24.84
N GLN HA 62 23.41 -30.14 24.88
CA GLN HA 62 23.91 -30.76 23.66
C GLN HA 62 22.78 -31.31 22.79
N LEU HA 63 21.68 -31.73 23.41
CA LEU HA 63 20.55 -32.29 22.68
C LEU HA 63 19.58 -31.25 22.16
N ILE HA 64 19.66 -30.00 22.62
CA ILE HA 64 18.75 -28.97 22.16
C ILE HA 64 18.97 -28.73 20.67
N SER HA 65 17.88 -28.71 19.91
CA SER HA 65 17.95 -28.47 18.48
C SER HA 65 16.75 -27.65 18.07
N VAL HA 66 16.97 -26.72 17.16
CA VAL HA 66 15.90 -25.89 16.60
C VAL HA 66 15.91 -26.15 15.10
N TYR HA 67 15.10 -27.09 14.66
CA TYR HA 67 15.12 -27.40 13.24
C TYR HA 67 14.37 -26.34 12.46
N PRO HA 68 14.78 -26.11 11.21
CA PRO HA 68 13.99 -25.27 10.33
C PRO HA 68 12.73 -26.01 9.91
N PRO HA 69 11.81 -25.33 9.22
CA PRO HA 69 10.58 -26.03 8.78
C PRO HA 69 10.92 -27.15 7.81
N ALA HA 70 10.06 -28.17 7.80
CA ALA HA 70 10.21 -29.26 6.84
C ALA HA 70 10.13 -28.73 5.41
N LEU HA 71 10.50 -29.59 4.46
CA LEU HA 71 10.62 -29.16 3.08
C LEU HA 71 9.29 -28.73 2.47
N GLU HA 72 8.19 -29.34 2.92
CA GLU HA 72 6.88 -29.03 2.37
C GLU HA 72 6.36 -27.67 2.79
N TYR HA 73 7.01 -26.99 3.73
CA TYR HA 73 6.64 -25.63 4.08
C TYR HA 73 7.21 -24.59 3.11
N GLY HA 74 8.08 -24.99 2.19
CA GLY HA 74 8.61 -24.07 1.22
C GLY HA 74 9.41 -22.96 1.87
N LEU HA 75 9.33 -21.77 1.29
CA LEU HA 75 9.94 -20.57 1.85
C LEU HA 75 8.96 -19.76 2.70
N GLY HA 76 7.99 -20.41 3.33
CA GLY HA 76 6.98 -19.73 4.12
C GLY HA 76 7.10 -20.04 5.59
N GLY HA 77 6.36 -19.27 6.38
CA GLY HA 77 6.39 -19.43 7.82
C GLY HA 77 5.81 -20.76 8.27
N ALA HA 78 6.04 -21.07 9.53
CA ALA HA 78 5.65 -22.35 10.10
C ALA HA 78 5.23 -22.14 11.55
N PRO HA 79 4.45 -23.06 12.10
CA PRO HA 79 4.09 -22.96 13.52
C PRO HA 79 5.33 -22.92 14.39
N LEU HA 80 5.24 -22.14 15.48
CA LEU HA 80 6.39 -21.94 16.34
C LEU HA 80 6.94 -23.26 16.85
N ALA HA 81 6.07 -24.20 17.20
CA ALA HA 81 6.53 -25.49 17.67
C ALA HA 81 7.21 -26.30 16.58
N LYS HA 82 6.91 -26.05 15.31
CA LYS HA 82 7.44 -26.89 14.23
C LYS HA 82 8.63 -26.24 13.51
N GLY HA 83 8.43 -25.06 12.93
CA GLY HA 83 9.52 -24.46 12.17
C GLY HA 83 9.66 -22.97 12.31
N GLY HA 84 8.75 -22.33 13.04
CA GLY HA 84 8.77 -20.89 13.12
C GLY HA 84 9.81 -20.36 14.09
N LEU HA 85 10.08 -21.10 15.16
CA LEU HA 85 11.11 -20.68 16.11
C LEU HA 85 12.46 -20.58 15.43
N TRP HA 86 12.76 -21.50 14.53
CA TRP HA 86 14.01 -21.41 13.78
C TRP HA 86 14.06 -20.14 12.96
N GLN HA 87 12.95 -19.76 12.34
CA GLN HA 87 12.96 -18.56 11.50
C GLN HA 87 13.11 -17.30 12.35
N ILE HA 88 12.49 -17.26 13.52
CA ILE HA 88 12.69 -16.11 14.40
C ILE HA 88 14.13 -16.05 14.89
N ILE HA 89 14.69 -17.19 15.29
CA ILE HA 89 16.08 -17.21 15.74
C ILE HA 89 17.00 -16.82 14.61
N THR HA 90 16.64 -17.15 13.37
CA THR HA 90 17.46 -16.80 12.23
C THR HA 90 17.45 -15.31 11.95
N ILE HA 91 16.27 -14.68 11.99
CA ILE HA 91 16.23 -13.24 11.80
C ILE HA 91 16.91 -12.53 12.97
N CYS HA 92 16.76 -13.05 14.18
CA CYS HA 92 17.44 -12.47 15.33
C CYS HA 92 18.95 -12.55 15.19
N ALA HA 93 19.47 -13.71 14.77
CA ALA HA 93 20.91 -13.87 14.61
C ALA HA 93 21.44 -12.99 13.49
N THR HA 94 20.71 -12.89 12.38
CA THR HA 94 21.15 -12.03 11.30
C THR HA 94 21.24 -10.58 11.75
N GLY HA 95 20.20 -10.12 12.45
CA GLY HA 95 20.23 -8.76 12.96
C GLY HA 95 21.33 -8.54 13.97
N ALA HA 96 21.55 -9.52 14.85
CA ALA HA 96 22.61 -9.41 15.84
C ALA HA 96 23.97 -9.30 15.19
N PHE HA 97 24.24 -10.13 14.17
CA PHE HA 97 25.55 -10.09 13.53
C PHE HA 97 25.75 -8.78 12.78
N VAL HA 98 24.74 -8.33 12.04
CA VAL HA 98 24.89 -7.10 11.27
C VAL HA 98 25.05 -5.90 12.21
N SER HA 99 24.25 -5.85 13.28
CA SER HA 99 24.37 -4.74 14.22
C SER HA 99 25.69 -4.81 14.98
N TRP HA 100 26.22 -6.01 15.24
CA TRP HA 100 27.53 -6.14 15.85
C TRP HA 100 28.60 -5.56 14.95
N ALA HA 101 28.55 -5.84 13.66
CA ALA HA 101 29.51 -5.27 12.72
C ALA HA 101 29.39 -3.75 12.67
N LEU HA 102 28.17 -3.23 12.68
CA LEU HA 102 27.98 -1.79 12.65
C LEU HA 102 28.48 -1.12 13.92
N ARG HA 103 28.25 -1.76 15.07
CA ARG HA 103 28.80 -1.27 16.33
C ARG HA 103 30.32 -1.25 16.28
N GLU HA 104 30.92 -2.25 15.63
CA GLU HA 104 32.36 -2.24 15.42
C GLU HA 104 32.79 -1.08 14.55
N VAL HA 105 32.01 -0.75 13.52
CA VAL HA 105 32.33 0.41 12.70
C VAL HA 105 32.32 1.68 13.54
N GLU HA 106 31.32 1.82 14.41
CA GLU HA 106 31.27 2.98 15.29
C GLU HA 106 32.48 3.04 16.21
N ILE HA 107 32.88 1.90 16.78
CA ILE HA 107 34.04 1.87 17.65
C ILE HA 107 35.31 2.23 16.89
N CYS HA 108 35.43 1.74 15.65
CA CYS HA 108 36.57 2.10 14.81
C CYS HA 108 36.61 3.59 14.56
N ARG HA 109 35.47 4.19 14.24
CA ARG HA 109 35.44 5.61 13.97
C ARG HA 109 35.82 6.41 15.21
N LYS HA 110 35.33 6.00 16.38
CA LYS HA 110 35.71 6.71 17.60
C LYS HA 110 37.20 6.60 17.88
N LEU HA 111 37.79 5.44 17.61
CA LEU HA 111 39.20 5.24 17.89
C LEU HA 111 40.13 5.71 16.80
N GLY HA 112 39.61 6.12 15.64
CA GLY HA 112 40.45 6.58 14.56
C GLY HA 112 41.32 5.52 13.94
N ILE HA 113 40.80 4.30 13.79
CA ILE HA 113 41.52 3.20 13.17
C ILE HA 113 40.80 2.78 11.90
N GLY HA 114 41.40 1.89 11.13
CA GLY HA 114 40.78 1.41 9.92
C GLY HA 114 39.58 0.52 10.18
N TYR HA 115 38.88 0.19 9.11
CA TYR HA 115 37.65 -0.59 9.20
C TYR HA 115 37.86 -2.04 8.80
N HIS HA 116 39.09 -2.55 8.95
CA HIS HA 116 39.39 -3.91 8.53
C HIS HA 116 38.60 -4.94 9.31
N ILE HA 117 38.46 -4.74 10.61
CA ILE HA 117 37.79 -5.75 11.45
C ILE HA 117 36.34 -5.94 11.07
N PRO HA 118 35.51 -4.89 10.94
CA PRO HA 118 34.13 -5.13 10.49
C PRO HA 118 34.05 -5.72 9.09
N PHE HA 119 35.01 -5.41 8.22
CA PHE HA 119 35.02 -6.00 6.88
C PHE HA 119 35.23 -7.51 6.94
N ALA HA 120 36.20 -7.96 7.73
CA ALA HA 120 36.41 -9.40 7.89
C ALA HA 120 35.20 -10.06 8.52
N PHE HA 121 34.62 -9.42 9.54
CA PHE HA 121 33.42 -9.99 10.13
C PHE HA 121 32.28 -10.03 9.12
N ALA HA 122 32.25 -9.09 8.19
CA ALA HA 122 31.25 -9.12 7.12
C ALA HA 122 31.43 -10.33 6.24
N PHE HA 123 32.69 -10.70 5.95
CA PHE HA 123 32.94 -11.95 5.26
C PHE HA 123 32.32 -13.13 6.00
N ALA HA 124 32.54 -13.20 7.31
CA ALA HA 124 31.96 -14.29 8.09
C ALA HA 124 30.43 -14.29 8.03
N ILE HA 125 29.83 -13.11 8.13
CA ILE HA 125 28.37 -12.99 8.08
C ILE HA 125 27.85 -13.42 6.72
N LEU HA 126 28.58 -13.09 5.65
CA LEU HA 126 28.15 -13.50 4.31
C LEU HA 126 28.19 -15.01 4.17
N ALA HA 127 29.21 -15.66 4.73
CA ALA HA 127 29.22 -17.12 4.71
C ALA HA 127 28.03 -17.69 5.48
N TYR HA 128 27.74 -17.12 6.64
CA TYR HA 128 26.58 -17.58 7.40
C TYR HA 128 25.30 -17.42 6.60
N LEU HA 129 25.15 -16.28 5.93
CA LEU HA 129 23.95 -16.01 5.15
C LEU HA 129 23.83 -16.96 3.97
N THR HA 130 24.96 -17.25 3.31
CA THR HA 130 24.97 -18.29 2.29
C THR HA 130 24.41 -19.59 2.84
N LEU HA 131 24.79 -19.94 4.06
CA LEU HA 131 24.35 -21.23 4.59
C LEU HA 131 22.88 -21.22 5.01
N VAL HA 132 22.38 -20.08 5.50
CA VAL HA 132 21.00 -20.08 6.02
C VAL HA 132 20.04 -19.44 5.04
N LEU HA 133 20.50 -18.49 4.23
CA LEU HA 133 19.58 -17.68 3.45
C LEU HA 133 19.73 -17.89 1.94
N PHE HA 134 20.91 -17.63 1.38
CA PHE HA 134 21.04 -17.59 -0.07
C PHE HA 134 20.84 -18.96 -0.69
N ARG HA 135 21.54 -19.97 -0.17
CA ARG HA 135 21.39 -21.31 -0.71
C ARG HA 135 19.99 -21.88 -0.50
N PRO HA 136 19.38 -21.80 0.69
CA PRO HA 136 18.00 -22.29 0.82
C PRO HA 136 17.02 -21.55 -0.06
N VAL HA 137 17.24 -20.26 -0.30
CA VAL HA 137 16.38 -19.51 -1.20
C VAL HA 137 16.53 -20.01 -2.62
N MET HA 138 17.76 -20.25 -3.08
CA MET HA 138 17.96 -20.79 -4.41
C MET HA 138 17.47 -22.23 -4.53
N MET HA 139 17.34 -22.94 -3.42
CA MET HA 139 16.81 -24.29 -3.42
C MET HA 139 15.37 -24.35 -2.95
N GLY HA 140 14.75 -23.21 -2.68
CA GLY HA 140 13.33 -23.12 -2.42
C GLY HA 140 12.82 -23.82 -1.18
N ALA HA 141 13.60 -23.82 -0.09
CA ALA HA 141 13.10 -24.37 1.17
C ALA HA 141 14.01 -23.99 2.33
N TRP HA 142 13.42 -23.51 3.43
CA TRP HA 142 14.21 -23.28 4.64
C TRP HA 142 14.69 -24.58 5.25
N GLY HA 143 14.15 -25.73 4.82
CA GLY HA 143 14.56 -27.00 5.37
C GLY HA 143 15.96 -27.43 4.96
N TYR HA 144 16.49 -26.84 3.89
CA TYR HA 144 17.87 -27.14 3.51
C TYR HA 144 18.88 -26.51 4.45
N ALA HA 145 18.52 -25.40 5.09
CA ALA HA 145 19.43 -24.73 6.01
C ALA HA 145 19.66 -25.58 7.24
N PHE HA 146 20.75 -25.27 7.93
CA PHE HA 146 21.12 -26.16 9.02
C PHE HA 146 20.31 -25.87 10.28
N PRO HA 147 20.09 -26.88 11.12
CA PRO HA 147 19.43 -26.65 12.40
C PRO HA 147 20.36 -25.95 13.39
N TYR HA 148 19.76 -25.38 14.42
CA TYR HA 148 20.51 -24.71 15.47
C TYR HA 148 20.63 -25.66 16.66
N GLY HA 149 21.54 -26.60 16.52
CA GLY HA 149 21.87 -27.49 17.61
C GLY HA 149 23.35 -27.77 17.58
N ILE HA 150 23.90 -28.11 18.74
CA ILE HA 150 25.34 -28.33 18.83
C ILE HA 150 25.74 -29.54 18.01
N TRP HA 151 25.07 -30.67 18.20
CA TRP HA 151 25.41 -31.89 17.50
C TRP HA 151 24.45 -32.20 16.36
N THR HA 152 23.50 -31.34 16.07
CA THR HA 152 22.59 -31.58 14.97
C THR HA 152 22.88 -30.75 13.74
N HIS HA 153 23.61 -29.64 13.87
CA HIS HA 153 24.08 -29.00 12.65
C HIS HA 153 25.24 -29.79 12.04
N LEU HA 154 25.91 -30.62 12.84
CA LEU HA 154 26.88 -31.56 12.30
C LEU HA 154 26.20 -32.61 11.44
N ASP HA 155 25.02 -33.09 11.86
CA ASP HA 155 24.26 -34.00 11.03
C ASP HA 155 23.84 -33.34 9.73
N TRP HA 156 23.52 -32.05 9.79
CA TRP HA 156 23.25 -31.32 8.55
C TRP HA 156 24.46 -31.30 7.64
N VAL HA 157 25.65 -31.04 8.21
CA VAL HA 157 26.86 -31.02 7.39
C VAL HA 157 27.08 -32.39 6.77
N SER HA 158 26.91 -33.45 7.56
CA SER HA 158 27.15 -34.80 7.08
C SER HA 158 26.19 -35.16 5.95
N ASN HA 159 24.88 -34.95 6.16
CA ASN HA 159 23.91 -35.30 5.14
C ASN HA 159 24.09 -34.47 3.89
N THR HA 160 24.33 -33.16 4.05
CA THR HA 160 24.51 -32.30 2.88
C THR HA 160 25.74 -32.71 2.09
N GLY HA 161 26.84 -33.03 2.77
CA GLY HA 161 28.03 -33.46 2.07
C GLY HA 161 27.86 -34.80 1.37
N TYR HA 162 27.24 -35.76 2.05
CA TYR HA 162 27.09 -37.10 1.48
C TYR HA 162 26.03 -37.17 0.42
N THR HA 163 25.18 -36.16 0.31
CA THR HA 163 24.29 -36.05 -0.83
C THR HA 163 25.05 -36.03 -2.15
N TYR HA 164 26.31 -35.60 -2.13
CA TYR HA 164 27.12 -35.44 -3.32
C TYR HA 164 28.35 -36.34 -3.30
N GLY HA 165 28.25 -37.46 -2.58
CA GLY HA 165 29.36 -38.39 -2.47
C GLY HA 165 30.36 -37.95 -1.42
N ASN HA 166 31.63 -38.19 -1.72
CA ASN HA 166 32.70 -37.64 -0.91
C ASN HA 166 32.83 -36.16 -1.24
N PHE HA 167 32.46 -35.30 -0.29
CA PHE HA 167 32.48 -33.87 -0.52
C PHE HA 167 33.89 -33.31 -0.66
N HIS HA 168 34.92 -34.11 -0.39
CA HIS HA 168 36.29 -33.69 -0.59
C HIS HA 168 36.57 -33.30 -2.03
N TYR HA 169 35.81 -33.81 -2.98
CA TYR HA 169 36.11 -33.60 -4.40
C TYR HA 169 35.54 -32.31 -4.95
N ASN HA 170 34.81 -31.56 -4.16
CA ASN HA 170 34.42 -30.21 -4.55
C ASN HA 170 35.69 -29.37 -4.67
N PRO HA 171 36.00 -28.80 -5.84
CA PRO HA 171 37.30 -28.13 -5.98
C PRO HA 171 37.41 -26.86 -5.16
N ALA HA 172 36.34 -26.06 -5.09
CA ALA HA 172 36.37 -24.89 -4.22
C ALA HA 172 36.47 -25.29 -2.76
N HIS HA 173 35.91 -26.44 -2.38
CA HIS HA 173 36.11 -26.98 -1.05
C HIS HA 173 37.57 -27.30 -0.80
N MET HA 174 38.26 -27.87 -1.79
CA MET HA 174 39.68 -28.14 -1.65
C MET HA 174 40.46 -26.85 -1.46
N ILE HA 175 40.13 -25.82 -2.23
CA ILE HA 175 40.84 -24.55 -2.13
C ILE HA 175 40.61 -23.91 -0.77
N ALA HA 176 39.36 -23.94 -0.29
CA ALA HA 176 39.04 -23.38 1.01
C ALA HA 176 39.76 -24.12 2.13
N ILE HA 177 39.85 -25.45 2.02
CA ILE HA 177 40.59 -26.21 3.01
C ILE HA 177 42.06 -25.87 2.98
N THR HA 178 42.62 -25.69 1.78
CA THR HA 178 44.02 -25.30 1.70
C THR HA 178 44.25 -23.98 2.40
N PHE HA 179 43.35 -23.02 2.19
CA PHE HA 179 43.46 -21.74 2.88
C PHE HA 179 43.33 -21.90 4.39
N PHE HA 180 42.40 -22.73 4.85
CA PHE HA 180 42.21 -22.93 6.29
C PHE HA 180 43.44 -23.53 6.94
N PHE HA 181 43.98 -24.59 6.34
CA PHE HA 181 45.17 -25.23 6.88
C PHE HA 181 46.37 -24.30 6.83
N THR HA 182 46.53 -23.57 5.74
CA THR HA 182 47.62 -22.61 5.63
C THR HA 182 47.48 -21.51 6.67
N ASN HA 183 46.25 -21.10 6.95
CA ASN HA 183 46.02 -20.05 7.94
C ASN HA 183 46.36 -20.52 9.34
N ALA HA 184 45.98 -21.75 9.70
CA ALA HA 184 46.36 -22.28 11.00
C ALA HA 184 47.87 -22.42 11.13
N LEU HA 185 48.52 -22.90 10.07
CA LEU HA 185 49.98 -22.99 10.08
C LEU HA 185 50.62 -21.62 10.27
N ALA HA 186 50.13 -20.62 9.53
CA ALA HA 186 50.69 -19.27 9.62
C ALA HA 186 50.45 -18.65 10.99
N LEU HA 187 49.28 -18.91 11.58
CA LEU HA 187 49.01 -18.39 12.92
C LEU HA 187 49.96 -19.00 13.94
N ALA HA 188 50.20 -20.30 13.85
CA ALA HA 188 51.16 -20.93 14.76
C ALA HA 188 52.54 -20.34 14.57
N LEU HA 189 52.96 -20.16 13.32
CA LEU HA 189 54.29 -19.61 13.07
C LEU HA 189 54.40 -18.19 13.58
N HIS HA 190 53.35 -17.37 13.40
CA HIS HA 190 53.41 -15.98 13.82
C HIS HA 190 53.43 -15.86 15.34
N GLY HA 191 52.54 -16.57 16.02
CA GLY HA 191 52.57 -16.55 17.47
C GLY HA 191 53.90 -17.02 18.00
N ALA HA 192 54.42 -18.12 17.46
CA ALA HA 192 55.69 -18.66 17.92
C ALA HA 192 56.82 -17.68 17.70
N LEU HA 193 56.87 -17.07 16.52
CA LEU HA 193 57.99 -16.18 16.20
C LEU HA 193 57.98 -14.94 17.06
N VAL HA 194 56.82 -14.32 17.23
CA VAL HA 194 56.75 -13.13 18.07
C VAL HA 194 57.10 -13.48 19.52
N LEU HA 195 56.56 -14.58 20.04
CA LEU HA 195 56.85 -14.95 21.41
C LEU HA 195 58.33 -15.28 21.60
N SER HA 196 58.94 -15.92 20.61
CA SER HA 196 60.35 -16.28 20.74
C SER HA 196 61.24 -15.05 20.68
N ALA HA 197 60.85 -14.05 19.89
CA ALA HA 197 61.61 -12.80 19.89
C ALA HA 197 61.41 -12.04 21.19
N ALA HA 198 60.19 -12.01 21.71
CA ALA HA 198 59.92 -11.29 22.94
C ALA HA 198 60.31 -12.05 24.20
N ASN HA 199 60.57 -13.34 24.09
CA ASN HA 199 60.99 -14.16 25.22
C ASN HA 199 62.24 -14.93 24.81
N PRO HA 200 63.41 -14.27 24.82
CA PRO HA 200 64.64 -14.99 24.47
C PRO HA 200 65.01 -16.03 25.51
N GLU HA 201 66.14 -16.71 25.32
CA GLU HA 201 66.40 -17.95 26.06
C GLU HA 201 66.38 -17.79 27.57
N LYS HA 202 67.36 -17.10 28.15
CA LYS HA 202 67.49 -16.97 29.62
C LYS HA 202 68.30 -15.71 29.87
N GLY HA 203 67.64 -14.66 30.37
CA GLY HA 203 68.32 -13.43 30.71
C GLY HA 203 69.01 -12.81 29.52
N LYS HA 204 68.44 -13.01 28.34
CA LYS HA 204 68.97 -12.42 27.13
C LYS HA 204 68.13 -11.21 26.74
N GLU HA 205 68.77 -10.27 26.06
CA GLU HA 205 68.06 -9.08 25.61
C GLU HA 205 66.96 -9.47 24.64
N MET HA 206 65.83 -8.78 24.74
CA MET HA 206 64.72 -9.01 23.84
C MET HA 206 65.17 -8.79 22.40
N ARG HA 207 64.70 -9.65 21.51
CA ARG HA 207 65.12 -9.65 20.12
C ARG HA 207 64.38 -8.59 19.31
N THR HA 208 65.00 -8.17 18.23
CA THR HA 208 64.46 -7.22 17.29
C THR HA 208 63.79 -7.95 16.13
N PRO HA 209 62.98 -7.25 15.33
CA PRO HA 209 62.42 -7.89 14.13
C PRO HA 209 63.48 -8.36 13.14
N ASP HA 210 64.69 -7.80 13.18
CA ASP HA 210 65.77 -8.32 12.36
C ASP HA 210 66.04 -9.78 12.70
N HIS HA 211 65.98 -10.12 13.98
CA HIS HA 211 66.15 -11.52 14.39
C HIS HA 211 65.02 -12.39 13.86
N GLU HA 212 63.79 -11.88 13.83
CA GLU HA 212 62.68 -12.65 13.27
C GLU HA 212 62.89 -12.93 11.79
N ASP HA 213 63.25 -11.89 11.04
CA ASP HA 213 63.53 -12.07 9.62
C ASP HA 213 64.69 -13.02 9.40
N THR HA 214 65.72 -12.91 10.23
CA THR HA 214 66.86 -13.81 10.11
C THR HA 214 66.46 -15.24 10.41
N PHE HA 215 65.64 -15.46 11.43
CA PHE HA 215 65.20 -16.81 11.76
C PHE HA 215 64.47 -17.43 10.59
N PHE HA 216 63.53 -16.69 10.00
CA PHE HA 216 62.75 -17.35 8.94
C PHE HA 216 63.51 -17.43 7.63
N ARG HA 217 64.43 -16.50 7.35
CA ARG HA 217 65.29 -16.67 6.18
C ARG HA 217 66.25 -17.84 6.37
N ASP HA 218 66.77 -18.03 7.58
CA ASP HA 218 67.58 -19.21 7.85
C ASP HA 218 66.77 -20.48 7.66
N LEU HA 219 65.53 -20.49 8.14
CA LEU HA 219 64.72 -21.69 8.11
C LEU HA 219 64.30 -22.04 6.69
N VAL HA 220 63.57 -21.16 6.03
CA VAL HA 220 62.95 -21.47 4.75
C VAL HA 220 63.42 -20.57 3.63
N GLY HA 221 64.36 -19.67 3.88
CA GLY HA 221 64.88 -18.84 2.82
C GLY HA 221 64.03 -17.65 2.44
N TYR HA 222 62.92 -17.42 3.14
CA TYR HA 222 62.09 -16.26 2.89
C TYR HA 222 61.52 -15.76 4.21
N SER HA 223 61.22 -14.47 4.24
CA SER HA 223 60.61 -13.85 5.41
C SER HA 223 59.61 -12.83 4.88
N ILE HA 224 58.33 -13.03 5.16
CA ILE HA 224 57.32 -12.18 4.54
C ILE HA 224 57.27 -10.81 5.20
N GLY HA 225 57.76 -10.68 6.43
CA GLY HA 225 57.83 -9.40 7.10
C GLY HA 225 56.72 -9.20 8.12
N THR HA 226 56.93 -8.23 9.00
CA THR HA 226 56.00 -7.97 10.09
C THR HA 226 54.65 -7.49 9.57
N LEU HA 227 54.66 -6.63 8.56
CA LEU HA 227 53.41 -6.21 7.95
C LEU HA 227 52.86 -7.29 7.03
N GLY HA 228 53.74 -7.95 6.29
CA GLY HA 228 53.31 -8.95 5.34
C GLY HA 228 52.63 -10.13 6.02
N ILE HA 229 53.07 -10.49 7.22
CA ILE HA 229 52.48 -11.63 7.91
C ILE HA 229 51.05 -11.32 8.33
N HIS HA 230 50.77 -10.09 8.75
CA HIS HA 230 49.42 -9.74 9.14
C HIS HA 230 48.51 -9.61 7.93
N ARG HA 231 49.03 -9.04 6.85
CA ARG HA 231 48.31 -9.07 5.58
C ARG HA 231 47.99 -10.51 5.18
N LEU HA 232 48.96 -11.41 5.31
CA LEU HA 232 48.78 -12.78 4.89
C LEU HA 232 47.75 -13.49 5.74
N GLY HA 233 47.79 -13.28 7.06
CA GLY HA 233 46.80 -13.90 7.91
C GLY HA 233 45.39 -13.44 7.58
N LEU HA 234 45.22 -12.13 7.41
CA LEU HA 234 43.90 -11.63 7.06
C LEU HA 234 43.43 -12.21 5.73
N LEU HA 235 44.29 -12.19 4.72
CA LEU HA 235 43.89 -12.66 3.40
C LEU HA 235 43.63 -14.16 3.39
N LEU HA 236 44.43 -14.95 4.12
CA LEU HA 236 44.20 -16.38 4.19
C LEU HA 236 42.84 -16.69 4.83
N SER HA 237 42.53 -16.03 5.95
CA SER HA 237 41.24 -16.28 6.58
C SER HA 237 40.09 -15.88 5.67
N LEU HA 238 40.17 -14.69 5.08
CA LEU HA 238 39.08 -14.21 4.25
C LEU HA 238 38.91 -15.04 3.00
N SER HA 239 40.01 -15.47 2.38
CA SER HA 239 39.93 -16.32 1.21
C SER HA 239 39.37 -17.69 1.56
N ALA HA 240 39.74 -18.23 2.71
CA ALA HA 240 39.17 -19.49 3.17
C ALA HA 240 37.66 -19.38 3.25
N VAL HA 241 37.16 -18.34 3.90
CA VAL HA 241 35.71 -18.20 4.07
C VAL HA 241 35.04 -17.90 2.72
N PHE HA 242 35.70 -17.11 1.88
CA PHE HA 242 35.14 -16.80 0.57
C PHE HA 242 34.97 -18.05 -0.27
N PHE HA 243 35.97 -18.92 -0.30
CA PHE HA 243 35.85 -20.13 -1.09
C PHE HA 243 34.94 -21.16 -0.42
N SER HA 244 34.78 -21.09 0.91
CA SER HA 244 33.76 -21.91 1.54
C SER HA 244 32.37 -21.52 1.05
N ALA HA 245 32.08 -20.22 1.07
CA ALA HA 245 30.78 -19.74 0.59
C ALA HA 245 30.60 -20.06 -0.89
N LEU HA 246 31.66 -19.91 -1.68
CA LEU HA 246 31.59 -20.23 -3.10
C LEU HA 246 31.33 -21.71 -3.33
N CYS HA 247 31.97 -22.58 -2.55
CA CYS HA 247 31.79 -24.01 -2.72
C CYS HA 247 30.37 -24.43 -2.34
N MET HA 248 29.78 -23.77 -1.35
CA MET HA 248 28.42 -24.16 -0.98
C MET HA 248 27.37 -23.52 -1.88
N ILE HA 249 27.65 -22.35 -2.46
CA ILE HA 249 26.65 -21.71 -3.30
C ILE HA 249 26.45 -22.47 -4.60
N ILE HA 250 27.49 -23.16 -5.09
CA ILE HA 250 27.39 -23.90 -6.33
C ILE HA 250 26.91 -25.33 -6.12
N THR HA 251 26.72 -25.76 -4.88
CA THR HA 251 26.37 -27.14 -4.58
C THR HA 251 24.86 -27.25 -4.37
N GLY HA 252 24.21 -28.04 -5.22
CA GLY HA 252 22.78 -28.12 -5.24
C GLY HA 252 22.09 -27.12 -6.14
N THR HA 253 22.84 -26.20 -6.73
CA THR HA 253 22.31 -25.21 -7.65
C THR HA 253 23.01 -25.23 -9.00
N ILE HA 254 24.33 -25.36 -9.01
CA ILE HA 254 25.07 -25.54 -10.25
C ILE HA 254 25.55 -26.97 -10.42
N TRP HA 255 25.74 -27.70 -9.33
CA TRP HA 255 26.19 -29.09 -9.36
C TRP HA 255 25.20 -29.94 -8.58
N PHE HA 256 24.82 -31.07 -9.16
CA PHE HA 256 23.86 -31.96 -8.52
C PHE HA 256 24.36 -33.40 -8.44
N ASP HA 257 25.46 -33.72 -9.09
CA ASP HA 257 25.96 -35.08 -9.16
C ASP HA 257 26.96 -35.34 -8.03
N GLN HA 258 27.62 -36.49 -8.08
CA GLN HA 258 28.74 -36.76 -7.19
C GLN HA 258 29.91 -35.88 -7.60
N TRP HA 259 30.54 -35.23 -6.63
CA TRP HA 259 31.58 -34.28 -6.95
C TRP HA 259 32.80 -34.92 -7.59
N VAL HA 260 33.06 -36.19 -7.28
CA VAL HA 260 34.22 -36.86 -7.87
C VAL HA 260 34.12 -36.89 -9.39
N ASP HA 261 32.91 -37.10 -9.93
CA ASP HA 261 32.74 -37.12 -11.37
C ASP HA 261 33.16 -35.81 -12.02
N TRP HA 262 33.13 -34.70 -11.28
CA TRP HA 262 33.55 -33.43 -11.86
C TRP HA 262 34.98 -33.48 -12.36
N TRP HA 263 35.80 -34.34 -11.78
CA TRP HA 263 37.20 -34.41 -12.17
C TRP HA 263 37.40 -35.15 -13.47
N GLN HA 264 36.38 -35.86 -13.96
CA GLN HA 264 36.50 -36.60 -15.20
C GLN HA 264 36.91 -35.72 -16.36
N TRP HA 265 36.56 -34.44 -16.34
CA TRP HA 265 36.91 -33.56 -17.46
C TRP HA 265 38.41 -33.51 -17.66
N TRP HA 266 39.20 -33.72 -16.60
CA TRP HA 266 40.65 -33.76 -16.80
C TRP HA 266 41.09 -35.08 -17.42
N VAL HA 267 40.47 -36.18 -17.00
CA VAL HA 267 40.90 -37.49 -17.48
C VAL HA 267 40.36 -37.82 -18.85
N LYS HA 268 39.40 -37.04 -19.35
CA LYS HA 268 38.77 -37.27 -20.64
C LYS HA 268 39.23 -36.29 -21.70
N LEU HA 269 40.27 -35.51 -21.44
CA LEU HA 269 40.81 -34.64 -22.47
C LEU HA 269 41.25 -35.48 -23.65
N PRO HA 270 40.86 -35.11 -24.88
CA PRO HA 270 40.92 -36.07 -26.00
C PRO HA 270 42.31 -36.57 -26.31
N TRP HA 271 43.36 -35.81 -26.03
CA TRP HA 271 44.70 -36.27 -26.38
C TRP HA 271 45.10 -37.50 -25.58
N TRP HA 272 44.67 -37.61 -24.33
CA TRP HA 272 45.03 -38.73 -23.49
C TRP HA 272 43.82 -39.49 -22.95
N ALA HA 273 42.62 -39.17 -23.41
CA ALA HA 273 41.43 -39.78 -22.84
C ALA HA 273 41.39 -41.29 -23.02
N ASN HA 274 42.03 -41.80 -24.07
CA ASN HA 274 41.95 -43.22 -24.43
C ASN HA 274 43.34 -43.81 -24.56
N ILE HA 275 44.20 -43.56 -23.59
CA ILE HA 275 45.50 -44.24 -23.49
C ILE HA 275 45.38 -45.26 -22.36
N PRO HA 276 45.56 -46.55 -22.64
CA PRO HA 276 45.41 -47.55 -21.58
C PRO HA 276 46.52 -47.47 -20.55
N GLY HA 277 46.21 -47.92 -19.35
CA GLY HA 277 47.14 -47.92 -18.24
C GLY HA 277 46.78 -46.88 -17.20
N GLY HA 278 47.64 -46.80 -16.19
CA GLY HA 278 47.40 -45.84 -15.13
C GLY HA 278 46.26 -46.28 -14.24
N ILE HA 279 45.40 -45.34 -13.89
CA ILE HA 279 44.30 -45.57 -12.96
C ILE HA 279 42.95 -45.51 -13.69
N ASN HA 280 42.63 -44.36 -14.28
CA ASN HA 280 41.35 -44.21 -14.96
C ASN HA 280 41.35 -44.90 -16.31
N GLY HA 281 42.48 -44.90 -17.01
CA GLY HA 281 42.59 -45.60 -18.26
C GLY HA 281 42.96 -47.06 -18.06
N ALA IA 1 38.37 4.09 -1.42
CA ALA IA 1 38.95 5.38 -1.77
C ALA IA 1 40.13 5.71 -0.85
N GLU IA 2 40.22 4.99 0.27
CA GLU IA 2 41.31 5.13 1.21
C GLU IA 2 42.24 3.93 1.12
N TYR IA 3 43.49 4.15 1.50
CA TYR IA 3 44.50 3.12 1.44
C TYR IA 3 44.25 2.11 2.55
N GLN IA 4 44.02 0.86 2.17
CA GLN IA 4 43.72 -0.19 3.11
C GLN IA 4 44.96 -0.94 3.59
N ASN IA 5 46.13 -0.60 3.07
CA ASN IA 5 47.40 -1.19 3.50
C ASN IA 5 47.47 -2.68 3.20
N ILE IA 6 46.75 -3.13 2.17
CA ILE IA 6 46.80 -4.55 1.80
C ILE IA 6 48.00 -4.82 0.89
N PHE IA 7 48.31 -3.90 -0.01
CA PHE IA 7 49.47 -4.01 -0.87
C PHE IA 7 50.28 -2.72 -0.76
N THR IA 8 51.60 -2.88 -0.66
CA THR IA 8 52.46 -1.71 -0.62
C THR IA 8 52.39 -0.96 -1.94
N GLN IA 9 52.28 0.36 -1.86
CA GLN IA 9 52.13 1.16 -3.07
C GLN IA 9 53.44 1.70 -3.61
N VAL IA 10 54.52 1.70 -2.82
CA VAL IA 10 55.83 2.09 -3.28
C VAL IA 10 56.85 1.15 -2.67
N GLN IA 11 57.61 0.45 -3.49
CA GLN IA 11 58.62 -0.48 -3.01
C GLN IA 11 59.98 0.19 -2.97
N VAL IA 12 60.73 -0.09 -1.91
CA VAL IA 12 62.03 0.49 -1.69
C VAL IA 12 63.03 -0.65 -1.50
N ARG IA 13 64.19 -0.53 -2.13
CA ARG IA 13 65.21 -1.57 -2.07
C ARG IA 13 66.55 -0.94 -1.72
N GLY IA 14 67.24 -1.57 -0.78
CA GLY IA 14 68.57 -1.14 -0.41
C GLY IA 14 69.56 -2.27 -0.56
N PRO IA 15 70.69 -2.19 0.13
CA PRO IA 15 71.64 -3.30 0.13
C PRO IA 15 71.03 -4.55 0.74
N ALA IA 16 71.45 -5.70 0.23
CA ALA IA 16 70.91 -6.97 0.70
C ALA IA 16 71.17 -7.16 2.19
N ASP IA 17 70.15 -7.57 2.92
CA ASP IA 17 70.26 -7.76 4.35
C ASP IA 17 70.71 -9.19 4.64
N LEU IA 18 71.92 -9.33 5.17
CA LEU IA 18 72.47 -10.64 5.50
C LEU IA 18 71.96 -11.16 6.84
N GLY IA 19 71.35 -10.32 7.65
CA GLY IA 19 70.76 -10.79 8.90
C GLY IA 19 71.69 -10.66 10.10
N MET IA 20 71.23 -11.23 11.20
CA MET IA 20 71.90 -11.15 12.48
C MET IA 20 72.77 -12.39 12.68
N THR IA 21 74.04 -12.17 12.98
CA THR IA 21 75.00 -13.25 13.17
C THR IA 21 75.23 -13.55 14.64
N GLU IA 22 74.18 -13.96 15.34
CA GLU IA 22 74.29 -14.22 16.76
C GLU IA 22 75.26 -15.36 17.06
N ASP IA 23 74.91 -16.57 16.63
CA ASP IA 23 75.80 -17.72 16.71
C ASP IA 23 75.80 -18.51 15.41
N VAL IA 24 75.35 -17.90 14.32
CA VAL IA 24 75.17 -18.62 13.06
C VAL IA 24 76.53 -18.80 12.39
N ASN IA 25 76.84 -20.04 12.03
CA ASN IA 25 78.01 -20.29 11.18
C ASN IA 25 77.77 -19.63 9.83
N LEU IA 26 78.47 -18.53 9.57
CA LEU IA 26 78.25 -17.80 8.32
C LEU IA 26 78.66 -18.63 7.12
N ALA IA 27 79.44 -19.69 7.33
CA ALA IA 27 79.77 -20.60 6.24
C ALA IA 27 78.53 -21.32 5.73
N ASN IA 28 77.68 -21.79 6.64
CA ASN IA 28 76.49 -22.53 6.23
C ASN IA 28 75.48 -21.64 5.52
N ARG IA 29 75.40 -20.36 5.89
CA ARG IA 29 74.43 -19.47 5.28
C ARG IA 29 74.81 -19.20 3.83
N SER IA 30 73.84 -19.30 2.93
CA SER IA 30 74.09 -19.08 1.53
C SER IA 30 74.12 -17.59 1.22
N GLY IA 31 74.27 -17.26 -0.04
CA GLY IA 31 74.20 -15.87 -0.45
C GLY IA 31 72.78 -15.41 -0.64
N VAL IA 32 72.61 -14.09 -0.65
CA VAL IA 32 71.28 -13.52 -0.83
C VAL IA 32 70.81 -13.77 -2.26
N GLY IA 33 69.60 -14.28 -2.40
CA GLY IA 33 69.02 -14.58 -3.69
C GLY IA 33 68.44 -13.34 -4.33
N PRO IA 34 67.58 -13.53 -5.33
CA PRO IA 34 67.05 -12.39 -6.08
C PRO IA 34 65.98 -11.64 -5.28
N PHE IA 35 65.61 -10.49 -5.81
CA PHE IA 35 64.54 -9.67 -5.25
C PHE IA 35 63.31 -9.80 -6.14
N SER IA 36 62.20 -10.19 -5.55
CA SER IA 36 60.95 -10.42 -6.28
C SER IA 36 60.02 -9.24 -6.05
N THR IA 37 59.82 -8.44 -7.09
CA THR IA 37 58.86 -7.34 -7.00
C THR IA 37 57.45 -7.85 -6.81
N LEU IA 38 57.14 -9.00 -7.41
CA LEU IA 38 55.82 -9.60 -7.21
C LEU IA 38 55.58 -9.93 -5.74
N LEU IA 39 56.58 -10.53 -5.08
CA LEU IA 39 56.47 -10.75 -3.65
C LEU IA 39 56.56 -9.45 -2.88
N GLY IA 40 57.29 -8.46 -3.40
CA GLY IA 40 57.40 -7.18 -2.74
C GLY IA 40 56.12 -6.38 -2.70
N TRP IA 41 55.17 -6.66 -3.59
CA TRP IA 41 53.89 -5.99 -3.51
C TRP IA 41 53.11 -6.37 -2.27
N PHE IA 42 53.47 -7.46 -1.61
CA PHE IA 42 52.70 -8.00 -0.50
C PHE IA 42 53.51 -8.08 0.78
N GLY IA 43 54.78 -8.46 0.69
CA GLY IA 43 55.64 -8.49 1.85
C GLY IA 43 57.06 -8.05 1.50
N ASN IA 44 58.04 -8.77 2.00
CA ASN IA 44 59.43 -8.49 1.64
C ASN IA 44 59.74 -8.99 0.23
N ALA IA 45 60.52 -8.21 -0.51
CA ALA IA 45 60.92 -8.61 -1.84
C ALA IA 45 62.14 -9.49 -1.86
N GLN IA 46 62.87 -9.59 -0.76
CA GLN IA 46 64.16 -10.29 -0.75
C GLN IA 46 63.96 -11.79 -0.55
N LEU IA 47 64.67 -12.58 -1.35
CA LEU IA 47 64.74 -14.02 -1.18
C LEU IA 47 66.09 -14.40 -0.61
N GLY IA 48 66.10 -15.33 0.33
CA GLY IA 48 67.32 -15.77 0.94
C GLY IA 48 67.88 -14.74 1.89
N PRO IA 49 69.02 -15.03 2.52
CA PRO IA 49 69.78 -16.27 2.40
C PRO IA 49 69.19 -17.41 3.23
N ILE IA 50 69.53 -18.65 2.89
CA ILE IA 50 69.00 -19.82 3.59
C ILE IA 50 70.16 -20.55 4.25
N TYR IA 51 69.95 -20.99 5.48
CA TYR IA 51 70.96 -21.72 6.22
C TYR IA 51 70.88 -23.20 5.90
N LEU IA 52 72.05 -23.84 5.76
CA LEU IA 52 72.13 -25.25 5.38
C LEU IA 52 73.19 -25.92 6.26
N GLY IA 53 72.76 -26.44 7.39
CA GLY IA 53 73.63 -27.13 8.31
C GLY IA 53 73.55 -28.64 8.16
N SER IA 54 73.94 -29.34 9.22
CA SER IA 54 73.85 -30.79 9.21
C SER IA 54 72.41 -31.25 9.10
N LEU IA 55 71.55 -30.75 10.00
CA LEU IA 55 70.16 -31.16 9.98
C LEU IA 55 69.46 -30.66 8.74
N GLY IA 56 69.85 -29.49 8.24
CA GLY IA 56 69.23 -28.98 7.02
C GLY IA 56 69.46 -29.90 5.84
N VAL IA 57 70.71 -30.30 5.63
CA VAL IA 57 71.02 -31.16 4.48
C VAL IA 57 70.47 -32.56 4.71
N LEU IA 58 70.49 -33.06 5.95
CA LEU IA 58 69.87 -34.34 6.24
C LEU IA 58 68.40 -34.34 5.89
N SER IA 59 67.67 -33.33 6.38
CA SER IA 59 66.25 -33.24 6.11
C SER IA 59 65.97 -33.03 4.64
N LEU IA 60 66.76 -32.20 3.97
CA LEU IA 60 66.53 -31.94 2.54
C LEU IA 60 66.73 -33.20 1.73
N PHE IA 61 67.81 -33.95 1.97
CA PHE IA 61 68.05 -35.14 1.18
C PHE IA 61 67.05 -36.24 1.52
N SER IA 62 66.68 -36.38 2.79
CA SER IA 62 65.69 -37.38 3.17
C SER IA 62 64.33 -37.07 2.56
N GLY IA 63 63.92 -35.79 2.58
CA GLY IA 63 62.68 -35.42 1.94
C GLY IA 63 62.71 -35.57 0.44
N LEU IA 64 63.86 -35.29 -0.16
CA LEU IA 64 64.01 -35.52 -1.59
C LEU IA 64 63.86 -37.00 -1.92
N MET IA 65 64.41 -37.87 -1.08
CA MET IA 65 64.23 -39.30 -1.30
C MET IA 65 62.78 -39.72 -1.13
N TRP IA 66 62.08 -39.18 -0.13
CA TRP IA 66 60.66 -39.48 0.04
C TRP IA 66 59.86 -39.07 -1.19
N PHE IA 67 60.04 -37.82 -1.63
CA PHE IA 67 59.33 -37.29 -2.78
C PHE IA 67 59.66 -38.09 -4.04
N PHE IA 68 60.93 -38.41 -4.24
CA PHE IA 68 61.35 -39.13 -5.43
C PHE IA 68 60.83 -40.56 -5.41
N THR IA 69 60.78 -41.20 -4.25
CA THR IA 69 60.24 -42.55 -4.15
C THR IA 69 58.76 -42.56 -4.54
N ILE IA 70 57.99 -41.62 -4.00
CA ILE IA 70 56.59 -41.53 -4.36
C ILE IA 70 56.45 -41.28 -5.86
N GLY IA 71 57.26 -40.37 -6.41
CA GLY IA 71 57.14 -40.04 -7.81
C GLY IA 71 57.51 -41.19 -8.74
N ILE IA 72 58.53 -41.96 -8.37
CA ILE IA 72 58.92 -43.09 -9.19
C ILE IA 72 57.86 -44.19 -9.12
N TRP IA 73 57.25 -44.37 -7.95
CA TRP IA 73 56.12 -45.29 -7.87
C TRP IA 73 54.99 -44.81 -8.76
N PHE IA 74 54.74 -43.51 -8.80
CA PHE IA 74 53.68 -42.97 -9.65
C PHE IA 74 54.00 -43.18 -11.12
N TRP IA 75 55.27 -43.02 -11.50
CA TRP IA 75 55.69 -43.28 -12.87
C TRP IA 75 55.49 -44.74 -13.22
N TYR IA 76 55.79 -45.64 -12.28
CA TYR IA 76 55.54 -47.05 -12.52
C TYR IA 76 54.04 -47.32 -12.71
N GLN IA 77 53.21 -46.69 -11.90
CA GLN IA 77 51.77 -46.89 -12.04
C GLN IA 77 51.24 -46.34 -13.35
N ALA IA 78 51.94 -45.39 -13.95
CA ALA IA 78 51.53 -44.82 -15.22
C ALA IA 78 52.03 -45.63 -16.40
N GLY IA 79 52.77 -46.71 -16.15
CA GLY IA 79 53.40 -47.43 -17.24
C GLY IA 79 54.44 -46.59 -17.96
N TRP IA 80 55.13 -45.71 -17.24
CA TRP IA 80 56.16 -44.84 -17.79
C TRP IA 80 55.62 -43.95 -18.90
N ASN IA 81 54.32 -43.67 -18.87
CA ASN IA 81 53.69 -42.91 -19.93
C ASN IA 81 53.49 -41.48 -19.45
N PRO IA 82 54.21 -40.50 -19.99
CA PRO IA 82 54.04 -39.12 -19.50
C PRO IA 82 52.62 -38.60 -19.64
N ALA IA 83 51.93 -38.96 -20.72
CA ALA IA 83 50.54 -38.55 -20.86
C ALA IA 83 49.68 -39.18 -19.77
N VAL IA 84 49.88 -40.46 -19.50
CA VAL IA 84 49.13 -41.11 -18.43
C VAL IA 84 49.52 -40.53 -17.08
N PHE IA 85 50.81 -40.20 -16.90
CA PHE IA 85 51.25 -39.61 -15.65
C PHE IA 85 50.56 -38.28 -15.39
N LEU IA 86 50.42 -37.44 -16.41
CA LEU IA 86 49.72 -36.18 -16.21
C LEU IA 86 48.22 -36.40 -16.07
N ARG IA 87 47.67 -37.38 -16.78
CA ARG IA 87 46.23 -37.60 -16.74
C ARG IA 87 45.78 -38.13 -15.38
N ASP IA 88 46.55 -39.04 -14.79
CA ASP IA 88 46.16 -39.69 -13.55
C ASP IA 88 47.02 -39.25 -12.38
N LEU IA 89 47.59 -38.06 -12.44
CA LEU IA 89 48.53 -37.62 -11.41
C LEU IA 89 47.89 -37.63 -10.03
N PHE IA 90 46.66 -37.14 -9.93
CA PHE IA 90 45.98 -37.09 -8.65
C PHE IA 90 45.37 -38.42 -8.24
N PHE IA 91 45.31 -39.38 -9.15
CA PHE IA 91 44.72 -40.68 -8.87
C PHE IA 91 45.73 -41.73 -8.46
N PHE IA 92 47.02 -41.47 -8.65
CA PHE IA 92 48.05 -42.39 -8.22
C PHE IA 92 48.13 -42.42 -6.71
N SER IA 93 48.66 -43.51 -6.18
CA SER IA 93 48.68 -43.71 -4.74
C SER IA 93 49.76 -44.70 -4.38
N LEU IA 94 50.59 -44.35 -3.41
CA LEU IA 94 51.49 -45.31 -2.79
C LEU IA 94 50.83 -45.77 -1.50
N GLU IA 95 50.31 -46.96 -1.52
CA GLU IA 95 49.45 -47.50 -0.47
C GLU IA 95 50.27 -48.30 0.54
N PRO IA 96 49.86 -48.27 1.80
CA PRO IA 96 50.51 -49.11 2.81
C PRO IA 96 50.15 -50.57 2.62
N PRO IA 97 50.93 -51.48 3.21
CA PRO IA 97 50.67 -52.91 2.98
C PRO IA 97 49.32 -53.36 3.47
N ALA IA 98 48.82 -54.44 2.88
CA ALA IA 98 47.50 -54.95 3.20
C ALA IA 98 47.47 -55.43 4.65
N PRO IA 99 46.28 -55.48 5.26
CA PRO IA 99 46.21 -55.77 6.71
C PRO IA 99 46.78 -57.12 7.11
N GLU IA 100 46.77 -58.12 6.22
CA GLU IA 100 47.26 -59.43 6.61
C GLU IA 100 48.75 -59.43 6.94
N TYR IA 101 49.49 -58.42 6.52
CA TYR IA 101 50.89 -58.34 6.90
C TYR IA 101 51.08 -57.76 8.30
N GLY IA 102 50.05 -57.17 8.88
CA GLY IA 102 50.18 -56.59 10.21
C GLY IA 102 51.22 -55.48 10.22
N LEU IA 103 52.04 -55.47 11.24
CA LEU IA 103 53.13 -54.51 11.34
C LEU IA 103 54.42 -55.04 10.76
N SER IA 104 54.40 -56.19 10.11
CA SER IA 104 55.61 -56.81 9.61
C SER IA 104 56.22 -56.00 8.48
N PHE IA 105 57.52 -56.14 8.32
CA PHE IA 105 58.25 -55.50 7.24
C PHE IA 105 58.43 -56.42 6.04
N ALA IA 106 57.84 -57.61 6.09
CA ALA IA 106 57.94 -58.60 5.01
C ALA IA 106 56.78 -58.49 4.03
N ALA IA 107 56.55 -57.30 3.53
CA ALA IA 107 55.59 -57.13 2.47
C ALA IA 107 56.31 -56.83 1.16
N PRO IA 108 55.80 -57.30 0.03
CA PRO IA 108 56.46 -57.04 -1.25
C PRO IA 108 56.44 -55.55 -1.59
N LEU IA 109 57.39 -55.15 -2.43
CA LEU IA 109 57.53 -53.74 -2.77
C LEU IA 109 56.27 -53.20 -3.43
N LYS IA 110 55.68 -53.95 -4.35
CA LYS IA 110 54.48 -53.48 -5.02
C LYS IA 110 53.29 -53.42 -4.08
N GLU IA 111 53.34 -54.15 -2.97
CA GLU IA 111 52.20 -54.26 -2.06
C GLU IA 111 52.50 -53.75 -0.66
N GLY IA 112 53.33 -52.71 -0.56
CA GLY IA 112 53.52 -52.06 0.72
C GLY IA 112 54.94 -51.77 1.13
N GLY IA 113 55.92 -52.50 0.58
CA GLY IA 113 57.30 -52.28 0.97
C GLY IA 113 57.82 -50.92 0.55
N LEU IA 114 57.48 -50.48 -0.65
CA LEU IA 114 57.89 -49.16 -1.11
C LEU IA 114 57.26 -48.07 -0.25
N TRP IA 115 56.05 -48.32 0.24
CA TRP IA 115 55.43 -47.39 1.18
C TRP IA 115 56.24 -47.31 2.46
N LEU IA 116 56.74 -48.44 2.95
CA LEU IA 116 57.58 -48.42 4.14
C LEU IA 116 58.88 -47.64 3.91
N ILE IA 117 59.48 -47.81 2.74
CA ILE IA 117 60.69 -47.06 2.42
C ILE IA 117 60.42 -45.56 2.41
N ALA IA 118 59.37 -45.15 1.69
CA ALA IA 118 59.02 -43.73 1.65
C ALA IA 118 58.66 -43.21 3.03
N SER IA 119 58.02 -44.04 3.85
CA SER IA 119 57.66 -43.63 5.20
C SER IA 119 58.89 -43.38 6.05
N PHE IA 120 59.89 -44.26 5.94
CA PHE IA 120 61.13 -44.03 6.67
C PHE IA 120 61.79 -42.73 6.23
N PHE IA 121 61.82 -42.48 4.93
CA PHE IA 121 62.40 -41.23 4.46
C PHE IA 121 61.65 -40.03 5.01
N MET IA 122 60.32 -40.07 4.98
CA MET IA 122 59.52 -38.96 5.48
C MET IA 122 59.72 -38.76 6.98
N PHE IA 123 59.78 -39.86 7.74
CA PHE IA 123 60.03 -39.78 9.17
C PHE IA 123 61.32 -39.05 9.45
N VAL IA 124 62.40 -39.45 8.76
CA VAL IA 124 63.69 -38.81 8.97
C VAL IA 124 63.62 -37.33 8.57
N ALA IA 125 63.00 -37.03 7.43
CA ALA IA 125 62.95 -35.65 6.97
C ALA IA 125 62.22 -34.75 7.95
N VAL IA 126 61.09 -35.22 8.48
CA VAL IA 126 60.29 -34.38 9.36
C VAL IA 126 60.97 -34.19 10.71
N TRP IA 127 61.56 -35.25 11.26
CA TRP IA 127 62.20 -35.07 12.56
C TRP IA 127 63.48 -34.25 12.44
N SER IA 128 64.21 -34.40 11.34
CA SER IA 128 65.36 -33.54 11.14
C SER IA 128 64.95 -32.09 10.94
N TRP IA 129 63.81 -31.85 10.29
CA TRP IA 129 63.34 -30.47 10.16
C TRP IA 129 62.93 -29.91 11.51
N TRP IA 130 62.36 -30.73 12.38
CA TRP IA 130 62.04 -30.27 13.72
C TRP IA 130 63.29 -29.86 14.48
N GLY IA 131 64.29 -30.73 14.47
CA GLY IA 131 65.56 -30.38 15.09
C GLY IA 131 66.16 -29.14 14.48
N ARG IA 132 65.97 -28.96 13.16
CA ARG IA 132 66.48 -27.79 12.48
C ARG IA 132 65.80 -26.52 12.96
N THR IA 133 64.49 -26.56 13.15
CA THR IA 133 63.80 -25.38 13.68
C THR IA 133 64.30 -25.06 15.09
N TYR IA 134 64.46 -26.10 15.92
CA TYR IA 134 64.98 -25.87 17.26
C TYR IA 134 66.36 -25.24 17.23
N LEU IA 135 67.24 -25.76 16.38
CA LEU IA 135 68.62 -25.27 16.35
C LEU IA 135 68.72 -23.88 15.75
N ARG IA 136 67.88 -23.57 14.77
CA ARG IA 136 67.90 -22.23 14.20
C ARG IA 136 67.39 -21.22 15.21
N ALA IA 137 66.40 -21.59 16.02
CA ALA IA 137 65.98 -20.72 17.11
C ALA IA 137 67.12 -20.53 18.11
N GLN IA 138 67.82 -21.61 18.44
CA GLN IA 138 68.89 -21.55 19.43
C GLN IA 138 70.06 -20.69 18.95
N ALA IA 139 70.41 -20.78 17.68
CA ALA IA 139 71.55 -20.04 17.15
C ALA IA 139 71.34 -18.55 17.27
N LEU IA 140 70.11 -18.08 17.04
CA LEU IA 140 69.83 -16.66 17.20
C LEU IA 140 69.47 -16.28 18.62
N GLY IA 141 69.50 -17.22 19.55
CA GLY IA 141 69.22 -16.92 20.94
C GLY IA 141 67.76 -16.75 21.29
N MET IA 142 66.86 -16.98 20.34
CA MET IA 142 65.44 -16.85 20.57
C MET IA 142 64.91 -18.03 21.40
N GLY IA 143 63.67 -17.88 21.86
CA GLY IA 143 63.00 -18.97 22.51
C GLY IA 143 62.57 -20.05 21.54
N LYS IA 144 62.15 -21.18 22.08
CA LYS IA 144 61.92 -22.36 21.27
C LYS IA 144 60.45 -22.56 20.92
N HIS IA 145 59.66 -21.49 20.90
CA HIS IA 145 58.22 -21.62 20.70
C HIS IA 145 57.90 -22.25 19.35
N THR IA 146 58.69 -21.95 18.33
CA THR IA 146 58.45 -22.54 17.01
C THR IA 146 58.64 -24.04 17.04
N ALA IA 147 59.64 -24.53 17.79
CA ALA IA 147 59.87 -25.96 17.86
C ALA IA 147 58.71 -26.70 18.51
N TRP IA 148 58.15 -26.15 19.58
CA TRP IA 148 57.05 -26.83 20.24
C TRP IA 148 55.75 -26.71 19.46
N ALA IA 149 55.52 -25.56 18.84
CA ALA IA 149 54.38 -25.44 17.95
C ALA IA 149 54.48 -26.43 16.80
N PHE IA 150 55.68 -26.64 16.27
CA PHE IA 150 55.87 -27.66 15.25
C PHE IA 150 55.67 -29.05 15.82
N LEU IA 151 56.06 -29.26 17.07
CA LEU IA 151 55.90 -30.57 17.69
C LEU IA 151 54.44 -30.96 17.80
N SER IA 152 53.54 -29.99 17.96
CA SER IA 152 52.11 -30.31 17.97
C SER IA 152 51.67 -30.93 16.63
N ALA IA 153 52.04 -30.28 15.53
CA ALA IA 153 51.69 -30.81 14.21
C ALA IA 153 52.39 -32.14 13.95
N ILE IA 154 53.62 -32.26 14.41
CA ILE IA 154 54.35 -33.53 14.30
C ILE IA 154 53.62 -34.61 15.06
N TRP IA 155 53.00 -34.28 16.18
CA TRP IA 155 52.29 -35.30 16.91
C TRP IA 155 51.05 -35.78 16.17
N LEU IA 156 50.30 -34.85 15.56
CA LEU IA 156 49.19 -35.32 14.74
C LEU IA 156 49.68 -36.20 13.60
N TRP IA 157 50.76 -35.78 12.93
CA TRP IA 157 51.31 -36.55 11.83
C TRP IA 157 51.78 -37.94 12.28
N MET IA 158 52.45 -38.00 13.43
CA MET IA 158 52.94 -39.26 13.97
C MET IA 158 51.80 -40.19 14.35
N VAL IA 159 50.77 -39.64 14.98
CA VAL IA 159 49.60 -40.45 15.31
C VAL IA 159 48.97 -41.01 14.05
N LEU IA 160 48.84 -40.19 13.01
CA LEU IA 160 48.23 -40.65 11.77
C LEU IA 160 49.05 -41.76 11.12
N GLY IA 161 50.36 -41.61 11.08
CA GLY IA 161 51.15 -42.52 10.27
C GLY IA 161 51.93 -43.58 11.02
N PHE IA 162 52.26 -43.33 12.29
CA PHE IA 162 53.14 -44.23 13.02
C PHE IA 162 52.48 -44.81 14.26
N ILE IA 163 51.95 -43.99 15.17
CA ILE IA 163 51.56 -44.47 16.49
C ILE IA 163 50.26 -45.26 16.41
N ARG IA 164 49.24 -44.70 15.79
CA ARG IA 164 47.98 -45.42 15.66
C ARG IA 164 48.11 -46.69 14.84
N PRO IA 165 48.83 -46.75 13.72
CA PRO IA 165 49.04 -48.05 13.07
C PRO IA 165 49.65 -49.09 13.99
N ILE IA 166 50.61 -48.71 14.84
CA ILE IA 166 51.21 -49.66 15.75
C ILE IA 166 50.20 -50.12 16.80
N LEU IA 167 49.43 -49.18 17.35
CA LEU IA 167 48.42 -49.56 18.35
C LEU IA 167 47.35 -50.45 17.74
N MET IA 168 46.90 -50.14 16.53
CA MET IA 168 45.91 -50.92 15.82
C MET IA 168 46.47 -52.20 15.24
N GLY IA 169 47.79 -52.35 15.20
CA GLY IA 169 48.41 -53.62 14.88
C GLY IA 169 48.69 -53.88 13.42
N SER IA 170 48.62 -52.88 12.55
CA SER IA 170 48.88 -53.10 11.14
C SER IA 170 49.20 -51.79 10.45
N TRP IA 171 50.13 -51.85 9.47
CA TRP IA 171 50.46 -50.67 8.68
C TRP IA 171 49.32 -50.26 7.77
N SER IA 172 48.37 -51.16 7.51
CA SER IA 172 47.26 -50.83 6.62
C SER IA 172 46.40 -49.70 7.15
N GLU IA 173 46.49 -49.39 8.44
CA GLU IA 173 45.72 -48.30 9.02
C GLU IA 173 46.24 -46.93 8.61
N ALA IA 174 47.49 -46.84 8.13
CA ALA IA 174 48.12 -45.56 7.88
C ALA IA 174 47.64 -44.95 6.56
N VAL IA 175 48.13 -43.76 6.29
CA VAL IA 175 47.61 -42.93 5.20
C VAL IA 175 48.42 -43.20 3.94
N PRO IA 176 47.78 -43.47 2.81
CA PRO IA 176 48.52 -43.59 1.55
C PRO IA 176 49.05 -42.25 1.07
N TYR IA 177 50.10 -42.33 0.25
CA TYR IA 177 50.70 -41.14 -0.34
C TYR IA 177 50.05 -40.91 -1.69
N GLY IA 178 49.09 -40.00 -1.72
CA GLY IA 178 48.42 -39.66 -2.96
C GLY IA 178 47.45 -38.53 -2.70
N ILE IA 179 47.15 -37.80 -3.76
CA ILE IA 179 46.34 -36.60 -3.61
C ILE IA 179 44.89 -36.95 -3.28
N PHE IA 180 44.21 -37.61 -4.21
CA PHE IA 180 42.86 -38.09 -3.93
C PHE IA 180 42.87 -39.31 -3.01
N SER IA 181 44.00 -39.99 -2.95
CA SER IA 181 44.08 -41.21 -2.15
C SER IA 181 43.92 -40.92 -0.68
N HIS IA 182 44.59 -39.88 -0.17
CA HIS IA 182 44.48 -39.59 1.26
C HIS IA 182 43.17 -38.91 1.59
N LEU IA 183 42.52 -38.29 0.62
CA LEU IA 183 41.14 -37.84 0.82
C LEU IA 183 40.20 -39.02 0.97
N ASP IA 184 40.38 -40.04 0.11
CA ASP IA 184 39.59 -41.25 0.26
C ASP IA 184 39.85 -41.92 1.60
N TRP IA 185 41.11 -41.92 2.02
CA TRP IA 185 41.44 -42.48 3.32
C TRP IA 185 40.73 -41.75 4.43
N THR IA 186 40.70 -40.41 4.36
CA THR IA 186 40.03 -39.61 5.38
C THR IA 186 38.54 -39.94 5.45
N ASN IA 187 37.87 -39.94 4.29
CA ASN IA 187 36.44 -40.23 4.27
C ASN IA 187 36.16 -41.63 4.76
N ASN IA 188 36.97 -42.61 4.36
CA ASN IA 188 36.77 -43.98 4.80
C ASN IA 188 37.03 -44.13 6.29
N PHE IA 189 38.02 -43.41 6.82
CA PHE IA 189 38.27 -43.44 8.25
C PHE IA 189 37.05 -42.94 9.01
N SER IA 190 36.43 -41.87 8.53
CA SER IA 190 35.21 -41.41 9.18
C SER IA 190 34.11 -42.45 9.11
N LEU IA 191 33.93 -43.08 7.94
CA LEU IA 191 32.86 -44.05 7.77
C LEU IA 191 33.06 -45.28 8.64
N VAL IA 192 34.30 -45.77 8.74
CA VAL IA 192 34.56 -46.99 9.48
C VAL IA 192 34.32 -46.80 10.97
N HIS IA 193 34.67 -45.64 11.50
CA HIS IA 193 34.52 -45.38 12.92
C HIS IA 193 33.22 -44.69 13.27
N GLY IA 194 32.26 -44.68 12.35
CA GLY IA 194 30.94 -44.23 12.67
C GLY IA 194 30.79 -42.75 12.92
N ASN IA 195 30.94 -41.94 11.87
CA ASN IA 195 30.67 -40.50 11.92
C ASN IA 195 31.59 -39.79 12.92
N LEU IA 196 32.85 -39.66 12.52
CA LEU IA 196 33.86 -38.95 13.30
C LEU IA 196 33.42 -37.57 13.76
N PHE IA 197 32.33 -37.04 13.21
CA PHE IA 197 31.74 -35.81 13.72
C PHE IA 197 31.42 -35.92 15.21
N TYR IA 198 31.12 -37.13 15.68
CA TYR IA 198 30.79 -37.33 17.08
C TYR IA 198 31.98 -37.70 17.93
N ASN IA 199 33.17 -37.65 17.38
CA ASN IA 199 34.37 -37.68 18.19
C ASN IA 199 34.48 -36.34 18.90
N PRO IA 200 34.52 -36.30 20.23
CA PRO IA 200 34.66 -35.00 20.92
C PRO IA 200 35.92 -34.27 20.54
N PHE IA 201 37.01 -34.99 20.33
CA PHE IA 201 38.27 -34.32 20.02
C PHE IA 201 38.35 -33.89 18.57
N HIS IA 202 37.64 -34.56 17.66
CA HIS IA 202 37.46 -33.99 16.33
C HIS IA 202 36.67 -32.68 16.42
N GLY IA 203 35.66 -32.64 17.28
CA GLY IA 203 34.89 -31.42 17.46
C GLY IA 203 35.72 -30.30 18.04
N LEU IA 204 36.55 -30.59 19.03
CA LEU IA 204 37.43 -29.57 19.59
C LEU IA 204 38.48 -29.14 18.58
N SER IA 205 39.03 -30.08 17.81
CA SER IA 205 40.00 -29.72 16.80
C SER IA 205 39.40 -28.79 15.76
N ILE IA 206 38.14 -29.03 15.39
CA ILE IA 206 37.47 -28.13 14.46
C ILE IA 206 37.19 -26.80 15.12
N ALA IA 207 36.81 -26.82 16.40
CA ALA IA 207 36.64 -25.58 17.14
C ALA IA 207 37.89 -24.74 17.08
N PHE IA 208 39.06 -25.36 17.22
CA PHE IA 208 40.30 -24.61 17.22
C PHE IA 208 40.78 -24.25 15.82
N LEU IA 209 40.45 -25.03 14.80
CA LEU IA 209 40.76 -24.60 13.44
C LEU IA 209 39.91 -23.40 13.01
N TYR IA 210 38.61 -23.46 13.31
CA TYR IA 210 37.75 -22.30 13.12
C TYR IA 210 38.23 -21.14 13.95
N GLY IA 211 38.65 -21.39 15.19
CA GLY IA 211 39.14 -20.34 16.05
C GLY IA 211 40.43 -19.74 15.57
N SER IA 212 41.29 -20.53 14.94
CA SER IA 212 42.50 -20.00 14.33
C SER IA 212 42.16 -19.10 13.16
N ALA IA 213 41.20 -19.50 12.34
CA ALA IA 213 40.77 -18.61 11.25
C ALA IA 213 40.20 -17.32 11.79
N LEU IA 214 39.33 -17.43 12.80
CA LEU IA 214 38.72 -16.27 13.43
C LEU IA 214 39.78 -15.36 14.04
N LEU IA 215 40.73 -15.95 14.76
CA LEU IA 215 41.71 -15.18 15.49
C LEU IA 215 42.74 -14.55 14.57
N PHE IA 216 43.15 -15.24 13.51
CA PHE IA 216 44.06 -14.60 12.59
C PHE IA 216 43.38 -13.52 11.78
N ALA IA 217 42.11 -13.69 11.42
CA ALA IA 217 41.38 -12.59 10.81
C ALA IA 217 41.31 -11.39 11.76
N MET IA 218 40.96 -11.64 13.02
CA MET IA 218 40.88 -10.57 14.01
C MET IA 218 42.22 -9.87 14.19
N HIS IA 219 43.29 -10.64 14.33
CA HIS IA 219 44.59 -10.07 14.60
C HIS IA 219 45.16 -9.35 13.39
N GLY IA 220 45.07 -9.97 12.20
CA GLY IA 220 45.54 -9.29 11.01
C GLY IA 220 44.78 -8.02 10.74
N ALA IA 221 43.45 -8.07 10.88
CA ALA IA 221 42.64 -6.87 10.69
C ALA IA 221 42.98 -5.81 11.71
N THR IA 222 43.20 -6.21 12.97
CA THR IA 222 43.52 -5.25 14.01
C THR IA 222 44.85 -4.58 13.77
N ILE IA 223 45.86 -5.35 13.37
CA ILE IA 223 47.17 -4.77 13.12
C ILE IA 223 47.14 -3.88 11.89
N LEU IA 224 46.38 -4.28 10.86
CA LEU IA 224 46.27 -3.42 9.69
C LEU IA 224 45.52 -2.14 10.01
N ALA IA 225 44.54 -2.21 10.90
CA ALA IA 225 43.77 -1.03 11.27
C ALA IA 225 44.58 -0.06 12.12
N VAL IA 226 45.62 -0.52 12.80
CA VAL IA 226 46.50 0.33 13.57
C VAL IA 226 47.90 0.40 13.00
N SER IA 227 48.08 -0.02 11.75
CA SER IA 227 49.37 0.16 11.10
C SER IA 227 49.68 1.61 10.83
N ARG IA 228 48.65 2.48 10.82
CA ARG IA 228 48.87 3.91 10.69
C ARG IA 228 49.56 4.50 11.91
N PHE IA 229 49.67 3.74 13.00
CA PHE IA 229 50.41 4.14 14.18
C PHE IA 229 51.66 3.29 14.39
N GLY IA 230 52.17 2.66 13.34
CA GLY IA 230 53.29 1.75 13.49
C GLY IA 230 52.94 0.51 14.27
N GLY IA 231 51.73 0.00 14.10
CA GLY IA 231 51.27 -1.13 14.89
C GLY IA 231 51.86 -2.46 14.47
N GLU IA 232 52.34 -2.57 13.23
CA GLU IA 232 52.89 -3.85 12.78
C GLU IA 232 54.27 -4.10 13.37
N ARG IA 233 54.90 -3.08 13.96
CA ARG IA 233 56.16 -3.27 14.67
C ARG IA 233 55.83 -3.69 16.11
N GLU IA 234 55.41 -4.95 16.23
CA GLU IA 234 54.81 -5.41 17.47
C GLU IA 234 55.83 -5.53 18.60
N LEU IA 235 57.08 -5.82 18.28
CA LEU IA 235 58.08 -5.99 19.34
C LEU IA 235 58.33 -4.68 20.08
N GLU IA 236 58.39 -3.56 19.35
CA GLU IA 236 58.58 -2.28 20.01
C GLU IA 236 57.33 -1.86 20.78
N GLN IA 237 56.16 -2.25 20.31
CA GLN IA 237 54.94 -2.01 21.08
C GLN IA 237 54.95 -2.83 22.36
N ILE IA 238 55.53 -4.03 22.33
CA ILE IA 238 55.71 -4.80 23.56
C ILE IA 238 56.67 -4.08 24.49
N ALA IA 239 57.81 -3.64 23.95
CA ALA IA 239 58.84 -3.01 24.76
C ALA IA 239 58.45 -1.61 25.22
N ASP IA 240 57.71 -0.88 24.38
CA ASP IA 240 57.36 0.51 24.69
C ASP IA 240 55.99 0.77 24.08
N ARG IA 241 54.94 0.58 24.87
CA ARG IA 241 53.57 0.61 24.39
C ARG IA 241 53.19 1.96 23.79
N GLY IA 242 52.91 1.97 22.49
CA GLY IA 242 52.47 3.17 21.82
C GLY IA 242 50.96 3.30 21.78
N THR IA 243 50.50 4.23 20.97
CA THR IA 243 49.06 4.43 20.84
C THR IA 243 48.42 3.36 19.96
N ALA IA 244 49.19 2.67 19.12
CA ALA IA 244 48.63 1.57 18.35
C ALA IA 244 48.17 0.44 19.26
N ALA IA 245 49.01 0.04 20.19
CA ALA IA 245 48.65 -1.03 21.11
C ALA IA 245 47.46 -0.63 21.97
N GLU IA 246 47.42 0.62 22.43
CA GLU IA 246 46.31 1.09 23.24
C GLU IA 246 45.02 1.13 22.44
N ARG IA 247 45.08 1.59 21.20
CA ARG IA 247 43.87 1.65 20.39
C ARG IA 247 43.36 0.26 20.05
N ALA IA 248 44.25 -0.68 19.77
CA ALA IA 248 43.82 -2.05 19.52
C ALA IA 248 43.18 -2.66 20.75
N ALA IA 249 43.85 -2.50 21.91
CA ALA IA 249 43.31 -3.00 23.16
C ALA IA 249 41.95 -2.40 23.43
N LEU IA 250 41.78 -1.10 23.20
CA LEU IA 250 40.52 -0.46 23.51
C LEU IA 250 39.44 -0.83 22.52
N PHE IA 251 39.80 -1.06 21.26
CA PHE IA 251 38.81 -1.57 20.32
C PHE IA 251 38.21 -2.87 20.82
N TRP IA 252 39.08 -3.83 21.15
CA TRP IA 252 38.53 -5.10 21.58
C TRP IA 252 37.94 -5.04 22.97
N ARG IA 253 38.40 -4.12 23.81
CA ARG IA 253 37.80 -3.92 25.12
C ARG IA 253 36.38 -3.38 24.99
N TRP IA 254 36.16 -2.42 24.11
CA TRP IA 254 34.84 -1.84 23.94
C TRP IA 254 33.92 -2.74 23.12
N THR IA 255 34.49 -3.65 22.33
CA THR IA 255 33.65 -4.58 21.58
C THR IA 255 33.27 -5.81 22.40
N MET IA 256 34.26 -6.52 22.93
CA MET IA 256 34.04 -7.79 23.61
C MET IA 256 33.90 -7.68 25.11
N GLY IA 257 34.40 -6.60 25.71
CA GLY IA 257 34.47 -6.51 27.15
C GLY IA 257 35.79 -6.94 27.74
N PHE IA 258 36.68 -7.49 26.93
CA PHE IA 258 38.02 -7.83 27.37
C PHE IA 258 38.94 -7.72 26.17
N ASN IA 259 40.24 -7.66 26.44
CA ASN IA 259 41.23 -7.45 25.40
C ASN IA 259 42.48 -8.22 25.74
N ALA IA 260 43.45 -8.14 24.85
CA ALA IA 260 44.78 -8.72 25.02
C ALA IA 260 45.81 -7.60 25.04
N THR IA 261 47.07 -7.99 25.19
CA THR IA 261 48.18 -7.08 25.00
C THR IA 261 48.90 -7.44 23.71
N MET IA 262 49.87 -6.61 23.33
CA MET IA 262 50.63 -6.89 22.12
C MET IA 262 51.40 -8.19 22.22
N GLU IA 263 51.77 -8.59 23.44
CA GLU IA 263 52.50 -9.83 23.62
C GLU IA 263 51.59 -11.02 23.84
N GLY IA 264 50.53 -10.86 24.62
CA GLY IA 264 49.68 -11.98 24.96
C GLY IA 264 48.74 -12.43 23.87
N ILE IA 265 48.42 -11.55 22.91
CA ILE IA 265 47.63 -11.98 21.78
C ILE IA 265 48.36 -13.06 21.01
N HIS IA 266 49.69 -13.03 21.03
CA HIS IA 266 50.44 -14.07 20.35
C HIS IA 266 50.48 -15.37 21.15
N ARG IA 267 50.31 -15.29 22.46
CA ARG IA 267 50.08 -16.50 23.24
C ARG IA 267 48.73 -17.12 22.88
N TRP IA 268 47.69 -16.28 22.81
CA TRP IA 268 46.40 -16.76 22.32
C TRP IA 268 46.55 -17.42 20.96
N ALA IA 269 47.29 -16.78 20.06
CA ALA IA 269 47.46 -17.29 18.71
C ALA IA 269 48.15 -18.65 18.70
N ILE IA 270 49.29 -18.76 19.38
CA ILE IA 270 50.04 -19.99 19.34
C ILE IA 270 49.25 -21.12 19.99
N TRP IA 271 48.52 -20.85 21.07
CA TRP IA 271 47.77 -21.93 21.69
C TRP IA 271 46.57 -22.33 20.87
N MET IA 272 45.85 -21.36 20.30
CA MET IA 272 44.73 -21.68 19.44
C MET IA 272 45.16 -22.53 18.26
N ALA IA 273 46.36 -22.26 17.73
CA ALA IA 273 46.84 -23.04 16.60
C ALA IA 273 47.30 -24.43 17.02
N VAL IA 274 48.06 -24.54 18.12
CA VAL IA 274 48.59 -25.86 18.47
C VAL IA 274 47.49 -26.78 18.96
N LEU IA 275 46.43 -26.23 19.54
CA LEU IA 275 45.36 -27.08 20.05
C LEU IA 275 44.65 -27.83 18.94
N VAL IA 276 44.65 -27.28 17.72
CA VAL IA 276 44.08 -27.99 16.57
C VAL IA 276 44.69 -29.38 16.48
N THR IA 277 46.00 -29.44 16.29
CA THR IA 277 46.64 -30.71 16.05
C THR IA 277 46.79 -31.53 17.33
N LEU IA 278 46.91 -30.89 18.48
CA LEU IA 278 46.99 -31.63 19.73
C LEU IA 278 45.70 -32.41 19.98
N THR IA 279 44.57 -31.70 19.95
CA THR IA 279 43.28 -32.34 20.13
C THR IA 279 43.00 -33.33 19.02
N GLY IA 280 43.36 -32.99 17.78
CA GLY IA 280 43.14 -33.90 16.68
C GLY IA 280 43.89 -35.20 16.83
N GLY IA 281 45.15 -35.13 17.25
CA GLY IA 281 45.90 -36.34 17.48
C GLY IA 281 45.30 -37.19 18.59
N ILE IA 282 44.82 -36.54 19.65
CA ILE IA 282 44.17 -37.31 20.71
C ILE IA 282 42.95 -38.04 20.15
N GLY IA 283 42.14 -37.33 19.37
CA GLY IA 283 40.94 -37.95 18.82
C GLY IA 283 41.24 -39.10 17.88
N ILE IA 284 42.23 -38.92 17.00
CA ILE IA 284 42.60 -39.98 16.07
C ILE IA 284 43.16 -41.17 16.82
N LEU IA 285 43.93 -40.92 17.89
CA LEU IA 285 44.44 -42.01 18.71
C LEU IA 285 43.32 -42.78 19.37
N LEU IA 286 42.28 -42.07 19.83
CA LEU IA 286 41.15 -42.75 20.45
C LEU IA 286 40.32 -43.54 19.45
N SER IA 287 40.24 -43.06 18.21
CA SER IA 287 39.39 -43.72 17.21
C SER IA 287 39.94 -45.09 16.86
N GLY IA 288 39.11 -46.11 17.01
CA GLY IA 288 39.54 -47.49 16.79
C GLY IA 288 40.20 -48.15 17.97
N THR IA 289 41.14 -47.47 18.62
CA THR IA 289 41.84 -48.07 19.76
C THR IA 289 40.96 -48.12 20.99
N VAL IA 290 40.03 -47.17 21.15
CA VAL IA 290 39.14 -47.12 22.31
C VAL IA 290 37.68 -47.12 21.89
N VAL IA 291 37.33 -46.29 20.91
CA VAL IA 291 35.97 -46.18 20.42
C VAL IA 291 35.97 -46.51 18.94
N ASP IA 292 35.12 -47.44 18.54
CA ASP IA 292 35.00 -47.83 17.14
C ASP IA 292 33.73 -47.34 16.48
N ASN IA 293 32.79 -46.79 17.25
CA ASN IA 293 31.57 -46.20 16.70
C ASN IA 293 31.33 -44.92 17.48
N TRP IA 294 31.67 -43.78 16.89
CA TRP IA 294 31.55 -42.52 17.62
C TRP IA 294 30.11 -42.05 17.74
N TYR IA 295 29.21 -42.51 16.86
CA TYR IA 295 27.81 -42.13 17.00
C TYR IA 295 27.17 -42.83 18.19
N VAL IA 296 27.48 -44.11 18.38
CA VAL IA 296 26.95 -44.83 19.53
C VAL IA 296 27.54 -44.29 20.82
N TRP IA 297 28.83 -43.97 20.81
CA TRP IA 297 29.45 -43.32 21.96
C TRP IA 297 28.76 -41.99 22.24
N GLY IA 298 28.49 -41.21 21.19
CA GLY IA 298 27.75 -39.98 21.38
C GLY IA 298 26.43 -40.22 22.07
N GLN IA 299 25.62 -41.12 21.51
CA GLN IA 299 24.32 -41.44 22.11
C GLN IA 299 24.45 -41.82 23.58
N ASN IA 300 25.46 -42.63 23.92
CA ASN IA 300 25.65 -42.97 25.32
C ASN IA 300 26.19 -41.82 26.15
N HIS IA 301 26.65 -40.74 25.53
CA HIS IA 301 27.16 -39.60 26.29
C HIS IA 301 26.41 -38.33 25.97
N GLY IA 302 25.08 -38.39 25.95
CA GLY IA 302 24.34 -37.23 25.51
C GLY IA 302 24.49 -37.07 24.01
N MET IA 303 24.64 -35.83 23.55
CA MET IA 303 25.20 -35.56 22.24
C MET IA 303 24.38 -36.10 21.08
N ALA IA 304 23.39 -36.94 21.35
CA ALA IA 304 22.61 -37.60 20.31
C ALA IA 304 21.42 -38.31 20.92
N PRO IA 305 20.25 -38.23 20.29
CA PRO IA 305 19.07 -38.91 20.84
C PRO IA 305 19.19 -40.42 20.76
N LEU IA 306 18.72 -41.09 21.80
CA LEU IA 306 18.68 -42.55 21.83
C LEU IA 306 17.55 -43.05 20.93
N MET JA 1 41.50 -53.78 21.66
CA MET JA 1 40.43 -52.80 21.77
C MET JA 1 40.06 -52.54 23.22
N VAL JA 2 40.57 -51.45 23.76
CA VAL JA 2 40.11 -50.97 25.05
C VAL JA 2 38.74 -50.32 24.88
N GLY JA 3 38.11 -49.97 25.99
CA GLY JA 3 36.71 -49.62 25.94
C GLY JA 3 35.99 -50.02 27.22
N VAL JA 4 36.71 -50.72 28.11
CA VAL JA 4 36.21 -50.94 29.45
C VAL JA 4 35.98 -49.59 30.13
N THR JA 5 34.82 -49.43 30.73
CA THR JA 5 34.52 -48.22 31.48
C THR JA 5 34.70 -48.49 32.96
N ALA JA 6 35.35 -47.55 33.65
CA ALA JA 6 35.59 -47.69 35.08
C ALA JA 6 34.33 -47.50 35.91
N PHE JA 7 33.35 -46.76 35.40
CA PHE JA 7 32.07 -46.54 36.06
C PHE JA 7 31.14 -45.88 35.05
N GLY JA 8 29.85 -46.08 35.24
CA GLY JA 8 28.84 -45.49 34.37
C GLY JA 8 29.14 -45.71 32.90
N ASN JA 9 29.43 -44.62 32.18
CA ASN JA 9 29.87 -44.69 30.79
C ASN JA 9 31.29 -44.17 30.63
N PHE JA 10 32.08 -44.16 31.70
CA PHE JA 10 33.35 -43.46 31.75
C PHE JA 10 34.47 -44.35 31.22
N ASP JA 11 34.66 -44.32 29.90
CA ASP JA 11 35.78 -45.01 29.29
C ASP JA 11 36.94 -44.02 29.11
N LEU JA 12 37.96 -44.44 28.36
CA LEU JA 12 39.16 -43.62 28.19
C LEU JA 12 38.86 -42.33 27.44
N ALA JA 13 37.88 -42.35 26.54
CA ALA JA 13 37.49 -41.12 25.85
C ALA JA 13 36.89 -40.12 26.82
N SER JA 14 36.08 -40.58 27.78
CA SER JA 14 35.51 -39.68 28.77
C SER JA 14 36.61 -39.09 29.65
N LEU JA 15 37.55 -39.93 30.08
CA LEU JA 15 38.69 -39.44 30.83
C LEU JA 15 39.42 -38.36 30.07
N ALA JA 16 39.68 -38.60 28.78
CA ALA JA 16 40.40 -37.62 27.98
C ALA JA 16 39.62 -36.32 27.84
N ILE JA 17 38.31 -36.40 27.62
CA ILE JA 17 37.56 -35.17 27.39
C ILE JA 17 37.44 -34.34 28.67
N TYR JA 18 37.27 -35.00 29.82
CA TYR JA 18 37.22 -34.25 31.07
C TYR JA 18 38.60 -33.68 31.43
N SER JA 19 39.66 -34.45 31.17
CA SER JA 19 41.00 -33.95 31.36
C SER JA 19 41.25 -32.72 30.50
N PHE JA 20 40.74 -32.73 29.26
CA PHE JA 20 40.91 -31.58 28.41
C PHE JA 20 40.09 -30.39 28.89
N TRP JA 21 38.91 -30.63 29.47
CA TRP JA 21 38.16 -29.49 30.02
C TRP JA 21 38.93 -28.84 31.16
N ILE JA 22 39.52 -29.65 32.04
CA ILE JA 22 40.34 -29.09 33.11
C ILE JA 22 41.52 -28.33 32.53
N PHE JA 23 42.22 -28.93 31.56
CA PHE JA 23 43.38 -28.27 30.98
C PHE JA 23 42.99 -26.97 30.27
N LEU JA 24 41.83 -26.96 29.61
CA LEU JA 24 41.42 -25.76 28.92
C LEU JA 24 41.04 -24.65 29.89
N ALA JA 25 40.40 -25.00 30.99
CA ALA JA 25 40.12 -23.99 32.02
C ALA JA 25 41.42 -23.39 32.54
N GLY JA 26 42.40 -24.24 32.85
CA GLY JA 26 43.68 -23.73 33.32
C GLY JA 26 44.39 -22.88 32.29
N LEU JA 27 44.34 -23.29 31.03
CA LEU JA 27 45.00 -22.56 29.95
C LEU JA 27 44.33 -21.20 29.72
N ILE JA 28 43.00 -21.15 29.77
CA ILE JA 28 42.30 -19.88 29.59
C ILE JA 28 42.63 -18.94 30.74
N TYR JA 29 42.69 -19.47 31.97
CA TYR JA 29 43.14 -18.65 33.08
C TYR JA 29 44.53 -18.10 32.83
N TYR JA 30 45.46 -18.96 32.40
CA TYR JA 30 46.83 -18.53 32.17
C TYR JA 30 46.89 -17.45 31.10
N LEU JA 31 46.17 -17.63 29.99
CA LEU JA 31 46.21 -16.65 28.91
C LEU JA 31 45.62 -15.32 29.36
N GLN JA 32 44.50 -15.37 30.07
CA GLN JA 32 43.89 -14.12 30.52
C GLN JA 32 44.79 -13.38 31.49
N THR JA 33 45.43 -14.10 32.41
CA THR JA 33 46.32 -13.41 33.33
C THR JA 33 47.55 -12.85 32.63
N GLU JA 34 48.09 -13.59 31.66
CA GLU JA 34 49.24 -13.07 30.91
C GLU JA 34 48.86 -11.85 30.08
N ASN JA 35 47.58 -11.70 29.76
CA ASN JA 35 47.13 -10.53 29.02
C ASN JA 35 46.69 -9.39 29.92
N MET JA 36 47.15 -9.36 31.17
CA MET JA 36 46.84 -8.27 32.09
C MET JA 36 48.11 -7.56 32.54
N ARG JA 37 49.18 -7.63 31.77
CA ARG JA 37 50.42 -6.95 32.11
C ARG JA 37 50.42 -5.49 31.70
N GLU JA 38 49.41 -5.02 30.99
CA GLU JA 38 49.28 -3.62 30.63
C GLU JA 38 47.87 -3.16 30.96
N GLY JA 39 47.76 -1.93 31.45
CA GLY JA 39 46.47 -1.32 31.69
C GLY JA 39 45.84 -1.63 33.03
N TYR JA 40 46.54 -2.30 33.93
CA TYR JA 40 45.97 -2.69 35.20
C TYR JA 40 46.87 -2.25 36.34
N PRO JA 41 46.30 -1.99 37.53
CA PRO JA 41 44.90 -2.16 37.93
C PRO JA 41 43.94 -1.15 37.31
N LEU JA 42 42.67 -1.54 37.26
CA LEU JA 42 41.64 -0.70 36.68
C LEU JA 42 41.44 0.56 37.52
N GLU JA 43 41.02 1.64 36.86
CA GLU JA 43 40.93 2.94 37.48
C GLU JA 43 39.53 3.50 37.32
N ASN JA 44 39.14 4.33 38.27
CA ASN JA 44 37.94 5.15 38.09
C ASN JA 44 38.21 6.21 37.03
N GLU JA 45 37.14 6.88 36.60
CA GLU JA 45 37.31 7.93 35.61
C GLU JA 45 38.05 9.13 36.14
N ASP JA 46 38.27 9.21 37.46
CA ASP JA 46 39.09 10.25 38.06
C ASP JA 46 40.53 9.79 38.29
N GLY JA 47 40.89 8.57 37.89
CA GLY JA 47 42.24 8.08 38.02
C GLY JA 47 42.54 7.31 39.29
N THR JA 48 41.61 7.27 40.24
CA THR JA 48 41.80 6.49 41.45
C THR JA 48 41.55 5.01 41.18
N PRO JA 49 42.15 4.12 41.96
CA PRO JA 49 41.87 2.69 41.79
C PRO JA 49 40.39 2.39 41.95
N ALA JA 50 39.88 1.52 41.08
CA ALA JA 50 38.48 1.18 41.12
C ALA JA 50 38.22 0.12 42.19
N ALA JA 51 36.96 0.02 42.60
CA ALA JA 51 36.58 -0.98 43.57
C ALA JA 51 36.53 -2.37 42.95
N ASN JA 52 36.15 -2.45 41.67
CA ASN JA 52 36.04 -3.71 40.95
C ASN JA 52 37.29 -3.91 40.11
N GLN JA 53 38.03 -4.98 40.38
CA GLN JA 53 39.24 -5.28 39.63
C GLN JA 53 39.11 -6.53 38.77
N GLY JA 54 38.03 -7.28 38.88
CA GLY JA 54 37.80 -8.41 38.03
C GLY JA 54 38.13 -9.74 38.68
N PRO JA 55 37.61 -10.82 38.10
CA PRO JA 55 37.85 -12.15 38.67
C PRO JA 55 39.30 -12.60 38.60
N PHE JA 56 40.07 -12.11 37.64
CA PHE JA 56 41.42 -12.60 37.42
C PHE JA 56 42.42 -11.74 38.18
N PRO JA 57 43.23 -12.31 39.05
CA PRO JA 57 44.29 -11.53 39.71
C PRO JA 57 45.38 -11.15 38.72
N LEU JA 58 46.11 -10.10 39.08
CA LEU JA 58 47.24 -9.67 38.27
C LEU JA 58 48.37 -10.71 38.34
N PRO JA 59 49.11 -10.90 37.26
CA PRO JA 59 50.19 -11.87 37.26
C PRO JA 59 51.42 -11.36 38.01
N LYS JA 60 52.35 -12.27 38.26
CA LYS JA 60 53.65 -11.90 38.79
C LYS JA 60 54.39 -11.04 37.79
N PRO JA 61 55.17 -10.07 38.24
CA PRO JA 61 55.93 -9.23 37.30
C PRO JA 61 56.95 -10.04 36.53
N LYS JA 62 57.21 -9.61 35.30
CA LYS JA 62 58.31 -10.12 34.50
C LYS JA 62 59.03 -8.95 33.88
N THR JA 63 60.33 -9.12 33.64
CA THR JA 63 61.16 -8.05 33.13
C THR JA 63 61.71 -8.42 31.77
N PHE JA 64 61.50 -7.54 30.80
CA PHE JA 64 62.15 -7.60 29.50
C PHE JA 64 63.43 -6.79 29.56
N ILE JA 65 64.50 -7.33 28.98
CA ILE JA 65 65.76 -6.63 28.86
C ILE JA 65 65.84 -6.07 27.45
N LEU JA 66 65.95 -4.75 27.33
CA LEU JA 66 65.93 -4.11 26.03
C LEU JA 66 67.26 -4.30 25.32
N PRO JA 67 67.24 -4.31 23.98
CA PRO JA 67 68.37 -4.90 23.22
C PRO JA 67 69.60 -4.01 23.05
N HIS JA 68 69.51 -2.70 23.23
CA HIS JA 68 70.65 -1.83 22.97
C HIS JA 68 71.03 -1.03 24.20
N GLY JA 69 70.98 -1.67 25.37
CA GLY JA 69 71.24 -0.97 26.61
C GLY JA 69 70.16 0.05 26.91
N ARG JA 70 69.03 -0.04 26.21
CA ARG JA 70 67.94 0.90 26.39
C ARG JA 70 67.25 0.76 27.74
N GLY JA 71 67.55 -0.29 28.50
CA GLY JA 71 67.03 -0.41 29.85
C GLY JA 71 66.39 -1.74 30.15
N THR JA 72 65.39 -1.72 31.01
CA THR JA 72 64.65 -2.90 31.41
C THR JA 72 63.21 -2.48 31.72
N LEU JA 73 62.25 -3.25 31.23
CA LEU JA 73 60.83 -2.96 31.43
C LEU JA 73 60.21 -4.07 32.26
N THR JA 74 59.60 -3.71 33.38
CA THR JA 74 58.94 -4.68 34.24
C THR JA 74 57.43 -4.49 34.16
N VAL JA 75 56.72 -5.55 33.83
CA VAL JA 75 55.27 -5.50 33.73
C VAL JA 75 54.64 -6.69 34.46
N PRO JA 76 53.53 -6.50 35.16
CA PRO JA 76 52.89 -5.19 35.33
C PRO JA 76 53.61 -4.32 36.36
N GLY JA 77 53.71 -3.03 36.06
CA GLY JA 77 54.35 -2.09 36.93
C GLY JA 77 53.50 -0.87 37.15
N PRO JA 78 54.06 0.16 37.79
CA PRO JA 78 53.33 1.41 37.93
C PRO JA 78 53.00 1.99 36.57
N GLU JA 79 51.80 2.54 36.45
CA GLU JA 79 51.34 3.13 35.21
C GLU JA 79 50.88 4.55 35.46
N SER JA 80 51.38 5.48 34.66
CA SER JA 80 50.98 6.88 34.74
C SER JA 80 51.10 7.50 33.36
N GLU JA 81 50.03 8.14 32.90
CA GLU JA 81 50.04 8.85 31.63
C GLU JA 81 50.82 10.14 31.82
N ASP JA 82 52.08 10.15 31.39
CA ASP JA 82 52.97 11.29 31.60
C ASP JA 82 52.68 12.40 30.60
N ARG JA 83 51.46 12.89 30.63
CA ARG JA 83 51.05 14.02 29.79
C ARG JA 83 49.78 14.62 30.35
N PRO JA 84 49.55 15.91 30.13
CA PRO JA 84 48.33 16.56 30.63
C PRO JA 84 47.11 16.34 29.75
N ILE JA 85 46.37 15.26 29.97
CA ILE JA 85 45.16 14.98 29.18
C ILE JA 85 44.16 16.12 29.35
N ALA JA 86 43.76 16.72 28.23
CA ALA JA 86 42.87 17.88 28.23
C ALA JA 86 41.44 17.46 27.91
N LEU JA 87 40.80 16.84 28.89
CA LEU JA 87 39.41 16.41 28.76
C LEU JA 87 38.66 16.74 30.05
N ALA JA 88 37.36 16.97 29.92
CA ALA JA 88 36.48 17.17 31.06
C ALA JA 88 35.24 16.32 30.89
N ARG JA 89 34.83 15.64 31.95
CA ARG JA 89 33.71 14.71 31.87
C ARG JA 89 32.40 15.43 31.63
N THR JA 90 31.51 14.79 30.87
CA THR JA 90 30.20 15.34 30.60
C THR JA 90 29.11 14.77 31.48
N ALA JA 91 29.46 13.94 32.46
CA ALA JA 91 28.48 13.43 33.41
C ALA JA 91 29.17 13.11 34.72
N VAL JA 92 28.44 13.28 35.81
CA VAL JA 92 28.97 12.94 37.12
C VAL JA 92 29.12 11.43 37.27
N SER JA 93 28.19 10.67 36.70
CA SER JA 93 28.25 9.22 36.77
C SER JA 93 29.23 8.66 35.72
N GLU JA 94 29.57 7.39 35.91
CA GLU JA 94 30.55 6.74 35.05
C GLU JA 94 29.93 6.37 33.70
N GLY JA 95 30.79 5.93 32.79
CA GLY JA 95 30.34 5.42 31.51
C GLY JA 95 29.75 6.44 30.57
N PHE JA 96 30.32 7.63 30.51
CA PHE JA 96 29.89 8.66 29.58
C PHE JA 96 31.11 9.31 28.95
N PRO JA 97 30.97 9.90 27.77
CA PRO JA 97 32.13 10.50 27.11
C PRO JA 97 32.68 11.68 27.88
N HIS JA 98 33.96 11.93 27.68
CA HIS JA 98 34.64 13.12 28.20
C HIS JA 98 34.90 14.05 27.02
N ALA JA 99 34.39 15.27 27.11
CA ALA JA 99 34.54 16.19 26.01
C ALA JA 99 35.88 16.93 26.09
N PRO JA 100 36.48 17.23 24.95
CA PRO JA 100 37.72 18.02 24.96
C PRO JA 100 37.51 19.41 25.50
N THR JA 101 38.53 19.91 26.18
CA THR JA 101 38.57 21.30 26.66
C THR JA 101 39.54 22.03 25.74
N GLY JA 102 39.03 22.54 24.64
CA GLY JA 102 39.88 23.18 23.65
C GLY JA 102 39.95 22.38 22.37
N ASP JA 103 41.07 22.48 21.67
CA ASP JA 103 41.26 21.81 20.39
C ASP JA 103 41.72 20.38 20.63
N PRO JA 104 40.91 19.38 20.29
CA PRO JA 104 41.30 18.00 20.59
C PRO JA 104 42.48 17.53 19.76
N MET JA 105 42.53 17.92 18.49
CA MET JA 105 43.65 17.54 17.64
C MET JA 105 44.94 18.16 18.14
N LYS JA 106 44.89 19.41 18.58
CA LYS JA 106 46.08 20.06 19.13
C LYS JA 106 46.45 19.47 20.49
N ASP JA 107 45.46 19.24 21.36
CA ASP JA 107 45.75 18.73 22.69
C ASP JA 107 46.14 17.26 22.68
N GLY JA 108 45.78 16.52 21.64
CA GLY JA 108 46.12 15.11 21.57
C GLY JA 108 45.22 14.23 22.41
N VAL JA 109 43.92 14.24 22.14
CA VAL JA 109 42.97 13.40 22.83
C VAL JA 109 42.06 12.74 21.81
N GLY JA 110 41.37 11.70 22.25
CA GLY JA 110 40.49 10.94 21.38
C GLY JA 110 41.27 10.29 20.26
N PRO JA 111 40.71 10.31 19.05
CA PRO JA 111 41.41 9.72 17.91
C PRO JA 111 42.72 10.41 17.60
N ALA JA 112 42.97 11.58 18.15
CA ALA JA 112 44.23 12.29 18.00
C ALA JA 112 45.21 11.98 19.13
N SER JA 113 44.89 11.03 20.00
CA SER JA 113 45.72 10.79 21.16
C SER JA 113 47.07 10.23 20.77
N TRP JA 114 48.08 10.58 21.54
CA TRP JA 114 49.41 10.01 21.42
C TRP JA 114 49.85 9.55 22.79
N VAL JA 115 50.84 8.66 22.82
CA VAL JA 115 51.31 8.06 24.05
C VAL JA 115 52.74 8.55 24.31
N ALA JA 116 53.02 8.89 25.57
CA ALA JA 116 54.34 9.36 25.96
C ALA JA 116 55.29 8.17 25.91
N ARG JA 117 55.79 7.91 24.71
CA ARG JA 117 56.74 6.83 24.50
C ARG JA 117 58.14 7.33 24.86
N ARG JA 118 59.15 6.49 24.64
CA ARG JA 118 60.52 6.92 24.86
C ARG JA 118 60.93 7.90 23.77
N ASP JA 119 61.60 8.98 24.17
CA ASP JA 119 62.03 10.00 23.22
C ASP JA 119 63.40 9.66 22.62
N LEU JA 120 63.51 8.45 22.10
CA LEU JA 120 64.71 7.94 21.46
C LEU JA 120 64.32 7.27 20.15
N PRO JA 121 65.20 7.26 19.16
CA PRO JA 121 64.88 6.60 17.89
C PRO JA 121 64.84 5.09 18.05
N GLU JA 122 64.02 4.46 17.22
CA GLU JA 122 63.97 3.01 17.17
C GLU JA 122 65.27 2.48 16.58
N LEU JA 123 65.89 1.51 17.25
CA LEU JA 123 67.19 0.98 16.86
C LEU JA 123 67.03 -0.43 16.31
N ASP JA 124 67.66 -0.68 15.17
CA ASP JA 124 67.64 -2.01 14.57
C ASP JA 124 68.63 -2.92 15.29
N GLY JA 125 68.84 -4.13 14.76
CA GLY JA 125 69.73 -5.08 15.40
C GLY JA 125 71.18 -4.65 15.44
N HIS JA 126 71.55 -3.65 14.65
CA HIS JA 126 72.90 -3.11 14.64
C HIS JA 126 73.05 -1.87 15.49
N GLY JA 127 72.00 -1.45 16.19
CA GLY JA 127 72.06 -0.28 17.02
C GLY JA 127 71.95 1.04 16.28
N HIS JA 128 71.70 1.01 14.98
CA HIS JA 128 71.59 2.22 14.19
C HIS JA 128 70.13 2.67 14.17
N ASN JA 129 69.87 3.82 13.57
CA ASN JA 129 68.51 4.30 13.43
C ASN JA 129 67.76 3.40 12.46
N LYS JA 130 66.63 2.85 12.90
CA LYS JA 130 65.84 2.00 12.03
C LYS JA 130 65.21 2.78 10.91
N ILE JA 131 64.56 3.89 11.23
CA ILE JA 131 63.87 4.71 10.24
C ILE JA 131 64.73 5.92 9.94
N LYS JA 132 65.13 6.08 8.69
CA LYS JA 132 65.97 7.20 8.33
C LYS JA 132 65.62 7.66 6.92
N PRO JA 133 65.91 8.92 6.58
CA PRO JA 133 65.54 9.42 5.26
C PRO JA 133 66.31 8.71 4.16
N MET JA 134 65.69 8.66 2.98
CA MET JA 134 66.29 7.95 1.85
C MET JA 134 67.64 8.57 1.47
N LYS JA 135 67.78 9.89 1.68
CA LYS JA 135 69.07 10.53 1.43
C LYS JA 135 70.18 9.90 2.25
N ALA JA 136 69.95 9.76 3.55
CA ALA JA 136 70.94 9.12 4.42
C ALA JA 136 70.97 7.62 4.26
N ALA JA 137 69.95 7.03 3.63
CA ALA JA 137 69.89 5.60 3.41
C ALA JA 137 70.73 5.27 2.17
N ALA JA 138 71.89 4.67 2.39
CA ALA JA 138 72.81 4.39 1.30
C ALA JA 138 72.27 3.27 0.41
N GLY JA 139 72.27 3.52 -0.90
CA GLY JA 139 71.86 2.51 -1.85
C GLY JA 139 70.38 2.21 -1.88
N PHE JA 140 69.55 3.05 -1.27
CA PHE JA 140 68.12 2.83 -1.22
C PHE JA 140 67.44 3.62 -2.32
N TYR JA 141 66.51 2.97 -3.02
CA TYR JA 141 65.85 3.57 -4.16
C TYR JA 141 64.46 2.96 -4.29
N VAL JA 142 63.61 3.65 -5.02
CA VAL JA 142 62.27 3.15 -5.31
C VAL JA 142 62.37 2.07 -6.37
N SER JA 143 61.82 0.90 -6.09
CA SER JA 143 61.86 -0.24 -6.99
C SER JA 143 60.61 -0.39 -7.83
N ALA JA 144 59.44 -0.07 -7.30
CA ALA JA 144 58.20 -0.24 -8.03
C ALA JA 144 57.21 0.82 -7.60
N GLY JA 145 56.17 1.00 -8.43
CA GLY JA 145 55.18 2.01 -8.19
C GLY JA 145 55.66 3.38 -8.61
N LYS JA 146 54.77 4.35 -8.53
CA LYS JA 146 55.11 5.71 -8.91
C LYS JA 146 55.96 6.34 -7.82
N ASN JA 147 57.15 6.78 -8.19
CA ASN JA 147 58.04 7.41 -7.22
C ASN JA 147 57.47 8.76 -6.86
N PRO JA 148 57.06 9.00 -5.61
CA PRO JA 148 56.35 10.22 -5.25
C PRO JA 148 57.27 11.35 -4.81
N ILE JA 149 58.26 11.69 -5.63
CA ILE JA 149 59.16 12.79 -5.33
C ILE JA 149 58.78 13.96 -6.21
N GLY JA 150 58.29 15.02 -5.58
CA GLY JA 150 57.78 16.16 -6.32
C GLY JA 150 56.33 16.08 -6.69
N LEU JA 151 55.62 15.07 -6.24
CA LEU JA 151 54.18 15.03 -6.47
C LEU JA 151 53.49 16.03 -5.56
N PRO JA 152 52.53 16.81 -6.06
CA PRO JA 152 51.74 17.67 -5.18
C PRO JA 152 50.94 16.84 -4.19
N VAL JA 153 50.79 17.35 -2.98
CA VAL JA 153 50.04 16.69 -1.93
C VAL JA 153 48.73 17.43 -1.74
N ARG JA 154 47.62 16.71 -1.90
CA ARG JA 154 46.29 17.28 -1.78
C ARG JA 154 45.66 16.85 -0.46
N GLY JA 155 45.02 17.78 0.23
CA GLY JA 155 44.33 17.48 1.46
C GLY JA 155 42.91 17.01 1.22
N CYS JA 156 42.19 16.83 2.32
CA CYS JA 156 40.80 16.41 2.22
C CYS JA 156 39.91 17.53 1.72
N ASP JA 157 40.37 18.79 1.81
CA ASP JA 157 39.65 19.92 1.27
C ASP JA 157 39.98 20.17 -0.20
N LEU JA 158 40.77 19.29 -0.82
CA LEU JA 158 41.02 19.27 -2.26
C LEU JA 158 41.85 20.47 -2.71
N GLU JA 159 42.85 20.84 -1.92
CA GLU JA 159 43.78 21.89 -2.31
C GLU JA 159 45.20 21.44 -1.99
N ILE JA 160 46.14 21.86 -2.84
CA ILE JA 160 47.52 21.43 -2.70
C ILE JA 160 48.11 22.00 -1.42
N ALA JA 161 48.76 21.13 -0.64
CA ALA JA 161 49.33 21.53 0.64
C ALA JA 161 50.85 21.54 0.64
N GLY JA 162 51.49 20.95 -0.36
CA GLY JA 162 52.93 20.93 -0.40
C GLY JA 162 53.43 19.96 -1.44
N LYS JA 163 54.74 19.70 -1.39
CA LYS JA 163 55.37 18.75 -2.29
C LYS JA 163 56.24 17.78 -1.51
N VAL JA 164 56.20 16.52 -1.92
CA VAL JA 164 57.05 15.52 -1.28
C VAL JA 164 58.50 15.76 -1.70
N VAL JA 165 59.39 15.77 -0.73
CA VAL JA 165 60.81 15.97 -1.00
C VAL JA 165 61.65 14.75 -0.67
N ASP JA 166 61.13 13.79 0.10
CA ASP JA 166 61.92 12.63 0.45
C ASP JA 166 61.01 11.53 0.95
N ILE JA 167 61.55 10.32 0.99
CA ILE JA 167 60.88 9.14 1.54
C ILE JA 167 61.73 8.64 2.70
N TRP JA 168 61.10 8.52 3.86
CA TRP JA 168 61.76 7.94 5.02
C TRP JA 168 61.53 6.43 5.01
N VAL JA 169 62.60 5.67 5.21
CA VAL JA 169 62.57 4.23 5.01
C VAL JA 169 62.98 3.52 6.30
N ASP JA 170 62.28 2.44 6.58
CA ASP JA 170 62.71 1.45 7.56
C ASP JA 170 63.80 0.61 6.92
N ILE JA 171 65.00 0.63 7.50
CA ILE JA 171 66.16 0.05 6.83
C ILE JA 171 66.08 -1.47 6.79
N PRO JA 172 65.96 -2.18 7.91
CA PRO JA 172 65.94 -3.65 7.81
C PRO JA 172 64.72 -4.19 7.08
N GLU JA 173 63.53 -3.71 7.41
CA GLU JA 173 62.34 -4.19 6.70
C GLU JA 173 62.32 -3.74 5.24
N GLN JA 174 63.14 -2.75 4.89
CA GLN JA 174 63.25 -2.26 3.52
C GLN JA 174 61.89 -1.85 2.96
N MET JA 175 61.13 -1.11 3.76
CA MET JA 175 59.83 -0.62 3.32
C MET JA 175 59.71 0.86 3.64
N ALA JA 176 58.92 1.55 2.83
CA ALA JA 176 58.65 2.96 3.06
C ALA JA 176 57.83 3.14 4.33
N ARG JA 177 58.19 4.16 5.11
CA ARG JA 177 57.49 4.49 6.35
C ARG JA 177 56.81 5.85 6.29
N PHE JA 178 57.54 6.89 5.90
CA PHE JA 178 57.01 8.24 5.92
C PHE JA 178 57.38 8.96 4.62
N LEU JA 179 56.48 9.83 4.19
CA LEU JA 179 56.78 10.85 3.19
C LEU JA 179 57.12 12.14 3.91
N GLU JA 180 58.22 12.77 3.52
CA GLU JA 180 58.56 14.10 3.99
C GLU JA 180 57.96 15.11 3.02
N VAL JA 181 57.09 15.99 3.53
CA VAL JA 181 56.37 16.95 2.73
C VAL JA 181 56.85 18.35 3.11
N GLU JA 182 57.31 19.12 2.12
CA GLU JA 182 57.62 20.52 2.32
C GLU JA 182 56.39 21.35 1.98
N LEU JA 183 55.96 22.16 2.94
CA LEU JA 183 54.73 22.93 2.83
C LEU JA 183 55.02 24.23 2.07
N LYS JA 184 54.00 25.10 1.99
CA LYS JA 184 54.18 26.41 1.37
C LYS JA 184 55.03 27.35 2.20
N ASP JA 185 55.32 26.99 3.46
CA ASP JA 185 56.09 27.85 4.35
C ASP JA 185 57.57 27.49 4.38
N GLY JA 186 58.01 26.54 3.56
CA GLY JA 186 59.40 26.12 3.54
C GLY JA 186 59.78 25.14 4.63
N SER JA 187 58.86 24.81 5.53
CA SER JA 187 59.13 23.85 6.58
C SER JA 187 58.68 22.46 6.18
N THR JA 188 59.18 21.46 6.90
CA THR JA 188 59.00 20.06 6.57
C THR JA 188 58.07 19.39 7.57
N ARG JA 189 57.33 18.39 7.10
CA ARG JA 189 56.48 17.56 7.93
C ARG JA 189 56.68 16.11 7.51
N LEU JA 190 56.30 15.20 8.40
CA LEU JA 190 56.30 13.77 8.10
C LEU JA 190 54.86 13.27 8.04
N LEU JA 191 54.60 12.40 7.08
CA LEU JA 191 53.28 11.81 6.92
C LEU JA 191 53.44 10.30 6.82
N PRO JA 192 52.72 9.52 7.63
CA PRO JA 192 52.82 8.07 7.52
C PRO JA 192 52.34 7.57 6.17
N MET JA 193 53.07 6.58 5.63
CA MET JA 193 52.70 6.02 4.34
C MET JA 193 51.32 5.42 4.36
N GLN JA 194 50.88 4.90 5.51
CA GLN JA 194 49.58 4.26 5.60
C GLN JA 194 48.43 5.24 5.45
N MET JA 195 48.71 6.54 5.57
CA MET JA 195 47.67 7.56 5.49
C MET JA 195 47.79 8.44 4.26
N VAL JA 196 48.66 8.08 3.31
CA VAL JA 196 48.74 8.76 2.04
C VAL JA 196 48.24 7.81 0.96
N LYS JA 197 47.73 8.38 -0.12
CA LYS JA 197 47.16 7.63 -1.23
C LYS JA 197 47.90 8.07 -2.49
N VAL JA 198 49.02 7.43 -2.78
CA VAL JA 198 49.83 7.79 -3.93
C VAL JA 198 49.03 7.52 -5.20
N GLN JA 199 48.98 8.51 -6.09
CA GLN JA 199 48.21 8.36 -7.31
C GLN JA 199 49.03 8.74 -8.54
N SER JA 200 48.38 8.83 -9.69
CA SER JA 200 49.10 9.09 -10.93
C SER JA 200 49.76 10.46 -10.93
N ASN JA 201 49.08 11.47 -10.38
CA ASN JA 201 49.55 12.83 -10.47
C ASN JA 201 49.72 13.53 -9.13
N ARG JA 202 49.20 12.95 -8.04
CA ARG JA 202 49.27 13.63 -6.75
C ARG JA 202 49.23 12.59 -5.65
N VAL JA 203 49.72 12.99 -4.48
CA VAL JA 203 49.61 12.19 -3.26
C VAL JA 203 48.45 12.76 -2.46
N HIS JA 204 47.41 11.96 -2.28
CA HIS JA 204 46.20 12.41 -1.60
C HIS JA 204 46.25 12.03 -0.13
N VAL JA 205 45.87 12.96 0.73
CA VAL JA 205 45.84 12.73 2.17
C VAL JA 205 44.40 13.02 2.62
N ASN JA 206 43.60 11.96 2.68
CA ASN JA 206 42.19 12.11 3.05
C ASN JA 206 42.02 12.53 4.50
N ALA JA 207 43.05 12.33 5.33
CA ALA JA 207 42.91 12.60 6.76
C ALA JA 207 42.87 14.09 7.04
N LEU JA 208 43.75 14.86 6.41
CA LEU JA 208 43.94 16.26 6.74
C LEU JA 208 43.42 17.16 5.63
N SER JA 209 42.92 18.33 6.03
CA SER JA 209 42.63 19.38 5.09
C SER JA 209 43.91 20.17 4.81
N SER JA 210 43.84 21.08 3.83
CA SER JA 210 45.02 21.86 3.46
C SER JA 210 45.49 22.71 4.64
N ASP JA 211 44.57 23.28 5.40
CA ASP JA 211 44.93 24.12 6.53
C ASP JA 211 45.09 23.30 7.80
N LEU JA 212 45.78 22.18 7.69
CA LEU JA 212 46.14 21.37 8.85
C LEU JA 212 47.54 20.79 8.77
N PHE JA 213 48.18 20.81 7.61
CA PHE JA 213 49.54 20.31 7.50
C PHE JA 213 50.52 21.14 8.31
N ALA JA 214 50.15 22.39 8.62
CA ALA JA 214 50.98 23.20 9.50
C ALA JA 214 50.92 22.71 10.93
N GLY JA 215 49.80 22.11 11.34
CA GLY JA 215 49.66 21.65 12.70
C GLY JA 215 50.35 20.34 13.00
N ILE JA 216 50.85 19.66 11.97
CA ILE JA 216 51.53 18.38 12.19
C ILE JA 216 52.77 18.61 13.03
N PRO JA 217 52.99 17.82 14.09
CA PRO JA 217 54.21 18.00 14.89
C PRO JA 217 55.45 17.79 14.05
N THR JA 218 56.53 18.46 14.45
CA THR JA 218 57.78 18.38 13.73
C THR JA 218 58.79 17.51 14.49
N ILE JA 219 59.90 17.23 13.83
CA ILE JA 219 60.99 16.46 14.40
C ILE JA 219 62.14 17.41 14.71
N LYS JA 220 62.66 17.31 15.94
CA LYS JA 220 63.76 18.19 16.33
C LYS JA 220 64.98 17.98 15.44
N SER JA 221 65.35 16.72 15.19
CA SER JA 221 66.43 16.44 14.25
C SER JA 221 65.85 16.15 12.88
N PRO JA 222 66.35 16.77 11.81
CA PRO JA 222 65.72 16.61 10.51
C PRO JA 222 66.07 15.30 9.82
N THR JA 223 66.99 14.52 10.37
CA THR JA 223 67.40 13.25 9.77
C THR JA 223 67.09 12.06 10.66
N GLU JA 224 66.24 12.22 11.66
CA GLU JA 224 65.82 11.09 12.48
C GLU JA 224 64.52 11.45 13.17
N VAL JA 225 63.82 10.42 13.63
CA VAL JA 225 62.55 10.58 14.34
C VAL JA 225 62.51 9.60 15.49
N THR JA 226 62.09 10.08 16.66
CA THR JA 226 61.98 9.23 17.83
C THR JA 226 60.59 8.62 17.93
N LEU JA 227 60.45 7.64 18.83
CA LEU JA 227 59.17 6.98 19.00
C LEU JA 227 58.09 7.96 19.42
N LEU JA 228 58.43 8.88 20.32
CA LEU JA 228 57.47 9.88 20.76
C LEU JA 228 57.04 10.77 19.61
N GLU JA 229 57.98 11.21 18.79
CA GLU JA 229 57.65 12.13 17.70
C GLU JA 229 56.74 11.46 16.69
N GLU JA 230 57.06 10.24 16.28
CA GLU JA 230 56.21 9.55 15.31
C GLU JA 230 54.87 9.19 15.91
N ASP JA 231 54.82 8.89 17.21
CA ASP JA 231 53.54 8.69 17.87
C ASP JA 231 52.68 9.94 17.78
N LYS JA 232 53.28 11.10 18.04
CA LYS JA 232 52.54 12.36 17.96
C LYS JA 232 52.06 12.63 16.53
N ILE JA 233 52.95 12.42 15.55
CA ILE JA 233 52.58 12.70 14.16
C ILE JA 233 51.46 11.80 13.71
N CYS JA 234 51.58 10.49 13.98
CA CYS JA 234 50.56 9.54 13.55
C CYS JA 234 49.25 9.82 14.26
N GLY JA 235 49.29 10.12 15.55
CA GLY JA 235 48.07 10.46 16.26
C GLY JA 235 47.39 11.69 15.68
N TYR JA 236 48.17 12.73 15.37
CA TYR JA 236 47.61 13.93 14.77
C TYR JA 236 46.93 13.61 13.44
N VAL JA 237 47.64 12.91 12.56
CA VAL JA 237 47.10 12.63 11.23
C VAL JA 237 45.83 11.80 11.34
N ALA JA 238 45.84 10.77 12.20
CA ALA JA 238 44.67 9.92 12.34
C ALA JA 238 43.49 10.67 12.95
N GLY JA 239 43.75 11.51 13.96
CA GLY JA 239 42.68 12.33 14.51
C GLY JA 239 42.10 13.29 13.51
N GLY JA 240 42.86 13.64 12.48
CA GLY JA 240 42.30 14.44 11.39
C GLY JA 240 41.08 13.80 10.75
N LEU JA 241 40.94 12.48 10.83
CA LEU JA 241 39.78 11.82 10.25
C LEU JA 241 38.49 12.27 10.92
N MET JA 242 38.49 12.39 12.25
CA MET JA 242 37.30 12.82 12.96
C MET JA 242 37.21 14.34 13.06
N TYR JA 243 38.34 15.01 13.25
CA TYR JA 243 38.33 16.43 13.59
C TYR JA 243 38.50 17.35 12.39
N ALA JA 244 38.78 16.82 11.20
CA ALA JA 244 38.76 17.61 9.98
C ALA JA 244 37.51 17.34 9.15
N ALA JA 245 36.57 16.56 9.69
CA ALA JA 245 35.28 16.32 9.04
C ALA JA 245 34.50 17.60 8.75
N PRO JA 246 34.47 18.58 9.66
CA PRO JA 246 33.75 19.83 9.35
C PRO JA 246 34.22 20.48 8.05
N LYS JA 247 35.51 20.46 7.78
CA LYS JA 247 36.03 20.97 6.51
C LYS JA 247 35.58 20.06 5.38
N ARG JA 248 35.75 18.75 5.56
CA ARG JA 248 35.33 17.77 4.57
C ARG JA 248 35.33 16.37 5.19
N SER KA 2 1.05 14.31 32.84
CA SER KA 2 1.50 15.68 32.99
C SER KA 2 3.02 15.73 32.95
N LYS KA 3 3.63 15.12 33.96
CA LYS KA 3 5.06 15.23 34.22
C LYS KA 3 5.92 14.50 33.20
N PHE KA 4 5.32 13.68 32.34
CA PHE KA 4 6.10 12.93 31.37
C PHE KA 4 6.87 13.84 30.43
N TYR KA 5 6.50 15.12 30.35
CA TYR KA 5 7.26 16.04 29.51
C TYR KA 5 8.72 16.13 29.93
N LYS KA 6 8.99 15.93 31.22
CA LYS KA 6 10.38 15.94 31.68
C LYS KA 6 11.24 14.91 30.98
N ILE KA 7 10.65 13.99 30.21
CA ILE KA 7 11.44 13.03 29.46
C ILE KA 7 12.30 13.71 28.42
N TRP KA 8 11.93 14.89 27.97
CA TRP KA 8 12.77 15.60 27.00
C TRP KA 8 13.82 16.45 27.69
N MET KA 9 13.83 16.46 29.02
CA MET KA 9 14.98 16.96 29.75
C MET KA 9 16.11 15.94 29.84
N ILE KA 10 15.86 14.72 29.38
CA ILE KA 10 16.77 13.61 29.55
C ILE KA 10 17.38 13.17 28.22
N PHE KA 11 16.56 13.05 27.18
CA PHE KA 11 16.99 12.52 25.89
C PHE KA 11 16.78 13.56 24.79
N ASP KA 12 17.75 13.67 23.90
CA ASP KA 12 17.68 14.61 22.79
C ASP KA 12 16.64 14.14 21.79
N PRO KA 13 15.58 14.91 21.54
CA PRO KA 13 14.52 14.45 20.62
C PRO KA 13 14.99 14.24 19.20
N ARG KA 14 15.97 15.01 18.73
CA ARG KA 14 16.43 14.91 17.35
C ARG KA 14 16.89 13.51 17.00
N ARG KA 15 17.30 12.74 18.00
CA ARG KA 15 17.66 11.34 17.83
C ARG KA 15 16.58 10.38 18.30
N VAL KA 16 15.82 10.77 19.33
CA VAL KA 16 14.79 9.89 19.87
C VAL KA 16 13.70 9.64 18.83
N PHE KA 17 13.36 10.66 18.03
CA PHE KA 17 12.32 10.46 17.03
C PHE KA 17 12.76 9.46 15.98
N VAL KA 18 14.01 9.54 15.54
CA VAL KA 18 14.55 8.58 14.57
C VAL KA 18 14.52 7.17 15.15
N ALA KA 19 15.00 7.03 16.40
CA ALA KA 19 15.01 5.72 17.03
C ALA KA 19 13.62 5.14 17.17
N GLN KA 20 12.66 5.98 17.59
CA GLN KA 20 11.29 5.50 17.77
C GLN KA 20 10.63 5.16 16.44
N GLY KA 21 10.91 5.93 15.39
CA GLY KA 21 10.38 5.57 14.08
C GLY KA 21 10.89 4.23 13.61
N VAL KA 22 12.19 3.99 13.79
CA VAL KA 22 12.76 2.68 13.47
C VAL KA 22 12.01 1.61 14.25
N PHE KA 23 11.84 1.82 15.55
CA PHE KA 23 11.22 0.80 16.39
C PHE KA 23 9.80 0.48 15.91
N LEU KA 24 8.99 1.52 15.70
CA LEU KA 24 7.59 1.27 15.38
C LEU KA 24 7.46 0.64 13.99
N PHE KA 25 8.29 1.06 13.03
CA PHE KA 25 8.23 0.41 11.73
C PHE KA 25 8.60 -1.06 11.83
N LEU KA 26 9.64 -1.39 12.61
CA LEU KA 26 10.05 -2.78 12.71
C LEU KA 26 8.99 -3.60 13.45
N LEU KA 27 8.32 -3.00 14.43
CA LEU KA 27 7.20 -3.68 15.08
C LEU KA 27 6.08 -3.96 14.08
N ALA KA 28 5.81 -2.99 13.21
CA ALA KA 28 4.80 -3.19 12.18
C ALA KA 28 5.16 -4.35 11.27
N VAL KA 29 6.42 -4.39 10.81
CA VAL KA 29 6.86 -5.45 9.91
C VAL KA 29 6.79 -6.80 10.60
N MET KA 30 7.20 -6.86 11.87
CA MET KA 30 7.11 -8.11 12.62
C MET KA 30 5.67 -8.61 12.69
N ILE KA 31 4.73 -7.72 13.00
CA ILE KA 31 3.33 -8.14 13.10
C ILE KA 31 2.80 -8.58 11.75
N HIS KA 32 3.12 -7.83 10.69
CA HIS KA 32 2.71 -8.22 9.35
C HIS KA 32 3.19 -9.63 9.02
N LEU KA 33 4.47 -9.90 9.25
CA LEU KA 33 5.02 -11.21 8.93
C LEU KA 33 4.43 -12.30 9.81
N ILE KA 34 4.15 -11.98 11.08
CA ILE KA 34 3.56 -12.97 11.96
C ILE KA 34 2.19 -13.38 11.46
N LEU KA 35 1.38 -12.42 11.00
CA LEU KA 35 0.09 -12.76 10.43
C LEU KA 35 0.25 -13.52 9.11
N LEU KA 36 1.29 -13.19 8.34
CA LEU KA 36 1.58 -13.96 7.13
C LEU KA 36 1.89 -15.42 7.48
N SER KA 37 2.64 -15.64 8.54
CA SER KA 37 3.11 -16.98 8.88
C SER KA 37 1.94 -17.91 9.22
N THR KA 38 0.95 -17.41 9.95
CA THR KA 38 -0.21 -18.23 10.23
C THR KA 38 -1.05 -18.38 8.96
N PRO KA 39 -1.59 -19.57 8.70
CA PRO KA 39 -2.30 -19.79 7.43
C PRO KA 39 -3.66 -19.13 7.36
N SER KA 40 -4.22 -18.68 8.48
CA SER KA 40 -5.58 -18.13 8.48
C SER KA 40 -5.60 -16.63 8.26
N TYR KA 41 -4.45 -15.99 8.06
CA TYR KA 41 -4.41 -14.55 7.80
C TYR KA 41 -3.46 -14.18 6.67
N ASN KA 42 -2.75 -15.15 6.07
CA ASN KA 42 -1.79 -14.81 5.04
C ASN KA 42 -2.50 -14.23 3.83
N TRP KA 43 -2.38 -12.91 3.65
CA TRP KA 43 -3.09 -12.20 2.60
C TRP KA 43 -2.34 -12.20 1.28
N LEU KA 44 -1.15 -12.81 1.24
CA LEU KA 44 -0.32 -12.76 0.04
C LEU KA 44 -0.29 -14.05 -0.76
N GLU KA 45 -1.25 -14.95 -0.54
CA GLU KA 45 -1.34 -16.19 -1.29
C GLU KA 45 -1.27 -15.95 -2.80
N LEU LA 6 19.49 18.31 35.81
CA LEU LA 6 19.04 17.64 34.60
C LEU LA 6 19.52 18.40 33.37
N GLY LA 7 18.59 18.68 32.46
CA GLY LA 7 18.91 19.46 31.28
C GLY LA 7 20.03 18.88 30.45
N TYR LA 8 20.05 17.55 30.30
CA TYR LA 8 21.10 16.89 29.54
C TYR LA 8 21.10 17.29 28.08
N THR LA 9 20.00 17.84 27.58
CA THR LA 9 19.86 18.14 26.17
C THR LA 9 19.79 19.63 25.86
N GLY LA 10 19.90 20.49 26.87
CA GLY LA 10 19.87 21.92 26.64
C GLY LA 10 18.50 22.48 26.31
N LEU LA 11 17.43 21.77 26.68
CA LEU LA 11 16.08 22.23 26.44
C LEU LA 11 15.51 22.79 27.74
N THR LA 12 15.05 24.04 27.68
CA THR LA 12 14.40 24.63 28.85
C THR LA 12 13.04 23.98 29.07
N ASP LA 13 12.52 24.16 30.28
CA ASP LA 13 11.29 23.46 30.67
C ASP LA 13 10.14 23.80 29.74
N GLU LA 14 10.11 25.03 29.23
CA GLU LA 14 9.09 25.41 28.25
C GLU LA 14 9.21 24.56 26.99
N GLN LA 15 10.44 24.36 26.51
CA GLN LA 15 10.65 23.56 25.31
C GLN LA 15 10.20 22.11 25.53
N ALA LA 16 10.49 21.56 26.70
CA ALA LA 16 10.04 20.21 27.02
C ALA LA 16 8.51 20.13 27.06
N GLN LA 17 7.87 21.12 27.67
CA GLN LA 17 6.41 21.16 27.71
C GLN LA 17 5.82 21.18 26.31
N GLU LA 18 6.31 22.10 25.48
CA GLU LA 18 5.78 22.26 24.13
C GLU LA 18 6.00 21.00 23.30
N LEU LA 19 7.23 20.48 23.33
CA LEU LA 19 7.57 19.31 22.53
C LEU LA 19 6.76 18.10 22.97
N HIS LA 20 6.60 17.91 24.28
CA HIS LA 20 5.82 16.78 24.76
C HIS LA 20 4.37 16.91 24.36
N SER LA 21 3.81 18.12 24.40
CA SER LA 21 2.43 18.31 23.94
C SER LA 21 2.28 17.94 22.48
N VAL LA 22 3.21 18.39 21.64
CA VAL LA 22 3.16 18.07 20.21
C VAL LA 22 3.26 16.56 20.00
N TYR LA 23 4.22 15.93 20.67
CA TYR LA 23 4.46 14.51 20.48
C TYR LA 23 3.28 13.69 20.98
N MET LA 24 2.68 14.08 22.10
CA MET LA 24 1.52 13.35 22.59
C MET LA 24 0.34 13.51 21.65
N SER LA 25 0.15 14.70 21.08
CA SER LA 25 -0.92 14.87 20.11
C SER LA 25 -0.73 13.94 18.92
N GLY LA 26 0.50 13.88 18.40
CA GLY LA 26 0.78 12.98 17.30
C GLY LA 26 0.59 11.52 17.67
N LEU LA 27 0.96 11.17 18.91
CA LEU LA 27 0.75 9.80 19.39
C LEU LA 27 -0.73 9.45 19.41
N TRP LA 28 -1.56 10.37 19.89
CA TRP LA 28 -3.00 10.10 19.96
C TRP LA 28 -3.61 10.04 18.56
N LEU LA 29 -3.12 10.88 17.64
CA LEU LA 29 -3.56 10.77 16.24
C LEU LA 29 -3.23 9.40 15.66
N PHE LA 30 -1.98 8.96 15.87
CA PHE LA 30 -1.56 7.66 15.39
C PHE LA 30 -2.39 6.54 16.01
N SER LA 31 -2.67 6.64 17.31
CA SER LA 31 -3.45 5.63 18.00
C SER LA 31 -4.88 5.58 17.46
N ALA LA 32 -5.45 6.74 17.14
CA ALA LA 32 -6.79 6.77 16.57
C ALA LA 32 -6.82 6.08 15.21
N VAL LA 33 -5.85 6.37 14.36
CA VAL LA 33 -5.81 5.71 13.05
C VAL LA 33 -5.60 4.21 13.22
N ALA LA 34 -4.80 3.80 14.22
CA ALA LA 34 -4.58 2.39 14.48
C ALA LA 34 -5.85 1.70 14.96
N ILE LA 35 -6.63 2.36 15.82
CA ILE LA 35 -7.91 1.79 16.25
C ILE LA 35 -8.85 1.68 15.07
N VAL LA 36 -8.80 2.65 14.15
CA VAL LA 36 -9.62 2.56 12.94
C VAL LA 36 -9.25 1.33 12.13
N ALA LA 37 -7.95 1.11 11.94
CA ALA LA 37 -7.49 -0.07 11.21
C ALA LA 37 -7.90 -1.36 11.93
N HIS LA 38 -7.77 -1.38 13.26
CA HIS LA 38 -8.14 -2.56 14.03
C HIS LA 38 -9.64 -2.85 13.91
N LEU LA 39 -10.46 -1.82 13.96
CA LEU LA 39 -11.90 -2.02 13.78
C LEU LA 39 -12.21 -2.57 12.39
N ALA LA 40 -11.58 -1.99 11.37
CA ALA LA 40 -11.81 -2.48 10.01
C ALA LA 40 -11.43 -3.96 9.89
N VAL LA 41 -10.30 -4.35 10.48
CA VAL LA 41 -9.87 -5.74 10.40
C VAL LA 41 -10.79 -6.66 11.21
N TYR LA 42 -11.14 -6.24 12.43
CA TYR LA 42 -11.94 -7.11 13.29
C TYR LA 42 -13.34 -7.30 12.73
N ILE LA 43 -13.92 -6.26 12.14
CA ILE LA 43 -15.15 -6.44 11.38
C ILE LA 43 -14.90 -7.36 10.19
N TRP LA 44 -13.79 -7.15 9.48
CA TRP LA 44 -13.46 -7.99 8.34
C TRP LA 44 -13.09 -9.41 8.76
N ARG LA 45 -12.26 -9.55 9.80
CA ARG LA 45 -11.84 -10.86 10.25
C ARG LA 45 -11.47 -10.82 11.72
N PRO LA 46 -12.37 -11.18 12.61
CA PRO LA 46 -12.07 -11.11 14.05
C PRO LA 46 -10.99 -12.10 14.45
N TRP LA 47 -10.24 -11.74 15.48
CA TRP LA 47 -9.23 -12.61 16.07
C TRP LA 47 -9.65 -13.09 17.46
N PHE LA 48 -10.94 -12.98 17.77
CA PHE LA 48 -11.48 -13.54 19.01
C PHE LA 48 -12.76 -14.30 18.71
N SER MA 2 9.34 4.31 50.57
CA SER MA 2 9.55 5.73 50.75
C SER MA 2 10.89 6.18 50.19
N LYS MA 3 11.95 5.45 50.53
CA LYS MA 3 13.30 5.85 50.17
C LYS MA 3 13.78 5.21 48.86
N PHE MA 4 12.93 4.45 48.17
CA PHE MA 4 13.34 3.87 46.89
C PHE MA 4 13.71 4.94 45.88
N TYR MA 5 13.25 6.18 46.09
CA TYR MA 5 13.63 7.26 45.18
C TYR MA 5 15.15 7.42 45.11
N LYS MA 6 15.85 7.04 46.18
CA LYS MA 6 17.29 7.15 46.22
C LYS MA 6 17.97 6.27 45.18
N ILE MA 7 17.26 5.34 44.54
CA ILE MA 7 17.83 4.58 43.45
C ILE MA 7 18.28 5.50 42.33
N TRP MA 8 17.66 6.67 42.21
CA TRP MA 8 18.04 7.61 41.17
C TRP MA 8 19.21 8.47 41.57
N MET MA 9 19.72 8.31 42.79
CA MET MA 9 21.02 8.82 43.17
C MET MA 9 22.12 7.78 43.00
N ILE MA 10 21.76 6.58 42.56
CA ILE MA 10 22.71 5.52 42.26
C ILE MA 10 22.92 5.37 40.76
N PHE MA 11 21.85 5.43 39.98
CA PHE MA 11 21.90 5.17 38.55
C PHE MA 11 21.45 6.40 37.76
N ASP MA 12 22.22 6.73 36.73
CA ASP MA 12 21.83 7.82 35.85
C ASP MA 12 20.65 7.39 35.00
N PRO MA 13 19.60 8.21 34.90
CA PRO MA 13 18.42 7.80 34.13
C PRO MA 13 18.69 7.54 32.66
N ARG MA 14 19.72 8.16 32.09
CA ARG MA 14 19.96 8.01 30.65
C ARG MA 14 20.32 6.58 30.27
N ARG MA 15 20.82 5.80 31.22
CA ARG MA 15 21.13 4.40 30.93
C ARG MA 15 20.03 3.47 31.44
N VAL MA 16 19.44 3.79 32.59
CA VAL MA 16 18.39 2.96 33.15
C VAL MA 16 17.17 2.95 32.26
N PHE MA 17 16.87 4.08 31.60
CA PHE MA 17 15.70 4.11 30.72
C PHE MA 17 15.91 3.21 29.52
N VAL MA 18 17.10 3.23 28.92
CA VAL MA 18 17.39 2.34 27.79
C VAL MA 18 17.30 0.90 28.24
N ALA MA 19 17.90 0.57 29.39
CA ALA MA 19 17.82 -0.78 29.90
C ALA MA 19 16.37 -1.20 30.14
N GLN MA 20 15.57 -0.33 30.73
CA GLN MA 20 14.19 -0.66 31.06
C GLN MA 20 13.36 -0.87 29.80
N GLY MA 21 13.53 0.00 28.81
CA GLY MA 21 12.80 -0.19 27.56
C GLY MA 21 13.16 -1.51 26.89
N VAL MA 22 14.46 -1.80 26.80
CA VAL MA 22 14.89 -3.06 26.20
C VAL MA 22 14.30 -4.23 26.95
N PHE MA 23 14.39 -4.20 28.28
CA PHE MA 23 13.93 -5.32 29.08
C PHE MA 23 12.43 -5.53 28.93
N LEU MA 24 11.64 -4.47 29.02
CA LEU MA 24 10.20 -4.62 28.97
C LEU MA 24 9.74 -5.08 27.60
N PHE MA 25 10.31 -4.52 26.53
CA PHE MA 25 9.93 -4.99 25.20
C PHE MA 25 10.33 -6.46 25.01
N LEU MA 26 11.52 -6.84 25.49
CA LEU MA 26 11.96 -8.22 25.36
C LEU MA 26 11.06 -9.17 26.13
N LEU MA 27 10.70 -8.81 27.36
CA LEU MA 27 9.81 -9.66 28.16
C LEU MA 27 8.45 -9.78 27.48
N ALA MA 28 7.95 -8.67 26.92
CA ALA MA 28 6.68 -8.71 26.23
C ALA MA 28 6.71 -9.67 25.05
N VAL MA 29 7.75 -9.56 24.22
CA VAL MA 29 7.86 -10.43 23.05
C VAL MA 29 7.99 -11.88 23.48
N MET MA 30 8.80 -12.14 24.51
CA MET MA 30 8.95 -13.52 24.97
C MET MA 30 7.63 -14.10 25.43
N ILE MA 31 6.86 -13.35 26.22
CA ILE MA 31 5.59 -13.89 26.72
C ILE MA 31 4.59 -14.09 25.60
N HIS MA 32 4.49 -13.12 24.69
CA HIS MA 32 3.55 -13.26 23.58
C HIS MA 32 3.92 -14.47 22.72
N LEU MA 33 5.21 -14.68 22.45
CA LEU MA 33 5.62 -15.80 21.62
C LEU MA 33 5.44 -17.13 22.35
N ILE MA 34 5.63 -17.14 23.67
CA ILE MA 34 5.37 -18.35 24.44
C ILE MA 34 3.91 -18.73 24.34
N LEU MA 35 3.01 -17.76 24.47
CA LEU MA 35 1.59 -18.06 24.31
C LEU MA 35 1.28 -18.52 22.89
N LEU MA 36 1.86 -17.86 21.89
CA LEU MA 36 1.58 -18.22 20.50
C LEU MA 36 2.15 -19.59 20.15
N SER MA 37 3.17 -20.05 20.87
CA SER MA 37 3.77 -21.34 20.55
C SER MA 37 2.88 -22.48 21.01
N THR MA 38 2.34 -22.40 22.21
CA THR MA 38 1.37 -23.39 22.65
C THR MA 38 0.07 -23.21 21.88
N PRO MA 39 -0.51 -24.29 21.34
CA PRO MA 39 -1.79 -24.15 20.65
C PRO MA 39 -2.93 -23.74 21.57
N SER MA 40 -2.80 -23.93 22.89
CA SER MA 40 -3.87 -23.61 23.81
C SER MA 40 -4.21 -22.13 23.80
N TYR MA 41 -3.20 -21.26 23.72
CA TYR MA 41 -3.43 -19.82 23.77
C TYR MA 41 -3.02 -19.11 22.47
N ASN MA 42 -2.80 -19.86 21.40
CA ASN MA 42 -2.52 -19.23 20.12
C ASN MA 42 -3.80 -18.57 19.65
N TRP MA 43 -3.90 -17.25 19.83
CA TRP MA 43 -5.14 -16.57 19.52
C TRP MA 43 -5.49 -16.68 18.04
N LEU MA 44 -4.49 -16.62 17.15
CA LEU MA 44 -4.76 -16.76 15.72
C LEU MA 44 -5.33 -18.13 15.41
N GLU MA 45 -4.78 -19.18 16.02
CA GLU MA 45 -5.28 -20.53 15.74
C GLU MA 45 -6.59 -20.81 16.43
N ILE MA 46 -6.82 -20.25 17.61
CA ILE MA 46 -8.14 -20.34 18.23
C ILE MA 46 -9.19 -19.70 17.33
N SER MA 47 -8.85 -18.55 16.74
CA SER MA 47 -9.78 -17.89 15.85
C SER MA 47 -9.97 -18.68 14.56
N ALA MA 48 -8.91 -19.27 14.04
CA ALA MA 48 -9.04 -20.11 12.85
C ALA MA 48 -9.96 -21.29 13.10
N ALA MA 49 -9.86 -21.91 14.28
CA ALA MA 49 -10.70 -23.05 14.60
C ALA MA 49 -12.14 -22.62 14.84
N LYS MA 50 -12.35 -21.51 15.56
CA LYS MA 50 -13.70 -21.07 15.88
C LYS MA 50 -14.47 -20.68 14.61
N TYR MA 51 -13.81 -19.96 13.70
CA TYR MA 51 -14.44 -19.45 12.51
C TYR MA 51 -14.25 -20.36 11.31
N ASN MA 52 -13.81 -21.60 11.53
CA ASN MA 52 -13.72 -22.61 10.47
C ASN MA 52 -12.92 -22.10 9.28
N ARG MA 53 -11.83 -21.40 9.58
CA ARG MA 53 -11.02 -20.77 8.54
C ARG MA 53 -9.96 -21.70 7.98
N VAL MA 54 -9.78 -22.89 8.56
CA VAL MA 54 -8.81 -23.85 8.06
C VAL MA 54 -9.40 -24.62 6.88
N LEU NA 6 26.10 6.68 47.43
CA LEU NA 6 25.58 8.04 47.50
C LEU NA 6 26.27 8.95 46.50
N GLY NA 7 25.50 9.86 45.90
CA GLY NA 7 26.05 10.92 45.09
C GLY NA 7 26.84 10.45 43.88
N TYR NA 8 26.28 9.51 43.13
CA TYR NA 8 26.94 9.02 41.92
C TYR NA 8 26.50 9.80 40.69
N THR NA 9 25.20 9.82 40.42
CA THR NA 9 24.67 10.42 39.21
C THR NA 9 24.75 11.94 39.20
N GLY NA 10 24.97 12.56 40.36
CA GLY NA 10 25.00 14.01 40.44
C GLY NA 10 23.68 14.66 40.73
N LEU NA 11 22.58 13.90 40.74
CA LEU NA 11 21.29 14.47 41.10
C LEU NA 11 21.19 14.70 42.59
N THR NA 12 20.56 15.80 42.98
CA THR NA 12 20.33 16.11 44.37
C THR NA 12 19.05 15.40 44.86
N ASP NA 13 18.86 15.44 46.17
CA ASP NA 13 17.80 14.65 46.78
C ASP NA 13 16.41 15.07 46.29
N GLU NA 14 16.18 16.37 46.14
CA GLU NA 14 14.90 16.84 45.64
C GLU NA 14 14.70 16.43 44.18
N GLN NA 15 15.75 16.53 43.38
CA GLN NA 15 15.67 16.08 41.99
C GLN NA 15 15.35 14.59 41.91
N ALA NA 16 16.00 13.79 42.76
CA ALA NA 16 15.72 12.37 42.79
C ALA NA 16 14.28 12.09 43.23
N GLN NA 17 13.79 12.83 44.23
CA GLN NA 17 12.41 12.69 44.67
C GLN NA 17 11.45 12.95 43.53
N GLU NA 18 11.64 14.06 42.82
CA GLU NA 18 10.73 14.42 41.74
C GLU NA 18 10.79 13.40 40.62
N LEU NA 19 12.00 12.99 40.23
CA LEU NA 19 12.14 12.02 39.15
C LEU NA 19 11.48 10.71 39.52
N HIS NA 20 11.67 10.25 40.76
CA HIS NA 20 11.07 8.98 41.17
C HIS NA 20 9.56 9.08 41.26
N SER NA 21 9.03 10.25 41.65
CA SER NA 21 7.58 10.42 41.63
C SER NA 21 7.03 10.28 40.22
N VAL NA 22 7.68 10.91 39.25
CA VAL NA 22 7.24 10.76 37.86
C VAL NA 22 7.39 9.32 37.40
N TYR NA 23 8.51 8.69 37.76
CA TYR NA 23 8.78 7.33 37.33
C TYR NA 23 7.76 6.35 37.91
N MET NA 24 7.40 6.54 39.17
CA MET NA 24 6.38 5.70 39.78
C MET NA 24 5.02 5.96 39.15
N SER NA 25 4.75 7.20 38.74
CA SER NA 25 3.51 7.45 38.02
C SER NA 25 3.46 6.67 36.72
N GLY NA 26 4.56 6.67 35.97
CA GLY NA 26 4.61 5.88 34.75
C GLY NA 26 4.50 4.39 35.00
N LEU NA 27 5.17 3.92 36.06
CA LEU NA 27 5.08 2.51 36.42
C LEU NA 27 3.64 2.13 36.76
N TRP NA 28 2.92 3.01 37.44
CA TRP NA 28 1.55 2.71 37.82
C TRP NA 28 0.60 2.80 36.64
N LEU NA 29 0.83 3.74 35.72
CA LEU NA 29 0.05 3.75 34.48
C LEU NA 29 0.24 2.44 33.73
N PHE NA 30 1.49 2.01 33.58
CA PHE NA 30 1.80 0.74 32.92
C PHE NA 30 1.12 -0.42 33.63
N SER NA 31 1.22 -0.45 34.96
CA SER NA 31 0.65 -1.56 35.72
C SER NA 31 -0.88 -1.58 35.64
N ALA NA 32 -1.51 -0.41 35.62
CA ALA NA 32 -2.96 -0.37 35.49
C ALA NA 32 -3.42 -0.87 34.12
N VAL NA 33 -2.74 -0.45 33.06
CA VAL NA 33 -3.09 -0.97 31.74
C VAL NA 33 -2.84 -2.48 31.67
N ALA NA 34 -1.77 -2.95 32.33
CA ALA NA 34 -1.51 -4.38 32.41
C ALA NA 34 -2.61 -5.09 33.17
N ILE NA 35 -3.12 -4.49 34.24
CA ILE NA 35 -4.21 -5.07 35.00
C ILE NA 35 -5.45 -5.19 34.14
N VAL NA 36 -5.75 -4.16 33.34
CA VAL NA 36 -6.94 -4.24 32.50
C VAL NA 36 -6.76 -5.31 31.43
N ALA NA 37 -5.55 -5.44 30.89
CA ALA NA 37 -5.28 -6.48 29.90
C ALA NA 37 -5.44 -7.87 30.50
N HIS NA 38 -4.88 -8.08 31.69
CA HIS NA 38 -4.97 -9.38 32.34
C HIS NA 38 -6.41 -9.70 32.73
N LEU NA 39 -7.18 -8.70 33.16
CA LEU NA 39 -8.59 -8.92 33.45
C LEU NA 39 -9.36 -9.33 32.21
N ALA NA 40 -9.11 -8.66 31.08
CA ALA NA 40 -9.78 -9.03 29.85
C ALA NA 40 -9.43 -10.45 29.45
N VAL NA 41 -8.16 -10.83 29.56
CA VAL NA 41 -7.76 -12.19 29.18
C VAL NA 41 -8.37 -13.20 30.15
N TYR NA 42 -8.40 -12.89 31.44
CA TYR NA 42 -8.93 -13.81 32.43
C TYR NA 42 -10.42 -14.05 32.19
N ILE NA 43 -11.17 -13.01 31.87
CA ILE NA 43 -12.59 -13.21 31.57
C ILE NA 43 -12.78 -13.84 30.20
N TRP NA 44 -11.77 -13.78 29.32
CA TRP NA 44 -11.90 -14.43 28.02
C TRP NA 44 -11.46 -15.88 28.07
N ARG NA 45 -10.22 -16.14 28.47
CA ARG NA 45 -9.73 -17.51 28.64
C ARG NA 45 -8.96 -17.62 29.94
N PRO NA 46 -9.59 -18.09 31.01
CA PRO NA 46 -8.89 -18.25 32.28
C PRO NA 46 -7.80 -19.30 32.20
N TRP NA 47 -6.64 -19.00 32.77
CA TRP NA 47 -5.54 -19.94 32.83
C TRP NA 47 -5.53 -20.74 34.12
N PHE NA 48 -6.51 -20.52 34.99
CA PHE NA 48 -6.58 -21.24 36.25
C PHE NA 48 -7.84 -22.10 36.35
N SER OA 2 24.07 -7.80 62.29
CA SER OA 2 23.86 -6.37 62.24
C SER OA 2 24.85 -5.67 61.32
N LYS OA 3 26.02 -6.28 61.13
CA LYS OA 3 27.10 -5.65 60.40
C LYS OA 3 27.10 -5.98 58.92
N PHE OA 4 26.02 -6.58 58.40
CA PHE OA 4 25.98 -6.91 56.98
C PHE OA 4 26.01 -5.69 56.08
N TYR OA 5 25.68 -4.50 56.60
CA TYR OA 5 25.72 -3.31 55.77
C TYR OA 5 27.11 -3.06 55.21
N LYS OA 6 28.14 -3.55 55.90
CA LYS OA 6 29.50 -3.38 55.44
C LYS OA 6 29.78 -4.11 54.13
N ILE OA 7 28.83 -4.93 53.66
CA ILE OA 7 28.96 -5.51 52.32
C ILE OA 7 29.06 -4.40 51.28
N TRP OA 8 28.46 -3.25 51.54
CA TRP OA 8 28.55 -2.15 50.60
C TRP OA 8 29.83 -1.35 50.75
N MET OA 9 30.59 -1.57 51.81
CA MET OA 9 31.93 -1.02 51.92
C MET OA 9 32.96 -1.91 51.23
N ILE OA 10 32.53 -3.02 50.66
CA ILE OA 10 33.42 -3.88 49.90
C ILE OA 10 32.98 -4.05 48.44
N PHE OA 11 31.71 -3.82 48.11
CA PHE OA 11 31.20 -4.03 46.77
C PHE OA 11 30.45 -2.79 46.29
N ASP OA 12 30.69 -2.41 45.05
CA ASP OA 12 30.10 -1.18 44.53
C ASP OA 12 28.62 -1.36 44.28
N PRO OA 13 27.76 -0.48 44.80
CA PRO OA 13 26.31 -0.69 44.67
C PRO OA 13 25.81 -0.79 43.24
N ARG OA 14 26.38 -0.02 42.31
CA ARG OA 14 25.92 -0.08 40.92
C ARG OA 14 26.19 -1.45 40.31
N ARG OA 15 27.42 -1.94 40.46
CA ARG OA 15 27.77 -3.26 39.96
C ARG OA 15 26.91 -4.34 40.60
N VAL OA 16 26.74 -4.28 41.92
CA VAL OA 16 25.98 -5.31 42.62
C VAL OA 16 24.53 -5.29 42.18
N PHE OA 17 23.95 -4.10 42.03
CA PHE OA 17 22.55 -4.02 41.66
C PHE OA 17 22.33 -4.55 40.25
N VAL OA 18 23.21 -4.20 39.31
CA VAL OA 18 23.06 -4.74 37.96
C VAL OA 18 23.21 -6.26 37.98
N ALA OA 19 24.21 -6.75 38.72
CA ALA OA 19 24.47 -8.18 38.76
C ALA OA 19 23.31 -8.96 39.35
N GLN OA 20 22.80 -8.52 40.51
CA GLN OA 20 21.72 -9.26 41.14
C GLN OA 20 20.39 -9.05 40.42
N GLY OA 21 20.21 -7.93 39.72
CA GLY OA 21 19.03 -7.80 38.89
C GLY OA 21 19.01 -8.80 37.76
N VAL OA 22 20.14 -8.91 37.05
CA VAL OA 22 20.23 -9.91 35.98
C VAL OA 22 20.08 -11.31 36.56
N PHE OA 23 20.71 -11.57 37.70
CA PHE OA 23 20.65 -12.90 38.30
C PHE OA 23 19.21 -13.27 38.66
N LEU OA 24 18.50 -12.37 39.33
CA LEU OA 24 17.13 -12.67 39.73
C LEU OA 24 16.24 -12.84 38.52
N PHE OA 25 16.40 -12.01 37.49
CA PHE OA 25 15.59 -12.18 36.29
C PHE OA 25 15.85 -13.52 35.63
N LEU OA 26 17.12 -13.89 35.48
CA LEU OA 26 17.45 -15.16 34.85
C LEU OA 26 16.96 -16.34 35.68
N LEU OA 27 17.11 -16.27 37.00
CA LEU OA 27 16.62 -17.35 37.86
C LEU OA 27 15.12 -17.51 37.72
N ALA OA 28 14.39 -16.39 37.71
CA ALA OA 28 12.94 -16.47 37.62
C ALA OA 28 12.51 -17.04 36.28
N VAL OA 29 13.12 -16.58 35.18
CA VAL OA 29 12.72 -17.10 33.88
C VAL OA 29 13.09 -18.58 33.76
N MET OA 30 14.22 -18.99 34.34
CA MET OA 30 14.59 -20.40 34.28
C MET OA 30 13.61 -21.26 35.07
N ILE OA 31 13.19 -20.81 36.26
CA ILE OA 31 12.24 -21.59 37.04
C ILE OA 31 10.90 -21.67 36.32
N HIS OA 32 10.43 -20.55 35.78
CA HIS OA 32 9.17 -20.57 35.05
C HIS OA 32 9.26 -21.50 33.84
N LEU OA 33 10.39 -21.49 33.13
CA LEU OA 33 10.57 -22.38 31.99
C LEU OA 33 10.59 -23.84 32.42
N ILE OA 34 11.27 -24.14 33.52
CA ILE OA 34 11.26 -25.49 34.06
C ILE OA 34 9.83 -25.95 34.32
N LEU OA 35 9.02 -25.07 34.93
CA LEU OA 35 7.63 -25.41 35.18
C LEU OA 35 6.86 -25.64 33.89
N LEU OA 36 7.03 -24.76 32.90
CA LEU OA 36 6.37 -24.95 31.62
C LEU OA 36 6.79 -26.25 30.96
N SER OA 37 7.99 -26.73 31.27
CA SER OA 37 8.43 -28.00 30.69
C SER OA 37 7.68 -29.18 31.29
N THR OA 38 7.48 -29.19 32.61
CA THR OA 38 6.84 -30.33 33.26
C THR OA 38 5.35 -30.31 32.97
N PRO OA 39 4.77 -31.42 32.48
CA PRO OA 39 3.33 -31.43 32.20
C PRO OA 39 2.46 -31.22 33.43
N SER OA 40 2.89 -31.69 34.59
CA SER OA 40 2.07 -31.63 35.80
C SER OA 40 1.94 -30.23 36.35
N TYR OA 41 2.75 -29.28 35.88
CA TYR OA 41 2.72 -27.92 36.40
C TYR OA 41 2.66 -26.85 35.32
N ASN OA 42 2.61 -27.21 34.05
CA ASN OA 42 2.40 -26.22 33.01
C ASN OA 42 1.00 -25.67 33.18
N TRP OA 43 0.90 -24.45 33.71
CA TRP OA 43 -0.41 -23.88 34.00
C TRP OA 43 -1.25 -23.75 32.74
N LEU OA 44 -0.63 -23.43 31.60
CA LEU OA 44 -1.37 -23.36 30.35
C LEU OA 44 -1.93 -24.72 29.96
N GLU OA 45 -1.12 -25.77 30.10
CA GLU OA 45 -1.59 -27.12 29.76
C GLU OA 45 -2.67 -27.59 30.72
N ILE OA 46 -2.49 -27.33 32.02
CA ILE OA 46 -3.50 -27.71 33.00
C ILE OA 46 -4.81 -27.02 32.71
N SER OA 47 -4.74 -25.73 32.36
CA SER OA 47 -5.96 -24.99 32.02
C SER OA 47 -6.63 -25.58 30.77
N ALA OA 48 -5.86 -25.82 29.72
CA ALA OA 48 -6.46 -26.31 28.47
C ALA OA 48 -7.10 -27.68 28.67
N ALA OA 49 -6.45 -28.54 29.46
CA ALA OA 49 -7.05 -29.83 29.80
C ALA OA 49 -8.21 -29.69 30.77
N LYS OA 50 -8.28 -28.59 31.50
CA LYS OA 50 -9.38 -28.37 32.43
C LYS OA 50 -10.66 -27.97 31.72
N TYR OA 51 -10.54 -27.22 30.62
CA TYR OA 51 -11.70 -26.69 29.92
C TYR OA 51 -11.90 -27.30 28.54
N ASN OA 52 -11.22 -28.41 28.24
CA ASN OA 52 -11.41 -29.16 27.00
C ASN OA 52 -11.26 -28.25 25.79
N ARG OA 53 -10.09 -27.64 25.68
CA ARG OA 53 -9.82 -26.62 24.67
C ARG OA 53 -8.66 -27.04 23.77
N VAL OA 54 -8.66 -28.29 23.36
CA VAL OA 54 -7.60 -28.82 22.50
C VAL OA 54 -8.18 -29.10 21.12
N SER PA 4 42.56 -2.70 51.78
CA SER PA 4 41.99 -2.15 53.01
C SER PA 4 40.49 -2.36 53.07
N ASP PA 5 40.01 -2.86 54.21
CA ASP PA 5 38.59 -3.00 54.46
C ASP PA 5 37.96 -1.72 54.95
N LEU PA 6 38.70 -0.62 54.98
CA LEU PA 6 38.14 0.68 55.31
C LEU PA 6 37.34 1.26 54.14
N GLY PA 7 37.01 0.40 53.18
CA GLY PA 7 36.22 0.80 52.04
C GLY PA 7 36.97 0.72 50.72
N TYR PA 8 36.68 -0.31 49.93
CA TYR PA 8 37.13 -0.32 48.55
C TYR PA 8 36.26 0.60 47.70
N THR PA 9 35.02 0.81 48.10
CA THR PA 9 34.09 1.65 47.34
C THR PA 9 34.13 3.11 47.74
N GLY PA 10 34.81 3.46 48.83
CA GLY PA 10 34.86 4.82 49.27
C GLY PA 10 33.66 5.29 50.07
N LEU PA 11 32.69 4.41 50.32
CA LEU PA 11 31.56 4.77 51.18
C LEU PA 11 31.99 4.79 52.63
N THR PA 12 31.26 5.56 53.43
CA THR PA 12 31.48 5.60 54.86
C THR PA 12 30.46 4.71 55.56
N ASP PA 13 30.61 4.59 56.87
CA ASP PA 13 29.73 3.72 57.63
C ASP PA 13 28.28 4.22 57.56
N GLU PA 14 28.07 5.52 57.62
CA GLU PA 14 26.71 6.05 57.59
C GLU PA 14 26.06 5.80 56.23
N GLN PA 15 26.77 6.11 55.15
CA GLN PA 15 26.21 5.88 53.82
C GLN PA 15 25.94 4.40 53.59
N ALA PA 16 26.88 3.55 53.98
CA ALA PA 16 26.68 2.11 53.82
C ALA PA 16 25.49 1.63 54.62
N GLN PA 17 25.34 2.13 55.85
CA GLN PA 17 24.23 1.71 56.70
C GLN PA 17 22.90 2.12 56.11
N GLU PA 18 22.81 3.35 55.61
CA GLU PA 18 21.54 3.82 55.03
C GLU PA 18 21.22 3.09 53.73
N LEU PA 19 22.22 2.90 52.88
CA LEU PA 19 22.02 2.17 51.64
C LEU PA 19 21.59 0.74 51.92
N HIS PA 20 22.19 0.11 52.92
CA HIS PA 20 21.81 -1.24 53.28
C HIS PA 20 20.41 -1.29 53.87
N SER PA 21 20.02 -0.26 54.62
CA SER PA 21 18.66 -0.21 55.13
C SER PA 21 17.65 -0.17 54.00
N VAL PA 22 17.90 0.67 52.99
CA VAL PA 22 16.96 0.73 51.87
C VAL PA 22 16.99 -0.58 51.08
N TYR PA 23 18.18 -1.17 50.91
CA TYR PA 23 18.26 -2.43 50.18
C TYR PA 23 17.54 -3.55 50.92
N MET PA 24 17.68 -3.61 52.24
CA MET PA 24 16.96 -4.60 53.02
C MET PA 24 15.46 -4.39 52.94
N SER PA 25 15.01 -3.14 52.93
CA SER PA 25 13.59 -2.89 52.75
C SER PA 25 13.11 -3.43 51.41
N GLY PA 26 13.88 -3.18 50.35
CA GLY PA 26 13.51 -3.71 49.04
C GLY PA 26 13.54 -5.23 48.98
N LEU PA 27 14.55 -5.83 49.61
CA LEU PA 27 14.64 -7.28 49.65
C LEU PA 27 13.49 -7.89 50.42
N TRP PA 28 13.11 -7.28 51.54
CA TRP PA 28 11.96 -7.79 52.29
C TRP PA 28 10.67 -7.63 51.52
N LEU PA 29 10.51 -6.53 50.80
CA LEU PA 29 9.32 -6.38 49.94
C LEU PA 29 9.27 -7.48 48.90
N PHE PA 30 10.39 -7.70 48.20
CA PHE PA 30 10.44 -8.74 47.18
C PHE PA 30 10.17 -10.11 47.77
N SER PA 31 10.78 -10.40 48.93
CA SER PA 31 10.59 -11.69 49.57
C SER PA 31 9.16 -11.88 50.03
N ALA PA 32 8.51 -10.82 50.53
CA ALA PA 32 7.12 -10.94 50.95
C ALA PA 32 6.21 -11.21 49.76
N VAL PA 33 6.42 -10.52 48.65
CA VAL PA 33 5.63 -10.80 47.45
C VAL PA 33 5.87 -12.23 46.99
N ALA PA 34 7.12 -12.71 47.11
CA ALA PA 34 7.42 -14.08 46.74
C ALA PA 34 6.71 -15.08 47.65
N ILE PA 35 6.66 -14.80 48.95
CA ILE PA 35 5.98 -15.71 49.87
C ILE PA 35 4.49 -15.72 49.57
N VAL PA 36 3.93 -14.57 49.18
CA VAL PA 36 2.53 -14.52 48.79
C VAL PA 36 2.30 -15.41 47.57
N ALA PA 37 3.18 -15.30 46.58
CA ALA PA 37 3.04 -16.13 45.38
C ALA PA 37 3.18 -17.61 45.70
N HIS PA 38 4.15 -17.96 46.55
CA HIS PA 38 4.35 -19.36 46.92
C HIS PA 38 3.16 -19.93 47.66
N LEU PA 39 2.63 -19.19 48.63
CA LEU PA 39 1.46 -19.68 49.36
C LEU PA 39 0.27 -19.82 48.41
N ALA PA 40 0.09 -18.85 47.50
CA ALA PA 40 -1.02 -18.92 46.56
C ALA PA 40 -0.93 -20.16 45.69
N VAL PA 41 0.23 -20.40 45.08
CA VAL PA 41 0.36 -21.56 44.20
C VAL PA 41 0.22 -22.85 45.00
N TYR PA 42 0.83 -22.91 46.19
CA TYR PA 42 0.79 -24.15 46.96
C TYR PA 42 -0.64 -24.50 47.36
N ILE PA 43 -1.42 -23.50 47.77
CA ILE PA 43 -2.82 -23.74 48.05
C ILE PA 43 -3.55 -24.16 46.77
N TRP PA 44 -3.17 -23.57 45.64
CA TRP PA 44 -3.81 -23.94 44.38
C TRP PA 44 -3.37 -25.33 43.90
N ARG PA 45 -2.09 -25.66 44.03
CA ARG PA 45 -1.61 -26.96 43.58
C ARG PA 45 -0.30 -27.30 44.26
N PRO PA 46 -0.35 -27.92 45.45
CA PRO PA 46 0.86 -28.14 46.23
C PRO PA 46 1.84 -29.09 45.56
N TRP PA 47 3.11 -28.89 45.87
CA TRP PA 47 4.16 -29.79 45.41
C TRP PA 47 4.66 -30.73 46.48
N PHE PA 48 4.29 -30.52 47.74
CA PHE PA 48 4.72 -31.39 48.82
C PHE PA 48 3.62 -32.38 49.21
N SER QA 2 39.52 -21.20 65.65
CA SER QA 2 38.88 -19.89 65.66
C SER QA 2 39.80 -18.85 65.04
N LYS QA 3 41.06 -19.23 64.81
CA LYS QA 3 42.05 -18.32 64.23
C LYS QA 3 42.10 -18.45 62.71
N PHE QA 4 40.93 -18.40 62.08
CA PHE QA 4 40.84 -18.45 60.62
C PHE QA 4 40.56 -17.08 60.04
N TYR QA 5 40.64 -16.02 60.84
CA TYR QA 5 40.49 -14.67 60.31
C TYR QA 5 41.67 -14.29 59.43
N LYS QA 6 42.84 -14.88 59.69
CA LYS QA 6 44.04 -14.48 59.00
C LYS QA 6 44.01 -14.80 57.52
N ILE QA 7 43.04 -15.58 57.05
CA ILE QA 7 42.88 -15.77 55.62
C ILE QA 7 42.68 -14.45 54.93
N TRP QA 8 42.05 -13.49 55.60
CA TRP QA 8 41.83 -12.19 54.96
C TRP QA 8 43.09 -11.35 54.93
N MET QA 9 44.12 -11.74 55.68
CA MET QA 9 45.44 -11.16 55.46
C MET QA 9 46.04 -11.66 54.16
N ILE QA 10 45.53 -12.76 53.64
CA ILE QA 10 46.08 -13.42 52.46
C ILE QA 10 45.21 -13.18 51.23
N PHE QA 11 43.92 -13.44 51.33
CA PHE QA 11 43.04 -13.42 50.17
C PHE QA 11 42.21 -12.15 50.12
N ASP QA 12 42.14 -11.56 48.93
CA ASP QA 12 41.37 -10.35 48.73
C ASP QA 12 39.89 -10.63 48.94
N PRO QA 13 39.20 -9.89 49.80
CA PRO QA 13 37.79 -10.20 50.09
C PRO QA 13 36.88 -10.14 48.89
N ARG QA 14 37.14 -9.23 47.94
CA ARG QA 14 36.22 -9.05 46.82
C ARG QA 14 36.21 -10.28 45.92
N ARG QA 15 37.39 -10.75 45.51
CA ARG QA 15 37.45 -11.93 44.66
C ARG QA 15 36.94 -13.16 45.39
N VAL QA 16 37.29 -13.29 46.68
CA VAL QA 16 36.80 -14.41 47.45
C VAL QA 16 35.28 -14.43 47.48
N PHE QA 17 34.66 -13.28 47.70
CA PHE QA 17 33.21 -13.25 47.82
C PHE QA 17 32.53 -13.51 46.50
N VAL QA 18 33.04 -12.94 45.40
CA VAL QA 18 32.39 -13.20 44.11
C VAL QA 18 32.57 -14.66 43.70
N ALA QA 19 33.78 -15.21 43.91
CA ALA QA 19 34.01 -16.61 43.59
C ALA QA 19 33.14 -17.52 44.45
N GLN QA 20 32.97 -17.18 45.73
CA GLN QA 20 32.15 -17.99 46.61
C GLN QA 20 30.67 -17.90 46.24
N GLY QA 21 30.22 -16.72 45.84
CA GLY QA 21 28.85 -16.61 45.37
C GLY QA 21 28.60 -17.46 44.15
N VAL QA 22 29.51 -17.40 43.18
CA VAL QA 22 29.38 -18.23 42.00
C VAL QA 22 29.41 -19.72 42.37
N PHE QA 23 30.36 -20.09 43.24
CA PHE QA 23 30.50 -21.49 43.62
C PHE QA 23 29.26 -22.00 44.33
N LEU QA 24 28.73 -21.23 45.26
CA LEU QA 24 27.53 -21.64 45.98
C LEU QA 24 26.34 -21.76 45.04
N PHE QA 25 26.14 -20.79 44.16
CA PHE QA 25 25.00 -20.87 43.26
C PHE QA 25 25.13 -22.06 42.32
N LEU QA 26 26.33 -22.29 41.78
CA LEU QA 26 26.51 -23.42 40.88
C LEU QA 26 26.36 -24.74 41.60
N LEU QA 27 26.89 -24.86 42.81
CA LEU QA 27 26.72 -26.08 43.58
C LEU QA 27 25.25 -26.35 43.87
N ALA QA 28 24.51 -25.31 44.26
CA ALA QA 28 23.09 -25.48 44.53
C ALA QA 28 22.34 -25.90 43.28
N VAL QA 29 22.64 -25.26 42.15
CA VAL QA 29 21.95 -25.62 40.90
C VAL QA 29 22.29 -27.04 40.49
N MET QA 30 23.56 -27.44 40.66
CA MET QA 30 23.96 -28.80 40.31
C MET QA 30 23.25 -29.82 41.19
N ILE QA 31 23.16 -29.57 42.49
CA ILE QA 31 22.49 -30.52 43.38
C ILE QA 31 21.00 -30.59 43.07
N HIS QA 32 20.37 -29.44 42.84
CA HIS QA 32 18.96 -29.45 42.50
C HIS QA 32 18.72 -30.19 41.20
N LEU QA 33 19.65 -30.09 40.24
CA LEU QA 33 19.48 -30.81 38.99
C LEU QA 33 19.73 -32.30 39.16
N ILE QA 34 20.67 -32.68 40.00
CA ILE QA 34 20.87 -34.09 40.30
C ILE QA 34 19.60 -34.69 40.88
N LEU QA 35 18.96 -33.97 41.80
CA LEU QA 35 17.69 -34.44 42.35
C LEU QA 35 16.59 -34.47 41.28
N LEU QA 36 16.52 -33.44 40.45
CA LEU QA 36 15.49 -33.39 39.42
C LEU QA 36 15.63 -34.53 38.44
N SER QA 37 16.86 -34.96 38.17
CA SER QA 37 17.09 -36.07 37.25
C SER QA 37 16.82 -37.42 37.90
N THR QA 38 16.65 -37.46 39.22
CA THR QA 38 16.36 -38.70 39.90
C THR QA 38 14.85 -38.86 40.04
N PRO QA 39 14.25 -39.92 39.48
CA PRO QA 39 12.79 -40.08 39.58
C PRO QA 39 12.30 -40.18 41.00
N SER QA 40 13.06 -40.79 41.90
CA SER QA 40 12.66 -40.97 43.29
C SER QA 40 12.82 -39.71 44.12
N TYR QA 41 13.39 -38.64 43.57
CA TYR QA 41 13.50 -37.39 44.29
C TYR QA 41 13.09 -36.16 43.49
N ASN QA 42 12.61 -36.33 42.27
CA ASN QA 42 11.98 -35.22 41.57
C ASN QA 42 10.72 -34.83 42.32
N TRP QA 43 10.75 -33.69 43.00
CA TRP QA 43 9.61 -33.27 43.80
C TRP QA 43 8.38 -33.04 42.94
N LEU QA 44 8.55 -32.46 41.76
CA LEU QA 44 7.41 -32.22 40.87
C LEU QA 44 6.76 -33.53 40.45
N GLU QA 45 7.58 -34.54 40.11
CA GLU QA 45 7.00 -35.82 39.69
C GLU QA 45 6.40 -36.57 40.87
N ILE QA 46 7.01 -36.46 42.05
CA ILE QA 46 6.43 -37.11 43.23
C ILE QA 46 5.08 -36.50 43.56
N SER QA 47 4.96 -35.18 43.44
CA SER QA 47 3.67 -34.54 43.64
C SER QA 47 2.66 -34.99 42.58
N ALA QA 48 3.10 -35.07 41.33
CA ALA QA 48 2.21 -35.53 40.27
C ALA QA 48 1.72 -36.95 40.55
N ALA QA 49 2.60 -37.80 41.11
CA ALA QA 49 2.20 -39.16 41.46
C ALA QA 49 1.18 -39.15 42.59
N LYS QA 50 1.42 -38.36 43.63
CA LYS QA 50 0.54 -38.40 44.79
C LYS QA 50 -0.81 -37.74 44.53
N TYR QA 51 -0.89 -36.80 43.59
CA TYR QA 51 -2.15 -36.11 43.33
C TYR QA 51 -2.73 -36.40 41.95
N ASN QA 52 -2.25 -37.45 41.28
CA ASN QA 52 -2.85 -37.96 40.04
C ASN QA 52 -3.05 -36.85 39.02
N ARG QA 53 -1.99 -36.09 38.77
CA ARG QA 53 -2.08 -34.91 37.93
C ARG QA 53 -1.85 -35.21 36.45
N VAL QA 54 -1.42 -36.43 36.11
CA VAL QA 54 -1.19 -36.80 34.72
C VAL QA 54 -2.50 -36.88 33.95
N LEU RA 6 52.68 -12.81 55.87
CA LEU RA 6 53.20 -11.55 55.35
C LEU RA 6 52.10 -10.49 55.36
N GLY RA 7 51.02 -10.79 54.64
CA GLY RA 7 49.90 -9.88 54.49
C GLY RA 7 49.94 -9.22 53.14
N TYR RA 8 49.14 -9.73 52.20
CA TYR RA 8 49.13 -9.24 50.83
C TYR RA 8 47.93 -8.37 50.53
N THR RA 9 46.85 -8.50 51.30
CA THR RA 9 45.64 -7.76 51.02
C THR RA 9 45.69 -6.33 51.51
N GLY RA 10 46.70 -5.99 52.32
CA GLY RA 10 46.77 -4.66 52.88
C GLY RA 10 45.84 -4.43 54.04
N LEU RA 11 45.06 -5.44 54.44
CA LEU RA 11 44.19 -5.29 55.59
C LEU RA 11 45.02 -5.18 56.86
N THR RA 12 44.40 -4.62 57.89
CA THR RA 12 44.95 -4.68 59.22
C THR RA 12 44.39 -5.90 59.95
N ASP RA 13 45.05 -6.26 61.04
CA ASP RA 13 44.60 -7.42 61.80
C ASP RA 13 43.18 -7.22 62.32
N GLU RA 14 42.88 -6.01 62.80
CA GLU RA 14 41.53 -5.74 63.31
C GLU RA 14 40.51 -5.71 62.18
N GLN RA 15 40.89 -5.18 61.01
CA GLN RA 15 39.99 -5.21 59.87
C GLN RA 15 39.70 -6.65 59.44
N ALA RA 16 40.72 -7.51 59.45
CA ALA RA 16 40.51 -8.92 59.16
C ALA RA 16 39.59 -9.55 60.21
N GLN RA 17 39.77 -9.17 61.48
CA GLN RA 17 38.91 -9.70 62.55
C GLN RA 17 37.46 -9.33 62.31
N GLU RA 18 37.20 -8.06 61.98
CA GLU RA 18 35.84 -7.60 61.78
C GLU RA 18 35.22 -8.24 60.54
N LEU RA 19 35.98 -8.29 59.46
CA LEU RA 19 35.50 -8.93 58.25
C LEU RA 19 35.20 -10.40 58.49
N HIS RA 20 36.07 -11.08 59.22
CA HIS RA 20 35.85 -12.49 59.53
C HIS RA 20 34.62 -12.69 60.38
N SER RA 21 34.38 -11.79 61.35
CA SER RA 21 33.19 -11.93 62.18
C SER RA 21 31.93 -11.78 61.34
N VAL RA 22 31.90 -10.80 60.45
CA VAL RA 22 30.73 -10.62 59.60
C VAL RA 22 30.56 -11.82 58.68
N TYR RA 23 31.65 -12.31 58.09
CA TYR RA 23 31.57 -13.44 57.18
C TYR RA 23 31.09 -14.69 57.90
N MET RA 24 31.60 -14.92 59.12
CA MET RA 24 31.17 -16.09 59.87
C MET RA 24 29.71 -15.99 60.28
N SER RA 25 29.24 -14.79 60.58
CA SER RA 25 27.81 -14.62 60.84
C SER RA 25 26.99 -15.00 59.61
N GLY RA 26 27.41 -14.53 58.43
CA GLY RA 26 26.70 -14.89 57.22
C GLY RA 26 26.74 -16.39 56.94
N LEU RA 27 27.90 -17.01 57.15
CA LEU RA 27 28.04 -18.44 56.95
C LEU RA 27 27.17 -19.23 57.91
N TRP RA 28 27.11 -18.81 59.18
CA TRP RA 28 26.30 -19.54 60.14
C TRP RA 28 24.82 -19.38 59.85
N LEU RA 29 24.40 -18.20 59.39
CA LEU RA 29 23.00 -18.06 58.97
C LEU RA 29 22.70 -18.98 57.79
N PHE RA 30 23.59 -19.00 56.80
CA PHE RA 30 23.38 -19.86 55.64
C PHE RA 30 23.33 -21.32 56.05
N SER RA 31 24.25 -21.75 56.90
CA SER RA 31 24.25 -23.14 57.35
C SER RA 31 23.04 -23.46 58.19
N ALA RA 32 22.53 -22.49 58.96
CA ALA RA 32 21.33 -22.74 59.75
C ALA RA 32 20.12 -22.98 58.85
N VAL RA 33 19.95 -22.15 57.83
CA VAL RA 33 18.84 -22.37 56.90
C VAL RA 33 19.04 -23.68 56.15
N ALA RA 34 20.29 -24.03 55.84
CA ALA RA 34 20.56 -25.29 55.16
C ALA RA 34 20.21 -26.47 56.06
N ILE RA 35 20.54 -26.39 57.34
CA ILE RA 35 20.23 -27.47 58.28
C ILE RA 35 18.73 -27.61 58.43
N VAL RA 36 18.02 -26.49 58.45
CA VAL RA 36 16.56 -26.55 58.51
C VAL RA 36 16.01 -27.26 57.28
N ALA RA 37 16.53 -26.91 56.10
CA ALA RA 37 16.07 -27.55 54.86
C ALA RA 37 16.36 -29.05 54.87
N HIS RA 38 17.56 -29.42 55.34
CA HIS RA 38 17.94 -30.83 55.38
C HIS RA 38 17.05 -31.62 56.34
N LEU RA 39 16.77 -31.06 57.51
CA LEU RA 39 15.89 -31.74 58.45
C LEU RA 39 14.49 -31.89 57.87
N ALA RA 40 13.97 -30.84 57.24
CA ALA RA 40 12.62 -30.93 56.66
C ALA RA 40 12.56 -32.00 55.59
N VAL RA 41 13.52 -32.00 54.67
CA VAL RA 41 13.51 -33.00 53.59
C VAL RA 41 13.67 -34.40 54.17
N TYR RA 42 14.61 -34.58 55.10
CA TYR RA 42 14.87 -35.91 55.63
C TYR RA 42 13.66 -36.48 56.36
N ILE RA 43 12.99 -35.67 57.19
CA ILE RA 43 11.80 -36.19 57.83
C ILE RA 43 10.70 -36.42 56.80
N TRP RA 44 10.69 -35.65 55.71
CA TRP RA 44 9.71 -35.89 54.67
C TRP RA 44 10.05 -37.13 53.84
N ARG RA 45 11.31 -37.31 53.50
CA ARG RA 45 11.68 -38.36 52.57
C ARG RA 45 13.14 -38.75 52.75
N PRO RA 46 13.45 -39.52 53.78
CA PRO RA 46 14.87 -39.74 54.13
C PRO RA 46 15.61 -40.53 53.05
N TRP RA 47 16.90 -40.24 52.94
CA TRP RA 47 17.79 -40.95 52.04
C TRP RA 47 18.65 -41.96 52.76
N PHE RA 48 18.38 -42.22 54.04
CA PHE RA 48 19.14 -43.23 54.78
C PHE RA 48 18.21 -44.28 55.39
N SER SA 2 58.02 -31.76 61.65
CA SER SA 2 57.74 -30.46 62.24
C SER SA 2 58.28 -29.33 61.38
N LYS SA 3 59.25 -29.66 60.52
CA LYS SA 3 59.92 -28.68 59.67
C LYS SA 3 59.14 -28.36 58.41
N PHE SA 4 58.02 -29.05 58.17
CA PHE SA 4 57.25 -28.89 56.93
C PHE SA 4 56.85 -27.45 56.66
N TYR SA 5 56.97 -26.58 57.66
CA TYR SA 5 56.62 -25.17 57.46
C TYR SA 5 57.47 -24.53 56.37
N LYS SA 6 58.62 -25.11 56.04
CA LYS SA 6 59.42 -24.56 54.96
C LYS SA 6 58.71 -24.63 53.62
N ILE SA 7 57.62 -25.40 53.52
CA ILE SA 7 56.79 -25.37 52.31
C ILE SA 7 56.32 -23.95 52.02
N TRP SA 8 56.10 -23.16 53.05
CA TRP SA 8 55.65 -21.79 52.87
C TRP SA 8 56.80 -20.83 52.65
N MET SA 9 58.04 -21.31 52.67
CA MET SA 9 59.20 -20.53 52.28
C MET SA 9 59.48 -20.59 50.79
N ILE SA 10 58.81 -21.47 50.07
CA ILE SA 10 59.07 -21.73 48.66
C ILE SA 10 57.89 -21.35 47.79
N PHE SA 11 56.69 -21.76 48.18
CA PHE SA 11 55.50 -21.54 47.39
C PHE SA 11 54.64 -20.44 47.98
N ASP SA 12 54.09 -19.61 47.11
CA ASP SA 12 53.20 -18.55 47.53
C ASP SA 12 51.98 -19.17 48.20
N PRO SA 13 51.59 -18.71 49.40
CA PRO SA 13 50.40 -19.28 50.04
C PRO SA 13 49.14 -19.14 49.22
N ARG SA 14 49.01 -18.05 48.45
CA ARG SA 14 47.80 -17.84 47.68
C ARG SA 14 47.65 -18.88 46.59
N ARG SA 15 48.72 -19.15 45.85
CA ARG SA 15 48.67 -20.16 44.80
C ARG SA 15 48.37 -21.53 45.38
N VAL SA 16 49.05 -21.89 46.46
CA VAL SA 16 48.83 -23.19 47.08
C VAL SA 16 47.38 -23.32 47.54
N PHE SA 17 46.86 -22.28 48.19
CA PHE SA 17 45.51 -22.36 48.74
C PHE SA 17 44.46 -22.49 47.64
N VAL SA 18 44.58 -21.69 46.58
CA VAL SA 18 43.57 -21.77 45.53
C VAL SA 18 43.70 -23.09 44.78
N ALA SA 19 44.93 -23.55 44.52
CA ALA SA 19 45.12 -24.82 43.84
C ALA SA 19 44.54 -25.97 44.67
N GLN SA 20 44.78 -25.95 45.97
CA GLN SA 20 44.25 -26.98 46.84
C GLN SA 20 42.73 -26.93 46.88
N GLY SA 21 42.14 -25.74 46.93
CA GLY SA 21 40.70 -25.65 46.93
C GLY SA 21 40.08 -26.25 45.68
N VAL SA 22 40.63 -25.89 44.52
CA VAL SA 22 40.13 -26.43 43.27
C VAL SA 22 40.31 -27.94 43.23
N PHE SA 23 41.49 -28.42 43.63
CA PHE SA 23 41.77 -29.85 43.59
C PHE SA 23 40.83 -30.62 44.49
N LEU SA 24 40.62 -30.14 45.72
CA LEU SA 24 39.73 -30.84 46.65
C LEU SA 24 38.31 -30.84 46.13
N PHE SA 25 37.84 -29.71 45.60
CA PHE SA 25 36.48 -29.69 45.09
C PHE SA 25 36.31 -30.66 43.93
N LEU SA 26 37.26 -30.67 42.99
CA LEU SA 26 37.15 -31.56 41.84
C LEU SA 26 37.24 -33.01 42.27
N LEU SA 27 38.14 -33.33 43.21
CA LEU SA 27 38.25 -34.70 43.68
C LEU SA 27 36.98 -35.17 44.36
N ALA SA 28 36.39 -34.31 45.21
CA ALA SA 28 35.14 -34.67 45.86
C ALA SA 28 34.01 -34.85 44.86
N VAL SA 29 33.93 -33.96 43.87
CA VAL SA 29 32.87 -34.08 42.87
C VAL SA 29 33.04 -35.35 42.06
N MET SA 30 34.29 -35.67 41.69
CA MET SA 30 34.52 -36.90 40.94
C MET SA 30 34.17 -38.13 41.75
N ILE SA 31 34.56 -38.16 43.03
CA ILE SA 31 34.27 -39.34 43.85
C ILE SA 31 32.77 -39.47 44.08
N HIS SA 32 32.08 -38.36 44.33
CA HIS SA 32 30.64 -38.42 44.49
C HIS SA 32 29.96 -38.88 43.21
N LEU SA 33 30.46 -38.44 42.04
CA LEU SA 33 29.88 -38.87 40.78
C LEU SA 33 30.15 -40.35 40.52
N ILE SA 34 31.33 -40.85 40.89
CA ILE SA 34 31.62 -42.26 40.75
C ILE SA 34 30.67 -43.07 41.61
N LEU SA 35 30.49 -42.68 42.87
CA LEU SA 35 29.59 -43.40 43.75
C LEU SA 35 28.14 -43.29 43.29
N LEU SA 36 27.78 -42.17 42.67
CA LEU SA 36 26.44 -42.00 42.13
C LEU SA 36 26.23 -42.78 40.85
N SER SA 37 27.31 -43.17 40.17
CA SER SA 37 27.21 -43.90 38.92
C SER SA 37 27.23 -45.42 39.12
N THR SA 38 27.47 -45.90 40.33
CA THR SA 38 27.43 -47.33 40.61
C THR SA 38 26.16 -47.63 41.39
N PRO SA 39 25.25 -48.45 40.87
CA PRO SA 39 24.00 -48.73 41.60
C PRO SA 39 24.24 -49.39 42.95
N SER SA 40 25.39 -50.04 43.12
CA SER SA 40 25.72 -50.62 44.42
C SER SA 40 25.85 -49.55 45.49
N TYR SA 41 26.19 -48.33 45.11
CA TYR SA 41 26.47 -47.26 46.07
C TYR SA 41 25.74 -45.97 45.78
N ASN SA 42 24.86 -45.93 44.80
CA ASN SA 42 24.04 -44.75 44.56
C ASN SA 42 23.03 -44.65 45.69
N TRP SA 43 23.33 -43.79 46.67
CA TRP SA 43 22.47 -43.71 47.85
C TRP SA 43 21.06 -43.26 47.49
N LEU SA 44 20.89 -42.45 46.45
CA LEU SA 44 19.55 -42.08 46.02
C LEU SA 44 18.77 -43.29 45.55
N GLU SA 45 19.37 -44.11 44.70
CA GLU SA 45 18.68 -45.32 44.22
C GLU SA 45 18.55 -46.35 45.32
N ILE SA 46 19.54 -46.45 46.21
CA ILE SA 46 19.45 -47.38 47.32
C ILE SA 46 18.27 -47.03 48.21
N SER SA 47 18.12 -45.74 48.53
CA SER SA 47 16.98 -45.33 49.34
C SER SA 47 15.68 -45.44 48.58
N ALA SA 48 15.71 -45.31 47.26
CA ALA SA 48 14.52 -45.57 46.46
C ALA SA 48 14.09 -47.02 46.60
N ALA SA 49 15.05 -47.95 46.57
CA ALA SA 49 14.73 -49.37 46.69
C ALA SA 49 14.35 -49.73 48.11
N LYS SA 50 14.84 -48.99 49.10
CA LYS SA 50 14.57 -49.35 50.49
C LYS SA 50 13.11 -49.10 50.86
N TYR SA 51 12.50 -48.06 50.29
CA TYR SA 51 11.15 -47.66 50.68
C TYR SA 51 10.15 -47.75 49.52
N ASN SA 52 10.45 -48.57 48.51
CA ASN SA 52 9.52 -48.81 47.40
C ASN SA 52 9.07 -47.50 46.75
N ARG SA 53 10.00 -46.56 46.63
CA ARG SA 53 9.67 -45.28 46.02
C ARG SA 53 9.27 -45.44 44.56
N VAL SA 54 9.94 -46.33 43.84
CA VAL SA 54 9.55 -46.63 42.46
C VAL SA 54 8.76 -47.93 42.40
N LEU TA 6 65.32 -21.48 50.35
CA LEU TA 6 64.93 -20.42 51.28
C LEU TA 6 64.83 -19.08 50.58
N GLY TA 7 63.99 -18.19 51.12
CA GLY TA 7 63.86 -16.85 50.61
C GLY TA 7 63.28 -16.75 49.21
N TYR TA 8 62.29 -17.58 48.90
CA TYR TA 8 61.67 -17.59 47.59
C TYR TA 8 60.36 -16.81 47.54
N THR TA 9 59.58 -16.83 48.61
CA THR TA 9 58.34 -16.08 48.70
C THR TA 9 58.46 -14.85 49.59
N GLY TA 10 59.64 -14.60 50.15
CA GLY TA 10 59.83 -13.48 51.04
C GLY TA 10 59.08 -13.58 52.35
N LEU TA 11 58.96 -14.77 52.90
CA LEU TA 11 58.33 -14.98 54.20
C LEU TA 11 59.41 -15.25 55.25
N THR TA 12 59.15 -14.81 56.48
CA THR TA 12 60.08 -15.09 57.56
C THR TA 12 59.61 -16.29 58.37
N ASP TA 13 60.48 -16.76 59.26
CA ASP TA 13 60.20 -17.99 60.00
C ASP TA 13 58.94 -17.85 60.85
N GLU TA 14 58.75 -16.69 61.48
CA GLU TA 14 57.62 -16.54 62.40
C GLU TA 14 56.30 -16.60 61.65
N GLN TA 15 56.15 -15.82 60.59
CA GLN TA 15 54.91 -15.83 59.84
C GLN TA 15 54.72 -17.14 59.09
N ALA TA 16 55.80 -17.75 58.59
CA ALA TA 16 55.67 -19.06 57.96
C ALA TA 16 55.20 -20.10 58.97
N GLN TA 17 55.71 -20.07 60.19
CA GLN TA 17 55.29 -21.01 61.22
C GLN TA 17 53.83 -20.79 61.60
N GLU TA 18 53.43 -19.53 61.75
CA GLU TA 18 52.02 -19.25 62.06
C GLU TA 18 51.10 -19.73 60.95
N LEU TA 19 51.48 -19.44 59.70
CA LEU TA 19 50.70 -19.88 58.56
C LEU TA 19 50.62 -21.40 58.51
N HIS TA 20 51.74 -22.08 58.75
CA HIS TA 20 51.72 -23.53 58.74
C HIS TA 20 50.84 -24.09 59.83
N SER TA 21 50.91 -23.51 61.03
CA SER TA 21 50.10 -24.01 62.13
C SER TA 21 48.62 -23.85 61.83
N VAL TA 22 48.22 -22.71 61.30
CA VAL TA 22 46.79 -22.52 61.04
C VAL TA 22 46.33 -23.36 59.85
N TYR TA 23 47.20 -23.54 58.85
CA TYR TA 23 46.87 -24.45 57.76
C TYR TA 23 46.74 -25.88 58.25
N MET TA 24 47.63 -26.32 59.14
CA MET TA 24 47.53 -27.66 59.69
C MET TA 24 46.26 -27.81 60.51
N SER TA 25 45.84 -26.75 61.21
CA SER TA 25 44.59 -26.81 61.95
C SER TA 25 43.41 -27.00 61.00
N GLY TA 26 43.39 -26.25 59.90
CA GLY TA 26 42.34 -26.44 58.91
C GLY TA 26 42.37 -27.82 58.30
N LEU TA 27 43.57 -28.33 58.01
CA LEU TA 27 43.72 -29.66 57.45
C LEU TA 27 43.21 -30.72 58.42
N TRP TA 28 43.50 -30.57 59.71
CA TRP TA 28 43.04 -31.55 60.69
C TRP TA 28 41.54 -31.48 60.89
N LEU TA 29 40.96 -30.28 60.81
CA LEU TA 29 39.51 -30.18 60.87
C LEU TA 29 38.88 -30.92 59.69
N PHE TA 30 39.43 -30.68 58.49
CA PHE TA 30 38.94 -31.36 57.30
C PHE TA 30 39.10 -32.88 57.43
N SER TA 31 40.26 -33.32 57.91
CA SER TA 31 40.52 -34.75 58.04
C SER TA 31 39.61 -35.39 59.08
N ALA TA 32 39.33 -34.69 60.19
CA ALA TA 32 38.45 -35.25 61.19
C ALA TA 32 37.04 -35.41 60.65
N VAL TA 33 36.54 -34.41 59.92
CA VAL TA 33 35.22 -34.55 59.33
C VAL TA 33 35.22 -35.68 58.29
N ALA TA 34 36.31 -35.80 57.53
CA ALA TA 34 36.41 -36.87 56.54
C ALA TA 34 36.40 -38.24 57.21
N ILE TA 35 37.11 -38.39 58.33
CA ILE TA 35 37.15 -39.65 59.02
C ILE TA 35 35.79 -39.99 59.61
N VAL TA 36 35.08 -38.98 60.11
CA VAL TA 36 33.72 -39.23 60.59
C VAL TA 36 32.83 -39.72 59.46
N ALA TA 37 32.92 -39.06 58.31
CA ALA TA 37 32.12 -39.48 57.16
C ALA TA 37 32.47 -40.89 56.70
N HIS TA 38 33.77 -41.21 56.68
CA HIS TA 38 34.21 -42.53 56.27
C HIS TA 38 33.74 -43.60 57.25
N LEU TA 39 33.82 -43.33 58.55
CA LEU TA 39 33.32 -44.27 59.54
C LEU TA 39 31.82 -44.49 59.38
N ALA TA 40 31.07 -43.41 59.18
CA ALA TA 40 29.63 -43.53 59.02
C ALA TA 40 29.29 -44.39 57.79
N VAL TA 41 29.99 -44.15 56.68
CA VAL TA 41 29.70 -44.90 55.47
C VAL TA 41 30.09 -46.37 55.64
N TYR TA 42 31.30 -46.63 56.15
CA TYR TA 42 31.76 -48.00 56.30
C TYR TA 42 30.87 -48.78 57.25
N ILE TA 43 30.27 -48.11 58.24
CA ILE TA 43 29.25 -48.75 59.04
C ILE TA 43 28.00 -49.02 58.21
N TRP TA 44 27.57 -48.04 57.43
CA TRP TA 44 26.31 -48.19 56.69
C TRP TA 44 26.44 -49.20 55.55
N ARG TA 45 27.48 -49.08 54.72
CA ARG TA 45 27.67 -49.96 53.57
C ARG TA 45 29.16 -50.15 53.34
N PRO TA 46 29.79 -51.06 54.09
CA PRO TA 46 31.24 -51.25 53.96
C PRO TA 46 31.63 -51.74 52.59
N TRP TA 47 32.83 -51.33 52.16
CA TRP TA 47 33.37 -51.72 50.87
C TRP TA 47 34.47 -52.77 50.98
N PHE TA 48 34.79 -53.22 52.18
CA PHE TA 48 35.77 -54.28 52.37
C PHE TA 48 35.18 -55.43 53.18
N SER UA 2 74.76 -39.95 49.77
CA SER UA 2 74.68 -38.99 50.85
C SER UA 2 74.64 -37.57 50.29
N LYS UA 3 75.48 -37.33 49.28
CA LYS UA 3 75.57 -36.03 48.64
C LYS UA 3 74.42 -35.74 47.69
N PHE UA 4 73.38 -36.58 47.71
CA PHE UA 4 72.26 -36.40 46.78
C PHE UA 4 71.62 -35.03 46.93
N TYR UA 5 71.76 -34.40 48.10
CA TYR UA 5 71.19 -33.08 48.31
C TYR UA 5 71.64 -32.10 47.23
N LYS UA 6 72.85 -32.28 46.71
CA LYS UA 6 73.36 -31.37 45.70
C LYS UA 6 72.50 -31.29 44.45
N ILE UA 7 71.49 -32.15 44.32
CA ILE UA 7 70.57 -32.02 43.18
C ILE UA 7 69.84 -30.69 43.23
N TRP UA 8 69.58 -30.18 44.43
CA TRP UA 8 68.96 -28.87 44.52
C TRP UA 8 69.91 -27.74 44.14
N MET UA 9 71.19 -28.05 43.97
CA MET UA 9 72.13 -27.06 43.44
C MET UA 9 71.82 -26.73 41.99
N ILE UA 10 71.36 -27.72 41.23
CA ILE UA 10 71.12 -27.54 39.80
C ILE UA 10 69.64 -27.36 39.49
N PHE UA 11 68.77 -28.08 40.18
CA PHE UA 11 67.34 -28.04 39.90
C PHE UA 11 66.64 -27.03 40.79
N ASP UA 12 65.77 -26.23 40.20
CA ASP UA 12 64.98 -25.29 40.97
C ASP UA 12 63.92 -26.03 41.76
N PRO UA 13 63.87 -25.87 43.08
CA PRO UA 13 62.94 -26.67 43.89
C PRO UA 13 61.47 -26.48 43.55
N ARG UA 14 61.04 -25.27 43.18
CA ARG UA 14 59.63 -25.05 42.86
C ARG UA 14 59.18 -25.93 41.69
N ARG UA 15 59.97 -25.92 40.62
CA ARG UA 15 59.63 -26.70 39.45
C ARG UA 15 59.56 -28.19 39.77
N VAL UA 16 60.55 -28.69 40.51
CA VAL UA 16 60.59 -30.10 40.82
C VAL UA 16 59.40 -30.49 41.68
N PHE UA 17 59.09 -29.68 42.69
CA PHE UA 17 57.97 -30.00 43.56
C PHE UA 17 56.65 -30.02 42.80
N VAL UA 18 56.40 -29.01 41.97
CA VAL UA 18 55.13 -28.97 41.25
C VAL UA 18 55.03 -30.11 40.25
N ALA UA 19 56.10 -30.35 39.49
CA ALA UA 19 56.08 -31.42 38.49
C ALA UA 19 55.88 -32.77 39.15
N GLN UA 20 56.59 -33.04 40.24
CA GLN UA 20 56.45 -34.31 40.92
C GLN UA 20 55.07 -34.46 41.52
N GLY UA 21 54.49 -33.39 42.05
CA GLY UA 21 53.15 -33.48 42.61
C GLY UA 21 52.11 -33.81 41.56
N VAL UA 22 52.14 -33.11 40.43
CA VAL UA 22 51.15 -33.38 39.39
C VAL UA 22 51.37 -34.77 38.81
N PHE UA 23 52.63 -35.18 38.64
CA PHE UA 23 52.91 -36.51 38.11
C PHE UA 23 52.40 -37.60 39.04
N LEU UA 24 52.63 -37.46 40.34
CA LEU UA 24 52.16 -38.46 41.28
C LEU UA 24 50.64 -38.52 41.31
N PHE UA 25 49.97 -37.37 41.27
CA PHE UA 25 48.51 -37.42 41.28
C PHE UA 25 47.97 -38.09 40.02
N LEU UA 26 48.54 -37.76 38.86
CA LEU UA 26 48.08 -38.38 37.63
C LEU UA 26 48.35 -39.88 37.62
N LEU UA 27 49.51 -40.29 38.11
CA LEU UA 27 49.80 -41.71 38.23
C LEU UA 27 48.81 -42.40 39.14
N ALA UA 28 48.46 -41.76 40.27
CA ALA UA 28 47.55 -42.39 41.21
C ALA UA 28 46.16 -42.57 40.61
N VAL UA 29 45.64 -41.54 39.95
CA VAL UA 29 44.33 -41.69 39.35
C VAL UA 29 44.37 -42.70 38.20
N MET UA 30 45.47 -42.74 37.46
CA MET UA 30 45.58 -43.73 36.39
C MET UA 30 45.53 -45.15 36.95
N ILE UA 31 46.25 -45.42 38.04
CA ILE UA 31 46.23 -46.76 38.59
C ILE UA 31 44.87 -47.08 39.19
N HIS UA 32 44.24 -46.11 39.85
CA HIS UA 32 42.91 -46.37 40.42
C HIS UA 32 41.89 -46.66 39.32
N LEU UA 33 41.97 -45.95 38.20
CA LEU UA 33 41.06 -46.23 37.10
C LEU UA 33 41.39 -47.53 36.39
N ILE UA 34 42.66 -47.90 36.30
CA ILE UA 34 43.02 -49.21 35.77
C ILE UA 34 42.41 -50.31 36.63
N LEU UA 35 42.53 -50.18 37.95
CA LEU UA 35 41.92 -51.17 38.84
C LEU UA 35 40.41 -51.19 38.70
N LEU UA 36 39.79 -50.02 38.59
CA LEU UA 36 38.34 -49.98 38.41
C LEU UA 36 37.91 -50.59 37.09
N SER UA 37 38.77 -50.55 36.07
CA SER UA 37 38.42 -51.12 34.78
C SER UA 37 38.38 -52.65 34.86
N THR UA 38 39.34 -53.26 35.53
CA THR UA 38 39.36 -54.70 35.66
C THR UA 38 38.29 -55.13 36.66
N PRO UA 39 37.34 -55.98 36.27
CA PRO UA 39 36.36 -56.46 37.26
C PRO UA 39 36.98 -57.30 38.35
N SER UA 40 38.20 -57.79 38.16
CA SER UA 40 38.93 -58.50 39.19
C SER UA 40 39.45 -57.60 40.30
N TYR UA 41 39.35 -56.28 40.14
CA TYR UA 41 39.78 -55.37 41.19
C TYR UA 41 38.82 -54.21 41.40
N ASN UA 42 37.66 -54.20 40.77
CA ASN UA 42 36.70 -53.14 41.03
C ASN UA 42 36.11 -53.36 42.41
N TRP UA 43 36.72 -52.74 43.43
CA TRP UA 43 36.33 -53.01 44.80
C TRP UA 43 34.86 -52.69 45.04
N LEU UA 44 34.32 -51.71 44.33
CA LEU UA 44 32.89 -51.41 44.46
C LEU UA 44 32.05 -52.61 44.05
N GLU UA 45 32.33 -53.19 42.88
CA GLU UA 45 31.53 -54.32 42.42
C GLU UA 45 31.87 -55.59 43.19
N ILE UA 46 33.10 -55.71 43.70
CA ILE UA 46 33.42 -56.84 44.57
C ILE UA 46 32.55 -56.81 45.81
N SER UA 47 32.43 -55.64 46.43
CA SER UA 47 31.55 -55.50 47.59
C SER UA 47 30.10 -55.70 47.19
N ALA UA 48 29.69 -55.24 46.01
CA ALA UA 48 28.32 -55.42 45.57
C ALA UA 48 27.97 -56.89 45.45
N ALA UA 49 28.86 -57.69 44.85
CA ALA UA 49 28.62 -59.12 44.75
C ALA UA 49 28.67 -59.78 46.13
N LYS UA 50 29.62 -59.38 46.96
CA LYS UA 50 29.80 -60.03 48.26
C LYS UA 50 28.60 -59.82 49.16
N TYR UA 51 28.07 -58.61 49.21
CA TYR UA 51 26.97 -58.29 50.11
C TYR UA 51 25.61 -58.30 49.43
N ASN UA 52 25.52 -58.84 48.21
CA ASN UA 52 24.26 -58.95 47.48
C ASN UA 52 23.54 -57.60 47.40
N ARG UA 53 24.30 -56.57 47.01
CA ARG UA 53 23.73 -55.23 46.97
C ARG UA 53 22.80 -55.05 45.77
N VAL UA 54 23.13 -55.66 44.64
CA VAL UA 54 22.30 -55.53 43.45
C VAL UA 54 21.49 -56.80 43.22
N LEU VA 6 78.69 -22.97 41.14
CA LEU VA 6 77.60 -23.20 40.20
C LEU VA 6 76.29 -22.65 40.71
N GLY VA 7 76.09 -21.35 40.52
CA GLY VA 7 74.88 -20.70 41.00
C GLY VA 7 73.67 -20.98 40.14
N TYR VA 8 73.47 -22.26 39.80
CA TYR VA 8 72.34 -22.64 38.97
C TYR VA 8 71.01 -22.38 39.67
N THR VA 9 70.94 -22.68 40.97
CA THR VA 9 69.80 -22.29 41.78
C THR VA 9 70.13 -21.21 42.81
N GLY VA 10 71.39 -21.05 43.16
CA GLY VA 10 71.80 -20.06 44.14
C GLY VA 10 71.76 -20.55 45.57
N LEU VA 11 71.32 -21.78 45.82
CA LEU VA 11 71.27 -22.29 47.19
C LEU VA 11 72.68 -22.44 47.73
N THR VA 12 72.84 -22.15 49.02
CA THR VA 12 74.16 -21.90 49.63
C THR VA 12 74.86 -23.16 50.09
N ASP VA 13 74.47 -24.32 49.58
CA ASP VA 13 75.01 -25.64 49.94
C ASP VA 13 74.62 -26.04 51.36
N GLU VA 14 73.95 -25.17 52.10
CA GLU VA 14 73.45 -25.48 53.43
C GLU VA 14 71.94 -25.51 53.50
N GLN VA 15 71.27 -24.60 52.77
CA GLN VA 15 69.83 -24.70 52.62
C GLN VA 15 69.45 -26.00 51.95
N ALA VA 16 70.23 -26.42 50.94
CA ALA VA 16 69.94 -27.66 50.23
C ALA VA 16 69.95 -28.86 51.16
N GLN VA 17 70.79 -28.84 52.20
CA GLN VA 17 70.82 -29.94 53.15
C GLN VA 17 69.48 -30.09 53.86
N GLU VA 18 68.96 -29.01 54.44
CA GLU VA 18 67.72 -29.11 55.19
C GLU VA 18 66.54 -29.32 54.24
N LEU VA 19 66.60 -28.72 53.05
CA LEU VA 19 65.57 -28.97 52.05
C LEU VA 19 65.51 -30.44 51.68
N HIS VA 20 66.67 -31.05 51.45
CA HIS VA 20 66.71 -32.48 51.14
C HIS VA 20 66.22 -33.30 52.33
N SER VA 21 66.59 -32.90 53.54
CA SER VA 21 66.16 -33.67 54.71
C SER VA 21 64.64 -33.64 54.86
N VAL VA 22 64.03 -32.48 54.70
CA VAL VA 22 62.58 -32.40 54.88
C VAL VA 22 61.87 -33.08 53.71
N TYR VA 23 62.41 -32.96 52.49
CA TYR VA 23 61.81 -33.66 51.37
C TYR VA 23 61.92 -35.16 51.53
N MET VA 24 63.04 -35.64 52.07
CA MET VA 24 63.17 -37.06 52.35
C MET VA 24 62.22 -37.49 53.46
N SER VA 25 61.96 -36.63 54.44
CA SER VA 25 60.97 -36.96 55.45
C SER VA 25 59.59 -37.15 54.83
N GLY VA 26 59.22 -36.23 53.94
CA GLY VA 26 57.96 -36.37 53.23
C GLY VA 26 57.92 -37.60 52.35
N LEU VA 27 59.04 -37.88 51.67
CA LEU VA 27 59.13 -39.06 50.80
C LEU VA 27 59.00 -40.34 51.60
N TRP VA 28 59.62 -40.40 52.78
CA TRP VA 28 59.53 -41.61 53.59
C TRP VA 28 58.13 -41.78 54.17
N LEU VA 29 57.50 -40.68 54.58
CA LEU VA 29 56.12 -40.79 55.04
C LEU VA 29 55.21 -41.30 53.92
N PHE VA 30 55.36 -40.71 52.74
CA PHE VA 30 54.55 -41.11 51.59
C PHE VA 30 54.79 -42.58 51.25
N SER VA 31 56.05 -42.99 51.16
CA SER VA 31 56.36 -44.36 50.77
C SER VA 31 55.95 -45.36 51.85
N ALA VA 32 56.05 -44.97 53.12
CA ALA VA 32 55.61 -45.85 54.19
C ALA VA 32 54.10 -46.07 54.15
N VAL VA 33 53.33 -45.00 53.92
CA VAL VA 33 51.89 -45.19 53.78
C VAL VA 33 51.58 -46.01 52.53
N ALA VA 34 52.37 -45.82 51.48
CA ALA VA 34 52.19 -46.61 50.26
C ALA VA 34 52.46 -48.09 50.51
N ILE VA 35 53.51 -48.40 51.28
CA ILE VA 35 53.81 -49.77 51.61
C ILE VA 35 52.71 -50.38 52.46
N VAL VA 36 52.19 -49.62 53.43
CA VAL VA 36 51.08 -50.12 54.22
C VAL VA 36 49.87 -50.42 53.34
N ALA VA 37 49.56 -49.51 52.42
CA ALA VA 37 48.43 -49.73 51.52
C ALA VA 37 48.65 -50.95 50.63
N HIS VA 38 49.88 -51.11 50.13
CA HIS VA 38 50.17 -52.27 49.28
C HIS VA 38 50.05 -53.56 50.06
N LEU VA 39 50.52 -53.59 51.30
CA LEU VA 39 50.35 -54.77 52.13
C LEU VA 39 48.87 -55.06 52.35
N ALA VA 40 48.09 -54.03 52.65
CA ALA VA 40 46.68 -54.24 52.92
C ALA VA 40 45.95 -54.80 51.71
N VAL VA 41 46.22 -54.25 50.53
CA VAL VA 41 45.53 -54.72 49.32
C VAL VA 41 46.03 -56.11 48.94
N TYR VA 42 47.33 -56.38 49.09
CA TYR VA 42 47.85 -57.70 48.76
C TYR VA 42 47.25 -58.76 49.68
N ILE VA 43 47.08 -58.44 50.96
CA ILE VA 43 46.41 -59.36 51.87
C ILE VA 43 44.96 -59.54 51.45
N TRP VA 44 44.28 -58.45 51.08
CA TRP VA 44 42.88 -58.54 50.70
C TRP VA 44 42.69 -59.45 49.51
N ARG VA 45 43.44 -59.22 48.43
CA ARG VA 45 43.54 -60.18 47.36
C ARG VA 45 44.84 -59.94 46.61
N PRO VA 46 45.80 -60.87 46.69
CA PRO VA 46 47.10 -60.63 46.07
C PRO VA 46 47.01 -60.59 44.55
N TRP VA 47 47.95 -59.87 43.95
CA TRP VA 47 48.05 -59.74 42.51
C TRP VA 47 49.16 -60.60 41.93
N PHE VA 48 49.46 -61.72 42.57
CA PHE VA 48 50.55 -62.57 42.12
C PHE VA 48 50.28 -64.04 42.45
N SER WA 2 85.95 -45.53 34.13
CA SER WA 2 85.79 -44.74 35.35
C SER WA 2 86.34 -43.34 35.10
N LYS WA 3 86.87 -43.13 33.90
CA LYS WA 3 87.41 -41.84 33.47
C LYS WA 3 86.48 -41.10 32.52
N PHE WA 4 85.17 -41.30 32.65
CA PHE WA 4 84.18 -40.69 31.77
C PHE WA 4 83.77 -39.29 32.20
N TYR WA 5 84.27 -38.80 33.34
CA TYR WA 5 83.75 -37.57 33.92
C TYR WA 5 83.80 -36.39 32.97
N LYS WA 6 84.60 -36.49 31.90
CA LYS WA 6 84.69 -35.40 30.93
C LYS WA 6 83.35 -35.13 30.24
N ILE WA 7 82.38 -36.04 30.31
CA ILE WA 7 81.06 -35.74 29.75
C ILE WA 7 80.46 -34.53 30.45
N TRP WA 8 80.70 -34.40 31.75
CA TRP WA 8 80.16 -33.25 32.46
C TRP WA 8 80.93 -31.99 32.14
N MET WA 9 82.08 -32.11 31.49
CA MET WA 9 82.77 -30.96 30.92
C MET WA 9 82.19 -30.56 29.57
N ILE WA 10 81.29 -31.37 29.02
CA ILE WA 10 80.77 -31.17 27.68
C ILE WA 10 79.32 -30.71 27.69
N PHE WA 11 78.49 -31.35 28.51
CA PHE WA 11 77.05 -31.13 28.49
C PHE WA 11 76.58 -30.50 29.78
N ASP WA 12 75.58 -29.62 29.67
CA ASP WA 12 75.01 -29.01 30.85
C ASP WA 12 74.29 -30.08 31.66
N PRO WA 13 74.64 -30.26 32.94
CA PRO WA 13 74.03 -31.35 33.71
C PRO WA 13 72.52 -31.26 33.82
N ARG WA 14 71.97 -30.05 33.91
CA ARG WA 14 70.53 -29.92 34.12
C ARG WA 14 69.75 -30.52 32.96
N ARG WA 15 70.14 -30.17 31.73
CA ARG WA 15 69.47 -30.71 30.56
C ARG WA 15 69.60 -32.22 30.51
N VAL WA 16 70.79 -32.74 30.78
CA VAL WA 16 70.99 -34.19 30.72
C VAL WA 16 70.09 -34.89 31.73
N PHE WA 17 70.04 -34.36 32.96
CA PHE WA 17 69.25 -35.00 33.99
C PHE WA 17 67.77 -35.00 33.65
N VAL WA 18 67.25 -33.87 33.19
CA VAL WA 18 65.82 -33.80 32.91
C VAL WA 18 65.46 -34.67 31.70
N ALA WA 19 66.29 -34.63 30.65
CA ALA WA 19 66.03 -35.45 29.47
C ALA WA 19 66.11 -36.92 29.81
N GLN WA 20 67.10 -37.32 30.61
CA GLN WA 20 67.23 -38.70 31.02
C GLN WA 20 66.03 -39.15 31.84
N GLY WA 21 65.56 -38.30 32.75
CA GLY WA 21 64.41 -38.66 33.56
C GLY WA 21 63.16 -38.87 32.74
N VAL WA 22 62.88 -37.94 31.82
CA VAL WA 22 61.68 -38.09 31.00
C VAL WA 22 61.82 -39.30 30.07
N PHE WA 23 63.02 -39.54 29.55
CA PHE WA 23 63.27 -40.72 28.74
C PHE WA 23 62.97 -41.99 29.53
N LEU WA 24 63.48 -42.08 30.75
CA LEU WA 24 63.29 -43.29 31.55
C LEU WA 24 61.83 -43.49 31.88
N PHE WA 25 61.11 -42.41 32.22
CA PHE WA 25 59.70 -42.57 32.53
C PHE WA 25 58.91 -42.99 31.30
N LEU WA 26 59.20 -42.38 30.14
CA LEU WA 26 58.49 -42.77 28.93
C LEU WA 26 58.75 -44.22 28.59
N LEU WA 27 60.00 -44.66 28.71
CA LEU WA 27 60.33 -46.05 28.41
C LEU WA 27 59.64 -47.00 29.39
N ALA WA 28 59.61 -46.64 30.67
CA ALA WA 28 58.96 -47.50 31.66
C ALA WA 28 57.48 -47.65 31.38
N VAL WA 29 56.81 -46.54 31.07
CA VAL WA 29 55.38 -46.61 30.80
C VAL WA 29 55.13 -47.36 29.50
N MET WA 30 56.00 -47.15 28.52
CA MET WA 30 55.90 -47.85 27.25
C MET WA 30 55.96 -49.36 27.44
N ILE WA 31 56.95 -49.82 28.22
CA ILE WA 31 57.12 -51.26 28.43
C ILE WA 31 55.98 -51.83 29.28
N HIS WA 32 55.57 -51.10 30.32
CA HIS WA 32 54.45 -51.59 31.14
C HIS WA 32 53.19 -51.71 30.30
N LEU WA 33 52.94 -50.75 29.42
CA LEU WA 33 51.76 -50.81 28.56
C LEU WA 33 51.85 -51.93 27.55
N ILE WA 34 53.04 -52.17 26.99
CA ILE WA 34 53.22 -53.30 26.09
C ILE WA 34 52.89 -54.60 26.81
N LEU WA 35 53.41 -54.76 28.03
CA LEU WA 35 53.12 -55.98 28.79
C LEU WA 35 51.64 -56.11 29.08
N LEU WA 36 50.97 -55.01 29.43
CA LEU WA 36 49.52 -55.07 29.64
C LEU WA 36 48.79 -55.45 28.36
N SER WA 37 49.32 -55.06 27.20
CA SER WA 37 48.65 -55.38 25.94
C SER WA 37 48.64 -56.88 25.68
N THR WA 38 49.73 -57.56 25.98
CA THR WA 38 49.82 -58.98 25.70
C THR WA 38 49.11 -59.77 26.79
N PRO WA 39 48.11 -60.59 26.45
CA PRO WA 39 47.45 -61.41 27.48
C PRO WA 39 48.39 -62.38 28.17
N SER WA 40 49.55 -62.67 27.57
CA SER WA 40 50.54 -63.51 28.22
C SER WA 40 51.14 -62.86 29.45
N TYR WA 41 51.00 -61.54 29.61
CA TYR WA 41 51.63 -60.84 30.73
C TYR WA 41 50.71 -59.84 31.40
N ASN WA 42 49.41 -59.87 31.10
CA ASN WA 42 48.50 -58.98 31.80
C ASN WA 42 48.31 -59.47 33.23
N TRP WA 43 49.13 -58.97 34.15
CA TRP WA 43 49.17 -59.53 35.49
C TRP WA 43 47.82 -59.43 36.20
N LEU WA 44 47.01 -58.43 35.84
CA LEU WA 44 45.65 -58.38 36.40
C LEU WA 44 44.84 -59.59 35.98
N GLU WA 45 44.81 -59.87 34.67
CA GLU WA 45 44.07 -61.03 34.18
C GLU WA 45 44.71 -62.34 34.61
N ILE WA 46 46.04 -62.38 34.71
CA ILE WA 46 46.72 -63.58 35.17
C ILE WA 46 46.29 -63.92 36.59
N SER WA 47 46.29 -62.91 37.46
CA SER WA 47 45.80 -63.12 38.83
C SER WA 47 44.32 -63.47 38.85
N ALA WA 48 43.54 -62.85 37.97
CA ALA WA 48 42.11 -63.13 37.93
C ALA WA 48 41.84 -64.59 37.60
N ALA WA 49 42.61 -65.15 36.67
CA ALA WA 49 42.49 -66.56 36.34
C ALA WA 49 43.03 -67.44 37.47
N LYS WA 50 44.21 -67.08 38.01
CA LYS WA 50 44.85 -67.91 39.02
C LYS WA 50 43.98 -68.06 40.27
N TYR WA 51 43.35 -66.97 40.70
CA TYR WA 51 42.50 -67.01 41.88
C TYR WA 51 41.02 -67.11 41.55
N ASN WA 52 40.68 -67.27 40.26
CA ASN WA 52 39.30 -67.48 39.84
C ASN WA 52 38.37 -66.40 40.40
N ARG WA 53 38.81 -65.15 40.28
CA ARG WA 53 38.04 -64.04 40.83
C ARG WA 53 36.87 -63.65 39.94
N VAL WA 54 36.74 -64.22 38.75
CA VAL WA 54 35.62 -63.95 37.87
C VAL WA 54 34.73 -65.18 37.76
N LEU XA 6 87.13 -27.18 24.00
CA LEU XA 6 86.83 -27.45 25.40
C LEU XA 6 86.33 -26.18 26.10
N GLY XA 7 86.30 -26.23 27.43
CA GLY XA 7 85.80 -25.10 28.19
C GLY XA 7 84.37 -24.74 27.87
N TYR XA 8 83.51 -25.73 27.63
CA TYR XA 8 82.15 -25.47 27.21
C TYR XA 8 81.25 -25.17 28.40
N THR XA 9 81.12 -26.12 29.33
CA THR XA 9 80.19 -25.97 30.44
C THR XA 9 80.74 -25.09 31.55
N GLY XA 10 82.04 -24.83 31.56
CA GLY XA 10 82.65 -23.98 32.57
C GLY XA 10 82.93 -24.66 33.91
N LEU XA 11 82.61 -25.94 34.05
CA LEU XA 11 82.82 -26.63 35.32
C LEU XA 11 84.29 -26.93 35.55
N THR XA 12 84.64 -27.07 36.83
CA THR XA 12 85.96 -27.48 37.25
C THR XA 12 85.98 -28.97 37.55
N ASP XA 13 87.14 -29.59 37.33
CA ASP XA 13 87.23 -31.05 37.38
C ASP XA 13 86.93 -31.58 38.77
N GLU XA 14 87.08 -30.76 39.81
CA GLU XA 14 86.70 -31.21 41.15
C GLU XA 14 85.19 -31.40 41.25
N GLN XA 15 84.42 -30.35 40.98
CA GLN XA 15 82.97 -30.49 41.01
C GLN XA 15 82.48 -31.38 39.88
N ALA XA 16 83.17 -31.38 38.74
CA ALA XA 16 82.79 -32.29 37.66
C ALA XA 16 82.93 -33.74 38.08
N GLN XA 17 84.04 -34.09 38.74
CA GLN XA 17 84.22 -35.47 39.19
C GLN XA 17 83.26 -35.82 40.32
N GLU XA 18 82.97 -34.86 41.20
CA GLU XA 18 81.98 -35.11 42.23
C GLU XA 18 80.62 -35.40 41.63
N LEU XA 19 80.24 -34.61 40.61
CA LEU XA 19 79.00 -34.86 39.88
C LEU XA 19 79.02 -36.20 39.18
N HIS XA 20 80.16 -36.55 38.57
CA HIS XA 20 80.26 -37.83 37.87
C HIS XA 20 80.06 -38.98 38.85
N SER XA 21 80.70 -38.91 40.01
CA SER XA 21 80.58 -39.97 41.00
C SER XA 21 79.15 -40.07 41.53
N VAL XA 22 78.51 -38.94 41.82
CA VAL XA 22 77.15 -39.02 42.36
C VAL XA 22 76.17 -39.51 41.30
N TYR XA 23 76.39 -39.11 40.04
CA TYR XA 23 75.57 -39.62 38.95
C TYR XA 23 75.74 -41.12 38.80
N MET XA 24 76.98 -41.61 38.88
CA MET XA 24 77.21 -43.04 38.81
C MET XA 24 76.55 -43.77 39.97
N SER XA 25 76.59 -43.19 41.16
CA SER XA 25 75.95 -43.80 42.32
C SER XA 25 74.45 -43.95 42.08
N GLY XA 26 73.80 -42.89 41.59
CA GLY XA 26 72.39 -42.98 41.28
C GLY XA 26 72.09 -44.00 40.20
N LEU XA 27 72.93 -44.04 39.16
CA LEU XA 27 72.74 -44.99 38.08
C LEU XA 27 72.85 -46.42 38.58
N TRP XA 28 73.81 -46.68 39.47
CA TRP XA 28 74.02 -48.03 39.96
C TRP XA 28 72.89 -48.45 40.90
N LEU XA 29 72.38 -47.53 41.71
CA LEU XA 29 71.22 -47.87 42.53
C LEU XA 29 70.02 -48.21 41.63
N PHE XA 30 69.81 -47.40 40.59
CA PHE XA 30 68.71 -47.66 39.65
C PHE XA 30 68.88 -49.00 38.97
N SER XA 31 70.09 -49.31 38.51
CA SER XA 31 70.34 -50.57 37.85
C SER XA 31 70.16 -51.73 38.80
N ALA XA 32 70.55 -51.56 40.07
CA ALA XA 32 70.42 -52.64 41.04
C ALA XA 32 68.96 -52.98 41.29
N VAL XA 33 68.14 -51.96 41.53
CA VAL XA 33 66.73 -52.24 41.77
C VAL XA 33 66.08 -52.80 40.51
N ALA XA 34 66.50 -52.34 39.33
CA ALA XA 34 66.00 -52.91 38.09
C ALA XA 34 66.38 -54.38 37.96
N ILE XA 35 67.61 -54.74 38.32
CA ILE XA 35 68.07 -56.12 38.22
C ILE XA 35 67.27 -57.00 39.17
N VAL XA 36 67.01 -56.52 40.38
CA VAL XA 36 66.20 -57.30 41.30
C VAL XA 36 64.81 -57.53 40.72
N ALA XA 37 64.22 -56.48 40.14
CA ALA XA 37 62.89 -56.61 39.56
C ALA XA 37 62.88 -57.60 38.41
N HIS XA 38 63.90 -57.55 37.55
CA HIS XA 38 63.98 -58.47 36.42
C HIS XA 38 64.16 -59.91 36.90
N LEU XA 39 64.98 -60.12 37.92
CA LEU XA 39 65.13 -61.47 38.46
C LEU XA 39 63.81 -61.96 39.04
N ALA XA 40 63.10 -61.11 39.76
CA ALA XA 40 61.83 -61.52 40.35
C ALA XA 40 60.83 -61.90 39.27
N VAL XA 41 60.73 -61.09 38.22
CA VAL XA 41 59.75 -61.40 37.18
C VAL XA 41 60.17 -62.63 36.38
N TYR XA 42 61.47 -62.81 36.14
CA TYR XA 42 61.93 -63.98 35.42
C TYR XA 42 61.66 -65.26 36.21
N ILE XA 43 61.79 -65.18 37.54
CA ILE XA 43 61.41 -66.33 38.36
C ILE XA 43 59.91 -66.55 38.31
N TRP XA 44 59.13 -65.47 38.37
CA TRP XA 44 57.67 -65.63 38.41
C TRP XA 44 57.11 -66.08 37.06
N ARG XA 45 57.62 -65.53 35.97
CA ARG XA 45 57.06 -65.82 34.65
C ARG XA 45 58.10 -65.55 33.57
N PRO XA 46 58.92 -66.55 33.23
CA PRO XA 46 60.03 -66.29 32.31
C PRO XA 46 59.55 -65.95 30.91
N TRP XA 47 60.37 -65.18 30.20
CA TRP XA 47 60.09 -64.80 28.82
C TRP XA 47 61.07 -65.46 27.85
N PHE XA 48 61.87 -66.40 28.31
CA PHE XA 48 62.82 -67.08 27.45
C PHE XA 48 62.58 -68.58 27.46
N SER YA 2 94.55 -44.82 13.14
CA SER YA 2 95.16 -44.10 14.25
C SER YA 2 94.95 -42.61 14.10
N LYS YA 3 95.08 -42.10 12.88
CA LYS YA 3 94.92 -40.67 12.63
C LYS YA 3 93.46 -40.30 12.40
N PHE YA 4 92.59 -40.74 13.31
CA PHE YA 4 91.18 -40.41 13.25
C PHE YA 4 90.80 -39.29 14.22
N TYR YA 5 91.65 -38.99 15.21
CA TYR YA 5 91.33 -37.97 16.20
C TYR YA 5 91.10 -36.60 15.56
N LYS YA 6 91.63 -36.38 14.36
CA LYS YA 6 91.54 -35.07 13.75
C LYS YA 6 90.10 -34.67 13.42
N ILE YA 7 89.15 -35.61 13.49
CA ILE YA 7 87.74 -35.24 13.38
C ILE YA 7 87.39 -34.21 14.45
N TRP YA 8 87.86 -34.42 15.67
CA TRP YA 8 87.58 -33.48 16.74
C TRP YA 8 88.30 -32.16 16.54
N MET YA 9 89.23 -32.10 15.57
CA MET YA 9 89.77 -30.82 15.13
C MET YA 9 88.78 -30.05 14.29
N ILE YA 10 87.76 -30.71 13.76
CA ILE YA 10 86.76 -30.04 12.94
C ILE YA 10 85.33 -30.20 13.45
N PHE YA 11 85.01 -31.23 14.23
CA PHE YA 11 83.66 -31.45 14.70
C PHE YA 11 83.52 -31.06 16.17
N ASP YA 12 82.47 -30.31 16.47
CA ASP YA 12 82.16 -29.99 17.86
C ASP YA 12 81.71 -31.25 18.57
N PRO YA 13 82.34 -31.63 19.68
CA PRO YA 13 81.96 -32.87 20.36
C PRO YA 13 80.52 -32.90 20.84
N ARG YA 14 79.94 -31.75 21.19
CA ARG YA 14 78.58 -31.75 21.72
C ARG YA 14 77.58 -32.18 20.66
N ARG YA 15 77.65 -31.58 19.47
CA ARG YA 15 76.76 -31.95 18.39
C ARG YA 15 76.96 -33.40 18.00
N VAL YA 16 78.22 -33.84 17.91
CA VAL YA 16 78.52 -35.22 17.58
C VAL YA 16 77.88 -36.17 18.58
N PHE YA 17 78.00 -35.85 19.87
CA PHE YA 17 77.52 -36.77 20.88
C PHE YA 17 76.00 -36.84 20.91
N VAL YA 18 75.31 -35.70 20.76
CA VAL YA 18 73.86 -35.77 20.75
C VAL YA 18 73.37 -36.51 19.51
N ALA YA 19 74.01 -36.26 18.35
CA ALA YA 19 73.63 -36.98 17.15
C ALA YA 19 73.83 -38.47 17.32
N GLN YA 20 74.95 -38.87 17.90
CA GLN YA 20 75.23 -40.29 18.10
C GLN YA 20 74.22 -40.93 19.04
N GLY YA 21 73.88 -40.24 20.13
CA GLY YA 21 72.92 -40.80 21.06
C GLY YA 21 71.55 -40.99 20.44
N VAL YA 22 71.07 -39.96 19.72
CA VAL YA 22 69.77 -40.06 19.08
C VAL YA 22 69.78 -41.15 18.03
N PHE YA 23 70.83 -41.21 17.21
CA PHE YA 23 70.93 -42.23 16.18
C PHE YA 23 70.92 -43.62 16.78
N LEU YA 24 71.69 -43.83 17.85
CA LEU YA 24 71.75 -45.15 18.45
C LEU YA 24 70.40 -45.56 19.03
N PHE YA 25 69.74 -44.66 19.76
CA PHE YA 25 68.46 -45.03 20.34
C PHE YA 25 67.43 -45.31 19.27
N LEU YA 26 67.41 -44.50 18.21
CA LEU YA 26 66.43 -44.71 17.14
C LEU YA 26 66.69 -46.02 16.42
N LEU YA 27 67.97 -46.33 16.13
CA LEU YA 27 68.29 -47.59 15.47
C LEU YA 27 67.92 -48.78 16.35
N ALA YA 28 68.19 -48.68 17.66
CA ALA YA 28 67.85 -49.78 18.56
C ALA YA 28 66.35 -50.00 18.62
N VAL YA 29 65.57 -48.92 18.74
CA VAL YA 29 64.12 -49.05 18.80
C VAL YA 29 63.59 -49.61 17.49
N MET YA 30 64.15 -49.15 16.35
CA MET YA 30 63.72 -49.65 15.06
C MET YA 30 63.94 -51.14 14.93
N ILE YA 31 65.12 -51.64 15.33
CA ILE YA 31 65.40 -53.06 15.20
C ILE YA 31 64.54 -53.86 16.18
N HIS YA 32 64.38 -53.37 17.41
CA HIS YA 32 63.52 -54.08 18.36
C HIS YA 32 62.10 -54.17 17.82
N LEU YA 33 61.60 -53.09 17.22
CA LEU YA 33 60.26 -53.08 16.66
C LEU YA 33 60.15 -54.03 15.48
N ILE YA 34 61.18 -54.09 14.64
CA ILE YA 34 61.13 -55.02 13.50
C ILE YA 34 61.07 -56.45 13.99
N LEU YA 35 61.85 -56.79 15.02
CA LEU YA 35 61.78 -58.13 15.58
C LEU YA 35 60.40 -58.40 16.19
N LEU YA 36 59.86 -57.43 16.91
CA LEU YA 36 58.54 -57.63 17.54
C LEU YA 36 57.46 -57.81 16.49
N SER YA 37 57.57 -57.11 15.36
CA SER YA 37 56.54 -57.20 14.32
C SER YA 37 56.54 -58.56 13.65
N THR YA 38 57.71 -59.14 13.42
CA THR YA 38 57.79 -60.46 12.81
C THR YA 38 57.38 -61.51 13.82
N PRO YA 39 56.36 -62.33 13.54
CA PRO YA 39 55.89 -63.30 14.53
C PRO YA 39 56.94 -64.33 14.92
N SER YA 40 57.97 -64.51 14.10
CA SER YA 40 59.02 -65.48 14.44
C SER YA 40 59.79 -65.07 15.68
N TYR YA 41 60.10 -63.78 15.82
CA TYR YA 41 60.94 -63.28 16.90
C TYR YA 41 60.17 -62.51 17.96
N ASN YA 42 58.84 -62.54 17.93
CA ASN YA 42 58.09 -61.88 18.99
C ASN YA 42 58.24 -62.67 20.27
N TRP YA 43 59.23 -62.31 21.10
CA TRP YA 43 59.60 -63.16 22.22
C TRP YA 43 58.49 -63.32 23.24
N LEU YA 44 57.57 -62.36 23.32
CA LEU YA 44 56.40 -62.57 24.16
C LEU YA 44 55.53 -63.70 23.62
N GLU YA 45 55.32 -63.73 22.29
CA GLU YA 45 54.59 -64.84 21.69
C GLU YA 45 55.34 -66.15 21.80
N ILE YA 46 56.67 -66.12 21.64
CA ILE YA 46 57.48 -67.32 21.77
C ILE YA 46 57.36 -67.90 23.18
N SER YA 47 57.43 -67.03 24.18
CA SER YA 47 57.25 -67.47 25.56
C SER YA 47 55.84 -67.99 25.80
N ALA YA 48 54.83 -67.31 25.27
CA ALA YA 48 53.45 -67.73 25.49
C ALA YA 48 53.19 -69.10 24.88
N ALA YA 49 53.76 -69.37 23.71
CA ALA YA 49 53.59 -70.68 23.10
C ALA YA 49 54.42 -71.74 23.81
N LYS YA 50 55.66 -71.40 24.17
CA LYS YA 50 56.55 -72.38 24.78
C LYS YA 50 56.04 -72.81 26.15
N TYR YA 51 55.51 -71.88 26.93
CA TYR YA 51 55.03 -72.18 28.28
C TYR YA 51 53.52 -72.33 28.35
N ASN YA 52 52.84 -72.35 27.19
CA ASN YA 52 51.42 -72.67 27.10
C ASN YA 52 50.58 -71.74 27.98
N ARG YA 53 50.76 -70.45 27.75
CA ARG YA 53 50.03 -69.43 28.50
C ARG YA 53 48.77 -68.97 27.79
N VAL YA 54 48.40 -69.60 26.68
CA VAL YA 54 47.17 -69.26 25.99
C VAL YA 54 46.26 -70.48 25.90
N LEU ZA 6 93.91 -23.24 13.80
CA LEU ZA 6 94.39 -24.59 13.50
C LEU ZA 6 93.24 -25.46 13.03
N GLY ZA 7 92.06 -25.23 13.61
CA GLY ZA 7 90.88 -26.00 13.25
C GLY ZA 7 89.63 -25.17 13.46
N TYR ZA 8 88.53 -25.66 12.88
CA TYR ZA 8 87.27 -24.94 12.96
C TYR ZA 8 86.78 -24.84 14.40
N THR ZA 9 86.90 -25.92 15.16
CA THR ZA 9 86.44 -25.92 16.55
C THR ZA 9 87.44 -25.32 17.51
N GLY ZA 10 88.66 -25.03 17.08
CA GLY ZA 10 89.66 -24.48 17.97
C GLY ZA 10 90.06 -25.40 19.10
N LEU ZA 11 90.32 -26.66 18.82
CA LEU ZA 11 90.75 -27.63 19.81
C LEU ZA 11 92.23 -27.96 19.62
N THR ZA 12 92.96 -28.06 20.72
CA THR ZA 12 94.36 -28.44 20.63
C THR ZA 12 94.50 -29.94 20.38
N ASP ZA 13 95.62 -30.31 19.76
CA ASP ZA 13 95.81 -31.70 19.34
C ASP ZA 13 95.84 -32.63 20.55
N GLU ZA 14 96.34 -32.16 21.69
CA GLU ZA 14 96.32 -32.97 22.91
C GLU ZA 14 94.90 -33.21 23.39
N GLN ZA 15 94.08 -32.16 23.40
CA GLN ZA 15 92.69 -32.32 23.81
C GLN ZA 15 91.93 -33.21 22.83
N ALA ZA 16 92.19 -33.06 21.53
CA ALA ZA 16 91.58 -33.96 20.56
C ALA ZA 16 91.99 -35.39 20.81
N GLN ZA 17 93.27 -35.63 21.14
CA GLN ZA 17 93.74 -36.99 21.38
C GLN ZA 17 93.07 -37.60 22.60
N GLU ZA 18 92.99 -36.85 23.70
CA GLU ZA 18 92.36 -37.40 24.90
C GLU ZA 18 90.88 -37.65 24.68
N LEU ZA 19 90.20 -36.74 23.97
CA LEU ZA 19 88.79 -36.94 23.63
C LEU ZA 19 88.62 -38.19 22.79
N HIS ZA 20 89.48 -38.38 21.80
CA HIS ZA 20 89.42 -39.56 20.95
C HIS ZA 20 89.64 -40.82 21.77
N SER ZA 21 90.57 -40.78 22.72
CA SER ZA 21 90.81 -41.94 23.56
C SER ZA 21 89.57 -42.34 24.34
N VAL ZA 22 88.96 -41.38 25.03
CA VAL ZA 22 87.81 -41.73 25.87
C VAL ZA 22 86.61 -42.12 25.00
N TYR ZA 23 86.41 -41.44 23.87
CA TYR ZA 23 85.32 -41.78 22.97
C TYR ZA 23 85.48 -43.19 22.42
N MET ZA 24 86.69 -43.54 21.98
CA MET ZA 24 86.93 -44.89 21.45
C MET ZA 24 86.78 -45.93 22.54
N SER ZA 25 87.17 -45.60 23.77
CA SER ZA 25 86.95 -46.54 24.87
C SER ZA 25 85.46 -46.81 25.07
N GLY ZA 26 84.65 -45.75 25.02
CA GLY ZA 26 83.20 -45.94 25.11
C GLY ZA 26 82.66 -46.76 23.95
N LEU ZA 27 83.16 -46.51 22.75
CA LEU ZA 27 82.74 -47.27 21.58
C LEU ZA 27 83.07 -48.75 21.75
N TRP ZA 28 84.27 -49.07 22.22
CA TRP ZA 28 84.64 -50.47 22.41
C TRP ZA 28 83.79 -51.12 23.48
N LEU ZA 29 83.50 -50.41 24.56
CA LEU ZA 29 82.64 -50.97 25.61
C LEU ZA 29 81.26 -51.30 25.06
N PHE ZA 30 80.67 -50.34 24.35
CA PHE ZA 30 79.34 -50.55 23.80
C PHE ZA 30 79.33 -51.70 22.80
N SER ZA 31 80.35 -51.75 21.94
CA SER ZA 31 80.45 -52.83 20.96
C SER ZA 31 80.62 -54.18 21.65
N ALA ZA 32 81.36 -54.22 22.75
CA ALA ZA 32 81.52 -55.48 23.47
C ALA ZA 32 80.19 -55.98 24.02
N VAL ZA 33 79.42 -55.08 24.65
CA VAL ZA 33 78.12 -55.51 25.15
C VAL ZA 33 77.21 -55.93 24.00
N ALA ZA 34 77.31 -55.23 22.87
CA ALA ZA 34 76.51 -55.59 21.70
C ALA ZA 34 76.89 -56.98 21.17
N ILE ZA 35 78.17 -57.29 21.14
CA ILE ZA 35 78.62 -58.59 20.67
C ILE ZA 35 78.15 -59.68 21.61
N VAL ZA 36 78.23 -59.44 22.92
CA VAL ZA 36 77.73 -60.42 23.89
C VAL ZA 36 76.25 -60.68 23.64
N ALA ZA 37 75.47 -59.62 23.46
CA ALA ZA 37 74.04 -59.77 23.24
C ALA ZA 37 73.75 -60.53 21.96
N HIS ZA 38 74.46 -60.19 20.88
CA HIS ZA 38 74.24 -60.86 19.61
C HIS ZA 38 74.57 -62.34 19.71
N LEU ZA 39 75.67 -62.68 20.38
CA LEU ZA 39 76.02 -64.09 20.54
C LEU ZA 39 74.95 -64.82 21.35
N ALA ZA 40 74.46 -64.20 22.42
CA ALA ZA 40 73.43 -64.85 23.24
C ALA ZA 40 72.15 -65.08 22.44
N VAL ZA 41 71.73 -64.09 21.65
CA VAL ZA 41 70.48 -64.24 20.91
C VAL ZA 41 70.66 -65.21 19.75
N TYR ZA 42 71.84 -65.27 19.15
CA TYR ZA 42 72.10 -66.29 18.13
C TYR ZA 42 72.03 -67.68 18.73
N ILE ZA 43 72.56 -67.86 19.94
CA ILE ZA 43 72.46 -69.16 20.59
C ILE ZA 43 71.00 -69.50 20.89
N TRP ZA 44 70.24 -68.54 21.40
CA TRP ZA 44 68.86 -68.82 21.76
C TRP ZA 44 68.00 -69.12 20.55
N ARG ZA 45 68.15 -68.35 19.47
CA ARG ZA 45 67.28 -68.49 18.31
C ARG ZA 45 67.98 -67.92 17.08
N PRO ZA 46 68.77 -68.71 16.37
CA PRO ZA 46 69.58 -68.17 15.27
C PRO ZA 46 68.73 -67.69 14.10
N TRP ZA 47 69.26 -66.70 13.38
CA TRP ZA 47 68.64 -66.19 12.17
C TRP ZA 47 69.35 -66.63 10.91
N PHE ZA 48 70.26 -67.59 11.01
CA PHE ZA 48 71.02 -68.03 9.86
C PHE ZA 48 70.98 -69.55 9.73
N SER AB 2 95.63 -39.32 -6.36
CA SER AB 2 96.66 -38.53 -5.69
C SER AB 2 96.48 -37.06 -6.06
N LYS AB 3 95.44 -36.82 -6.85
CA LYS AB 3 95.01 -35.47 -7.20
C LYS AB 3 93.61 -35.16 -6.69
N PHE AB 4 92.97 -36.08 -5.97
CA PHE AB 4 91.61 -35.91 -5.46
C PHE AB 4 91.59 -35.21 -4.12
N TYR AB 5 92.74 -34.72 -3.65
CA TYR AB 5 92.80 -34.02 -2.38
C TYR AB 5 92.28 -32.59 -2.47
N LYS AB 6 92.00 -32.12 -3.68
CA LYS AB 6 91.64 -30.71 -3.87
C LYS AB 6 90.19 -30.43 -3.53
N ILE AB 7 89.36 -31.47 -3.31
CA ILE AB 7 87.98 -31.25 -2.90
C ILE AB 7 87.93 -30.44 -1.62
N TRP AB 8 88.81 -30.75 -0.68
CA TRP AB 8 88.83 -30.06 0.60
C TRP AB 8 89.31 -28.64 0.47
N MET AB 9 89.76 -28.22 -0.71
CA MET AB 9 90.07 -26.83 -0.99
C MET AB 9 88.83 -26.03 -1.36
N ILE AB 10 87.72 -26.69 -1.70
CA ILE AB 10 86.51 -25.98 -2.10
C ILE AB 10 85.36 -26.34 -1.20
N PHE AB 11 85.42 -27.51 -0.57
CA PHE AB 11 84.33 -27.98 0.28
C PHE AB 11 84.77 -28.03 1.73
N ASP AB 12 83.96 -27.44 2.60
CA ASP AB 12 84.22 -27.50 4.04
C ASP AB 12 84.18 -28.96 4.49
N PRO AB 13 85.15 -29.42 5.28
CA PRO AB 13 85.19 -30.84 5.65
C PRO AB 13 83.96 -31.30 6.42
N ARG AB 14 83.40 -30.45 7.28
CA ARG AB 14 82.23 -30.85 8.05
C ARG AB 14 81.05 -31.14 7.14
N ARG AB 15 80.84 -30.30 6.14
CA ARG AB 15 79.74 -30.51 5.20
C ARG AB 15 79.90 -31.83 4.46
N VAL AB 16 81.12 -32.12 4.00
CA VAL AB 16 81.35 -33.35 3.26
C VAL AB 16 81.12 -34.56 4.15
N PHE AB 17 81.62 -34.52 5.38
CA PHE AB 17 81.46 -35.68 6.26
C PHE AB 17 80.00 -35.90 6.63
N VAL AB 18 79.26 -34.84 6.95
CA VAL AB 18 77.86 -35.04 7.30
C VAL AB 18 77.06 -35.52 6.09
N ALA AB 19 77.38 -35.00 4.90
CA ALA AB 19 76.69 -35.47 3.71
C ALA AB 19 76.97 -36.94 3.46
N GLN AB 20 78.23 -37.36 3.63
CA GLN AB 20 78.57 -38.76 3.46
C GLN AB 20 77.84 -39.63 4.46
N GLY AB 21 77.80 -39.22 5.72
CA GLY AB 21 77.11 -40.02 6.72
C GLY AB 21 75.63 -40.16 6.42
N VAL AB 22 74.99 -39.04 6.06
CA VAL AB 22 73.56 -39.07 5.75
C VAL AB 22 73.29 -39.98 4.57
N PHE AB 23 74.07 -39.83 3.50
CA PHE AB 23 73.87 -40.62 2.31
C PHE AB 23 74.03 -42.10 2.60
N LEU AB 24 75.11 -42.46 3.30
CA LEU AB 24 75.36 -43.86 3.56
C LEU AB 24 74.29 -44.47 4.46
N PHE AB 25 73.86 -43.73 5.48
CA PHE AB 25 72.82 -44.25 6.36
C PHE AB 25 71.52 -44.48 5.62
N LEU AB 26 71.09 -43.48 4.82
CA LEU AB 26 69.84 -43.63 4.09
C LEU AB 26 69.92 -44.75 3.07
N LEU AB 27 71.03 -44.86 2.36
CA LEU AB 27 71.20 -45.92 1.37
C LEU AB 27 71.19 -47.29 2.03
N ALA AB 28 71.90 -47.43 3.16
CA ALA AB 28 71.92 -48.71 3.85
C ALA AB 28 70.54 -49.12 4.31
N VAL AB 29 69.78 -48.18 4.89
CA VAL AB 29 68.44 -48.51 5.35
C VAL AB 29 67.55 -48.87 4.17
N MET AB 30 67.67 -48.12 3.07
CA MET AB 30 66.83 -48.41 1.91
C MET AB 30 67.10 -49.81 1.38
N ILE AB 31 68.38 -50.21 1.30
CA ILE AB 31 68.70 -51.52 0.76
C ILE AB 31 68.27 -52.62 1.72
N HIS AB 32 68.46 -52.44 3.03
CA HIS AB 32 68.00 -53.45 3.97
C HIS AB 32 66.49 -53.61 3.91
N LEU AB 33 65.76 -52.50 3.78
CA LEU AB 33 64.30 -52.58 3.67
C LEU AB 33 63.89 -53.26 2.37
N ILE AB 34 64.59 -52.99 1.27
CA ILE AB 34 64.30 -53.68 0.02
C ILE AB 34 64.48 -55.18 0.19
N LEU AB 35 65.57 -55.59 0.85
CA LEU AB 35 65.80 -57.00 1.07
C LEU AB 35 64.72 -57.62 1.94
N LEU AB 36 64.35 -56.93 3.02
CA LEU AB 36 63.27 -57.44 3.87
C LEU AB 36 61.96 -57.54 3.11
N SER AB 37 61.76 -56.67 2.12
CA SER AB 37 60.53 -56.71 1.34
C SER AB 37 60.50 -57.93 0.43
N THR AB 38 61.62 -58.31 -0.15
CA THR AB 38 61.66 -59.46 -1.04
C THR AB 38 61.64 -60.75 -0.23
N PRO AB 39 60.62 -61.60 -0.39
CA PRO AB 39 60.57 -62.84 0.40
C PRO AB 39 61.71 -63.79 0.10
N SER AB 40 62.37 -63.65 -1.06
CA SER AB 40 63.54 -64.46 -1.36
C SER AB 40 64.73 -64.12 -0.48
N TYR AB 41 64.78 -62.92 0.11
CA TYR AB 41 65.93 -62.50 0.89
C TYR AB 41 65.57 -61.99 2.27
N ASN AB 42 64.33 -62.17 2.72
CA ASN AB 42 63.95 -61.74 4.07
C ASN AB 42 64.55 -62.72 5.07
N TRP AB 43 65.70 -62.34 5.65
CA TRP AB 43 66.46 -63.31 6.43
C TRP AB 43 65.67 -63.81 7.64
N LEU AB 44 64.85 -62.94 8.23
CA LEU AB 44 63.99 -63.39 9.32
C LEU AB 44 62.99 -64.44 8.81
N GLU AB 45 62.38 -64.19 7.66
CA GLU AB 45 61.44 -65.16 7.09
C GLU AB 45 62.14 -66.43 6.66
N ILE AB 46 63.34 -66.31 6.09
CA ILE AB 46 64.11 -67.47 5.67
C ILE AB 46 64.41 -68.36 6.86
N SER AB 47 64.89 -67.77 7.96
CA SER AB 47 65.17 -68.56 9.15
C SER AB 47 63.89 -69.09 9.79
N ALA AB 48 62.78 -68.37 9.66
CA ALA AB 48 61.53 -68.89 10.20
C ALA AB 48 61.08 -70.15 9.45
N ALA AB 49 61.25 -70.16 8.13
CA ALA AB 49 60.89 -71.34 7.36
C ALA AB 49 61.90 -72.47 7.55
N LYS AB 50 63.18 -72.13 7.71
CA LYS AB 50 64.22 -73.14 7.85
C LYS AB 50 64.08 -73.91 9.15
N TYR AB 51 63.69 -73.24 10.23
CA TYR AB 51 63.67 -73.84 11.55
C TYR AB 51 62.25 -74.09 12.07
N ASN AB 52 61.27 -74.21 11.17
CA ASN AB 52 59.92 -74.64 11.52
C ASN AB 52 59.27 -73.74 12.57
N ARG AB 53 59.63 -72.46 12.54
CA ARG AB 53 59.03 -71.49 13.44
C ARG AB 53 57.70 -71.02 12.84
N VAL AB 54 57.12 -69.96 13.41
CA VAL AB 54 55.86 -69.44 12.92
C VAL AB 54 56.07 -68.28 11.95
N LEU BB 6 89.92 -22.79 -6.50
CA LEU BB 6 90.91 -23.04 -5.47
C LEU BB 6 90.80 -21.99 -4.37
N GLY BB 7 90.95 -22.44 -3.12
CA GLY BB 7 90.91 -21.53 -1.99
C GLY BB 7 89.53 -21.06 -1.61
N TYR BB 8 88.48 -21.78 -2.01
CA TYR BB 8 87.13 -21.41 -1.60
C TYR BB 8 86.97 -21.51 -0.10
N THR BB 9 87.45 -22.59 0.50
CA THR BB 9 87.34 -22.80 1.94
C THR BB 9 88.51 -22.20 2.71
N GLY BB 10 89.53 -21.71 2.02
CA GLY BB 10 90.67 -21.12 2.70
C GLY BB 10 91.47 -22.13 3.49
N LEU BB 11 92.10 -23.07 2.80
CA LEU BB 11 92.92 -24.08 3.43
C LEU BB 11 94.20 -24.26 2.64
N THR BB 12 95.16 -24.96 3.24
CA THR BB 12 96.46 -25.19 2.62
C THR BB 12 96.54 -26.58 2.01
N ASP BB 13 97.43 -26.71 1.03
CA ASP BB 13 97.58 -27.99 0.33
C ASP BB 13 98.13 -29.07 1.25
N GLU BB 14 98.97 -28.71 2.22
CA GLU BB 14 99.42 -29.69 3.18
C GLU BB 14 98.26 -30.19 4.04
N GLN BB 15 97.37 -29.27 4.45
CA GLN BB 15 96.17 -29.67 5.16
C GLN BB 15 95.28 -30.52 4.27
N ALA BB 16 95.17 -30.17 2.99
CA ALA BB 16 94.39 -30.97 2.06
C ALA BB 16 94.95 -32.39 1.96
N GLN BB 17 96.27 -32.53 1.93
CA GLN BB 17 96.88 -33.85 1.89
C GLN BB 17 96.58 -34.62 3.17
N GLU BB 18 96.86 -34.02 4.32
CA GLU BB 18 96.68 -34.69 5.60
C GLU BB 18 95.22 -35.01 5.88
N LEU BB 19 94.30 -34.34 5.18
CA LEU BB 19 92.88 -34.63 5.31
C LEU BB 19 92.42 -35.71 4.34
N HIS BB 20 92.76 -35.56 3.06
CA HIS BB 20 92.32 -36.50 2.04
C HIS BB 20 92.92 -37.87 2.25
N SER BB 21 94.14 -37.95 2.77
CA SER BB 21 94.75 -39.26 3.00
C SER BB 21 93.93 -40.07 4.00
N VAL BB 22 93.57 -39.47 5.13
CA VAL BB 22 92.81 -40.21 6.12
C VAL BB 22 91.35 -40.39 5.67
N TYR BB 23 90.85 -39.48 4.83
CA TYR BB 23 89.54 -39.71 4.22
C TYR BB 23 89.56 -40.98 3.39
N MET BB 24 90.60 -41.16 2.57
CA MET BB 24 90.72 -42.39 1.80
C MET BB 24 90.95 -43.58 2.71
N SER BB 25 91.64 -43.38 3.83
CA SER BB 25 91.81 -44.47 4.80
C SER BB 25 90.47 -44.96 5.30
N GLY BB 26 89.61 -44.03 5.73
CA GLY BB 26 88.29 -44.43 6.19
C GLY BB 26 87.44 -45.04 5.10
N LEU BB 27 87.53 -44.48 3.88
CA LEU BB 27 86.79 -45.04 2.75
C LEU BB 27 87.21 -46.47 2.48
N TRP BB 28 88.52 -46.74 2.50
CA TRP BB 28 89.00 -48.08 2.21
C TRP BB 28 88.65 -49.06 3.32
N LEU BB 29 88.65 -48.60 4.57
CA LEU BB 29 88.19 -49.47 5.65
C LEU BB 29 86.72 -49.85 5.45
N PHE BB 30 85.89 -48.84 5.18
CA PHE BB 30 84.47 -49.08 4.97
C PHE BB 30 84.24 -50.01 3.79
N SER BB 31 84.96 -49.78 2.69
CA SER BB 31 84.80 -50.59 1.50
C SER BB 31 85.27 -52.02 1.74
N ALA BB 32 86.33 -52.20 2.53
CA ALA BB 32 86.80 -53.55 2.82
C ALA BB 32 85.76 -54.32 3.61
N VAL BB 33 85.16 -53.68 4.64
CA VAL BB 33 84.14 -54.37 5.41
C VAL BB 33 82.93 -54.68 4.53
N ALA BB 34 82.57 -53.74 3.64
CA ALA BB 34 81.44 -53.96 2.74
C ALA BB 34 81.70 -55.11 1.78
N ILE BB 35 82.93 -55.20 1.26
CA ILE BB 35 83.29 -56.28 0.36
C ILE BB 35 83.23 -57.62 1.08
N VAL BB 36 83.74 -57.66 2.32
CA VAL BB 36 83.64 -58.90 3.09
C VAL BB 36 82.19 -59.29 3.30
N ALA BB 37 81.33 -58.30 3.60
CA ALA BB 37 79.91 -58.60 3.81
C ALA BB 37 79.27 -59.14 2.53
N HIS BB 38 79.57 -58.52 1.39
CA HIS BB 38 79.01 -59.01 0.14
C HIS BB 38 79.49 -60.41 -0.19
N LEU BB 39 80.77 -60.70 0.10
CA LEU BB 39 81.28 -62.04 -0.12
C LEU BB 39 80.55 -63.05 0.74
N ALA BB 40 80.35 -62.73 2.03
CA ALA BB 40 79.66 -63.65 2.92
C ALA BB 40 78.21 -63.86 2.48
N VAL BB 41 77.53 -62.80 2.05
CA VAL BB 41 76.15 -62.95 1.59
C VAL BB 41 76.09 -63.79 0.32
N TYR BB 42 77.02 -63.55 -0.61
CA TYR BB 42 77.02 -64.28 -1.87
C TYR BB 42 77.27 -65.76 -1.62
N ILE BB 43 78.17 -66.08 -0.70
CA ILE BB 43 78.39 -67.48 -0.34
C ILE BB 43 77.13 -68.06 0.30
N TRP BB 44 76.53 -67.33 1.22
CA TRP BB 44 75.35 -67.83 1.94
C TRP BB 44 74.17 -68.03 1.01
N ARG BB 45 73.93 -67.09 0.11
CA ARG BB 45 72.77 -67.12 -0.76
C ARG BB 45 73.01 -66.23 -1.96
N PRO BB 46 73.62 -66.76 -3.02
CA PRO BB 46 74.00 -65.90 -4.15
C PRO BB 46 72.78 -65.31 -4.85
N TRP BB 47 72.98 -64.11 -5.41
CA TRP BB 47 71.91 -63.41 -6.10
C TRP BB 47 72.10 -63.41 -7.61
N PHE BB 48 73.00 -64.22 -8.14
CA PHE BB 48 73.19 -64.34 -9.57
C PHE BB 48 73.09 -65.79 -10.04
N SER CB 2 89.37 -29.74 -24.59
CA SER CB 2 90.30 -29.25 -23.58
C SER CB 2 89.95 -27.82 -23.13
N LYS CB 3 89.26 -27.09 -24.01
CA LYS CB 3 88.82 -25.73 -23.71
C LYS CB 3 87.49 -25.71 -22.97
N PHE CB 4 87.06 -26.86 -22.45
CA PHE CB 4 85.86 -26.95 -21.63
C PHE CB 4 86.14 -26.60 -20.18
N TYR CB 5 87.40 -26.38 -19.82
CA TYR CB 5 87.74 -26.00 -18.45
C TYR CB 5 87.09 -24.65 -18.12
N LYS CB 6 86.82 -23.86 -19.16
CA LYS CB 6 86.26 -22.53 -18.95
C LYS CB 6 84.87 -22.58 -18.33
N ILE CB 7 84.20 -23.73 -18.36
CA ILE CB 7 82.91 -23.83 -17.69
C ILE CB 7 83.10 -23.65 -16.18
N TRP CB 8 84.19 -24.18 -15.63
CA TRP CB 8 84.53 -23.94 -14.25
C TRP CB 8 84.87 -22.48 -13.99
N MET CB 9 85.19 -21.73 -15.04
CA MET CB 9 85.35 -20.29 -14.92
C MET CB 9 84.02 -19.57 -14.83
N ILE CB 10 82.95 -20.15 -15.37
CA ILE CB 10 81.65 -19.48 -15.43
C ILE CB 10 80.68 -20.02 -14.39
N PHE CB 11 80.93 -21.19 -13.81
CA PHE CB 11 80.06 -21.81 -12.83
C PHE CB 11 80.79 -22.01 -11.52
N ASP CB 12 80.07 -21.83 -10.43
CA ASP CB 12 80.64 -22.10 -9.12
C ASP CB 12 80.89 -23.59 -8.99
N PRO CB 13 82.12 -24.02 -8.71
CA PRO CB 13 82.37 -25.47 -8.58
C PRO CB 13 81.54 -26.16 -7.51
N ARG CB 14 81.32 -25.51 -6.37
CA ARG CB 14 80.66 -26.18 -5.25
C ARG CB 14 79.21 -26.53 -5.57
N ARG CB 15 78.45 -25.55 -6.06
CA ARG CB 15 77.06 -25.81 -6.40
C ARG CB 15 76.94 -26.83 -7.52
N VAL CB 16 77.81 -26.73 -8.52
CA VAL CB 16 77.79 -27.70 -9.61
C VAL CB 16 78.04 -29.11 -9.07
N PHE CB 17 79.00 -29.25 -8.15
CA PHE CB 17 79.29 -30.56 -7.60
C PHE CB 17 78.10 -31.11 -6.82
N VAL CB 18 77.45 -30.26 -6.02
CA VAL CB 18 76.29 -30.73 -5.26
C VAL CB 18 75.18 -31.19 -6.20
N ALA CB 19 74.90 -30.38 -7.22
CA ALA CB 19 73.87 -30.74 -8.18
C ALA CB 19 74.22 -32.01 -8.92
N GLN CB 20 75.49 -32.18 -9.27
CA GLN CB 20 75.93 -33.38 -9.97
C GLN CB 20 75.73 -34.61 -9.11
N GLY CB 21 76.11 -34.53 -7.84
CA GLY CB 21 75.92 -35.67 -6.96
C GLY CB 21 74.46 -36.05 -6.82
N VAL CB 22 73.61 -35.04 -6.61
CA VAL CB 22 72.17 -35.31 -6.47
C VAL CB 22 71.61 -35.91 -7.75
N PHE CB 23 71.99 -35.35 -8.89
CA PHE CB 23 71.49 -35.83 -10.18
C PHE CB 23 71.91 -37.27 -10.42
N LEU CB 24 73.19 -37.58 -10.19
CA LEU CB 24 73.66 -38.93 -10.47
C LEU CB 24 73.04 -39.93 -9.53
N PHE CB 25 72.89 -39.58 -8.25
CA PHE CB 25 72.25 -40.54 -7.35
C PHE CB 25 70.80 -40.77 -7.72
N LEU CB 26 70.07 -39.70 -8.05
CA LEU CB 26 68.67 -39.88 -8.44
C LEU CB 26 68.56 -40.71 -9.70
N LEU CB 27 69.44 -40.47 -10.68
CA LEU CB 27 69.41 -41.24 -11.91
C LEU CB 27 69.71 -42.71 -11.66
N ALA CB 28 70.72 -42.98 -10.84
CA ALA CB 28 71.06 -44.37 -10.52
C ALA CB 28 69.91 -45.07 -9.82
N VAL CB 29 69.30 -44.41 -8.83
CA VAL CB 29 68.18 -44.99 -8.11
C VAL CB 29 67.01 -45.23 -9.05
N MET CB 30 66.72 -44.27 -9.92
CA MET CB 30 65.61 -44.42 -10.85
C MET CB 30 65.83 -45.60 -11.79
N ILE CB 31 67.05 -45.75 -12.31
CA ILE CB 31 67.30 -46.85 -13.24
C ILE CB 31 67.26 -48.19 -12.52
N HIS CB 32 67.90 -48.29 -11.35
CA HIS CB 32 67.83 -49.54 -10.59
C HIS CB 32 66.38 -49.90 -10.29
N LEU CB 33 65.55 -48.91 -9.96
CA LEU CB 33 64.15 -49.19 -9.66
C LEU CB 33 63.39 -49.61 -10.90
N ILE CB 34 63.67 -48.99 -12.04
CA ILE CB 34 63.02 -49.41 -13.28
C ILE CB 34 63.36 -50.86 -13.59
N LEU CB 35 64.63 -51.22 -13.44
CA LEU CB 35 65.03 -52.60 -13.67
C LEU CB 35 64.33 -53.55 -12.70
N LEU CB 36 64.20 -53.14 -11.44
CA LEU CB 36 63.48 -53.95 -10.47
C LEU CB 36 62.03 -54.15 -10.88
N SER CB 37 61.39 -53.10 -11.39
CA SER CB 37 59.97 -53.20 -11.74
C SER CB 37 59.75 -54.14 -12.91
N THR CB 38 60.65 -54.12 -13.89
CA THR CB 38 60.55 -55.05 -15.01
C THR CB 38 60.95 -56.44 -14.54
N PRO CB 39 60.09 -57.45 -14.70
CA PRO CB 39 60.45 -58.79 -14.23
C PRO CB 39 61.61 -59.40 -14.97
N SER CB 40 61.92 -58.91 -16.18
CA SER CB 40 63.01 -59.47 -16.96
C SER CB 40 64.36 -59.17 -16.33
N TYR CB 41 64.45 -58.12 -15.51
CA TYR CB 41 65.72 -57.69 -14.93
C TYR CB 41 65.64 -57.52 -13.41
N ASN CB 42 64.63 -58.08 -12.77
CA ASN CB 42 64.55 -58.04 -11.32
C ASN CB 42 65.49 -59.11 -10.79
N TRP CB 43 66.74 -58.73 -10.55
CA TRP CB 43 67.78 -59.74 -10.28
C TRP CB 43 67.45 -60.56 -9.04
N LEU CB 44 66.73 -59.98 -8.09
CA LEU CB 44 66.32 -60.72 -6.91
C LEU CB 44 65.33 -61.81 -7.27
N GLU CB 45 64.29 -61.46 -8.04
CA GLU CB 45 63.32 -62.46 -8.49
C GLU CB 45 63.96 -63.48 -9.41
N ILE CB 46 64.89 -63.03 -10.26
CA ILE CB 46 65.56 -63.95 -11.17
C ILE CB 46 66.36 -64.98 -10.39
N SER CB 47 67.13 -64.53 -9.40
CA SER CB 47 67.87 -65.47 -8.57
C SER CB 47 66.94 -66.39 -7.81
N ALA CB 48 65.81 -65.86 -7.32
CA ALA CB 48 64.87 -66.69 -6.59
C ALA CB 48 64.31 -67.80 -7.45
N ALA CB 49 63.89 -67.46 -8.68
CA ALA CB 49 63.32 -68.48 -9.57
C ALA CB 49 64.39 -69.45 -10.06
N LYS CB 50 65.63 -68.96 -10.25
CA LYS CB 50 66.70 -69.84 -10.69
C LYS CB 50 67.09 -70.85 -9.62
N TYR CB 51 67.06 -70.44 -8.35
CA TYR CB 51 67.46 -71.31 -7.26
C TYR CB 51 66.29 -71.88 -6.47
N ASN CB 52 65.08 -71.75 -6.99
CA ASN CB 52 63.88 -72.33 -6.38
C ASN CB 52 63.73 -71.88 -4.93
N ARG CB 53 63.88 -70.57 -4.71
CA ARG CB 53 63.83 -70.04 -3.35
C ARG CB 53 62.41 -69.68 -2.91
N VAL CB 54 61.43 -69.83 -3.78
CA VAL CB 54 60.05 -69.56 -3.40
C VAL CB 54 59.19 -70.80 -3.64
N LEU DB 6 83.79 -12.23 -17.20
CA LEU DB 6 84.81 -13.24 -16.91
C LEU DB 6 85.01 -13.40 -15.41
N GLY DB 7 85.35 -14.62 -15.00
CA GLY DB 7 85.58 -14.92 -13.60
C GLY DB 7 84.36 -14.78 -12.71
N TYR DB 8 83.20 -15.25 -13.17
CA TYR DB 8 82.00 -15.23 -12.33
C TYR DB 8 82.20 -15.98 -11.03
N THR DB 9 83.00 -17.03 -11.05
CA THR DB 9 83.28 -17.83 -9.87
C THR DB 9 84.52 -17.35 -9.12
N GLY DB 10 85.13 -16.27 -9.58
CA GLY DB 10 86.33 -15.76 -8.91
C GLY DB 10 87.49 -16.71 -8.95
N LEU DB 11 87.70 -17.39 -10.07
CA LEU DB 11 88.77 -18.36 -10.21
C LEU DB 11 89.70 -17.95 -11.34
N THR DB 12 90.90 -18.51 -11.32
CA THR DB 12 91.92 -18.21 -12.30
C THR DB 12 92.03 -19.35 -13.32
N ASP DB 13 92.60 -19.03 -14.47
CA ASP DB 13 92.73 -20.02 -15.53
C ASP DB 13 93.61 -21.19 -15.11
N GLU DB 14 94.66 -20.91 -14.35
CA GLU DB 14 95.47 -22.00 -13.81
C GLU DB 14 94.67 -22.86 -12.84
N GLN DB 15 93.98 -22.21 -11.90
CA GLN DB 15 93.15 -22.95 -10.95
C GLN DB 15 92.02 -23.66 -11.66
N ALA DB 16 91.37 -23.00 -12.61
CA ALA DB 16 90.28 -23.63 -13.35
C ALA DB 16 90.79 -24.82 -14.14
N GLN DB 17 91.97 -24.71 -14.75
CA GLN DB 17 92.55 -25.82 -15.49
C GLN DB 17 92.84 -27.01 -14.58
N GLU DB 18 93.43 -26.75 -13.41
CA GLU DB 18 93.69 -27.84 -12.48
C GLU DB 18 92.39 -28.49 -12.01
N LEU DB 19 91.40 -27.67 -11.67
CA LEU DB 19 90.10 -28.17 -11.22
C LEU DB 19 89.45 -29.03 -12.30
N HIS DB 20 89.47 -28.55 -13.54
CA HIS DB 20 88.90 -29.31 -14.63
C HIS DB 20 89.64 -30.61 -14.85
N SER DB 21 90.98 -30.59 -14.72
CA SER DB 21 91.75 -31.81 -14.90
C SER DB 21 91.38 -32.86 -13.87
N VAL DB 22 91.29 -32.47 -12.60
CA VAL DB 22 90.97 -33.45 -11.56
C VAL DB 22 89.52 -33.92 -11.70
N TYR DB 23 88.62 -33.01 -12.05
CA TYR DB 23 87.23 -33.39 -12.27
C TYR DB 23 87.10 -34.37 -13.42
N MET DB 24 87.80 -34.12 -14.53
CA MET DB 24 87.75 -35.04 -15.66
C MET DB 24 88.40 -36.37 -15.32
N SER DB 25 89.44 -36.38 -14.49
CA SER DB 25 90.00 -37.64 -14.04
C SER DB 25 88.97 -38.46 -13.27
N GLY DB 26 88.25 -37.80 -12.36
CA GLY DB 26 87.18 -38.48 -11.64
C GLY DB 26 86.07 -38.95 -12.56
N LEU DB 27 85.71 -38.12 -13.54
CA LEU DB 27 84.66 -38.48 -14.49
C LEU DB 27 85.06 -39.69 -15.32
N TRP DB 28 86.32 -39.73 -15.76
CA TRP DB 28 86.78 -40.86 -16.56
C TRP DB 28 86.83 -42.13 -15.73
N LEU DB 29 87.23 -42.03 -14.46
CA LEU DB 29 87.19 -43.22 -13.61
C LEU DB 29 85.75 -43.71 -13.44
N PHE DB 30 84.82 -42.78 -13.21
CA PHE DB 30 83.42 -43.15 -13.07
C PHE DB 30 82.90 -43.82 -14.34
N SER DB 31 83.22 -43.25 -15.50
CA SER DB 31 82.80 -43.82 -16.76
C SER DB 31 83.44 -45.18 -17.01
N ALA DB 32 84.68 -45.37 -16.57
CA ALA DB 32 85.33 -46.67 -16.72
C ALA DB 32 84.61 -47.74 -15.91
N VAL DB 33 84.29 -47.42 -14.65
CA VAL DB 33 83.57 -48.39 -13.83
C VAL DB 33 82.18 -48.65 -14.41
N ALA DB 34 81.56 -47.60 -14.95
CA ALA DB 34 80.28 -47.78 -15.63
C ALA DB 34 80.39 -48.73 -16.80
N ILE DB 35 81.46 -48.59 -17.60
CA ILE DB 35 81.67 -49.47 -18.75
C ILE DB 35 81.84 -50.91 -18.29
N VAL DB 36 82.64 -51.12 -17.25
CA VAL DB 36 82.84 -52.49 -16.75
C VAL DB 36 81.52 -53.08 -16.28
N ALA DB 37 80.73 -52.30 -15.53
CA ALA DB 37 79.45 -52.81 -15.03
C ALA DB 37 78.50 -53.13 -16.18
N HIS DB 38 78.44 -52.26 -17.19
CA HIS DB 38 77.58 -52.51 -18.33
C HIS DB 38 78.00 -53.78 -19.07
N LEU DB 39 79.30 -53.99 -19.23
CA LEU DB 39 79.77 -55.21 -19.89
C LEU DB 39 79.39 -56.44 -19.09
N ALA DB 40 79.55 -56.39 -17.77
CA ALA DB 40 79.18 -57.52 -16.93
C ALA DB 40 77.69 -57.82 -17.04
N VAL DB 41 76.86 -56.78 -17.03
CA VAL DB 41 75.43 -56.98 -17.16
C VAL DB 41 75.10 -57.57 -18.52
N TYR DB 42 75.70 -57.04 -19.58
CA TYR DB 42 75.38 -57.51 -20.92
C TYR DB 42 75.74 -58.98 -21.10
N ILE DB 43 76.90 -59.39 -20.60
CA ILE DB 43 77.23 -60.80 -20.69
C ILE DB 43 76.37 -61.63 -19.75
N TRP DB 44 75.84 -61.04 -18.68
CA TRP DB 44 74.88 -61.73 -17.83
C TRP DB 44 73.50 -61.80 -18.50
N ARG DB 45 73.04 -60.67 -19.02
CA ARG DB 45 71.79 -60.59 -19.76
C ARG DB 45 71.84 -59.47 -20.78
N PRO DB 46 71.96 -59.78 -22.07
CA PRO DB 46 71.90 -58.72 -23.08
C PRO DB 46 70.51 -58.10 -23.13
N TRP DB 47 70.46 -56.82 -23.49
CA TRP DB 47 69.20 -56.10 -23.54
C TRP DB 47 68.88 -55.62 -24.95
N PHE DB 48 69.53 -56.17 -25.96
CA PHE DB 48 69.20 -55.86 -27.34
C PHE DB 48 68.85 -57.12 -28.11
N SER EB 2 77.06 -16.36 -39.23
CA SER EB 2 78.23 -16.38 -38.35
C SER EB 2 78.31 -15.13 -37.50
N LYS EB 3 77.14 -14.67 -37.02
CA LYS EB 3 77.08 -13.52 -36.12
C LYS EB 3 76.07 -13.73 -35.01
N PHE EB 4 75.86 -14.97 -34.58
CA PHE EB 4 74.90 -15.31 -33.54
C PHE EB 4 75.43 -15.05 -32.14
N TYR EB 5 76.74 -14.85 -31.99
CA TYR EB 5 77.36 -14.69 -30.68
C TYR EB 5 76.74 -13.57 -29.86
N LYS EB 6 76.14 -12.57 -30.52
CA LYS EB 6 75.54 -11.46 -29.81
C LYS EB 6 74.38 -11.90 -28.91
N ILE EB 7 73.87 -13.11 -29.09
CA ILE EB 7 72.86 -13.63 -28.16
C ILE EB 7 73.40 -13.61 -26.74
N TRP EB 8 74.72 -13.74 -26.58
CA TRP EB 8 75.28 -13.79 -25.24
C TRP EB 8 75.32 -12.43 -24.59
N MET EB 9 75.02 -11.37 -25.33
CA MET EB 9 74.89 -10.04 -24.75
C MET EB 9 73.48 -9.77 -24.25
N ILE EB 10 72.57 -10.73 -24.36
CA ILE EB 10 71.19 -10.54 -23.93
C ILE EB 10 70.95 -11.26 -22.61
N PHE EB 11 71.43 -12.50 -22.49
CA PHE EB 11 71.12 -13.35 -21.35
C PHE EB 11 72.39 -13.75 -20.62
N ASP EB 12 72.27 -13.87 -19.30
CA ASP EB 12 73.38 -14.32 -18.48
C ASP EB 12 73.75 -15.75 -18.88
N PRO EB 13 75.03 -16.02 -19.16
CA PRO EB 13 75.41 -17.38 -19.56
C PRO EB 13 75.00 -18.45 -18.56
N ARG EB 14 75.07 -18.16 -17.26
CA ARG EB 14 74.68 -19.15 -16.27
C ARG EB 14 73.21 -19.50 -16.39
N ARG EB 15 72.35 -18.49 -16.56
CA ARG EB 15 70.92 -18.75 -16.63
C ARG EB 15 70.57 -19.59 -17.85
N VAL EB 16 71.08 -19.23 -19.03
CA VAL EB 16 70.77 -19.99 -20.22
C VAL EB 16 71.34 -21.39 -20.15
N PHE EB 17 72.54 -21.54 -19.56
CA PHE EB 17 73.13 -22.86 -19.48
C PHE EB 17 72.35 -23.76 -18.54
N VAL EB 18 71.94 -23.26 -17.37
CA VAL EB 18 71.16 -24.11 -16.47
C VAL EB 18 69.80 -24.41 -17.07
N ALA EB 19 69.17 -23.42 -17.72
CA ALA EB 19 67.86 -23.65 -18.32
C ALA EB 19 67.95 -24.68 -19.43
N GLN EB 20 68.97 -24.59 -20.29
CA GLN EB 20 69.11 -25.56 -21.37
C GLN EB 20 69.53 -26.93 -20.87
N GLY EB 21 70.33 -27.03 -19.80
CA GLY EB 21 70.62 -28.33 -19.24
C GLY EB 21 69.39 -29.00 -18.68
N VAL EB 22 68.58 -28.24 -17.93
CA VAL EB 22 67.33 -28.79 -17.42
C VAL EB 22 66.43 -29.21 -18.57
N PHE EB 23 66.31 -28.36 -19.60
CA PHE EB 23 65.45 -28.68 -20.73
C PHE EB 23 65.92 -29.94 -21.44
N LEU EB 24 67.23 -30.07 -21.67
CA LEU EB 24 67.73 -31.23 -22.39
C LEU EB 24 67.56 -32.51 -21.60
N PHE EB 25 67.87 -32.48 -20.30
CA PHE EB 25 67.68 -33.69 -19.52
C PHE EB 25 66.20 -34.07 -19.43
N LEU EB 26 65.32 -33.08 -19.26
CA LEU EB 26 63.88 -33.37 -19.23
C LEU EB 26 63.41 -33.93 -20.56
N LEU EB 27 63.89 -33.38 -21.67
CA LEU EB 27 63.48 -33.89 -22.98
C LEU EB 27 63.98 -35.31 -23.19
N ALA EB 28 65.22 -35.59 -22.78
CA ALA EB 28 65.76 -36.93 -22.93
C ALA EB 28 64.96 -37.93 -22.11
N VAL EB 29 64.64 -37.59 -20.87
CA VAL EB 29 63.86 -38.49 -20.03
C VAL EB 29 62.46 -38.66 -20.61
N MET EB 30 61.87 -37.57 -21.09
CA MET EB 30 60.54 -37.63 -21.69
C MET EB 30 60.51 -38.59 -22.86
N ILE EB 31 61.51 -38.49 -23.75
CA ILE EB 31 61.53 -39.35 -24.93
C ILE EB 31 61.82 -40.80 -24.54
N HIS EB 32 62.77 -41.02 -23.63
CA HIS EB 32 63.04 -42.38 -23.17
C HIS EB 32 61.79 -43.00 -22.55
N LEU EB 33 61.04 -42.22 -21.78
CA LEU EB 33 59.82 -42.72 -21.16
C LEU EB 33 58.75 -43.01 -22.21
N ILE EB 34 58.63 -42.15 -23.23
CA ILE EB 34 57.68 -42.43 -24.29
C ILE EB 34 58.04 -43.74 -25.00
N LEU EB 35 59.33 -43.97 -25.19
CA LEU EB 35 59.75 -45.23 -25.79
C LEU EB 35 59.44 -46.42 -24.88
N LEU EB 36 59.66 -46.26 -23.57
CA LEU EB 36 59.36 -47.34 -22.63
C LEU EB 36 57.87 -47.64 -22.58
N SER EB 37 57.03 -46.62 -22.72
CA SER EB 37 55.59 -46.80 -22.59
C SER EB 37 55.01 -47.48 -23.81
N THR EB 38 55.58 -47.25 -24.98
CA THR EB 38 55.14 -47.96 -26.18
C THR EB 38 55.68 -49.38 -26.15
N PRO EB 39 54.82 -50.40 -26.20
CA PRO EB 39 55.34 -51.78 -26.15
C PRO EB 39 56.14 -52.17 -27.37
N SER EB 40 56.00 -51.47 -28.50
CA SER EB 40 56.77 -51.79 -29.68
C SER EB 40 58.21 -51.28 -29.60
N TYR EB 41 58.52 -50.43 -28.63
CA TYR EB 41 59.88 -49.91 -28.48
C TYR EB 41 60.40 -50.05 -27.06
N ASN EB 42 59.70 -50.76 -26.18
CA ASN EB 42 60.23 -51.02 -24.85
C ASN EB 42 61.36 -52.02 -24.96
N TRP EB 43 62.60 -51.54 -25.00
CA TRP EB 43 63.73 -52.43 -25.26
C TRP EB 43 63.86 -53.51 -24.21
N LEU EB 44 63.40 -53.26 -22.99
CA LEU EB 44 63.42 -54.30 -21.98
C LEU EB 44 62.45 -55.42 -22.33
N GLU EB 45 61.21 -55.08 -22.67
CA GLU EB 45 60.25 -56.11 -23.09
C GLU EB 45 60.68 -56.76 -24.39
N ILE EB 46 61.28 -55.98 -25.30
CA ILE EB 46 61.75 -56.53 -26.56
C ILE EB 46 62.82 -57.57 -26.33
N SER EB 47 63.78 -57.28 -25.46
CA SER EB 47 64.79 -58.29 -25.13
C SER EB 47 64.19 -59.48 -24.40
N ALA EB 48 63.19 -59.26 -23.54
CA ALA EB 48 62.52 -60.38 -22.88
C ALA EB 48 61.87 -61.30 -23.91
N ALA EB 49 61.28 -60.73 -24.95
CA ALA EB 49 60.70 -61.54 -26.01
C ALA EB 49 61.79 -62.26 -26.81
N LYS EB 50 62.85 -61.54 -27.20
CA LYS EB 50 63.86 -62.11 -28.06
C LYS EB 50 64.75 -63.11 -27.33
N TYR EB 51 64.68 -63.18 -26.01
CA TYR EB 51 65.48 -64.14 -25.26
C TYR EB 51 64.65 -65.04 -24.35
N ASN EB 52 63.33 -65.04 -24.50
CA ASN EB 52 62.44 -65.96 -23.81
C ASN EB 52 62.66 -65.93 -22.31
N ARG EB 53 62.80 -64.72 -21.77
CA ARG EB 53 63.06 -64.54 -20.36
C ARG EB 53 61.81 -64.61 -19.50
N VAL EB 54 60.63 -64.54 -20.10
CA VAL EB 54 59.39 -64.65 -19.34
C VAL EB 54 58.74 -66.01 -19.62
N GLY FB 7 75.41 -4.58 -24.42
CA GLY FB 7 74.59 -5.74 -24.09
C GLY FB 7 74.11 -5.76 -22.65
N TYR FB 8 73.02 -6.47 -22.40
CA TYR FB 8 72.42 -6.50 -21.07
C TYR FB 8 73.38 -7.08 -20.04
N THR FB 9 74.03 -8.20 -20.38
CA THR FB 9 74.97 -8.83 -19.45
C THR FB 9 76.22 -7.98 -19.26
N GLY FB 10 76.51 -7.08 -20.19
CA GLY FB 10 77.73 -6.30 -20.14
C GLY FB 10 78.94 -6.97 -20.72
N LEU FB 11 78.82 -8.20 -21.20
CA LEU FB 11 79.95 -8.90 -21.80
C LEU FB 11 80.34 -8.22 -23.12
N THR FB 12 81.65 -8.11 -23.35
CA THR FB 12 82.14 -7.43 -24.53
C THR FB 12 82.08 -8.35 -25.75
N ASP FB 13 82.56 -7.82 -26.88
CA ASP FB 13 82.49 -8.57 -28.13
C ASP FB 13 83.34 -9.84 -28.09
N GLU FB 14 84.57 -9.73 -27.58
CA GLU FB 14 85.46 -10.89 -27.55
C GLU FB 14 84.94 -11.96 -26.60
N GLN FB 15 84.39 -11.54 -25.45
CA GLN FB 15 83.85 -12.51 -24.50
C GLN FB 15 82.70 -13.28 -25.13
N ALA FB 16 81.80 -12.58 -25.84
CA ALA FB 16 80.73 -13.27 -26.55
C ALA FB 16 81.28 -14.19 -27.62
N GLN FB 17 82.31 -13.76 -28.34
CA GLN FB 17 82.93 -14.61 -29.35
C GLN FB 17 83.43 -15.91 -28.74
N GLU FB 18 84.22 -15.81 -27.68
CA GLU FB 18 84.78 -17.01 -27.05
C GLU FB 18 83.68 -17.90 -26.49
N LEU FB 19 82.70 -17.30 -25.82
CA LEU FB 19 81.60 -18.07 -25.25
C LEU FB 19 80.83 -18.82 -26.32
N HIS FB 20 80.51 -18.14 -27.43
CA HIS FB 20 79.76 -18.79 -28.49
C HIS FB 20 80.58 -19.87 -29.18
N SER FB 21 81.87 -19.61 -29.39
CA SER FB 21 82.71 -20.60 -30.06
C SER FB 21 82.91 -21.85 -29.23
N VAL FB 22 82.93 -21.74 -27.90
CA VAL FB 22 82.99 -22.96 -27.09
C VAL FB 22 81.62 -23.60 -26.90
N TYR FB 23 80.55 -22.80 -26.86
CA TYR FB 23 79.20 -23.37 -26.79
C TYR FB 23 78.89 -24.20 -28.02
N MET FB 24 79.20 -23.66 -29.20
CA MET FB 24 79.06 -24.43 -30.42
C MET FB 24 80.00 -25.63 -30.45
N SER FB 25 81.20 -25.50 -29.89
CA SER FB 25 82.12 -26.63 -29.85
C SER FB 25 81.51 -27.79 -29.07
N GLY FB 26 80.88 -27.49 -27.95
CA GLY FB 26 80.15 -28.51 -27.20
C GLY FB 26 78.92 -29.03 -27.92
N LEU FB 27 78.19 -28.11 -28.55
CA LEU FB 27 76.94 -28.49 -29.21
C LEU FB 27 77.18 -29.46 -30.36
N TRP FB 28 78.25 -29.23 -31.14
CA TRP FB 28 78.52 -30.13 -32.26
C TRP FB 28 78.87 -31.52 -31.77
N LEU FB 29 79.64 -31.62 -30.69
CA LEU FB 29 79.94 -32.92 -30.12
C LEU FB 29 78.67 -33.60 -29.65
N PHE FB 30 77.79 -32.85 -28.98
CA PHE FB 30 76.54 -33.42 -28.52
C PHE FB 30 75.70 -33.94 -29.68
N SER FB 31 75.59 -33.15 -30.75
CA SER FB 31 74.78 -33.55 -31.89
C SER FB 31 75.40 -34.73 -32.63
N ALA FB 32 76.73 -34.81 -32.68
CA ALA FB 32 77.37 -35.95 -33.31
C ALA FB 32 77.13 -37.23 -32.54
N VAL FB 33 77.25 -37.17 -31.20
CA VAL FB 33 76.91 -38.34 -30.40
C VAL FB 33 75.44 -38.70 -30.56
N ALA FB 34 74.59 -37.68 -30.67
CA ALA FB 34 73.16 -37.92 -30.85
C ALA FB 34 72.87 -38.63 -32.16
N ILE FB 35 73.52 -38.21 -33.24
CA ILE FB 35 73.26 -38.85 -34.54
C ILE FB 35 73.87 -40.24 -34.57
N VAL FB 36 75.00 -40.46 -33.90
CA VAL FB 36 75.53 -41.81 -33.79
C VAL FB 36 74.54 -42.72 -33.09
N ALA FB 37 73.96 -42.23 -31.98
CA ALA FB 37 72.95 -43.01 -31.27
C ALA FB 37 71.72 -43.27 -32.14
N HIS FB 38 71.27 -42.25 -32.85
CA HIS FB 38 70.10 -42.40 -33.72
C HIS FB 38 70.36 -43.43 -34.80
N LEU FB 39 71.55 -43.40 -35.42
CA LEU FB 39 71.89 -44.39 -36.43
C LEU FB 39 71.94 -45.79 -35.84
N ALA FB 40 72.53 -45.93 -34.65
CA ALA FB 40 72.57 -47.23 -34.00
C ALA FB 40 71.16 -47.77 -33.80
N VAL FB 41 70.25 -46.94 -33.30
CA VAL FB 41 68.88 -47.38 -33.07
C VAL FB 41 68.20 -47.71 -34.40
N TYR FB 42 68.42 -46.89 -35.42
CA TYR FB 42 67.73 -47.10 -36.69
C TYR FB 42 68.16 -48.40 -37.35
N ILE FB 43 69.46 -48.70 -37.34
CA ILE FB 43 69.88 -50.01 -37.85
C ILE FB 43 69.40 -51.11 -36.92
N TRP FB 44 69.22 -50.81 -35.63
CA TRP FB 44 68.69 -51.80 -34.70
C TRP FB 44 67.20 -52.04 -34.92
N ARG FB 45 66.44 -50.97 -35.10
CA ARG FB 45 64.99 -51.06 -35.20
C ARG FB 45 64.45 -49.79 -35.83
N PRO FB 46 64.39 -49.72 -37.16
CA PRO FB 46 63.99 -48.47 -37.82
C PRO FB 46 62.57 -48.07 -37.46
N TRP FB 47 62.34 -46.76 -37.37
CA TRP FB 47 61.02 -46.21 -37.07
C TRP FB 47 60.36 -45.57 -38.28
N PHE FB 48 60.87 -45.87 -39.47
CA PHE FB 48 60.26 -45.39 -40.70
C PHE FB 48 59.99 -46.54 -41.67
N SER GB 2 60.35 -2.53 -43.40
CA SER GB 2 61.73 -2.66 -42.95
C SER GB 2 61.94 -1.99 -41.59
N LYS GB 3 60.88 -1.35 -41.08
CA LYS GB 3 60.94 -0.62 -39.82
C LYS GB 3 60.43 -1.43 -38.64
N PHE GB 4 60.25 -2.76 -38.80
CA PHE GB 4 59.75 -3.58 -37.69
C PHE GB 4 60.71 -3.61 -36.50
N TYR GB 5 62.00 -3.36 -36.73
CA TYR GB 5 62.99 -3.51 -35.67
C TYR GB 5 62.63 -2.68 -34.45
N LYS GB 6 61.93 -1.58 -34.63
CA LYS GB 6 61.59 -0.68 -33.53
C LYS GB 6 60.69 -1.33 -32.49
N ILE GB 7 60.08 -2.49 -32.79
CA ILE GB 7 59.32 -3.18 -31.76
C ILE GB 7 60.24 -3.59 -30.62
N TRP GB 8 61.49 -3.93 -30.92
CA TRP GB 8 62.44 -4.24 -29.87
C TRP GB 8 62.63 -3.07 -28.92
N MET GB 9 62.31 -1.85 -29.34
CA MET GB 9 62.35 -0.73 -28.42
C MET GB 9 61.21 -0.81 -27.41
N ILE GB 10 59.99 -1.11 -27.87
CA ILE GB 10 58.86 -1.15 -26.95
C ILE GB 10 58.94 -2.34 -26.02
N PHE GB 11 59.25 -3.52 -26.56
CA PHE GB 11 59.21 -4.77 -25.81
C PHE GB 11 60.58 -5.11 -25.26
N ASP GB 12 60.62 -5.75 -24.09
CA ASP GB 12 61.88 -6.16 -23.50
C ASP GB 12 62.40 -7.38 -24.26
N PRO GB 13 63.57 -7.29 -24.91
CA PRO GB 13 64.04 -8.42 -25.73
C PRO GB 13 64.21 -9.72 -24.97
N ARG GB 14 64.66 -9.66 -23.71
CA ARG GB 14 64.86 -10.87 -22.92
C ARG GB 14 63.54 -11.61 -22.70
N ARG GB 15 62.54 -10.90 -22.20
CA ARG GB 15 61.24 -11.52 -21.98
C ARG GB 15 60.61 -11.97 -23.28
N VAL GB 16 60.77 -11.21 -24.35
CA VAL GB 16 60.24 -11.62 -25.65
C VAL GB 16 60.86 -12.94 -26.07
N PHE GB 17 62.18 -13.06 -25.96
CA PHE GB 17 62.84 -14.31 -26.34
C PHE GB 17 62.37 -15.47 -25.49
N VAL GB 18 62.27 -15.28 -24.16
CA VAL GB 18 61.88 -16.38 -23.28
C VAL GB 18 60.46 -16.83 -23.60
N ALA GB 19 59.51 -15.88 -23.65
CA ALA GB 19 58.12 -16.23 -23.89
C ALA GB 19 57.93 -16.85 -25.27
N GLN GB 20 58.63 -16.31 -26.28
CA GLN GB 20 58.54 -16.88 -27.62
C GLN GB 20 59.06 -18.32 -27.65
N GLY GB 21 60.19 -18.58 -26.99
CA GLY GB 21 60.70 -19.93 -26.95
C GLY GB 21 59.75 -20.89 -26.27
N VAL GB 22 59.16 -20.45 -25.15
CA VAL GB 22 58.20 -21.31 -24.46
C VAL GB 22 57.00 -21.59 -25.36
N PHE GB 23 56.49 -20.57 -26.04
CA PHE GB 23 55.36 -20.77 -26.94
C PHE GB 23 55.72 -21.71 -28.09
N LEU GB 24 56.91 -21.54 -28.67
CA LEU GB 24 57.32 -22.41 -29.77
C LEU GB 24 57.43 -23.86 -29.32
N PHE GB 25 58.05 -24.10 -28.16
CA PHE GB 25 58.18 -25.48 -27.69
C PHE GB 25 56.81 -26.08 -27.37
N LEU GB 26 55.93 -25.31 -26.73
CA LEU GB 26 54.61 -25.82 -26.44
C LEU GB 26 53.84 -26.13 -27.72
N LEU GB 27 53.96 -25.26 -28.72
CA LEU GB 27 53.29 -25.50 -30.00
C LEU GB 27 53.81 -26.77 -30.66
N ALA GB 28 55.12 -26.94 -30.69
CA ALA GB 28 55.70 -28.12 -31.32
C ALA GB 28 55.30 -29.39 -30.58
N VAL GB 29 55.32 -29.35 -29.25
CA VAL GB 29 54.89 -30.51 -28.48
C VAL GB 29 53.43 -30.82 -28.77
N MET GB 30 52.59 -29.78 -28.85
CA MET GB 30 51.18 -29.97 -29.15
C MET GB 30 50.98 -30.61 -30.52
N ILE GB 31 51.73 -30.18 -31.52
CA ILE GB 31 51.56 -30.75 -32.85
C ILE GB 31 52.05 -32.19 -32.90
N HIS GB 32 53.23 -32.46 -32.32
CA HIS GB 32 53.72 -33.83 -32.25
C HIS GB 32 52.72 -34.71 -31.51
N LEU GB 33 52.02 -34.16 -30.53
CA LEU GB 33 51.03 -34.94 -29.79
C LEU GB 33 49.78 -35.18 -30.61
N ILE GB 34 49.38 -34.21 -31.43
CA ILE GB 34 48.30 -34.47 -32.38
C ILE GB 34 48.67 -35.61 -33.31
N LEU GB 35 49.90 -35.59 -33.82
CA LEU GB 35 50.33 -36.63 -34.74
C LEU GB 35 50.40 -37.98 -34.05
N LEU GB 36 50.86 -38.02 -32.80
CA LEU GB 36 50.86 -39.27 -32.05
C LEU GB 36 49.44 -39.76 -31.79
N SER GB 37 48.51 -38.84 -31.52
CA SER GB 37 47.12 -39.21 -31.23
C SER GB 37 46.46 -39.88 -32.42
N THR GB 38 46.66 -39.36 -33.62
CA THR GB 38 46.01 -39.92 -34.80
C THR GB 38 46.67 -41.24 -35.19
N PRO GB 39 45.90 -42.33 -35.31
CA PRO GB 39 46.50 -43.58 -35.78
C PRO GB 39 47.03 -43.48 -37.19
N SER GB 40 46.58 -42.51 -37.98
CA SER GB 40 47.06 -42.37 -39.34
C SER GB 40 48.48 -41.84 -39.40
N TYR GB 41 48.91 -41.10 -38.37
CA TYR GB 41 50.24 -40.50 -38.36
C TYR GB 41 51.06 -40.82 -37.13
N ASN GB 42 50.62 -41.74 -36.28
CA ASN GB 42 51.42 -42.16 -35.13
C ASN GB 42 52.56 -43.00 -35.65
N TRP GB 43 53.71 -42.39 -35.92
CA TRP GB 43 54.80 -43.06 -36.62
C TRP GB 43 55.32 -44.26 -35.85
N LEU GB 44 55.19 -44.29 -34.53
CA LEU GB 44 55.59 -45.47 -33.78
C LEU GB 44 54.67 -46.65 -34.09
N GLU GB 45 53.36 -46.45 -33.98
CA GLU GB 45 52.41 -47.49 -34.36
C GLU GB 45 52.48 -47.80 -35.84
N ILE GB 46 52.78 -46.81 -36.66
CA ILE GB 46 52.94 -47.04 -38.09
C ILE GB 46 54.11 -47.98 -38.35
N SER GB 47 55.27 -47.71 -37.74
CA SER GB 47 56.41 -48.58 -37.94
C SER GB 47 56.16 -49.97 -37.38
N ALA GB 48 55.49 -50.06 -36.23
CA ALA GB 48 55.17 -51.36 -35.67
C ALA GB 48 54.26 -52.16 -36.59
N ALA GB 49 53.27 -51.50 -37.19
CA ALA GB 49 52.39 -52.20 -38.13
C ALA GB 49 53.12 -52.60 -39.40
N LYS GB 50 54.02 -51.74 -39.89
CA LYS GB 50 54.76 -52.06 -41.09
C LYS GB 50 55.70 -53.26 -40.88
N TYR GB 51 56.43 -53.28 -39.77
CA TYR GB 51 57.39 -54.35 -39.52
C TYR GB 51 56.82 -55.47 -38.67
N ASN GB 52 55.53 -55.42 -38.33
CA ASN GB 52 54.87 -56.49 -37.59
C ASN GB 52 55.60 -56.80 -36.29
N ARG GB 53 55.65 -55.80 -35.42
CA ARG GB 53 56.38 -55.90 -34.16
C ARG GB 53 55.51 -56.23 -32.95
N VAL GB 54 54.20 -56.29 -33.11
CA VAL GB 54 53.33 -56.56 -31.97
C VAL GB 54 52.93 -58.02 -31.92
N LEU HB 6 61.88 5.12 -28.74
CA LEU HB 6 60.64 5.50 -28.07
C LEU HB 6 60.77 5.27 -26.56
N GLY HB 7 61.62 4.33 -26.18
CA GLY HB 7 61.88 4.06 -24.79
C GLY HB 7 61.38 2.71 -24.31
N TYR HB 8 60.99 2.64 -23.03
CA TYR HB 8 60.47 1.46 -22.34
C TYR HB 8 61.56 0.43 -22.07
N THR HB 9 62.73 0.61 -22.68
CA THR HB 9 63.89 -0.24 -22.40
C THR HB 9 65.20 0.52 -22.33
N GLY HB 10 65.31 1.72 -22.90
CA GLY HB 10 66.56 2.42 -23.01
C GLY HB 10 67.38 2.09 -24.23
N LEU HB 11 66.86 1.27 -25.15
CA LEU HB 11 67.59 0.88 -26.33
C LEU HB 11 67.67 2.04 -27.32
N THR HB 12 68.28 1.77 -28.47
CA THR HB 12 68.52 2.78 -29.48
C THR HB 12 67.98 2.29 -30.82
N ASP HB 13 68.18 3.10 -31.85
CA ASP HB 13 67.83 2.68 -33.20
C ASP HB 13 68.77 1.58 -33.68
N GLU HB 14 70.08 1.79 -33.54
CA GLU HB 14 71.04 0.86 -34.11
C GLU HB 14 71.03 -0.48 -33.36
N GLN HB 15 70.97 -0.44 -32.03
CA GLN HB 15 70.93 -1.69 -31.26
C GLN HB 15 69.68 -2.49 -31.57
N ALA HB 16 68.51 -1.84 -31.56
CA ALA HB 16 67.27 -2.54 -31.88
C ALA HB 16 67.30 -3.08 -33.30
N GLN HB 17 67.84 -2.30 -34.25
CA GLN HB 17 67.87 -2.73 -35.64
C GLN HB 17 68.76 -3.95 -35.83
N GLU HB 18 69.97 -3.94 -35.25
CA GLU HB 18 70.83 -5.12 -35.38
C GLU HB 18 70.28 -6.32 -34.63
N LEU HB 19 69.67 -6.11 -33.45
CA LEU HB 19 68.99 -7.19 -32.76
C LEU HB 19 67.92 -7.81 -33.64
N HIS HB 20 67.10 -6.98 -34.29
CA HIS HB 20 66.04 -7.51 -35.14
C HIS HB 20 66.60 -8.17 -36.39
N SER HB 21 67.70 -7.66 -36.93
CA SER HB 21 68.29 -8.28 -38.11
C SER HB 21 68.79 -9.68 -37.80
N VAL HB 22 69.51 -9.83 -36.68
CA VAL HB 22 69.99 -11.16 -36.32
C VAL HB 22 68.83 -12.08 -35.95
N TYR HB 23 67.81 -11.52 -35.28
CA TYR HB 23 66.62 -12.31 -34.93
C TYR HB 23 65.90 -12.79 -36.18
N MET HB 24 65.79 -11.93 -37.19
CA MET HB 24 65.15 -12.33 -38.44
C MET HB 24 65.98 -13.34 -39.20
N SER HB 25 67.31 -13.23 -39.15
CA SER HB 25 68.12 -14.28 -39.75
C SER HB 25 67.88 -15.63 -39.07
N GLY HB 26 67.80 -15.61 -37.73
CA GLY HB 26 67.48 -16.83 -37.02
C GLY HB 26 66.12 -17.38 -37.37
N LEU HB 27 65.13 -16.49 -37.52
CA LEU HB 27 63.79 -16.92 -37.93
C LEU HB 27 63.82 -17.52 -39.33
N TRP HB 28 64.55 -16.92 -40.26
CA TRP HB 28 64.66 -17.48 -41.59
C TRP HB 28 65.31 -18.86 -41.57
N LEU HB 29 66.38 -19.03 -40.80
CA LEU HB 29 67.01 -20.35 -40.71
C LEU HB 29 66.09 -21.38 -40.09
N PHE HB 30 65.40 -21.00 -39.01
CA PHE HB 30 64.46 -21.92 -38.36
C PHE HB 30 63.35 -22.31 -39.32
N SER HB 31 62.83 -21.34 -40.09
CA SER HB 31 61.81 -21.65 -41.08
C SER HB 31 62.36 -22.54 -42.19
N ALA HB 32 63.61 -22.35 -42.59
CA ALA HB 32 64.17 -23.22 -43.62
C ALA HB 32 64.25 -24.66 -43.14
N VAL HB 33 64.72 -24.86 -41.91
CA VAL HB 33 64.78 -26.22 -41.36
C VAL HB 33 63.39 -26.81 -41.25
N ALA HB 34 62.43 -26.01 -40.77
CA ALA HB 34 61.05 -26.50 -40.63
C ALA HB 34 60.47 -26.88 -41.99
N ILE HB 35 60.72 -26.07 -43.02
CA ILE HB 35 60.17 -26.35 -44.33
C ILE HB 35 60.81 -27.59 -44.94
N VAL HB 36 62.11 -27.78 -44.71
CA VAL HB 36 62.77 -29.01 -45.15
C VAL HB 36 62.11 -30.21 -44.49
N ALA HB 37 61.86 -30.12 -43.18
CA ALA HB 37 61.20 -31.21 -42.48
C ALA HB 37 59.80 -31.45 -43.03
N HIS HB 38 59.04 -30.38 -43.26
CA HIS HB 38 57.68 -30.53 -43.80
C HIS HB 38 57.71 -31.18 -45.17
N LEU HB 39 58.65 -30.77 -46.01
CA LEU HB 39 58.78 -31.37 -47.33
C LEU HB 39 59.09 -32.85 -47.25
N ALA HB 40 60.03 -33.23 -46.37
CA ALA HB 40 60.37 -34.63 -46.21
C ALA HB 40 59.18 -35.44 -45.72
N VAL HB 41 58.43 -34.90 -44.76
CA VAL HB 41 57.26 -35.61 -44.23
C VAL HB 41 56.21 -35.75 -45.32
N TYR HB 42 55.94 -34.68 -46.07
CA TYR HB 42 54.92 -34.72 -47.10
C TYR HB 42 55.28 -35.70 -48.21
N ILE HB 43 56.57 -35.78 -48.55
CA ILE HB 43 57.01 -36.80 -49.49
C ILE HB 43 56.81 -38.19 -48.91
N TRP HB 44 57.16 -38.37 -47.63
CA TRP HB 44 57.02 -39.67 -47.00
C TRP HB 44 55.57 -40.09 -46.90
N ARG HB 45 54.70 -39.18 -46.47
CA ARG HB 45 53.25 -39.44 -46.39
C ARG HB 45 52.52 -38.11 -46.42
N PRO HB 46 52.03 -37.71 -47.59
CA PRO HB 46 51.37 -36.40 -47.70
C PRO HB 46 50.04 -36.38 -46.98
N TRP HB 47 49.74 -35.22 -46.40
CA TRP HB 47 48.43 -34.99 -45.78
C TRP HB 47 47.47 -34.24 -46.69
N PHE HB 48 47.87 -33.96 -47.93
CA PHE HB 48 46.99 -33.28 -48.87
C PHE HB 48 46.67 -34.17 -50.07
N SER IB 2 39.84 8.34 -40.19
CA SER IB 2 40.96 7.64 -39.57
C SER IB 2 41.21 8.11 -38.15
N LYS IB 3 42.36 8.76 -37.93
CA LYS IB 3 42.77 9.26 -36.62
C LYS IB 3 42.80 8.14 -35.58
N PHE IB 4 43.10 6.92 -36.01
CA PHE IB 4 43.05 5.77 -35.12
C PHE IB 4 44.27 5.64 -34.21
N TYR IB 5 45.40 6.23 -34.57
CA TYR IB 5 46.60 6.11 -33.74
C TYR IB 5 46.43 6.74 -32.36
N LYS IB 6 45.39 7.57 -32.18
CA LYS IB 6 45.09 8.07 -30.84
C LYS IB 6 44.80 6.95 -29.86
N ILE IB 7 44.45 5.76 -30.33
CA ILE IB 7 44.20 4.64 -29.42
C ILE IB 7 45.48 4.24 -28.69
N TRP IB 8 46.65 4.61 -29.23
CA TRP IB 8 47.89 4.32 -28.53
C TRP IB 8 48.25 5.41 -27.52
N MET IB 9 47.46 6.47 -27.42
CA MET IB 9 47.72 7.53 -26.46
C MET IB 9 47.12 7.24 -25.08
N ILE IB 10 46.38 6.14 -24.93
CA ILE IB 10 45.71 5.81 -23.68
C ILE IB 10 46.15 4.44 -23.15
N PHE IB 11 46.06 3.41 -23.98
CA PHE IB 11 46.39 2.05 -23.55
C PHE IB 11 47.87 1.79 -23.73
N ASP IB 12 48.46 1.06 -22.77
CA ASP IB 12 49.86 0.69 -22.86
C ASP IB 12 50.08 -0.22 -24.06
N PRO IB 13 50.98 0.12 -24.98
CA PRO IB 13 51.20 -0.76 -26.14
C PRO IB 13 51.57 -2.18 -25.76
N ARG IB 14 52.41 -2.37 -24.74
CA ARG IB 14 52.91 -3.70 -24.41
C ARG IB 14 51.79 -4.65 -24.02
N ARG IB 15 50.93 -4.24 -23.09
CA ARG IB 15 49.85 -5.13 -22.66
C ARG IB 15 48.83 -5.31 -23.77
N VAL IB 16 48.62 -4.31 -24.62
CA VAL IB 16 47.75 -4.49 -25.78
C VAL IB 16 48.29 -5.59 -26.67
N PHE IB 17 49.59 -5.56 -26.95
CA PHE IB 17 50.18 -6.56 -27.84
C PHE IB 17 50.14 -7.96 -27.21
N VAL IB 18 50.44 -8.06 -25.91
CA VAL IB 18 50.41 -9.36 -25.26
C VAL IB 18 48.99 -9.92 -25.22
N ALA IB 19 48.01 -9.08 -24.89
CA ALA IB 19 46.62 -9.53 -24.90
C ALA IB 19 46.17 -9.93 -26.29
N GLN IB 20 46.59 -9.18 -27.31
CA GLN IB 20 46.24 -9.51 -28.68
C GLN IB 20 46.84 -10.85 -29.09
N GLY IB 21 48.09 -11.10 -28.70
CA GLY IB 21 48.70 -12.37 -29.01
C GLY IB 21 47.99 -13.53 -28.34
N VAL IB 22 47.66 -13.39 -27.06
CA VAL IB 22 46.95 -14.45 -26.36
C VAL IB 22 45.59 -14.69 -26.99
N PHE IB 23 44.86 -13.62 -27.30
CA PHE IB 23 43.55 -13.75 -27.91
C PHE IB 23 43.63 -14.44 -29.26
N LEU IB 24 44.58 -14.02 -30.10
CA LEU IB 24 44.70 -14.59 -31.43
C LEU IB 24 45.09 -16.06 -31.37
N PHE IB 25 46.00 -16.42 -30.46
CA PHE IB 25 46.39 -17.82 -30.32
C PHE IB 25 45.22 -18.66 -29.84
N LEU IB 26 44.49 -18.18 -28.83
CA LEU IB 26 43.33 -18.94 -28.36
C LEU IB 26 42.30 -19.12 -29.46
N LEU IB 27 42.03 -18.07 -30.23
CA LEU IB 27 41.05 -18.17 -31.30
C LEU IB 27 41.50 -19.13 -32.39
N ALA IB 28 42.76 -19.06 -32.81
CA ALA IB 28 43.24 -19.96 -33.85
C ALA IB 28 43.22 -21.41 -33.39
N VAL IB 29 43.66 -21.66 -32.15
CA VAL IB 29 43.62 -23.01 -31.61
C VAL IB 29 42.19 -23.51 -31.56
N MET IB 30 41.25 -22.66 -31.12
CA MET IB 30 39.85 -23.08 -31.03
C MET IB 30 39.28 -23.38 -32.40
N ILE IB 31 39.59 -22.56 -33.40
CA ILE IB 31 39.06 -22.80 -34.74
C ILE IB 31 39.62 -24.08 -35.34
N HIS IB 32 40.93 -24.31 -35.19
CA HIS IB 32 41.51 -25.56 -35.69
C HIS IB 32 40.93 -26.76 -34.95
N LEU IB 33 40.74 -26.65 -33.63
CA LEU IB 33 40.17 -27.76 -32.88
C LEU IB 33 38.73 -28.05 -33.29
N ILE IB 34 37.95 -27.00 -33.57
CA ILE IB 34 36.59 -27.21 -34.05
C ILE IB 34 36.61 -27.89 -35.40
N LEU IB 35 37.52 -27.49 -36.29
CA LEU IB 35 37.64 -28.17 -37.57
C LEU IB 35 38.00 -29.65 -37.40
N LEU IB 36 38.89 -29.94 -36.46
CA LEU IB 36 39.19 -31.34 -36.14
C LEU IB 36 37.97 -32.08 -35.61
N SER IB 37 37.18 -31.42 -34.74
CA SER IB 37 36.04 -32.09 -34.13
C SER IB 37 35.03 -32.55 -35.17
N THR IB 38 34.76 -31.71 -36.16
CA THR IB 38 33.94 -32.12 -37.27
C THR IB 38 34.68 -33.14 -38.10
N PRO IB 39 34.15 -34.36 -38.29
CA PRO IB 39 34.88 -35.37 -39.06
C PRO IB 39 35.06 -35.00 -40.52
N SER IB 40 34.27 -34.07 -41.04
CA SER IB 40 34.37 -33.72 -42.46
C SER IB 40 35.45 -32.70 -42.74
N TYR IB 41 36.20 -32.25 -41.73
CA TYR IB 41 37.28 -31.31 -41.95
C TYR IB 41 38.57 -31.69 -41.23
N ASN IB 42 38.62 -32.85 -40.60
CA ASN IB 42 39.88 -33.31 -40.03
C ASN IB 42 40.80 -33.73 -41.16
N TRP IB 43 41.73 -32.85 -41.53
CA TRP IB 43 42.54 -33.10 -42.73
C TRP IB 43 43.37 -34.37 -42.60
N LEU IB 44 43.75 -34.73 -41.38
CA LEU IB 44 44.44 -36.01 -41.19
C LEU IB 44 43.50 -37.17 -41.48
N GLU IB 45 42.28 -37.12 -40.95
CA GLU IB 45 41.30 -38.15 -41.22
C GLU IB 45 40.90 -38.18 -42.70
N ILE IB 46 40.74 -37.00 -43.31
CA ILE IB 46 40.37 -36.94 -44.71
C ILE IB 46 41.46 -37.52 -45.58
N SER IB 47 42.72 -37.19 -45.28
CA SER IB 47 43.84 -37.75 -46.03
C SER IB 47 43.96 -39.26 -45.82
N ALA IB 48 43.67 -39.74 -44.60
CA ALA IB 48 43.67 -41.17 -44.36
C ALA IB 48 42.59 -41.86 -45.18
N ALA IB 49 41.41 -41.27 -45.27
CA ALA IB 49 40.35 -41.85 -46.09
C ALA IB 49 40.74 -41.86 -47.56
N LYS IB 50 41.35 -40.77 -48.03
CA LYS IB 50 41.70 -40.69 -49.45
C LYS IB 50 42.78 -41.71 -49.82
N TYR IB 51 43.87 -41.76 -49.06
CA TYR IB 51 44.98 -42.62 -49.40
C TYR IB 51 44.85 -44.02 -48.84
N ASN IB 52 43.69 -44.36 -48.26
CA ASN IB 52 43.42 -45.69 -47.73
C ASN IB 52 44.48 -46.07 -46.70
N ARG IB 53 44.60 -45.22 -45.68
CA ARG IB 53 45.68 -45.31 -44.71
C ARG IB 53 45.30 -46.15 -43.49
N VAL IB 54 44.04 -46.09 -43.06
CA VAL IB 54 43.59 -46.88 -41.92
C VAL IB 54 42.79 -48.07 -42.40
N GLY JB 7 49.53 14.61 -25.00
CA GLY JB 7 49.85 13.25 -24.63
C GLY JB 7 49.20 12.79 -23.33
N TYR JB 8 48.41 11.73 -23.42
CA TYR JB 8 47.72 11.17 -22.26
C TYR JB 8 48.53 10.09 -21.56
N THR JB 9 49.49 9.46 -22.25
CA THR JB 9 50.37 8.47 -21.65
C THR JB 9 51.83 8.65 -22.03
N GLY JB 10 52.16 9.74 -22.73
CA GLY JB 10 53.53 10.05 -23.07
C GLY JB 10 53.89 9.90 -24.53
N LEU JB 11 53.14 9.11 -25.29
CA LEU JB 11 53.41 8.93 -26.71
C LEU JB 11 53.08 10.22 -27.45
N THR JB 12 53.94 10.57 -28.40
CA THR JB 12 53.77 11.80 -29.17
C THR JB 12 52.77 11.57 -30.31
N ASP JB 13 52.55 12.63 -31.09
CA ASP JB 13 51.75 12.49 -32.30
C ASP JB 13 52.47 11.64 -33.34
N GLU JB 14 53.73 11.97 -33.61
CA GLU JB 14 54.50 11.20 -34.58
C GLU JB 14 54.76 9.78 -34.08
N GLN JB 15 55.04 9.63 -32.78
CA GLN JB 15 55.26 8.29 -32.23
C GLN JB 15 54.02 7.42 -32.38
N ALA JB 16 52.85 7.97 -32.03
CA ALA JB 16 51.61 7.21 -32.17
C ALA JB 16 51.33 6.88 -33.64
N GLN JB 17 51.56 7.85 -34.53
CA GLN JB 17 51.35 7.60 -35.95
C GLN JB 17 52.23 6.47 -36.46
N GLU JB 18 53.53 6.50 -36.12
CA GLU JB 18 54.44 5.48 -36.63
C GLU JB 18 54.17 4.12 -36.01
N LEU JB 19 53.88 4.08 -34.71
CA LEU JB 19 53.55 2.82 -34.05
C LEU JB 19 52.28 2.21 -34.63
N HIS JB 20 51.25 3.04 -34.86
CA HIS JB 20 50.05 2.54 -35.52
C HIS JB 20 50.31 2.10 -36.95
N SER JB 21 51.19 2.80 -37.68
CA SER JB 21 51.51 2.39 -39.03
C SER JB 21 52.19 1.02 -39.04
N VAL JB 22 53.13 0.79 -38.13
CA VAL JB 22 53.78 -0.51 -38.05
C VAL JB 22 52.77 -1.59 -37.65
N TYR JB 23 51.94 -1.29 -36.65
CA TYR JB 23 50.95 -2.27 -36.19
C TYR JB 23 49.98 -2.64 -37.31
N MET JB 24 49.50 -1.64 -38.05
CA MET JB 24 48.58 -1.91 -39.15
C MET JB 24 49.27 -2.60 -40.32
N SER JB 25 50.54 -2.29 -40.59
CA SER JB 25 51.27 -3.02 -41.62
C SER JB 25 51.39 -4.50 -41.26
N GLY JB 26 51.71 -4.79 -40.01
CA GLY JB 26 51.73 -6.17 -39.56
C GLY JB 26 50.37 -6.83 -39.66
N LEU JB 27 49.32 -6.10 -39.29
CA LEU JB 27 47.96 -6.63 -39.41
C LEU JB 27 47.63 -6.95 -40.86
N TRP JB 28 48.01 -6.07 -41.78
CA TRP JB 28 47.70 -6.30 -43.19
C TRP JB 28 48.50 -7.46 -43.75
N LEU JB 29 49.76 -7.62 -43.33
CA LEU JB 29 50.51 -8.79 -43.75
C LEU JB 29 49.86 -10.08 -43.26
N PHE JB 30 49.47 -10.09 -41.99
CA PHE JB 30 48.79 -11.25 -41.42
C PHE JB 30 47.48 -11.53 -42.15
N SER JB 31 46.71 -10.49 -42.45
CA SER JB 31 45.43 -10.66 -43.11
C SER JB 31 45.57 -11.11 -44.55
N ALA JB 32 46.58 -10.61 -45.27
CA ALA JB 32 46.83 -11.10 -46.62
C ALA JB 32 47.22 -12.57 -46.60
N VAL JB 33 48.09 -12.97 -45.67
CA VAL JB 33 48.44 -14.38 -45.57
C VAL JB 33 47.22 -15.23 -45.25
N ALA JB 34 46.39 -14.76 -44.32
CA ALA JB 34 45.17 -15.50 -43.97
C ALA JB 34 44.20 -15.58 -45.14
N ILE JB 35 44.11 -14.52 -45.93
CA ILE JB 35 43.23 -14.53 -47.10
C ILE JB 35 43.72 -15.54 -48.12
N VAL JB 36 45.05 -15.58 -48.36
CA VAL JB 36 45.58 -16.58 -49.27
C VAL JB 36 45.30 -17.98 -48.75
N ALA JB 37 45.39 -18.17 -47.42
CA ALA JB 37 45.09 -19.48 -46.83
C ALA JB 37 43.64 -19.87 -47.08
N HIS JB 38 42.70 -18.96 -46.79
CA HIS JB 38 41.29 -19.24 -47.03
C HIS JB 38 41.02 -19.51 -48.50
N LEU JB 39 41.68 -18.78 -49.39
CA LEU JB 39 41.50 -18.97 -50.82
C LEU JB 39 41.97 -20.35 -51.26
N ALA JB 40 43.14 -20.78 -50.78
CA ALA JB 40 43.63 -22.11 -51.12
C ALA JB 40 42.72 -23.19 -50.56
N VAL JB 41 42.19 -22.98 -49.35
CA VAL JB 41 41.26 -23.94 -48.77
C VAL JB 41 39.99 -24.02 -49.62
N TYR JB 42 39.47 -22.88 -50.05
CA TYR JB 42 38.25 -22.88 -50.86
C TYR JB 42 38.50 -23.54 -52.20
N ILE JB 43 39.68 -23.36 -52.78
CA ILE JB 43 40.05 -24.10 -53.99
C ILE JB 43 40.04 -25.59 -53.71
N TRP JB 44 40.61 -26.00 -52.57
CA TRP JB 44 40.60 -27.42 -52.20
C TRP JB 44 39.18 -27.93 -52.03
N ARG JB 45 38.46 -27.40 -51.05
CA ARG JB 45 37.06 -27.77 -50.88
C ARG JB 45 36.28 -26.58 -50.33
N PRO JB 46 35.37 -26.00 -51.11
CA PRO JB 46 34.51 -24.95 -50.58
C PRO JB 46 33.63 -25.47 -49.46
N TRP JB 47 33.38 -24.59 -48.48
CA TRP JB 47 32.53 -24.93 -47.33
C TRP JB 47 31.13 -24.32 -47.45
N PHE JB 48 30.78 -23.81 -48.63
CA PHE JB 48 29.48 -23.19 -48.83
C PHE JB 48 28.59 -24.01 -49.75
N PHE KB 4 24.56 11.05 -21.52
CA PHE KB 4 24.99 10.19 -22.62
C PHE KB 4 26.47 10.38 -22.90
N TYR KB 5 26.89 11.65 -23.04
CA TYR KB 5 28.29 11.95 -23.23
C TYR KB 5 29.07 11.90 -21.91
N LYS KB 6 28.35 11.94 -20.79
CA LYS KB 6 28.98 11.95 -19.47
C LYS KB 6 29.34 10.55 -18.98
N ILE KB 7 28.99 9.50 -19.72
CA ILE KB 7 29.32 8.14 -19.29
C ILE KB 7 30.82 7.97 -19.22
N TRP KB 8 31.55 8.60 -20.14
CA TRP KB 8 33.01 8.55 -20.14
C TRP KB 8 33.63 9.35 -18.99
N MET KB 9 32.83 10.13 -18.27
CA MET KB 9 33.33 10.92 -17.15
C MET KB 9 33.21 10.18 -15.82
N ILE KB 10 32.06 9.57 -15.54
CA ILE KB 10 31.91 8.77 -14.33
C ILE KB 10 32.70 7.47 -14.43
N PHE KB 11 32.65 6.83 -15.60
CA PHE KB 11 33.23 5.50 -15.78
C PHE KB 11 34.57 5.59 -16.48
N ASP KB 12 35.54 4.83 -15.98
CA ASP KB 12 36.88 4.84 -16.55
C ASP KB 12 36.86 4.15 -17.91
N PRO KB 13 37.45 4.75 -18.95
CA PRO KB 13 37.37 4.13 -20.28
C PRO KB 13 37.94 2.72 -20.34
N ARG KB 14 39.04 2.46 -19.64
CA ARG KB 14 39.70 1.17 -19.77
C ARG KB 14 38.80 0.04 -19.30
N ARG KB 15 38.21 0.17 -18.12
CA ARG KB 15 37.34 -0.89 -17.61
C ARG KB 15 36.15 -1.11 -18.51
N VAL KB 16 35.47 -0.02 -18.90
CA VAL KB 16 34.29 -0.16 -19.74
C VAL KB 16 34.66 -0.73 -21.09
N PHE KB 17 35.74 -0.22 -21.70
CA PHE KB 17 36.15 -0.73 -23.01
C PHE KB 17 36.45 -2.22 -22.95
N VAL KB 18 37.29 -2.64 -22.00
CA VAL KB 18 37.69 -4.04 -21.90
C VAL KB 18 36.49 -4.92 -21.59
N ALA KB 19 35.64 -4.52 -20.64
CA ALA KB 19 34.49 -5.35 -20.29
C ALA KB 19 33.51 -5.44 -21.44
N GLN KB 20 33.26 -4.34 -22.13
CA GLN KB 20 32.34 -4.34 -23.27
C GLN KB 20 32.85 -5.25 -24.37
N GLY KB 21 34.15 -5.17 -24.68
CA GLY KB 21 34.70 -6.06 -25.69
C GLY KB 21 34.68 -7.52 -25.28
N VAL KB 22 34.98 -7.80 -24.00
CA VAL KB 22 34.96 -9.16 -23.51
C VAL KB 22 33.55 -9.73 -23.60
N PHE KB 23 32.56 -8.95 -23.19
CA PHE KB 23 31.18 -9.40 -23.30
C PHE KB 23 30.80 -9.62 -24.76
N LEU KB 24 31.21 -8.71 -25.64
CA LEU KB 24 30.91 -8.88 -27.06
C LEU KB 24 31.47 -10.20 -27.57
N PHE KB 25 32.73 -10.47 -27.28
CA PHE KB 25 33.33 -11.70 -27.78
C PHE KB 25 32.65 -12.93 -27.21
N LEU KB 26 32.42 -12.95 -25.89
CA LEU KB 26 31.84 -14.15 -25.29
C LEU KB 26 30.41 -14.38 -25.75
N LEU KB 27 29.61 -13.31 -25.85
CA LEU KB 27 28.26 -13.46 -26.36
C LEU KB 27 28.25 -13.89 -27.82
N ALA KB 28 29.14 -13.33 -28.63
CA ALA KB 28 29.20 -13.70 -30.04
C ALA KB 28 29.57 -15.17 -30.19
N VAL KB 29 30.56 -15.63 -29.43
CA VAL KB 29 30.99 -17.02 -29.56
C VAL KB 29 29.92 -17.95 -28.98
N MET KB 30 29.18 -17.50 -27.97
CA MET KB 30 28.06 -18.30 -27.47
C MET KB 30 26.98 -18.44 -28.54
N ILE KB 31 26.69 -17.34 -29.25
CA ILE KB 31 25.71 -17.41 -30.33
C ILE KB 31 26.19 -18.37 -31.41
N HIS KB 32 27.47 -18.28 -31.78
CA HIS KB 32 28.02 -19.20 -32.77
C HIS KB 32 27.95 -20.65 -32.30
N LEU KB 33 28.24 -20.90 -31.02
CA LEU KB 33 28.14 -22.24 -30.47
C LEU KB 33 26.71 -22.76 -30.50
N ILE KB 34 25.74 -21.91 -30.16
CA ILE KB 34 24.34 -22.33 -30.19
C ILE KB 34 23.92 -22.65 -31.61
N LEU KB 35 24.33 -21.83 -32.57
CA LEU KB 35 24.01 -22.09 -33.97
C LEU KB 35 24.64 -23.41 -34.44
N LEU KB 36 25.90 -23.65 -34.05
CA LEU KB 36 26.56 -24.89 -34.42
C LEU KB 36 25.88 -26.10 -33.81
N SER KB 37 25.47 -25.98 -32.54
CA SER KB 37 24.97 -27.14 -31.81
C SER KB 37 23.72 -27.70 -32.46
N THR KB 38 22.71 -26.86 -32.70
CA THR KB 38 21.50 -27.34 -33.33
C THR KB 38 21.79 -27.70 -34.79
N PRO KB 39 21.18 -28.76 -35.32
CA PRO KB 39 21.50 -29.22 -36.67
C PRO KB 39 20.86 -28.42 -37.79
N SER KB 40 20.31 -27.25 -37.50
CA SER KB 40 19.74 -26.39 -38.53
C SER KB 40 20.59 -25.17 -38.85
N TYR KB 41 21.59 -24.85 -38.04
CA TYR KB 41 22.50 -23.75 -38.34
C TYR KB 41 23.96 -24.15 -38.24
N ASN KB 42 24.26 -25.45 -38.33
CA ASN KB 42 25.64 -25.92 -38.40
C ASN KB 42 26.05 -25.93 -39.87
N TRP KB 43 26.67 -24.85 -40.31
CA TRP KB 43 27.02 -24.68 -41.72
C TRP KB 43 27.95 -25.78 -42.24
N LEU KB 44 28.86 -26.28 -41.40
CA LEU KB 44 29.76 -27.33 -41.87
C LEU KB 44 29.00 -28.62 -42.17
N GLU KB 45 28.05 -28.98 -41.30
CA GLU KB 45 27.22 -30.15 -41.58
C GLU KB 45 26.36 -29.94 -42.83
N ILE KB 46 25.86 -28.73 -43.03
CA ILE KB 46 25.08 -28.43 -44.23
C ILE KB 46 25.93 -28.60 -45.48
N SER KB 47 27.17 -28.09 -45.44
CA SER KB 47 28.07 -28.24 -46.58
C SER KB 47 28.43 -29.69 -46.82
N ALA KB 48 28.72 -30.44 -45.75
CA ALA KB 48 29.10 -31.84 -45.90
C ALA KB 48 27.96 -32.66 -46.49
N ALA KB 49 26.74 -32.44 -46.03
CA ALA KB 49 25.59 -33.12 -46.64
C ALA KB 49 25.36 -32.65 -48.07
N LYS KB 50 25.64 -31.37 -48.35
CA LYS KB 50 25.42 -30.85 -49.69
C LYS KB 50 26.35 -31.48 -50.71
N TYR KB 51 27.64 -31.58 -50.37
CA TYR KB 51 28.64 -32.09 -51.30
C TYR KB 51 28.87 -33.58 -51.16
N ASN KB 52 28.12 -34.26 -50.29
CA ASN KB 52 28.27 -35.68 -50.02
C ASN KB 52 29.70 -36.02 -49.61
N ARG KB 53 30.36 -35.10 -48.93
CA ARG KB 53 31.69 -35.32 -48.38
C ARG KB 53 31.63 -35.91 -46.97
N VAL KB 54 30.44 -36.03 -46.40
CA VAL KB 54 30.26 -36.58 -45.06
C VAL KB 54 30.38 -38.11 -45.09
N LEU LB 11 38.95 14.31 -17.04
CA LEU LB 11 39.28 14.21 -18.45
C LEU LB 11 38.96 15.51 -19.20
N THR LB 12 39.79 15.84 -20.18
CA THR LB 12 39.51 17.00 -21.01
C THR LB 12 38.39 16.67 -21.99
N ASP LB 13 37.63 17.71 -22.37
CA ASP LB 13 36.49 17.50 -23.26
C ASP LB 13 36.93 17.11 -24.67
N GLU LB 14 38.01 17.71 -25.17
CA GLU LB 14 38.46 17.43 -26.53
C GLU LB 14 38.85 15.97 -26.69
N GLN LB 15 39.59 15.43 -25.71
CA GLN LB 15 39.96 14.02 -25.74
C GLN LB 15 38.72 13.13 -25.68
N ALA LB 16 37.74 13.50 -24.84
CA ALA LB 16 36.50 12.75 -24.76
C ALA LB 16 35.76 12.73 -26.10
N GLN LB 17 35.68 13.87 -26.78
CA GLN LB 17 35.01 13.92 -28.07
C GLN LB 17 35.75 13.11 -29.11
N GLU LB 18 37.08 13.20 -29.14
CA GLU LB 18 37.85 12.44 -30.11
C GLU LB 18 37.68 10.95 -29.89
N LEU LB 19 37.73 10.51 -28.62
CA LEU LB 19 37.58 9.09 -28.33
C LEU LB 19 36.16 8.62 -28.64
N HIS LB 20 35.15 9.47 -28.38
CA HIS LB 20 33.78 9.10 -28.71
C HIS LB 20 33.59 8.98 -30.22
N SER LB 21 34.23 9.87 -30.98
CA SER LB 21 34.18 9.78 -32.44
C SER LB 21 34.83 8.49 -32.93
N VAL LB 22 35.98 8.13 -32.34
CA VAL LB 22 36.62 6.88 -32.71
C VAL LB 22 35.73 5.69 -32.37
N TYR LB 23 35.10 5.73 -31.18
CA TYR LB 23 34.20 4.67 -30.76
C TYR LB 23 33.03 4.53 -31.74
N MET LB 24 32.45 5.66 -32.14
CA MET LB 24 31.31 5.60 -33.05
C MET LB 24 31.73 5.10 -34.43
N SER LB 25 32.90 5.51 -34.91
CA SER LB 25 33.36 5.01 -36.20
C SER LB 25 33.58 3.50 -36.17
N GLY LB 26 34.25 3.02 -35.10
CA GLY LB 26 34.46 1.58 -34.97
C GLY LB 26 33.15 0.82 -34.83
N LEU LB 27 32.22 1.36 -34.04
CA LEU LB 27 30.93 0.69 -33.86
C LEU LB 27 30.15 0.65 -35.17
N TRP LB 28 30.21 1.73 -35.96
CA TRP LB 28 29.52 1.73 -37.24
C TRP LB 28 30.15 0.76 -38.21
N LEU LB 29 31.48 0.63 -38.19
CA LEU LB 29 32.13 -0.42 -38.97
C LEU LB 29 31.62 -1.80 -38.57
N PHE LB 30 31.57 -2.06 -37.26
CA PHE LB 30 31.12 -3.37 -36.79
C PHE LB 30 29.67 -3.63 -37.19
N SER LB 31 28.81 -2.62 -37.04
CA SER LB 31 27.39 -2.78 -37.37
C SER LB 31 27.19 -2.97 -38.86
N ALA LB 32 27.94 -2.25 -39.70
CA ALA LB 32 27.84 -2.44 -41.13
C ALA LB 32 28.24 -3.86 -41.51
N VAL LB 33 29.35 -4.36 -40.95
CA VAL LB 33 29.76 -5.72 -41.25
C VAL LB 33 28.73 -6.72 -40.74
N ALA LB 34 28.19 -6.51 -39.55
CA ALA LB 34 27.20 -7.43 -39.00
C ALA LB 34 25.92 -7.45 -39.84
N ILE LB 35 25.48 -6.28 -40.32
CA ILE LB 35 24.30 -6.23 -41.17
C ILE LB 35 24.57 -6.94 -42.49
N VAL LB 36 25.75 -6.73 -43.08
CA VAL LB 36 26.08 -7.39 -44.33
C VAL LB 36 26.06 -8.91 -44.15
N ALA LB 37 26.66 -9.40 -43.05
CA ALA LB 37 26.69 -10.84 -42.82
C ALA LB 37 25.31 -11.40 -42.54
N HIS LB 38 24.51 -10.70 -41.72
CA HIS LB 38 23.17 -11.17 -41.43
C HIS LB 38 22.33 -11.23 -42.70
N LEU LB 39 22.45 -10.22 -43.57
CA LEU LB 39 21.67 -10.20 -44.80
C LEU LB 39 22.18 -11.24 -45.78
N ALA LB 40 23.49 -11.51 -45.79
CA ALA LB 40 24.02 -12.58 -46.63
C ALA LB 40 23.44 -13.92 -46.22
N VAL LB 41 23.37 -14.18 -44.91
CA VAL LB 41 22.76 -15.42 -44.46
C VAL LB 41 21.27 -15.43 -44.78
N TYR LB 42 20.59 -14.29 -44.60
CA TYR LB 42 19.19 -14.18 -44.94
C TYR LB 42 18.95 -14.53 -46.42
N ILE LB 43 19.86 -14.08 -47.29
CA ILE LB 43 19.82 -14.50 -48.68
C ILE LB 43 19.98 -16.02 -48.78
N TRP LB 44 20.96 -16.56 -48.05
CA TRP LB 44 21.12 -18.01 -48.05
C TRP LB 44 20.01 -18.72 -47.28
N ARG LB 45 19.73 -18.26 -46.06
CA ARG LB 45 18.76 -18.95 -45.19
C ARG LB 45 18.00 -17.92 -44.37
N PRO LB 46 16.81 -17.51 -44.82
CA PRO LB 46 15.98 -16.59 -44.04
C PRO LB 46 15.32 -17.32 -42.88
N TRP LB 47 15.53 -16.82 -41.67
CA TRP LB 47 14.93 -17.39 -40.46
C TRP LB 47 13.64 -16.70 -40.05
N PHE LB 48 13.16 -15.73 -40.82
CA PHE LB 48 11.88 -15.08 -40.52
C PHE LB 48 11.17 -14.68 -41.81
N HIS MB 9 11.04 31.04 1.88
CA HIS MB 9 11.02 32.41 2.37
C HIS MB 9 9.62 32.78 2.88
N LEU MB 10 8.64 31.98 2.48
CA LEU MB 10 7.25 32.16 2.89
C LEU MB 10 6.83 31.20 3.99
N ASN MB 11 7.09 29.90 3.81
CA ASN MB 11 6.92 28.84 4.80
C ASN MB 11 5.60 28.93 5.57
N THR MB 12 5.60 28.45 6.81
CA THR MB 12 4.41 28.41 7.66
C THR MB 12 4.81 28.88 9.05
N ASN MB 13 3.90 28.72 10.00
CA ASN MB 13 4.15 29.11 11.38
C ASN MB 13 5.06 28.10 12.08
N PRO MB 14 5.83 28.56 13.07
CA PRO MB 14 6.74 27.63 13.77
C PRO MB 14 6.03 26.48 14.45
N LYS MB 15 4.80 26.68 14.93
CA LYS MB 15 4.11 25.62 15.65
C LYS MB 15 3.85 24.42 14.75
N THR MB 16 3.39 24.66 13.53
CA THR MB 16 3.23 23.56 12.59
C THR MB 16 4.57 23.00 12.16
N ASN MB 17 5.59 23.85 12.08
CA ASN MB 17 6.93 23.38 11.75
C ASN MB 17 7.48 22.44 12.81
N LEU MB 18 7.04 22.58 14.07
CA LEU MB 18 7.49 21.63 15.09
C LEU MB 18 6.90 20.26 14.86
N ARG MB 19 5.61 20.18 14.56
CA ARG MB 19 4.99 18.92 14.18
C ARG MB 19 5.66 18.35 12.94
N LEU MB 20 5.96 19.22 11.97
CA LEU MB 20 6.62 18.80 10.75
C LEU MB 20 8.01 18.22 11.03
N TRP MB 21 8.77 18.87 11.89
CA TRP MB 21 10.11 18.38 12.24
C TRP MB 21 10.02 17.02 12.94
N VAL MB 22 9.11 16.89 13.90
CA VAL MB 22 8.98 15.62 14.61
C VAL MB 22 8.59 14.51 13.64
N ALA MB 23 7.60 14.76 12.79
CA ALA MB 23 7.16 13.74 11.84
C ALA MB 23 8.26 13.44 10.83
N PHE MB 24 9.04 14.44 10.45
CA PHE MB 24 10.15 14.23 9.53
C PHE MB 24 11.22 13.32 10.13
N GLN MB 25 11.55 13.56 11.40
CA GLN MB 25 12.54 12.69 12.06
C GLN MB 25 12.01 11.26 12.15
N MET MB 26 10.75 11.11 12.56
CA MET MB 26 10.18 9.77 12.67
C MET MB 26 10.13 9.09 11.31
N MET MB 27 9.78 9.84 10.27
CA MET MB 27 9.73 9.28 8.92
C MET MB 27 11.12 8.95 8.41
N LYS MB 28 12.14 9.68 8.82
CA LYS MB 28 13.51 9.32 8.45
C LYS MB 28 13.93 8.01 9.09
N GLY MB 29 13.62 7.83 10.37
CA GLY MB 29 13.90 6.55 11.02
C GLY MB 29 13.17 5.40 10.37
N ALA MB 30 11.86 5.56 10.16
CA ALA MB 30 11.08 4.52 9.51
C ALA MB 30 11.57 4.29 8.09
N GLY MB 31 12.02 5.34 7.41
CA GLY MB 31 12.48 5.21 6.04
C GLY MB 31 13.77 4.42 5.93
N TRP MB 32 14.72 4.68 6.83
CA TRP MB 32 15.94 3.88 6.82
C TRP MB 32 15.66 2.42 7.18
N ALA MB 33 14.81 2.19 8.18
CA ALA MB 33 14.47 0.81 8.52
C ALA MB 33 13.79 0.11 7.35
N GLY MB 34 12.88 0.81 6.67
CA GLY MB 34 12.24 0.22 5.50
C GLY MB 34 13.21 -0.02 4.35
N GLY MB 35 14.17 0.90 4.17
CA GLY MB 35 15.17 0.68 3.14
C GLY MB 35 16.00 -0.56 3.40
N VAL MB 36 16.38 -0.78 4.66
CA VAL MB 36 17.12 -2.00 5.00
C VAL MB 36 16.27 -3.23 4.74
N PHE MB 37 15.03 -3.22 5.24
CA PHE MB 37 14.17 -4.39 5.08
C PHE MB 37 13.88 -4.69 3.61
N PHE MB 38 13.66 -3.65 2.82
CA PHE MB 38 13.33 -3.86 1.42
C PHE MB 38 14.55 -4.22 0.60
N GLY MB 39 15.73 -3.74 1.00
CA GLY MB 39 16.94 -4.23 0.37
C GLY MB 39 17.12 -5.72 0.60
N THR MB 40 16.88 -6.17 1.83
CA THR MB 40 16.97 -7.60 2.11
C THR MB 40 15.94 -8.38 1.32
N LEU MB 41 14.71 -7.87 1.24
CA LEU MB 41 13.68 -8.57 0.49
C LEU MB 41 14.01 -8.64 -0.99
N LEU MB 42 14.59 -7.57 -1.53
CA LEU MB 42 14.98 -7.59 -2.95
C LEU MB 42 16.14 -8.53 -3.18
N LEU MB 43 17.07 -8.63 -2.23
CA LEU MB 43 18.15 -9.60 -2.37
C LEU MB 43 17.62 -11.03 -2.34
N ILE MB 44 16.69 -11.30 -1.43
CA ILE MB 44 16.05 -12.61 -1.38
C ILE MB 44 15.34 -12.90 -2.69
N GLY MB 45 14.65 -11.89 -3.24
CA GLY MB 45 14.00 -12.07 -4.51
C GLY MB 45 14.96 -12.31 -5.66
N PHE MB 46 16.12 -11.65 -5.62
CA PHE MB 46 17.12 -11.87 -6.67
C PHE MB 46 17.66 -13.29 -6.62
N PHE MB 47 17.94 -13.79 -5.42
CA PHE MB 47 18.38 -15.18 -5.32
C PHE MB 47 17.27 -16.13 -5.73
N ARG MB 48 16.01 -15.80 -5.42
CA ARG MB 48 14.90 -16.62 -5.90
C ARG MB 48 14.83 -16.63 -7.41
N VAL MB 49 15.06 -15.47 -8.03
CA VAL MB 49 15.01 -15.35 -9.49
C VAL MB 49 16.10 -16.19 -10.12
N VAL MB 50 17.32 -16.09 -9.62
CA VAL MB 50 18.41 -16.86 -10.20
C VAL MB 50 18.21 -18.34 -9.93
N GLY MB 51 17.62 -18.70 -8.78
CA GLY MB 51 17.34 -20.10 -8.52
C GLY MB 51 16.28 -20.68 -9.43
N ARG MB 52 15.22 -19.92 -9.71
CA ARG MB 52 14.20 -20.37 -10.64
C ARG MB 52 14.76 -20.47 -12.06
N MET MB 53 15.61 -19.50 -12.44
CA MET MB 53 16.20 -19.54 -13.77
C MET MB 53 17.11 -20.75 -13.95
N LEU MB 54 17.70 -21.24 -12.86
CA LEU MB 54 18.66 -22.33 -12.95
C LEU MB 54 17.96 -23.67 -13.17
N PRO MB 55 18.72 -24.69 -13.63
CA PRO MB 55 18.14 -26.02 -13.82
C PRO MB 55 17.68 -26.70 -12.54
N ILE MB 56 17.71 -25.97 -11.42
CA ILE MB 56 17.20 -26.51 -10.17
C ILE MB 56 15.73 -26.86 -10.34
N ASP MB 57 15.23 -27.68 -9.41
CA ASP MB 57 13.88 -28.25 -9.33
C ASP MB 57 13.69 -29.38 -10.33
N GLU MB 58 14.63 -29.62 -11.24
CA GLU MB 58 14.75 -30.90 -11.89
C GLU MB 58 15.60 -31.87 -11.07
N ASN MB 59 16.29 -31.36 -10.05
CA ASN MB 59 17.14 -32.15 -9.17
C ASN MB 59 16.86 -31.73 -7.73
N PRO MB 60 15.72 -32.10 -7.18
CA PRO MB 60 15.43 -31.74 -5.79
C PRO MB 60 16.30 -32.52 -4.82
N ALA MB 61 17.20 -31.84 -4.14
CA ALA MB 61 18.05 -32.51 -3.17
C ALA MB 61 17.21 -33.00 -2.00
N PRO MB 62 17.55 -34.15 -1.41
CA PRO MB 62 16.79 -34.65 -0.27
C PRO MB 62 16.94 -33.75 0.94
N ALA MB 63 16.18 -34.08 1.98
CA ALA MB 63 16.19 -33.29 3.20
C ALA MB 63 17.45 -33.57 3.99
N PRO MB 64 18.29 -32.56 4.26
CA PRO MB 64 19.50 -32.81 5.04
C PRO MB 64 19.21 -33.10 6.50
N ASN MB 65 18.04 -32.75 7.00
CA ASN MB 65 17.75 -32.86 8.41
C ASN MB 65 16.44 -33.60 8.59
N ILE MB 66 16.32 -34.30 9.71
CA ILE MB 66 15.07 -34.94 10.09
C ILE MB 66 14.04 -33.86 10.31
N THR MB 67 12.75 -34.22 10.31
CA THR MB 67 11.70 -33.21 10.46
C THR MB 67 11.85 -32.43 11.75
N GLY MB 68 12.15 -33.10 12.86
CA GLY MB 68 12.34 -32.43 14.13
C GLY MB 68 11.06 -32.01 14.81
N PHE NB 7 47.66 -3.05 -10.08
CA PHE NB 7 47.22 -4.34 -10.64
C PHE NB 7 45.71 -4.44 -10.58
N ALA NB 8 45.12 -3.85 -9.54
CA ALA NB 8 43.66 -3.75 -9.47
C ALA NB 8 43.10 -2.79 -10.51
N PHE NB 9 43.89 -1.81 -10.96
CA PHE NB 9 43.42 -0.87 -11.98
C PHE NB 9 43.26 -1.54 -13.33
N ARG NB 10 44.13 -2.50 -13.65
CA ARG NB 10 44.01 -3.30 -14.86
C ARG NB 10 43.27 -4.61 -14.63
N LEU NB 11 42.72 -4.81 -13.44
CA LEU NB 11 42.06 -6.05 -13.06
C LEU NB 11 40.62 -6.13 -13.56
N MET NB 12 40.15 -5.10 -14.27
CA MET NB 12 38.83 -5.15 -14.90
C MET NB 12 38.98 -5.09 -16.40
N ALA NB 43 42.16 -14.57 -19.55
CA ALA NB 43 41.53 -13.70 -18.56
C ALA NB 43 42.58 -12.97 -17.72
N ALA NB 44 43.12 -13.69 -16.73
CA ALA NB 44 44.11 -13.10 -15.82
C ALA NB 44 45.42 -12.77 -16.52
N PHE NB 45 45.72 -13.42 -17.64
CA PHE NB 45 46.99 -13.19 -18.32
C PHE NB 45 47.14 -11.77 -18.83
N PHE NB 46 46.04 -11.06 -19.08
CA PHE NB 46 46.14 -9.67 -19.52
C PHE NB 46 46.82 -8.81 -18.46
N ALA NB 47 46.42 -8.99 -17.20
CA ALA NB 47 47.10 -8.30 -16.12
C ALA NB 47 48.44 -8.93 -15.80
N ALA NB 48 48.56 -10.25 -16.00
CA ALA NB 48 49.79 -10.95 -15.67
C ALA NB 48 50.98 -10.44 -16.47
N THR NB 49 50.79 -10.22 -17.77
CA THR NB 49 51.88 -9.75 -18.61
C THR NB 49 51.48 -8.46 -19.33
#